data_1I48
#
_entry.id   1I48
#
_cell.length_a   312.400
_cell.length_b   165.600
_cell.length_c   162.200
_cell.angle_alpha   90.00
_cell.angle_beta   89.80
_cell.angle_gamma   90.00
#
_symmetry.space_group_name_H-M   'C 1 2 1'
#
loop_
_entity.id
_entity.type
_entity.pdbx_description
1 polymer 'CYSTATHIONINE GAMMA-SYNTHASE'
2 non-polymer "PYRIDOXAL-5'-PHOSPHATE"
3 non-polymer CARBOXYMETHYLTHIO-3-(3-CHLOROPHENYL)-1,2,4-OXADIAZOL
#
_entity_poly.entity_id   1
_entity_poly.type   'polypeptide(L)'
_entity_poly.pdbx_seq_one_letter_code
;MAKAVDAAAAAAAAIAPVDTTVVNEDVALVENETCNDQNVQFDSLPSMKYASFLNSDGSVAIHAGERLGRGIVTDAITTP
VVNTSAYFFNKTSELIDFKEKRRASFEYGRYGNPTTVVLEEKISALEGAESTLLMASGMCASTVMLLALVPAGGHIVTTT
DCYRKTRIFIETILPKMGITATVIDPADVGALELALNQKKVNLFFTESPTNPFLRCVDIELVSKLCHEKGALVCIDGTFA
TPLNQKALALGADLVLHSATKFLGGHNDVLAGCISGPLKLVSEIRNLHHILGGALNPNAAYLIIRGMKTLHLRVQQQNST
ALRMAEILEAHPKVRHVYYPGLQSHPEHHIAKKQMTGFGGAVSFEVDGDLLTTAKFVDALKIPYIAPSFGGCESIVDQPA
IMSYWDLSQSDRAKYGIMDNLVRFSFGVEDFDDLKADILQALDSI
;
_entity_poly.pdbx_strand_id   A,B,C,D,E,F,G,H,I,J,K,L
#
# COMPACT_ATOMS: atom_id res chain seq x y z
N TYR A 50 91.87 -43.26 -63.16
CA TYR A 50 92.55 -42.66 -61.97
C TYR A 50 92.31 -41.16 -61.92
N ALA A 51 92.98 -40.44 -62.80
CA ALA A 51 92.84 -38.98 -62.88
C ALA A 51 92.38 -38.58 -64.27
N SER A 52 91.41 -37.66 -64.31
CA SER A 52 90.86 -37.17 -65.57
C SER A 52 91.91 -36.59 -66.50
N PHE A 53 92.66 -35.60 -66.01
CA PHE A 53 93.68 -34.93 -66.81
C PHE A 53 94.83 -35.84 -67.25
N LEU A 54 94.75 -37.11 -66.89
CA LEU A 54 95.78 -38.08 -67.25
C LEU A 54 95.16 -39.20 -68.06
N ASN A 55 95.51 -39.29 -69.32
CA ASN A 55 94.94 -40.33 -70.17
C ASN A 55 95.99 -41.29 -70.72
N SER A 56 97.03 -40.74 -71.33
CA SER A 56 98.08 -41.59 -71.88
C SER A 56 98.67 -42.42 -70.75
N ASP A 57 98.86 -43.72 -71.00
CA ASP A 57 99.41 -44.61 -70.00
C ASP A 57 100.71 -44.00 -69.46
N GLY A 58 101.58 -43.55 -70.36
CA GLY A 58 102.83 -42.96 -69.93
C GLY A 58 102.64 -41.99 -68.78
N SER A 59 101.74 -41.03 -68.96
CA SER A 59 101.45 -40.05 -67.93
C SER A 59 100.99 -40.73 -66.65
N VAL A 60 100.25 -41.82 -66.79
CA VAL A 60 99.75 -42.57 -65.63
C VAL A 60 100.92 -43.24 -64.91
N ALA A 61 101.67 -44.04 -65.65
CA ALA A 61 102.82 -44.75 -65.10
C ALA A 61 103.73 -43.79 -64.35
N ILE A 62 103.55 -42.50 -64.56
CA ILE A 62 104.36 -41.48 -63.91
C ILE A 62 103.69 -40.89 -62.69
N HIS A 63 102.41 -40.57 -62.80
CA HIS A 63 101.69 -39.96 -61.70
C HIS A 63 100.64 -40.82 -61.02
N ALA A 64 100.46 -42.04 -61.49
CA ALA A 64 99.46 -42.92 -60.90
C ALA A 64 99.78 -43.21 -59.42
N GLY A 65 98.83 -42.91 -58.55
CA GLY A 65 99.02 -43.16 -57.13
C GLY A 65 100.05 -42.25 -56.47
N GLU A 66 100.23 -41.05 -57.02
CA GLU A 66 101.19 -40.12 -56.46
C GLU A 66 100.73 -38.66 -56.63
N ARG A 67 100.73 -38.20 -57.87
CA ARG A 67 100.34 -36.83 -58.19
C ARG A 67 99.21 -36.29 -57.33
N LEU A 68 98.17 -37.10 -57.14
CA LEU A 68 97.04 -36.68 -56.33
C LEU A 68 97.35 -36.76 -54.84
N GLY A 69 97.45 -37.98 -54.33
CA GLY A 69 97.75 -38.16 -52.92
C GLY A 69 98.60 -39.39 -52.69
N ARG A 70 99.06 -39.57 -51.46
CA ARG A 70 99.91 -40.72 -51.13
C ARG A 70 99.55 -41.38 -49.80
N GLY A 71 98.73 -40.74 -49.00
CA GLY A 71 98.36 -41.30 -47.71
C GLY A 71 99.58 -41.31 -46.81
N ILE A 72 100.60 -40.57 -47.23
CA ILE A 72 101.84 -40.47 -46.49
C ILE A 72 102.24 -38.99 -46.42
N VAL A 73 101.31 -38.14 -46.81
CA VAL A 73 101.48 -36.68 -46.79
C VAL A 73 102.90 -36.13 -46.73
N THR A 74 103.30 -35.43 -47.79
CA THR A 74 104.63 -34.82 -47.86
C THR A 74 104.68 -33.81 -48.98
N ASP A 75 105.46 -32.76 -48.80
CA ASP A 75 105.61 -31.75 -49.83
C ASP A 75 106.71 -32.22 -50.77
N ALA A 76 107.06 -33.50 -50.64
CA ALA A 76 108.09 -34.10 -51.46
C ALA A 76 107.49 -34.54 -52.79
N ILE A 77 108.27 -34.43 -53.85
CA ILE A 77 107.82 -34.82 -55.17
C ILE A 77 107.74 -36.34 -55.27
N THR A 78 108.82 -37.01 -54.85
CA THR A 78 108.91 -38.46 -54.90
C THR A 78 108.26 -39.14 -53.70
N THR A 79 108.06 -40.44 -53.82
CA THR A 79 107.48 -41.22 -52.74
C THR A 79 108.57 -41.54 -51.72
N PRO A 80 108.29 -41.25 -50.44
CA PRO A 80 109.29 -41.53 -49.40
C PRO A 80 109.41 -43.01 -49.14
N VAL A 81 110.62 -43.48 -48.88
CA VAL A 81 110.86 -44.88 -48.61
C VAL A 81 110.76 -45.18 -47.13
N VAL A 82 109.67 -45.84 -46.74
CA VAL A 82 109.46 -46.16 -45.34
C VAL A 82 110.08 -47.49 -44.98
N ASN A 83 111.06 -47.45 -44.09
CA ASN A 83 111.75 -48.65 -43.64
C ASN A 83 111.36 -49.05 -42.23
N THR A 84 110.16 -49.61 -42.06
CA THR A 84 109.70 -50.03 -40.76
C THR A 84 109.31 -51.49 -40.80
N SER A 85 109.48 -52.18 -39.67
CA SER A 85 109.14 -53.60 -39.58
C SER A 85 107.74 -53.77 -39.01
N ALA A 86 107.19 -52.69 -38.46
CA ALA A 86 105.87 -52.73 -37.88
C ALA A 86 105.29 -51.34 -37.74
N TYR A 87 104.02 -51.26 -37.34
CA TYR A 87 103.35 -49.98 -37.17
C TYR A 87 102.68 -49.94 -35.81
N PHE A 88 102.85 -48.83 -35.11
CA PHE A 88 102.28 -48.67 -33.78
C PHE A 88 100.92 -48.01 -33.76
N PHE A 89 100.38 -47.89 -32.56
CA PHE A 89 99.08 -47.27 -32.34
C PHE A 89 99.24 -46.28 -31.20
N ASN A 90 98.49 -45.18 -31.27
CA ASN A 90 98.58 -44.15 -30.24
C ASN A 90 98.00 -44.63 -28.91
N LYS A 91 96.94 -45.41 -28.98
CA LYS A 91 96.30 -45.93 -27.78
C LYS A 91 95.46 -47.16 -28.11
N THR A 92 95.29 -48.03 -27.12
CA THR A 92 94.52 -49.25 -27.29
C THR A 92 93.20 -49.00 -27.99
N SER A 93 92.49 -47.96 -27.56
CA SER A 93 91.21 -47.62 -28.16
C SER A 93 91.32 -47.65 -29.68
N GLU A 94 92.39 -47.06 -30.20
CA GLU A 94 92.63 -47.02 -31.64
C GLU A 94 92.87 -48.43 -32.15
N LEU A 95 93.76 -49.16 -31.49
CA LEU A 95 94.08 -50.52 -31.88
C LEU A 95 92.79 -51.31 -32.04
N ILE A 96 91.89 -51.14 -31.07
CA ILE A 96 90.61 -51.82 -31.11
C ILE A 96 89.86 -51.43 -32.37
N ASP A 97 89.75 -50.12 -32.60
CA ASP A 97 89.06 -49.63 -33.77
C ASP A 97 89.58 -50.35 -35.01
N PHE A 98 90.89 -50.28 -35.24
CA PHE A 98 91.47 -50.94 -36.41
C PHE A 98 91.08 -52.40 -36.49
N LYS A 99 91.30 -53.12 -35.39
CA LYS A 99 90.97 -54.53 -35.33
C LYS A 99 89.49 -54.74 -35.60
N GLU A 100 88.68 -53.77 -35.20
CA GLU A 100 87.24 -53.85 -35.41
C GLU A 100 86.90 -53.28 -36.78
N LYS A 101 87.93 -53.00 -37.56
CA LYS A 101 87.79 -52.45 -38.90
C LYS A 101 87.11 -51.09 -38.93
N ARG A 102 87.60 -50.17 -38.10
CA ARG A 102 87.06 -48.81 -38.02
C ARG A 102 88.16 -47.80 -38.32
N ARG A 103 89.39 -48.30 -38.37
CA ARG A 103 90.56 -47.46 -38.65
C ARG A 103 91.41 -48.11 -39.75
N ALA A 104 92.36 -47.36 -40.29
CA ALA A 104 93.23 -47.87 -41.34
C ALA A 104 94.67 -48.01 -40.88
N SER A 105 95.27 -49.16 -41.17
CA SER A 105 96.66 -49.44 -40.79
C SER A 105 97.11 -50.76 -41.38
N PHE A 106 98.42 -50.91 -41.54
CA PHE A 106 98.99 -52.14 -42.08
C PHE A 106 99.22 -53.15 -40.95
N GLU A 107 99.25 -52.66 -39.72
CA GLU A 107 99.47 -53.50 -38.55
C GLU A 107 100.90 -54.01 -38.51
N TYR A 108 101.24 -54.88 -39.47
CA TYR A 108 102.57 -55.45 -39.57
C TYR A 108 103.17 -55.16 -40.95
N GLY A 109 104.50 -55.11 -41.00
CA GLY A 109 105.17 -54.83 -42.26
C GLY A 109 104.86 -55.85 -43.34
N ARG A 110 104.59 -57.09 -42.93
CA ARG A 110 104.27 -58.15 -43.87
C ARG A 110 102.86 -57.94 -44.43
N TYR A 111 102.06 -57.15 -43.72
CA TYR A 111 100.69 -56.88 -44.13
C TYR A 111 100.59 -55.62 -45.00
N GLY A 112 101.73 -55.09 -45.45
CA GLY A 112 101.70 -53.91 -46.28
C GLY A 112 102.74 -52.87 -45.95
N ASN A 113 102.73 -51.77 -46.70
CA ASN A 113 103.69 -50.68 -46.50
C ASN A 113 103.30 -49.47 -47.34
N PRO A 114 103.35 -48.26 -46.76
CA PRO A 114 102.99 -47.03 -47.47
C PRO A 114 103.76 -46.84 -48.78
N THR A 115 105.05 -47.14 -48.76
CA THR A 115 105.88 -47.00 -49.95
C THR A 115 105.44 -48.01 -51.00
N THR A 116 105.00 -49.18 -50.55
CA THR A 116 104.57 -50.23 -51.47
C THR A 116 103.21 -49.95 -52.10
N VAL A 117 102.20 -49.70 -51.25
CA VAL A 117 100.86 -49.43 -51.75
C VAL A 117 100.85 -48.48 -52.94
N VAL A 118 101.80 -47.54 -52.96
CA VAL A 118 101.89 -46.60 -54.07
C VAL A 118 102.08 -47.41 -55.35
N LEU A 119 103.19 -48.12 -55.43
CA LEU A 119 103.48 -48.94 -56.60
C LEU A 119 102.30 -49.86 -56.89
N GLU A 120 101.64 -50.31 -55.82
CA GLU A 120 100.50 -51.18 -55.97
C GLU A 120 99.41 -50.45 -56.75
N GLU A 121 99.00 -49.30 -56.24
CA GLU A 121 97.97 -48.49 -56.89
C GLU A 121 98.42 -48.07 -58.27
N LYS A 122 99.70 -47.74 -58.40
CA LYS A 122 100.24 -47.32 -59.69
C LYS A 122 99.96 -48.38 -60.75
N ILE A 123 100.44 -49.59 -60.50
CA ILE A 123 100.25 -50.69 -61.43
C ILE A 123 98.75 -50.90 -61.66
N SER A 124 98.00 -50.88 -60.57
CA SER A 124 96.55 -51.06 -60.64
C SER A 124 95.99 -50.16 -61.74
N ALA A 125 96.37 -48.89 -61.70
CA ALA A 125 95.89 -47.92 -62.67
C ALA A 125 96.26 -48.31 -64.09
N LEU A 126 97.53 -48.63 -64.30
CA LEU A 126 98.00 -49.02 -65.64
C LEU A 126 97.17 -50.17 -66.18
N GLU A 127 97.22 -51.31 -65.48
CA GLU A 127 96.48 -52.48 -65.89
C GLU A 127 95.00 -52.21 -65.82
N GLY A 128 94.64 -51.07 -65.24
CA GLY A 128 93.23 -50.72 -65.11
C GLY A 128 92.48 -51.78 -64.34
N ALA A 129 93.02 -52.16 -63.20
CA ALA A 129 92.40 -53.19 -62.38
C ALA A 129 91.77 -52.62 -61.11
N GLU A 130 91.12 -53.48 -60.36
CA GLU A 130 90.49 -53.08 -59.10
C GLU A 130 91.54 -52.96 -58.01
N SER A 131 92.50 -53.88 -58.02
CA SER A 131 93.58 -53.89 -57.03
C SER A 131 94.76 -54.71 -57.51
N THR A 132 95.94 -54.44 -56.95
CA THR A 132 97.16 -55.16 -57.31
C THR A 132 97.91 -55.59 -56.06
N LEU A 133 98.63 -56.70 -56.17
CA LEU A 133 99.41 -57.21 -55.05
C LEU A 133 100.85 -57.29 -55.48
N LEU A 134 101.78 -57.12 -54.55
CA LEU A 134 103.20 -57.19 -54.88
C LEU A 134 103.98 -58.18 -54.03
N MET A 135 104.59 -59.16 -54.68
CA MET A 135 105.37 -60.16 -53.98
C MET A 135 106.85 -59.84 -54.08
N ALA A 136 107.69 -60.74 -53.58
CA ALA A 136 109.12 -60.54 -53.62
C ALA A 136 109.70 -60.89 -54.98
N SER A 137 108.92 -61.59 -55.79
CA SER A 137 109.38 -61.98 -57.11
C SER A 137 108.27 -62.65 -57.91
N GLY A 138 108.37 -62.56 -59.23
CA GLY A 138 107.37 -63.16 -60.10
C GLY A 138 107.07 -64.59 -59.68
N MET A 139 108.12 -65.38 -59.52
CA MET A 139 107.95 -66.77 -59.12
C MET A 139 107.04 -66.83 -57.90
N CYS A 140 107.30 -65.96 -56.94
CA CYS A 140 106.48 -65.92 -55.73
C CYS A 140 105.04 -65.67 -56.15
N ALA A 141 104.84 -64.63 -56.94
CA ALA A 141 103.51 -64.28 -57.42
C ALA A 141 102.78 -65.48 -57.98
N SER A 142 103.20 -65.94 -59.15
CA SER A 142 102.56 -67.09 -59.79
C SER A 142 102.39 -68.23 -58.79
N THR A 143 103.48 -68.59 -58.13
CA THR A 143 103.48 -69.66 -57.16
C THR A 143 102.36 -69.51 -56.14
N VAL A 144 102.33 -68.38 -55.45
CA VAL A 144 101.29 -68.14 -54.45
C VAL A 144 99.91 -68.20 -55.07
N MET A 145 99.70 -67.34 -56.07
CA MET A 145 98.44 -67.28 -56.78
C MET A 145 97.84 -68.66 -57.01
N LEU A 146 98.67 -69.60 -57.44
CA LEU A 146 98.18 -70.95 -57.70
C LEU A 146 97.65 -71.57 -56.42
N LEU A 147 98.50 -71.75 -55.43
CA LEU A 147 98.08 -72.34 -54.17
C LEU A 147 96.90 -71.59 -53.58
N ALA A 148 96.77 -70.33 -53.96
CA ALA A 148 95.70 -69.50 -53.44
C ALA A 148 94.33 -69.76 -54.05
N LEU A 149 94.27 -69.87 -55.37
CA LEU A 149 92.99 -70.08 -56.05
C LEU A 149 92.64 -71.54 -56.32
N VAL A 150 93.59 -72.30 -56.83
CA VAL A 150 93.34 -73.71 -57.13
C VAL A 150 93.16 -74.51 -55.84
N PRO A 151 91.99 -75.12 -55.66
CA PRO A 151 91.71 -75.92 -54.46
C PRO A 151 92.43 -77.25 -54.51
N ALA A 152 92.29 -78.04 -53.45
CA ALA A 152 92.92 -79.34 -53.39
C ALA A 152 92.21 -80.30 -54.33
N GLY A 153 92.99 -81.14 -55.01
CA GLY A 153 92.40 -82.10 -55.93
C GLY A 153 91.81 -81.41 -57.15
N GLY A 154 91.97 -80.10 -57.21
CA GLY A 154 91.45 -79.34 -58.33
C GLY A 154 92.25 -79.59 -59.60
N HIS A 155 91.81 -78.96 -60.69
CA HIS A 155 92.49 -79.11 -61.96
C HIS A 155 92.78 -77.75 -62.57
N ILE A 156 93.85 -77.67 -63.34
CA ILE A 156 94.22 -76.42 -63.97
C ILE A 156 94.73 -76.70 -65.37
N VAL A 157 94.54 -75.75 -66.26
CA VAL A 157 94.98 -75.90 -67.64
C VAL A 157 96.06 -74.86 -67.93
N THR A 158 97.07 -75.27 -68.68
CA THR A 158 98.15 -74.36 -69.02
C THR A 158 98.81 -74.75 -70.33
N THR A 159 99.36 -73.77 -71.02
CA THR A 159 100.03 -73.98 -72.29
C THR A 159 101.35 -74.74 -72.12
N THR A 160 101.84 -75.30 -73.23
CA THR A 160 103.09 -76.06 -73.21
C THR A 160 104.28 -75.14 -73.00
N ASP A 161 104.31 -74.03 -73.74
CA ASP A 161 105.39 -73.06 -73.60
C ASP A 161 105.23 -72.35 -72.27
N CYS A 162 106.15 -72.61 -71.35
CA CYS A 162 106.08 -71.99 -70.03
C CYS A 162 107.45 -71.62 -69.52
N TYR A 163 107.48 -70.91 -68.40
CA TYR A 163 108.72 -70.50 -67.78
C TYR A 163 109.27 -71.72 -67.04
N ARG A 164 110.43 -72.20 -67.46
CA ARG A 164 111.06 -73.38 -66.85
C ARG A 164 110.61 -73.60 -65.41
N LYS A 165 110.97 -72.69 -64.53
CA LYS A 165 110.61 -72.80 -63.12
C LYS A 165 109.11 -73.00 -62.94
N THR A 166 108.32 -72.09 -63.45
CA THR A 166 106.87 -72.19 -63.34
C THR A 166 106.43 -73.62 -63.65
N ARG A 167 107.06 -74.22 -64.65
CA ARG A 167 106.74 -75.59 -65.06
C ARG A 167 106.88 -76.55 -63.89
N ILE A 168 108.11 -76.65 -63.40
CA ILE A 168 108.43 -77.54 -62.29
C ILE A 168 107.44 -77.43 -61.14
N PHE A 169 107.19 -76.21 -60.68
CA PHE A 169 106.26 -76.00 -59.57
C PHE A 169 104.98 -76.78 -59.83
N ILE A 170 104.46 -76.65 -61.04
CA ILE A 170 103.24 -77.34 -61.43
C ILE A 170 103.44 -78.84 -61.52
N GLU A 171 104.58 -79.25 -62.04
CA GLU A 171 104.86 -80.68 -62.22
C GLU A 171 105.42 -81.38 -60.99
N THR A 172 105.71 -80.64 -59.92
CA THR A 172 106.28 -81.26 -58.74
C THR A 172 105.66 -80.88 -57.40
N ILE A 173 105.15 -79.66 -57.29
CA ILE A 173 104.55 -79.23 -56.04
C ILE A 173 103.05 -79.41 -56.00
N LEU A 174 102.37 -78.81 -56.96
CA LEU A 174 100.92 -78.91 -57.04
C LEU A 174 100.43 -80.35 -56.87
N PRO A 175 101.12 -81.32 -57.50
CA PRO A 175 100.70 -82.72 -57.37
C PRO A 175 100.55 -83.15 -55.92
N LYS A 176 101.38 -82.56 -55.05
CA LYS A 176 101.33 -82.88 -53.63
C LYS A 176 99.93 -82.60 -53.12
N MET A 177 99.39 -81.45 -53.49
CA MET A 177 98.04 -81.06 -53.07
C MET A 177 97.03 -81.77 -53.93
N GLY A 178 97.49 -82.79 -54.66
CA GLY A 178 96.60 -83.54 -55.53
C GLY A 178 96.03 -82.70 -56.64
N ILE A 179 96.73 -81.63 -57.01
CA ILE A 179 96.27 -80.75 -58.07
C ILE A 179 96.77 -81.24 -59.42
N THR A 180 95.86 -81.69 -60.27
CA THR A 180 96.23 -82.18 -61.60
C THR A 180 96.12 -81.06 -62.61
N ALA A 181 96.91 -81.15 -63.67
CA ALA A 181 96.87 -80.12 -64.70
C ALA A 181 96.99 -80.72 -66.10
N THR A 182 96.49 -79.98 -67.07
CA THR A 182 96.52 -80.39 -68.47
C THR A 182 97.34 -79.42 -69.30
N VAL A 183 98.26 -79.94 -70.10
CA VAL A 183 99.10 -79.10 -70.94
C VAL A 183 98.62 -79.14 -72.38
N ILE A 184 98.38 -77.96 -72.94
CA ILE A 184 97.89 -77.84 -74.31
C ILE A 184 98.72 -76.80 -75.06
N ASP A 185 98.59 -76.80 -76.38
CA ASP A 185 99.31 -75.83 -77.18
C ASP A 185 98.62 -74.48 -77.06
N PRO A 186 99.39 -73.39 -77.08
CA PRO A 186 98.81 -72.04 -76.97
C PRO A 186 97.69 -71.77 -77.97
N ALA A 187 97.89 -72.23 -79.20
CA ALA A 187 96.92 -72.02 -80.26
C ALA A 187 95.75 -73.01 -80.23
N ASP A 188 96.05 -74.27 -79.96
CA ASP A 188 95.03 -75.33 -79.91
C ASP A 188 93.83 -74.98 -79.04
N VAL A 189 92.90 -74.20 -79.59
CA VAL A 189 91.71 -73.81 -78.85
C VAL A 189 90.83 -75.03 -78.62
N GLY A 190 90.85 -75.95 -79.57
CA GLY A 190 90.05 -77.16 -79.45
C GLY A 190 90.35 -77.86 -78.14
N ALA A 191 91.61 -78.21 -77.94
CA ALA A 191 92.04 -78.89 -76.72
C ALA A 191 91.47 -78.20 -75.48
N LEU A 192 91.66 -76.88 -75.40
CA LEU A 192 91.16 -76.12 -74.28
C LEU A 192 89.68 -76.36 -74.12
N GLU A 193 88.92 -76.10 -75.18
CA GLU A 193 87.48 -76.30 -75.16
C GLU A 193 87.17 -77.73 -74.74
N LEU A 194 87.91 -78.67 -75.32
CA LEU A 194 87.73 -80.08 -75.01
C LEU A 194 87.91 -80.30 -73.52
N ALA A 195 89.14 -80.10 -73.05
CA ALA A 195 89.47 -80.26 -71.65
C ALA A 195 88.49 -79.51 -70.77
N LEU A 196 88.02 -78.36 -71.26
CA LEU A 196 87.06 -77.56 -70.50
C LEU A 196 85.83 -78.39 -70.15
N ASN A 197 85.52 -79.35 -71.00
CA ASN A 197 84.36 -80.21 -70.80
C ASN A 197 84.69 -81.53 -70.11
N GLN A 198 85.77 -82.17 -70.54
CA GLN A 198 86.18 -83.44 -69.96
C GLN A 198 86.23 -83.36 -68.43
N LYS A 199 87.12 -82.52 -67.92
CA LYS A 199 87.28 -82.35 -66.47
C LYS A 199 86.70 -81.01 -66.01
N LYS A 200 86.76 -80.78 -64.70
CA LYS A 200 86.25 -79.54 -64.11
C LYS A 200 87.43 -78.63 -63.82
N VAL A 201 87.81 -77.82 -64.82
CA VAL A 201 88.93 -76.90 -64.67
C VAL A 201 88.63 -75.79 -63.66
N ASN A 202 89.62 -75.50 -62.81
CA ASN A 202 89.47 -74.46 -61.80
C ASN A 202 90.05 -73.16 -62.31
N LEU A 203 91.08 -73.27 -63.15
CA LEU A 203 91.72 -72.10 -63.70
C LEU A 203 92.67 -72.41 -64.84
N PHE A 204 92.65 -71.57 -65.86
CA PHE A 204 93.52 -71.71 -67.01
C PHE A 204 94.60 -70.66 -66.83
N PHE A 205 95.84 -71.12 -66.79
CA PHE A 205 96.95 -70.20 -66.60
C PHE A 205 97.95 -70.28 -67.73
N THR A 206 98.36 -69.12 -68.25
CA THR A 206 99.33 -69.06 -69.32
C THR A 206 99.79 -67.64 -69.56
N GLU A 207 100.97 -67.51 -70.17
CA GLU A 207 101.52 -66.20 -70.43
C GLU A 207 101.49 -65.91 -71.94
N SER A 208 101.21 -64.67 -72.28
CA SER A 208 101.15 -64.26 -73.67
C SER A 208 101.66 -62.83 -73.77
N PRO A 209 102.71 -62.60 -74.58
CA PRO A 209 103.40 -63.62 -75.38
C PRO A 209 103.95 -64.75 -74.51
N THR A 210 104.23 -65.86 -75.16
CA THR A 210 104.77 -67.04 -74.50
C THR A 210 106.29 -67.04 -74.57
N ASN A 211 106.92 -68.00 -73.91
CA ASN A 211 108.38 -68.09 -73.91
C ASN A 211 108.80 -69.48 -74.36
N PRO A 212 109.84 -69.57 -75.21
CA PRO A 212 110.63 -68.46 -75.75
C PRO A 212 110.24 -68.16 -77.19
N PHE A 213 109.10 -68.69 -77.61
CA PHE A 213 108.64 -68.48 -78.98
C PHE A 213 107.61 -67.38 -79.10
N LEU A 214 107.41 -66.65 -78.01
CA LEU A 214 106.47 -65.54 -77.96
C LEU A 214 105.10 -65.86 -78.55
N ARG A 215 104.69 -67.13 -78.44
CA ARG A 215 103.38 -67.53 -78.96
C ARG A 215 102.34 -66.74 -78.18
N CYS A 216 101.30 -66.29 -78.87
CA CYS A 216 100.27 -65.52 -78.19
C CYS A 216 98.95 -66.28 -78.13
N VAL A 217 98.12 -65.90 -77.17
CA VAL A 217 96.82 -66.54 -76.97
C VAL A 217 95.72 -65.51 -77.12
N ASP A 218 94.68 -65.86 -77.87
CA ASP A 218 93.56 -64.94 -78.07
C ASP A 218 92.80 -64.86 -76.77
N ILE A 219 93.30 -64.02 -75.86
CA ILE A 219 92.67 -63.84 -74.55
C ILE A 219 91.16 -63.80 -74.66
N GLU A 220 90.64 -62.73 -75.24
CA GLU A 220 89.20 -62.54 -75.40
C GLU A 220 88.47 -63.84 -75.63
N LEU A 221 88.91 -64.57 -76.65
CA LEU A 221 88.28 -65.83 -76.98
C LEU A 221 88.34 -66.78 -75.80
N VAL A 222 89.56 -67.17 -75.44
CA VAL A 222 89.79 -68.07 -74.32
C VAL A 222 89.00 -67.69 -73.08
N SER A 223 89.07 -66.41 -72.71
CA SER A 223 88.36 -65.93 -71.53
C SER A 223 86.90 -66.35 -71.65
N LYS A 224 86.36 -66.20 -72.86
CA LYS A 224 84.98 -66.56 -73.11
C LYS A 224 84.77 -68.04 -72.85
N LEU A 225 85.49 -68.88 -73.60
CA LEU A 225 85.37 -70.33 -73.47
C LEU A 225 85.48 -70.78 -72.02
N CYS A 226 86.40 -70.19 -71.28
CA CYS A 226 86.61 -70.56 -69.89
C CYS A 226 85.48 -70.08 -69.00
N HIS A 227 85.21 -68.78 -69.02
CA HIS A 227 84.15 -68.22 -68.19
C HIS A 227 82.84 -68.96 -68.41
N GLU A 228 82.72 -69.60 -69.56
CA GLU A 228 81.51 -70.36 -69.88
C GLU A 228 81.43 -71.59 -68.99
N LYS A 229 82.59 -72.15 -68.68
CA LYS A 229 82.67 -73.34 -67.83
C LYS A 229 83.08 -73.03 -66.41
N GLY A 230 82.95 -71.75 -66.02
CA GLY A 230 83.29 -71.34 -64.67
C GLY A 230 84.77 -71.33 -64.33
N ALA A 231 85.61 -71.57 -65.32
CA ALA A 231 87.05 -71.57 -65.10
C ALA A 231 87.57 -70.15 -64.98
N LEU A 232 88.74 -69.99 -64.37
CA LEU A 232 89.35 -68.67 -64.20
C LEU A 232 90.47 -68.50 -65.21
N VAL A 233 90.70 -67.27 -65.65
CA VAL A 233 91.75 -67.02 -66.61
C VAL A 233 92.83 -66.11 -66.08
N CYS A 234 94.03 -66.66 -65.92
CA CYS A 234 95.14 -65.88 -65.41
C CYS A 234 96.26 -65.80 -66.45
N ILE A 235 96.57 -64.59 -66.89
CA ILE A 235 97.58 -64.38 -67.90
C ILE A 235 98.83 -63.71 -67.35
N ASP A 236 99.99 -64.20 -67.77
CA ASP A 236 101.25 -63.66 -67.34
C ASP A 236 101.78 -62.79 -68.47
N GLY A 237 101.34 -61.54 -68.51
CA GLY A 237 101.77 -60.64 -69.57
C GLY A 237 103.14 -60.04 -69.33
N THR A 238 104.01 -60.78 -68.66
CA THR A 238 105.35 -60.27 -68.39
C THR A 238 105.97 -59.71 -69.66
N PHE A 239 106.10 -60.56 -70.66
CA PHE A 239 106.69 -60.16 -71.94
C PHE A 239 105.97 -59.02 -72.61
N ALA A 240 104.67 -58.92 -72.37
CA ALA A 240 103.86 -57.87 -72.98
C ALA A 240 104.04 -56.50 -72.36
N THR A 241 103.65 -56.37 -71.09
CA THR A 241 103.71 -55.11 -70.36
C THR A 241 102.34 -54.47 -70.44
N PRO A 242 101.85 -53.90 -69.34
CA PRO A 242 100.53 -53.27 -69.39
C PRO A 242 100.40 -52.24 -70.51
N LEU A 243 101.52 -51.78 -71.02
CA LEU A 243 101.50 -50.79 -72.10
C LEU A 243 101.16 -51.41 -73.44
N ASN A 244 101.70 -52.59 -73.71
CA ASN A 244 101.44 -53.26 -74.97
C ASN A 244 100.14 -54.06 -75.00
N GLN A 245 99.49 -54.19 -73.84
CA GLN A 245 98.23 -54.95 -73.79
C GLN A 245 97.59 -54.92 -72.40
N LYS A 246 96.27 -54.93 -72.37
CA LYS A 246 95.51 -54.90 -71.12
C LYS A 246 94.68 -56.17 -70.97
N ALA A 247 95.36 -57.29 -70.83
CA ALA A 247 94.70 -58.58 -70.68
C ALA A 247 93.40 -58.52 -69.89
N LEU A 248 93.39 -57.68 -68.86
CA LEU A 248 92.21 -57.55 -68.01
C LEU A 248 91.02 -57.08 -68.81
N ALA A 249 91.25 -56.12 -69.70
CA ALA A 249 90.21 -55.57 -70.54
C ALA A 249 89.77 -56.62 -71.55
N LEU A 250 90.72 -57.44 -72.00
CA LEU A 250 90.43 -58.49 -72.96
C LEU A 250 89.54 -59.56 -72.37
N GLY A 251 89.28 -59.48 -71.07
CA GLY A 251 88.43 -60.46 -70.42
C GLY A 251 89.09 -61.32 -69.35
N ALA A 252 90.42 -61.39 -69.36
CA ALA A 252 91.14 -62.18 -68.38
C ALA A 252 90.70 -61.82 -66.97
N ASP A 253 90.83 -62.76 -66.05
CA ASP A 253 90.44 -62.53 -64.67
C ASP A 253 91.59 -61.92 -63.89
N LEU A 254 92.78 -62.49 -64.05
CA LEU A 254 93.96 -62.02 -63.35
C LEU A 254 95.15 -61.88 -64.28
N VAL A 255 95.89 -60.80 -64.13
CA VAL A 255 97.08 -60.57 -64.94
C VAL A 255 98.27 -60.35 -64.02
N LEU A 256 99.40 -60.97 -64.35
CA LEU A 256 100.58 -60.83 -63.51
C LEU A 256 101.84 -60.75 -64.33
N HIS A 257 102.81 -60.00 -63.81
CA HIS A 257 104.09 -59.85 -64.47
C HIS A 257 105.21 -60.01 -63.47
N SER A 258 106.42 -60.17 -64.00
CA SER A 258 107.61 -60.27 -63.19
C SER A 258 108.25 -58.90 -63.32
N ALA A 259 107.86 -57.99 -62.44
CA ALA A 259 108.37 -56.62 -62.45
C ALA A 259 109.88 -56.64 -62.52
N THR A 260 110.45 -57.79 -62.21
CA THR A 260 111.89 -57.98 -62.25
C THR A 260 112.43 -57.59 -63.61
N LYS A 261 111.59 -57.78 -64.64
CA LYS A 261 112.00 -57.51 -66.01
C LYS A 261 111.78 -56.11 -66.59
N PHE A 262 110.59 -55.84 -67.08
CA PHE A 262 110.28 -54.56 -67.70
C PHE A 262 109.88 -53.46 -66.73
N LEU A 263 108.93 -53.76 -65.84
CA LEU A 263 108.47 -52.77 -64.89
C LEU A 263 109.66 -52.07 -64.22
N GLY A 264 110.65 -52.86 -63.82
CA GLY A 264 111.82 -52.29 -63.21
C GLY A 264 112.78 -51.85 -64.31
N GLY A 265 112.88 -52.68 -65.35
CA GLY A 265 113.73 -52.38 -66.49
C GLY A 265 115.15 -51.88 -66.24
N HIS A 266 115.74 -52.21 -65.10
CA HIS A 266 117.10 -51.76 -64.81
C HIS A 266 118.01 -52.90 -64.37
N ASN A 267 117.45 -54.11 -64.36
CA ASN A 267 118.20 -55.30 -63.96
C ASN A 267 118.83 -55.16 -62.59
N ASP A 268 118.14 -54.49 -61.67
CA ASP A 268 118.68 -54.28 -60.34
C ASP A 268 117.68 -54.54 -59.21
N VAL A 269 116.67 -55.36 -59.47
CA VAL A 269 115.68 -55.65 -58.45
C VAL A 269 114.70 -56.74 -58.87
N LEU A 270 114.29 -57.55 -57.90
CA LEU A 270 113.34 -58.62 -58.14
C LEU A 270 112.01 -58.26 -57.49
N ALA A 271 110.92 -58.61 -58.17
CA ALA A 271 109.59 -58.33 -57.66
C ALA A 271 108.54 -58.89 -58.60
N GLY A 272 107.45 -59.39 -58.03
CA GLY A 272 106.36 -59.93 -58.82
C GLY A 272 105.11 -59.18 -58.45
N CYS A 273 104.09 -59.23 -59.29
CA CYS A 273 102.85 -58.54 -58.97
C CYS A 273 101.65 -59.13 -59.69
N ILE A 274 100.53 -59.17 -58.97
CA ILE A 274 99.29 -59.70 -59.52
C ILE A 274 98.23 -58.62 -59.40
N SER A 275 97.46 -58.43 -60.46
CA SER A 275 96.42 -57.42 -60.48
C SER A 275 95.11 -58.00 -60.99
N GLY A 276 94.00 -57.49 -60.46
CA GLY A 276 92.71 -57.97 -60.88
C GLY A 276 91.59 -57.51 -59.96
N PRO A 277 90.43 -58.18 -59.99
CA PRO A 277 89.30 -57.81 -59.13
C PRO A 277 89.63 -58.02 -57.67
N LEU A 278 89.11 -57.14 -56.82
CA LEU A 278 89.35 -57.22 -55.39
C LEU A 278 88.94 -58.58 -54.84
N LYS A 279 87.70 -58.94 -55.07
CA LYS A 279 87.15 -60.22 -54.61
C LYS A 279 88.13 -61.37 -54.81
N LEU A 280 88.93 -61.29 -55.89
CA LEU A 280 89.90 -62.33 -56.20
C LEU A 280 91.26 -62.09 -55.57
N VAL A 281 91.91 -60.99 -55.97
CA VAL A 281 93.24 -60.66 -55.46
C VAL A 281 93.35 -60.75 -53.94
N SER A 282 92.36 -60.21 -53.23
CA SER A 282 92.38 -60.25 -51.76
C SER A 282 92.58 -61.68 -51.27
N GLU A 283 91.87 -62.63 -51.87
CA GLU A 283 91.98 -64.03 -51.49
C GLU A 283 93.43 -64.46 -51.52
N ILE A 284 94.18 -63.91 -52.47
CA ILE A 284 95.61 -64.22 -52.61
C ILE A 284 96.40 -63.49 -51.53
N ARG A 285 96.14 -62.19 -51.39
CA ARG A 285 96.78 -61.36 -50.40
C ARG A 285 96.76 -62.04 -49.04
N ASN A 286 95.62 -62.65 -48.70
CA ASN A 286 95.48 -63.34 -47.43
C ASN A 286 96.52 -64.44 -47.26
N LEU A 287 96.53 -65.39 -48.19
CA LEU A 287 97.49 -66.49 -48.13
C LEU A 287 98.91 -65.93 -48.16
N HIS A 288 99.07 -64.79 -48.83
CA HIS A 288 100.38 -64.15 -48.94
C HIS A 288 100.86 -63.69 -47.57
N HIS A 289 99.94 -63.10 -46.80
CA HIS A 289 100.25 -62.62 -45.47
C HIS A 289 100.81 -63.76 -44.63
N ILE A 290 100.43 -64.99 -44.97
CA ILE A 290 100.89 -66.14 -44.24
C ILE A 290 102.25 -66.61 -44.75
N LEU A 291 102.31 -66.97 -46.03
CA LEU A 291 103.57 -67.43 -46.62
C LEU A 291 104.67 -66.38 -46.47
N GLY A 292 104.27 -65.16 -46.14
CA GLY A 292 105.20 -64.07 -45.94
C GLY A 292 106.31 -63.90 -46.95
N GLY A 293 105.96 -63.40 -48.14
CA GLY A 293 106.96 -63.19 -49.17
C GLY A 293 107.02 -61.70 -49.49
N ALA A 294 106.69 -60.90 -48.47
CA ALA A 294 106.68 -59.44 -48.59
C ALA A 294 107.82 -58.85 -49.39
N LEU A 295 107.53 -57.75 -50.09
CA LEU A 295 108.53 -57.07 -50.90
C LEU A 295 109.12 -55.92 -50.10
N ASN A 296 110.44 -55.80 -50.12
CA ASN A 296 111.10 -54.74 -49.37
C ASN A 296 110.87 -53.36 -49.98
N PRO A 297 110.58 -52.36 -49.12
CA PRO A 297 110.33 -50.99 -49.56
C PRO A 297 111.32 -50.51 -50.59
N ASN A 298 112.60 -50.57 -50.26
CA ASN A 298 113.63 -50.13 -51.18
C ASN A 298 113.41 -50.75 -52.55
N ALA A 299 112.98 -52.01 -52.58
CA ALA A 299 112.73 -52.67 -53.84
C ALA A 299 111.61 -51.93 -54.51
N ALA A 300 110.50 -51.79 -53.80
CA ALA A 300 109.33 -51.10 -54.32
C ALA A 300 109.70 -49.75 -54.93
N TYR A 301 110.43 -48.94 -54.17
CA TYR A 301 110.81 -47.63 -54.68
C TYR A 301 111.50 -47.75 -56.02
N LEU A 302 112.56 -48.54 -56.05
CA LEU A 302 113.32 -48.73 -57.28
C LEU A 302 112.38 -48.97 -58.45
N ILE A 303 111.36 -49.79 -58.24
CA ILE A 303 110.41 -50.07 -59.30
C ILE A 303 109.66 -48.80 -59.64
N ILE A 304 109.07 -48.18 -58.62
CA ILE A 304 108.33 -46.94 -58.81
C ILE A 304 109.17 -45.99 -59.64
N ARG A 305 110.45 -45.89 -59.29
CA ARG A 305 111.36 -45.02 -60.00
C ARG A 305 111.56 -45.49 -61.42
N GLY A 306 111.59 -46.81 -61.61
CA GLY A 306 111.78 -47.36 -62.94
C GLY A 306 110.60 -47.09 -63.84
N MET A 307 109.41 -47.30 -63.32
CA MET A 307 108.20 -47.08 -64.10
C MET A 307 108.03 -45.63 -64.55
N LYS A 308 108.76 -44.72 -63.92
CA LYS A 308 108.68 -43.30 -64.29
C LYS A 308 108.97 -43.13 -65.77
N THR A 309 109.72 -44.07 -66.33
CA THR A 309 110.07 -44.00 -67.75
C THR A 309 109.70 -45.30 -68.43
N LEU A 310 108.62 -45.92 -67.97
CA LEU A 310 108.18 -47.17 -68.56
C LEU A 310 107.92 -46.96 -70.04
N HIS A 311 106.92 -46.16 -70.35
CA HIS A 311 106.56 -45.90 -71.75
C HIS A 311 107.79 -45.61 -72.58
N LEU A 312 108.51 -44.56 -72.20
CA LEU A 312 109.72 -44.17 -72.91
C LEU A 312 110.51 -45.41 -73.33
N ARG A 313 110.82 -46.27 -72.36
CA ARG A 313 111.58 -47.48 -72.64
C ARG A 313 110.85 -48.41 -73.58
N VAL A 314 109.74 -48.97 -73.12
CA VAL A 314 108.94 -49.88 -73.92
C VAL A 314 108.90 -49.44 -75.39
N GLN A 315 108.56 -48.17 -75.61
CA GLN A 315 108.50 -47.62 -76.95
C GLN A 315 109.78 -47.98 -77.68
N GLN A 316 110.89 -47.41 -77.23
CA GLN A 316 112.18 -47.66 -77.85
C GLN A 316 112.42 -49.14 -78.06
N GLN A 317 112.13 -49.94 -77.05
CA GLN A 317 112.35 -51.38 -77.15
C GLN A 317 111.50 -51.99 -78.27
N ASN A 318 110.20 -51.72 -78.25
CA ASN A 318 109.30 -52.26 -79.27
C ASN A 318 109.85 -52.05 -80.68
N SER A 319 110.32 -50.84 -80.96
CA SER A 319 110.88 -50.50 -82.28
C SER A 319 112.11 -51.33 -82.60
N THR A 320 113.18 -51.13 -81.83
CA THR A 320 114.43 -51.86 -82.05
C THR A 320 114.16 -53.33 -82.32
N ALA A 321 113.26 -53.91 -81.54
CA ALA A 321 112.89 -55.32 -81.68
C ALA A 321 112.41 -55.59 -83.10
N LEU A 322 111.27 -54.99 -83.43
CA LEU A 322 110.69 -55.14 -84.77
C LEU A 322 111.75 -55.03 -85.85
N ARG A 323 112.22 -53.82 -86.08
CA ARG A 323 113.25 -53.57 -87.09
C ARG A 323 114.25 -54.71 -87.13
N MET A 324 114.96 -54.90 -86.03
CA MET A 324 115.95 -55.95 -85.93
C MET A 324 115.39 -57.30 -86.35
N ALA A 325 114.17 -57.60 -85.90
CA ALA A 325 113.52 -58.84 -86.24
C ALA A 325 113.55 -59.04 -87.74
N GLU A 326 112.88 -58.15 -88.46
CA GLU A 326 112.85 -58.22 -89.90
C GLU A 326 114.26 -58.41 -90.43
N ILE A 327 115.11 -57.44 -90.14
CA ILE A 327 116.50 -57.50 -90.57
C ILE A 327 117.07 -58.89 -90.33
N LEU A 328 116.71 -59.46 -89.19
CA LEU A 328 117.19 -60.78 -88.84
C LEU A 328 116.56 -61.83 -89.74
N GLU A 329 115.24 -61.79 -89.85
CA GLU A 329 114.51 -62.75 -90.68
C GLU A 329 115.07 -62.78 -92.09
N ALA A 330 115.38 -61.61 -92.62
CA ALA A 330 115.93 -61.49 -93.97
C ALA A 330 117.36 -62.01 -94.08
N HIS A 331 118.10 -61.98 -92.98
CA HIS A 331 119.48 -62.45 -92.98
C HIS A 331 119.56 -63.92 -93.37
N PRO A 332 120.55 -64.28 -94.20
CA PRO A 332 120.76 -65.65 -94.65
C PRO A 332 121.15 -66.63 -93.56
N LYS A 333 122.12 -66.26 -92.74
CA LYS A 333 122.60 -67.12 -91.66
C LYS A 333 121.54 -67.35 -90.59
N VAL A 334 120.43 -66.62 -90.67
CA VAL A 334 119.34 -66.74 -89.70
C VAL A 334 118.31 -67.72 -90.23
N ARG A 335 118.27 -68.91 -89.64
CA ARG A 335 117.32 -69.92 -90.07
C ARG A 335 115.87 -69.50 -89.85
N HIS A 336 115.54 -69.15 -88.61
CA HIS A 336 114.18 -68.75 -88.27
C HIS A 336 114.20 -67.62 -87.25
N VAL A 337 113.11 -66.86 -87.22
CA VAL A 337 112.98 -65.74 -86.29
C VAL A 337 111.57 -65.73 -85.69
N TYR A 338 111.49 -65.56 -84.38
CA TYR A 338 110.20 -65.54 -83.71
C TYR A 338 109.90 -64.15 -83.17
N TYR A 339 108.73 -63.61 -83.53
CA TYR A 339 108.32 -62.28 -83.07
C TYR A 339 106.91 -61.99 -83.55
N PRO A 340 105.98 -61.76 -82.62
CA PRO A 340 104.59 -61.47 -82.98
C PRO A 340 104.46 -60.31 -83.97
N GLY A 341 105.49 -59.48 -84.04
CA GLY A 341 105.45 -58.35 -84.94
C GLY A 341 105.53 -58.77 -86.40
N LEU A 342 106.20 -59.88 -86.66
CA LEU A 342 106.35 -60.40 -88.01
C LEU A 342 105.13 -61.17 -88.45
N GLN A 343 104.90 -61.21 -89.75
CA GLN A 343 103.77 -61.95 -90.30
C GLN A 343 104.10 -63.43 -90.21
N SER A 344 105.39 -63.74 -90.30
CA SER A 344 105.86 -65.12 -90.24
C SER A 344 105.38 -65.78 -88.96
N HIS A 345 105.02 -64.97 -87.97
CA HIS A 345 104.56 -65.49 -86.71
C HIS A 345 103.16 -66.08 -86.80
N PRO A 346 102.97 -67.29 -86.26
CA PRO A 346 101.69 -68.02 -86.26
C PRO A 346 100.49 -67.19 -85.83
N GLU A 347 100.53 -66.68 -84.60
CA GLU A 347 99.43 -65.89 -84.08
C GLU A 347 99.58 -64.40 -84.35
N HIS A 348 100.36 -64.06 -85.37
CA HIS A 348 100.58 -62.67 -85.72
C HIS A 348 99.28 -61.87 -85.78
N HIS A 349 98.24 -62.44 -86.40
CA HIS A 349 96.96 -61.74 -86.51
C HIS A 349 96.41 -61.42 -85.12
N ILE A 350 96.44 -62.39 -84.22
CA ILE A 350 95.94 -62.17 -82.87
C ILE A 350 96.79 -61.09 -82.22
N ALA A 351 98.09 -61.17 -82.44
CA ALA A 351 99.00 -60.19 -81.88
C ALA A 351 98.51 -58.81 -82.26
N LYS A 352 98.21 -58.62 -83.53
CA LYS A 352 97.72 -57.34 -84.03
C LYS A 352 96.39 -56.94 -83.41
N LYS A 353 95.50 -57.92 -83.28
CA LYS A 353 94.18 -57.66 -82.75
C LYS A 353 94.08 -57.31 -81.27
N GLN A 354 95.05 -57.74 -80.46
CA GLN A 354 95.00 -57.44 -79.04
C GLN A 354 96.17 -56.63 -78.50
N MET A 355 97.27 -56.64 -79.24
CA MET A 355 98.45 -55.90 -78.80
C MET A 355 98.62 -54.59 -79.58
N THR A 356 99.42 -53.70 -79.02
CA THR A 356 99.69 -52.42 -79.66
C THR A 356 101.20 -52.35 -79.82
N GLY A 357 101.86 -53.40 -79.33
CA GLY A 357 103.29 -53.50 -79.41
C GLY A 357 103.65 -54.96 -79.44
N PHE A 358 104.94 -55.28 -79.50
CA PHE A 358 105.34 -56.67 -79.53
C PHE A 358 106.54 -56.96 -78.63
N GLY A 359 106.74 -56.10 -77.65
CA GLY A 359 107.84 -56.28 -76.73
C GLY A 359 109.19 -56.04 -77.37
N GLY A 360 110.23 -56.20 -76.58
CA GLY A 360 111.58 -56.00 -77.09
C GLY A 360 112.35 -57.29 -77.04
N ALA A 361 111.63 -58.40 -76.97
CA ALA A 361 112.27 -59.70 -76.94
C ALA A 361 112.13 -60.38 -78.29
N VAL A 362 113.22 -60.99 -78.77
CA VAL A 362 113.20 -61.68 -80.04
C VAL A 362 113.99 -62.98 -79.98
N SER A 363 113.35 -64.06 -80.40
CA SER A 363 113.99 -65.36 -80.41
C SER A 363 114.24 -65.74 -81.86
N PHE A 364 115.31 -66.48 -82.11
CA PHE A 364 115.59 -66.89 -83.48
C PHE A 364 116.63 -67.99 -83.51
N GLU A 365 116.55 -68.83 -84.53
CA GLU A 365 117.47 -69.93 -84.69
C GLU A 365 118.53 -69.54 -85.70
N VAL A 366 119.79 -69.82 -85.37
CA VAL A 366 120.91 -69.52 -86.25
C VAL A 366 121.18 -70.70 -87.15
N ASP A 367 121.60 -70.44 -88.39
CA ASP A 367 121.89 -71.51 -89.33
C ASP A 367 123.21 -72.20 -89.00
N GLY A 368 123.22 -72.94 -87.89
CA GLY A 368 124.42 -73.62 -87.47
C GLY A 368 124.13 -74.69 -86.44
N ASP A 369 125.15 -75.12 -85.72
CA ASP A 369 124.97 -76.14 -84.70
C ASP A 369 125.28 -75.55 -83.34
N LEU A 370 125.05 -76.35 -82.29
CA LEU A 370 125.29 -75.92 -80.93
C LEU A 370 126.53 -75.04 -80.82
N LEU A 371 127.69 -75.63 -81.08
CA LEU A 371 128.96 -74.91 -81.01
C LEU A 371 128.98 -73.63 -81.84
N THR A 372 128.49 -73.71 -83.07
CA THR A 372 128.45 -72.54 -83.95
C THR A 372 127.60 -71.43 -83.36
N THR A 373 126.38 -71.76 -82.99
CA THR A 373 125.48 -70.79 -82.40
C THR A 373 126.20 -70.06 -81.27
N ALA A 374 126.86 -70.82 -80.40
CA ALA A 374 127.60 -70.24 -79.29
C ALA A 374 128.61 -69.23 -79.80
N LYS A 375 129.37 -69.63 -80.81
CA LYS A 375 130.37 -68.77 -81.41
C LYS A 375 129.75 -67.42 -81.76
N PHE A 376 128.47 -67.44 -82.10
CA PHE A 376 127.75 -66.22 -82.45
C PHE A 376 127.61 -65.32 -81.22
N VAL A 377 126.88 -65.80 -80.22
CA VAL A 377 126.67 -65.03 -79.01
C VAL A 377 128.00 -64.55 -78.45
N ASP A 378 129.01 -65.41 -78.56
CA ASP A 378 130.34 -65.07 -78.06
C ASP A 378 130.91 -63.86 -78.80
N ALA A 379 130.47 -63.68 -80.03
CA ALA A 379 130.93 -62.57 -80.87
C ALA A 379 130.31 -61.24 -80.44
N LEU A 380 129.05 -61.28 -80.01
CA LEU A 380 128.35 -60.07 -79.59
C LEU A 380 129.18 -59.34 -78.56
N LYS A 381 129.18 -58.01 -78.63
CA LYS A 381 129.95 -57.21 -77.70
C LYS A 381 129.12 -56.34 -76.79
N ILE A 382 127.87 -56.09 -77.17
CA ILE A 382 127.01 -55.24 -76.36
C ILE A 382 126.16 -55.96 -75.33
N PRO A 383 125.34 -56.93 -75.77
CA PRO A 383 124.50 -57.64 -74.80
C PRO A 383 125.26 -58.51 -73.80
N TYR A 384 124.70 -58.66 -72.61
CA TYR A 384 125.30 -59.49 -71.58
C TYR A 384 124.70 -60.87 -71.71
N ILE A 385 125.51 -61.90 -71.52
CA ILE A 385 125.02 -63.27 -71.60
C ILE A 385 124.51 -63.66 -70.23
N ALA A 386 123.19 -63.75 -70.08
CA ALA A 386 122.61 -64.12 -68.80
C ALA A 386 121.09 -64.25 -68.92
N PRO A 387 120.43 -64.80 -67.91
CA PRO A 387 118.98 -64.95 -67.98
C PRO A 387 118.34 -63.56 -67.91
N SER A 388 117.11 -63.48 -67.42
CA SER A 388 116.42 -62.21 -67.30
C SER A 388 116.37 -61.44 -68.61
N PHE A 389 115.57 -60.38 -68.63
CA PHE A 389 115.39 -59.55 -69.82
C PHE A 389 114.52 -58.35 -69.48
N GLY A 390 114.48 -57.38 -70.38
CA GLY A 390 113.64 -56.21 -70.16
C GLY A 390 114.34 -55.02 -69.57
N GLY A 391 115.64 -55.15 -69.29
CA GLY A 391 116.38 -54.04 -68.73
C GLY A 391 116.99 -53.16 -69.79
N CYS A 392 117.41 -51.95 -69.40
CA CYS A 392 118.04 -51.02 -70.31
C CYS A 392 119.19 -51.68 -71.05
N GLU A 393 119.89 -52.55 -70.36
CA GLU A 393 121.01 -53.25 -70.98
C GLU A 393 120.48 -54.44 -71.78
N SER A 394 121.09 -54.69 -72.94
CA SER A 394 120.66 -55.79 -73.79
C SER A 394 121.16 -57.13 -73.26
N ILE A 395 120.37 -58.18 -73.45
CA ILE A 395 120.74 -59.50 -72.98
C ILE A 395 120.50 -60.60 -74.01
N VAL A 396 121.36 -61.61 -74.02
CA VAL A 396 121.25 -62.74 -74.94
C VAL A 396 121.50 -64.01 -74.16
N ASP A 397 121.12 -65.14 -74.75
CA ASP A 397 121.33 -66.41 -74.10
C ASP A 397 120.98 -67.57 -75.01
N GLN A 398 121.49 -68.75 -74.69
CA GLN A 398 121.23 -69.94 -75.47
C GLN A 398 120.46 -70.91 -74.58
N PRO A 399 119.14 -70.73 -74.48
CA PRO A 399 118.26 -71.56 -73.67
C PRO A 399 118.77 -72.98 -73.50
N ALA A 400 119.11 -73.61 -74.62
CA ALA A 400 119.62 -74.97 -74.63
C ALA A 400 120.62 -75.19 -73.50
N ILE A 401 121.45 -74.17 -73.28
CA ILE A 401 122.46 -74.21 -72.23
C ILE A 401 121.98 -73.41 -71.04
N MET A 402 121.70 -72.14 -71.28
CA MET A 402 121.26 -71.22 -70.25
C MET A 402 120.32 -71.79 -69.20
N SER A 403 119.42 -72.69 -69.60
CA SER A 403 118.51 -73.25 -68.61
C SER A 403 117.92 -74.59 -69.00
N TYR A 404 118.56 -75.29 -69.92
CA TYR A 404 118.07 -76.58 -70.36
C TYR A 404 119.21 -77.57 -70.54
N TRP A 405 120.41 -77.11 -70.23
CA TRP A 405 121.59 -77.95 -70.35
C TRP A 405 121.47 -79.16 -69.43
N ASP A 406 120.63 -79.04 -68.41
CA ASP A 406 120.42 -80.11 -67.46
C ASP A 406 119.67 -81.27 -68.10
N LEU A 407 119.11 -81.03 -69.28
CA LEU A 407 118.37 -82.06 -69.99
C LEU A 407 119.15 -82.68 -71.13
N SER A 408 118.62 -83.78 -71.66
CA SER A 408 119.26 -84.50 -72.76
C SER A 408 118.93 -83.87 -74.10
N GLN A 409 119.85 -84.03 -75.05
CA GLN A 409 119.67 -83.48 -76.39
C GLN A 409 118.27 -83.84 -76.90
N SER A 410 117.80 -85.02 -76.51
CA SER A 410 116.48 -85.49 -76.90
C SER A 410 115.38 -84.79 -76.14
N ASP A 411 115.40 -84.93 -74.82
CA ASP A 411 114.39 -84.30 -73.97
C ASP A 411 114.29 -82.81 -74.27
N ARG A 412 115.39 -82.22 -74.72
CA ARG A 412 115.42 -80.80 -75.05
C ARG A 412 114.43 -80.49 -76.16
N ALA A 413 114.48 -81.27 -77.22
CA ALA A 413 113.60 -81.07 -78.37
C ALA A 413 112.14 -81.29 -78.02
N LYS A 414 111.89 -81.97 -76.90
CA LYS A 414 110.52 -82.24 -76.45
C LYS A 414 109.75 -80.94 -76.29
N TYR A 415 110.48 -79.84 -76.18
CA TYR A 415 109.86 -78.52 -76.02
C TYR A 415 110.24 -77.57 -77.15
N GLY A 416 110.98 -78.07 -78.13
CA GLY A 416 111.37 -77.24 -79.26
C GLY A 416 112.68 -76.52 -79.03
N ILE A 417 113.24 -76.64 -77.84
CA ILE A 417 114.50 -76.00 -77.49
C ILE A 417 115.65 -76.57 -78.31
N MET A 418 116.00 -75.89 -79.39
CA MET A 418 117.09 -76.33 -80.25
C MET A 418 118.39 -75.68 -79.84
N ASP A 419 119.50 -76.38 -80.07
CA ASP A 419 120.81 -75.84 -79.74
C ASP A 419 120.99 -74.64 -80.68
N ASN A 420 120.02 -74.49 -81.56
CA ASN A 420 119.98 -73.43 -82.56
C ASN A 420 119.46 -72.13 -81.95
N LEU A 421 118.27 -72.23 -81.36
CA LEU A 421 117.58 -71.10 -80.76
C LEU A 421 118.43 -70.17 -79.92
N VAL A 422 118.16 -68.87 -80.08
CA VAL A 422 118.87 -67.84 -79.34
C VAL A 422 117.86 -66.77 -78.91
N ARG A 423 117.87 -66.43 -77.63
CA ARG A 423 116.97 -65.41 -77.12
C ARG A 423 117.74 -64.12 -77.05
N PHE A 424 117.09 -63.02 -77.44
CA PHE A 424 117.73 -61.73 -77.42
C PHE A 424 116.82 -60.67 -76.84
N SER A 425 117.12 -60.21 -75.63
CA SER A 425 116.33 -59.17 -75.01
C SER A 425 117.01 -57.87 -75.38
N PHE A 426 116.43 -57.16 -76.35
CA PHE A 426 117.00 -55.91 -76.79
C PHE A 426 116.94 -54.87 -75.67
N GLY A 427 118.08 -54.28 -75.38
CA GLY A 427 118.15 -53.26 -74.36
C GLY A 427 117.56 -51.96 -74.88
N VAL A 428 118.03 -50.85 -74.34
CA VAL A 428 117.51 -49.55 -74.75
C VAL A 428 118.59 -48.78 -75.52
N GLU A 429 119.71 -49.44 -75.75
CA GLU A 429 120.82 -48.84 -76.47
C GLU A 429 120.33 -48.35 -77.83
N ASP A 430 121.16 -47.58 -78.52
CA ASP A 430 120.79 -47.06 -79.83
C ASP A 430 120.72 -48.18 -80.84
N PHE A 431 119.71 -48.14 -81.69
CA PHE A 431 119.51 -49.17 -82.70
C PHE A 431 120.75 -49.50 -83.51
N ASP A 432 121.24 -48.52 -84.28
CA ASP A 432 122.42 -48.71 -85.12
C ASP A 432 123.54 -49.43 -84.39
N ASP A 433 123.84 -48.99 -83.17
CA ASP A 433 124.89 -49.60 -82.35
C ASP A 433 124.64 -51.08 -82.15
N LEU A 434 123.39 -51.42 -81.85
CA LEU A 434 122.99 -52.81 -81.64
C LEU A 434 123.05 -53.58 -82.94
N LYS A 435 122.31 -53.09 -83.93
CA LYS A 435 122.27 -53.73 -85.24
C LYS A 435 123.69 -54.04 -85.69
N ALA A 436 124.50 -53.00 -85.78
CA ALA A 436 125.89 -53.16 -86.20
C ALA A 436 126.54 -54.33 -85.45
N ASP A 437 126.35 -54.35 -84.14
CA ASP A 437 126.90 -55.41 -83.31
C ASP A 437 126.41 -56.76 -83.79
N ILE A 438 125.09 -56.95 -83.79
CA ILE A 438 124.50 -58.20 -84.22
C ILE A 438 125.06 -58.67 -85.56
N LEU A 439 124.89 -57.83 -86.58
CA LEU A 439 125.37 -58.16 -87.92
C LEU A 439 126.84 -58.60 -87.90
N GLN A 440 127.70 -57.76 -87.36
CA GLN A 440 129.12 -58.07 -87.27
C GLN A 440 129.32 -59.42 -86.60
N ALA A 441 128.42 -59.74 -85.67
CA ALA A 441 128.49 -60.99 -84.94
C ALA A 441 128.09 -62.17 -85.80
N LEU A 442 127.73 -61.88 -87.05
CA LEU A 442 127.31 -62.92 -87.98
C LEU A 442 128.37 -63.21 -89.04
N ASP A 443 128.92 -62.16 -89.62
CA ASP A 443 129.96 -62.34 -90.64
C ASP A 443 131.12 -63.12 -90.03
N SER A 444 131.00 -63.43 -88.75
CA SER A 444 132.00 -64.19 -88.02
C SER A 444 131.73 -65.68 -88.17
N ILE A 445 130.88 -66.01 -89.14
CA ILE A 445 130.53 -67.41 -89.41
C ILE A 445 130.49 -67.67 -90.90
N TYR B 50 114.37 -32.39 -24.22
CA TYR B 50 113.40 -33.07 -25.14
C TYR B 50 112.19 -33.60 -24.39
N ALA B 51 112.35 -34.77 -23.75
CA ALA B 51 111.27 -35.39 -23.00
C ALA B 51 111.53 -35.35 -21.49
N SER B 52 110.45 -35.44 -20.72
CA SER B 52 110.54 -35.41 -19.26
C SER B 52 110.76 -36.80 -18.67
N PHE B 53 110.50 -37.84 -19.46
CA PHE B 53 110.69 -39.21 -18.98
C PHE B 53 111.94 -39.84 -19.56
N LEU B 54 112.75 -39.03 -20.23
CA LEU B 54 113.99 -39.51 -20.83
C LEU B 54 115.13 -38.66 -20.33
N ASN B 55 115.97 -39.24 -19.48
CA ASN B 55 117.10 -38.52 -18.91
C ASN B 55 118.43 -39.08 -19.38
N SER B 56 118.58 -40.39 -19.28
CA SER B 56 119.81 -41.02 -19.72
C SER B 56 120.06 -40.66 -21.18
N ASP B 57 121.29 -40.31 -21.50
CA ASP B 57 121.66 -39.94 -22.86
C ASP B 57 121.24 -41.04 -23.84
N GLY B 58 121.54 -42.29 -23.48
CA GLY B 58 121.19 -43.40 -24.33
C GLY B 58 119.76 -43.31 -24.82
N SER B 59 118.84 -43.25 -23.87
CA SER B 59 117.41 -43.15 -24.19
C SER B 59 117.16 -42.03 -25.18
N VAL B 60 117.86 -40.92 -25.00
CA VAL B 60 117.70 -39.78 -25.89
C VAL B 60 118.22 -40.13 -27.29
N ALA B 61 119.50 -40.52 -27.36
CA ALA B 61 120.11 -40.88 -28.64
C ALA B 61 119.23 -41.86 -29.41
N ILE B 62 118.26 -42.46 -28.72
CA ILE B 62 117.36 -43.41 -29.35
C ILE B 62 116.05 -42.78 -29.80
N HIS B 63 115.41 -42.03 -28.91
CA HIS B 63 114.14 -41.42 -29.24
C HIS B 63 114.16 -39.93 -29.54
N ALA B 64 115.31 -39.28 -29.37
CA ALA B 64 115.41 -37.85 -29.63
C ALA B 64 114.95 -37.50 -31.04
N GLY B 65 113.96 -36.61 -31.11
CA GLY B 65 113.44 -36.18 -32.39
C GLY B 65 112.66 -37.23 -33.15
N GLU B 66 112.05 -38.17 -32.42
CA GLU B 66 111.28 -39.22 -33.04
C GLU B 66 110.09 -39.66 -32.19
N ARG B 67 110.37 -40.34 -31.08
CA ARG B 67 109.34 -40.84 -30.18
C ARG B 67 108.10 -39.97 -30.09
N LEU B 68 108.30 -38.65 -29.96
CA LEU B 68 107.18 -37.73 -29.84
C LEU B 68 106.51 -37.44 -31.18
N GLY B 69 107.25 -36.78 -32.06
CA GLY B 69 106.71 -36.45 -33.38
C GLY B 69 107.83 -36.41 -34.40
N ARG B 70 107.49 -36.30 -35.68
CA ARG B 70 108.50 -36.25 -36.72
C ARG B 70 108.20 -35.20 -37.78
N GLY B 71 107.01 -34.62 -37.74
CA GLY B 71 106.66 -33.62 -38.72
C GLY B 71 106.60 -34.25 -40.09
N ILE B 72 106.49 -35.58 -40.11
CA ILE B 72 106.42 -36.34 -41.34
C ILE B 72 105.34 -37.42 -41.17
N VAL B 73 104.60 -37.29 -40.07
CA VAL B 73 103.50 -38.18 -39.70
C VAL B 73 103.46 -39.57 -40.33
N THR B 74 103.59 -40.60 -39.50
CA THR B 74 103.55 -41.99 -39.95
C THR B 74 103.35 -42.89 -38.75
N ASP B 75 102.71 -44.03 -38.97
CA ASP B 75 102.50 -45.00 -37.91
C ASP B 75 103.69 -45.94 -37.90
N ALA B 76 104.76 -45.52 -38.57
CA ALA B 76 105.99 -46.31 -38.66
C ALA B 76 106.88 -45.99 -37.46
N ILE B 77 107.63 -47.00 -37.02
CA ILE B 77 108.52 -46.84 -35.87
C ILE B 77 109.76 -46.03 -36.25
N THR B 78 110.35 -46.37 -37.39
CA THR B 78 111.54 -45.69 -37.86
C THR B 78 111.22 -44.44 -38.66
N THR B 79 112.23 -43.60 -38.86
CA THR B 79 112.04 -42.39 -39.65
C THR B 79 112.06 -42.77 -41.12
N PRO B 80 111.10 -42.27 -41.89
CA PRO B 80 111.04 -42.58 -43.32
C PRO B 80 112.08 -41.81 -44.10
N VAL B 81 112.71 -42.47 -45.07
CA VAL B 81 113.73 -41.84 -45.89
C VAL B 81 113.13 -41.13 -47.10
N VAL B 82 113.17 -39.80 -47.08
CA VAL B 82 112.61 -39.00 -48.17
C VAL B 82 113.65 -38.64 -49.23
N ASN B 83 113.53 -39.27 -50.38
CA ASN B 83 114.46 -39.04 -51.49
C ASN B 83 113.92 -38.03 -52.49
N THR B 84 113.86 -36.75 -52.09
CA THR B 84 113.37 -35.72 -52.99
C THR B 84 114.42 -34.68 -53.26
N SER B 85 114.39 -34.11 -54.47
CA SER B 85 115.35 -33.10 -54.87
C SER B 85 114.80 -31.72 -54.58
N ALA B 86 113.49 -31.66 -54.38
CA ALA B 86 112.83 -30.39 -54.10
C ALA B 86 111.46 -30.64 -53.47
N TYR B 87 110.78 -29.57 -53.11
CA TYR B 87 109.45 -29.65 -52.49
C TYR B 87 108.49 -28.72 -53.22
N PHE B 88 107.29 -29.23 -53.49
CA PHE B 88 106.28 -28.47 -54.21
C PHE B 88 105.31 -27.73 -53.30
N PHE B 89 104.45 -26.91 -53.91
CA PHE B 89 103.46 -26.14 -53.17
C PHE B 89 102.11 -26.39 -53.82
N ASN B 90 101.06 -26.42 -53.00
CA ASN B 90 99.72 -26.68 -53.49
C ASN B 90 99.21 -25.56 -54.40
N LYS B 91 99.48 -24.31 -54.03
CA LYS B 91 99.04 -23.17 -54.81
C LYS B 91 99.91 -21.94 -54.53
N THR B 92 100.01 -21.05 -55.51
CA THR B 92 100.82 -19.85 -55.37
C THR B 92 100.60 -19.15 -54.03
N SER B 93 99.34 -19.01 -53.64
CA SER B 93 99.02 -18.36 -52.38
C SER B 93 99.88 -18.92 -51.25
N GLU B 94 100.08 -20.24 -51.25
CA GLU B 94 100.89 -20.89 -50.23
C GLU B 94 102.37 -20.56 -50.39
N LEU B 95 102.86 -20.61 -51.62
CA LEU B 95 104.26 -20.31 -51.91
C LEU B 95 104.58 -18.93 -51.36
N ILE B 96 103.66 -18.00 -51.54
CA ILE B 96 103.83 -16.64 -51.05
C ILE B 96 103.94 -16.67 -49.54
N ASP B 97 102.98 -17.32 -48.90
CA ASP B 97 102.97 -17.44 -47.44
C ASP B 97 104.34 -17.88 -46.95
N PHE B 98 104.84 -18.97 -47.51
CA PHE B 98 106.15 -19.47 -47.11
C PHE B 98 107.24 -18.42 -47.35
N LYS B 99 107.26 -17.88 -48.56
CA LYS B 99 108.25 -16.87 -48.91
C LYS B 99 108.13 -15.67 -47.98
N GLU B 100 106.91 -15.43 -47.51
CA GLU B 100 106.64 -14.32 -46.60
C GLU B 100 106.81 -14.76 -45.16
N LYS B 101 107.35 -15.96 -44.97
CA LYS B 101 107.58 -16.54 -43.65
C LYS B 101 106.30 -16.74 -42.85
N ARG B 102 105.29 -17.34 -43.47
CA ARG B 102 104.01 -17.61 -42.83
C ARG B 102 103.71 -19.11 -42.84
N ARG B 103 104.51 -19.86 -43.60
CA ARG B 103 104.35 -21.30 -43.71
C ARG B 103 105.70 -21.97 -43.53
N ALA B 104 105.70 -23.30 -43.39
CA ALA B 104 106.93 -24.06 -43.21
C ALA B 104 107.23 -24.99 -44.39
N SER B 105 108.46 -24.94 -44.86
CA SER B 105 108.92 -25.78 -45.97
C SER B 105 110.41 -25.60 -46.20
N PHE B 106 111.05 -26.63 -46.74
CA PHE B 106 112.47 -26.58 -47.01
C PHE B 106 112.75 -25.89 -48.33
N GLU B 107 111.71 -25.79 -49.16
CA GLU B 107 111.82 -25.16 -50.47
C GLU B 107 112.62 -26.02 -51.43
N TYR B 108 113.91 -26.17 -51.14
CA TYR B 108 114.80 -26.97 -51.97
C TYR B 108 115.49 -28.04 -51.13
N GLY B 109 115.89 -29.13 -51.80
CA GLY B 109 116.57 -30.21 -51.10
C GLY B 109 117.84 -29.77 -50.41
N ARG B 110 118.48 -28.73 -50.96
CA ARG B 110 119.72 -28.20 -50.39
C ARG B 110 119.43 -27.36 -49.15
N TYR B 111 118.18 -26.94 -49.00
CA TYR B 111 117.78 -26.13 -47.86
C TYR B 111 117.21 -26.97 -46.72
N GLY B 112 117.30 -28.29 -46.84
CA GLY B 112 116.79 -29.15 -45.80
C GLY B 112 116.13 -30.43 -46.28
N ASN B 113 115.74 -31.27 -45.33
CA ASN B 113 115.10 -32.54 -45.62
C ASN B 113 114.49 -33.12 -44.35
N PRO B 114 113.25 -33.62 -44.43
CA PRO B 114 112.53 -34.19 -43.28
C PRO B 114 113.29 -35.33 -42.61
N THR B 115 113.91 -36.18 -43.40
CA THR B 115 114.68 -37.29 -42.86
C THR B 115 115.91 -36.76 -42.13
N THR B 116 116.46 -35.66 -42.63
CA THR B 116 117.65 -35.07 -42.02
C THR B 116 117.36 -34.33 -40.73
N VAL B 117 116.40 -33.42 -40.76
CA VAL B 117 116.06 -32.65 -39.56
C VAL B 117 115.93 -33.53 -38.32
N VAL B 118 115.48 -34.76 -38.50
CA VAL B 118 115.34 -35.67 -37.37
C VAL B 118 116.71 -35.82 -36.73
N LEU B 119 117.64 -36.36 -37.51
CA LEU B 119 118.99 -36.55 -37.02
C LEU B 119 119.48 -35.22 -36.46
N GLU B 120 119.12 -34.13 -37.12
CA GLU B 120 119.52 -32.80 -36.67
C GLU B 120 119.03 -32.55 -35.26
N GLU B 121 117.73 -32.74 -35.05
CA GLU B 121 117.11 -32.53 -33.75
C GLU B 121 117.66 -33.53 -32.74
N LYS B 122 117.85 -34.76 -33.20
CA LYS B 122 118.38 -35.80 -32.34
C LYS B 122 119.69 -35.35 -31.72
N ILE B 123 120.67 -35.05 -32.55
CA ILE B 123 121.97 -34.59 -32.09
C ILE B 123 121.80 -33.36 -31.19
N SER B 124 121.00 -32.41 -31.68
CA SER B 124 120.73 -31.20 -30.91
C SER B 124 120.40 -31.54 -29.47
N ALA B 125 119.50 -32.51 -29.28
CA ALA B 125 119.09 -32.93 -27.95
C ALA B 125 120.25 -33.50 -27.15
N LEU B 126 121.02 -34.37 -27.78
CA LEU B 126 122.16 -35.00 -27.13
C LEU B 126 123.13 -33.94 -26.61
N GLU B 127 123.67 -33.13 -27.51
CA GLU B 127 124.61 -32.08 -27.15
C GLU B 127 123.88 -31.01 -26.34
N GLY B 128 122.56 -31.15 -26.22
CA GLY B 128 121.78 -30.18 -25.48
C GLY B 128 121.96 -28.79 -26.06
N ALA B 129 121.90 -28.68 -27.38
CA ALA B 129 122.08 -27.42 -28.06
C ALA B 129 120.76 -26.80 -28.50
N GLU B 130 120.85 -25.59 -29.03
CA GLU B 130 119.67 -24.88 -29.51
C GLU B 130 119.31 -25.39 -30.90
N SER B 131 120.32 -25.74 -31.68
CA SER B 131 120.11 -26.25 -33.02
C SER B 131 121.37 -26.89 -33.56
N THR B 132 121.21 -27.80 -34.51
CA THR B 132 122.35 -28.48 -35.12
C THR B 132 122.26 -28.43 -36.65
N LEU B 133 123.40 -28.49 -37.30
CA LEU B 133 123.46 -28.46 -38.76
C LEU B 133 124.20 -29.70 -39.22
N LEU B 134 123.84 -30.21 -40.40
CA LEU B 134 124.50 -31.41 -40.90
C LEU B 134 125.09 -31.23 -42.30
N MET B 135 126.40 -31.42 -42.40
CA MET B 135 127.08 -31.30 -43.69
C MET B 135 127.28 -32.67 -44.30
N ALA B 136 128.03 -32.72 -45.39
CA ALA B 136 128.31 -33.97 -46.06
C ALA B 136 129.50 -34.68 -45.42
N SER B 137 130.26 -33.93 -44.63
CA SER B 137 131.44 -34.50 -43.96
C SER B 137 132.03 -33.53 -42.96
N GLY B 138 132.62 -34.06 -41.89
CA GLY B 138 133.22 -33.22 -40.90
C GLY B 138 134.03 -32.11 -41.54
N MET B 139 134.92 -32.49 -42.44
CA MET B 139 135.76 -31.53 -43.14
C MET B 139 134.91 -30.36 -43.63
N CYS B 140 133.81 -30.67 -44.31
CA CYS B 140 132.93 -29.63 -44.80
C CYS B 140 132.50 -28.76 -43.62
N ALA B 141 131.94 -29.41 -42.60
CA ALA B 141 131.49 -28.70 -41.41
C ALA B 141 132.53 -27.69 -40.94
N SER B 142 133.64 -28.18 -40.41
CA SER B 142 134.70 -27.29 -39.94
C SER B 142 135.05 -26.25 -40.99
N THR B 143 135.39 -26.71 -42.19
CA THR B 143 135.77 -25.84 -43.27
C THR B 143 134.76 -24.70 -43.45
N VAL B 144 133.49 -25.05 -43.54
CA VAL B 144 132.44 -24.05 -43.72
C VAL B 144 132.43 -23.13 -42.51
N MET B 145 132.13 -23.71 -41.34
CA MET B 145 132.06 -22.98 -40.08
C MET B 145 133.10 -21.89 -40.00
N LEU B 146 134.29 -22.17 -40.52
CA LEU B 146 135.36 -21.19 -40.49
C LEU B 146 135.02 -20.03 -41.40
N LEU B 147 134.92 -20.29 -42.70
CA LEU B 147 134.59 -19.23 -43.65
C LEU B 147 133.31 -18.52 -43.23
N ALA B 148 132.50 -19.21 -42.43
CA ALA B 148 131.24 -18.64 -41.97
C ALA B 148 131.41 -17.59 -40.89
N LEU B 149 132.11 -17.93 -39.82
CA LEU B 149 132.28 -17.02 -38.70
C LEU B 149 133.47 -16.07 -38.78
N VAL B 150 134.62 -16.58 -39.19
CA VAL B 150 135.80 -15.75 -39.29
C VAL B 150 135.73 -14.78 -40.46
N PRO B 151 135.73 -13.47 -40.18
CA PRO B 151 135.67 -12.43 -41.21
C PRO B 151 136.98 -12.31 -41.97
N ALA B 152 136.97 -11.51 -43.03
CA ALA B 152 138.17 -11.32 -43.84
C ALA B 152 139.21 -10.56 -43.04
N GLY B 153 140.48 -10.96 -43.19
CA GLY B 153 141.55 -10.30 -42.46
C GLY B 153 141.47 -10.54 -40.97
N GLY B 154 140.49 -11.32 -40.54
CA GLY B 154 140.32 -11.62 -39.13
C GLY B 154 141.41 -12.53 -38.60
N HIS B 155 141.33 -12.87 -37.32
CA HIS B 155 142.33 -13.73 -36.69
C HIS B 155 141.68 -14.87 -35.92
N ILE B 156 142.32 -16.02 -35.94
CA ILE B 156 141.81 -17.20 -35.24
C ILE B 156 142.93 -17.92 -34.53
N VAL B 157 142.61 -18.51 -33.38
CA VAL B 157 143.60 -19.25 -32.61
C VAL B 157 143.24 -20.71 -32.58
N THR B 158 144.27 -21.55 -32.70
CA THR B 158 144.07 -22.98 -32.71
C THR B 158 145.28 -23.69 -32.14
N THR B 159 145.04 -24.88 -31.61
CA THR B 159 146.09 -25.70 -31.01
C THR B 159 147.02 -26.31 -32.06
N THR B 160 148.20 -26.74 -31.62
CA THR B 160 149.17 -27.34 -32.53
C THR B 160 148.67 -28.69 -33.06
N ASP B 161 148.18 -29.52 -32.14
CA ASP B 161 147.66 -30.83 -32.50
C ASP B 161 146.35 -30.67 -33.26
N CYS B 162 146.40 -30.89 -34.58
CA CYS B 162 145.20 -30.75 -35.40
C CYS B 162 145.08 -31.88 -36.41
N TYR B 163 143.90 -31.99 -37.01
CA TYR B 163 143.65 -33.00 -38.02
C TYR B 163 144.39 -32.55 -39.27
N ARG B 164 145.34 -33.36 -39.72
CA ARG B 164 146.13 -33.03 -40.90
C ARG B 164 145.42 -32.09 -41.86
N LYS B 165 144.33 -32.56 -42.43
CA LYS B 165 143.55 -31.76 -43.39
C LYS B 165 143.15 -30.40 -42.84
N THR B 166 142.43 -30.39 -41.72
CA THR B 166 141.99 -29.15 -41.09
C THR B 166 143.14 -28.17 -41.06
N ARG B 167 144.32 -28.69 -40.77
CA ARG B 167 145.52 -27.87 -40.71
C ARG B 167 145.69 -27.12 -42.02
N ILE B 168 145.91 -27.88 -43.08
CA ILE B 168 146.11 -27.31 -44.41
C ILE B 168 145.11 -26.22 -44.77
N PHE B 169 143.83 -26.48 -44.57
CA PHE B 169 142.81 -25.50 -44.88
C PHE B 169 143.16 -24.16 -44.27
N ILE B 170 143.58 -24.20 -43.02
CA ILE B 170 143.94 -22.99 -42.30
C ILE B 170 145.24 -22.40 -42.79
N GLU B 171 146.18 -23.25 -43.20
CA GLU B 171 147.49 -22.82 -43.66
C GLU B 171 147.58 -22.48 -45.15
N THR B 172 146.52 -22.74 -45.91
CA THR B 172 146.57 -22.47 -47.34
C THR B 172 145.36 -21.77 -47.94
N ILE B 173 144.19 -21.95 -47.33
CA ILE B 173 142.98 -21.32 -47.85
C ILE B 173 142.64 -20.03 -47.12
N LEU B 174 142.46 -20.11 -45.80
CA LEU B 174 142.14 -18.94 -45.01
C LEU B 174 143.05 -17.76 -45.31
N PRO B 175 144.35 -18.01 -45.53
CA PRO B 175 145.24 -16.87 -45.82
C PRO B 175 144.75 -16.10 -47.03
N LYS B 176 144.09 -16.81 -47.94
CA LYS B 176 143.56 -16.19 -49.15
C LYS B 176 142.59 -15.08 -48.77
N MET B 177 141.77 -15.32 -47.77
CA MET B 177 140.82 -14.33 -47.32
C MET B 177 141.53 -13.41 -46.33
N GLY B 178 142.86 -13.48 -46.33
CA GLY B 178 143.65 -12.65 -45.45
C GLY B 178 143.48 -13.00 -43.98
N ILE B 179 142.96 -14.20 -43.72
CA ILE B 179 142.73 -14.65 -42.36
C ILE B 179 144.01 -15.23 -41.75
N THR B 180 144.51 -14.56 -40.73
CA THR B 180 145.72 -14.99 -40.05
C THR B 180 145.35 -15.80 -38.80
N ALA B 181 146.21 -16.73 -38.41
CA ALA B 181 145.95 -17.56 -37.25
C ALA B 181 147.21 -17.82 -36.41
N THR B 182 146.99 -18.14 -35.15
CA THR B 182 148.09 -18.42 -34.24
C THR B 182 147.98 -19.83 -33.69
N VAL B 183 149.09 -20.55 -33.73
CA VAL B 183 149.14 -21.93 -33.26
C VAL B 183 149.77 -22.02 -31.87
N ILE B 184 149.03 -22.57 -30.92
CA ILE B 184 149.53 -22.71 -29.56
C ILE B 184 149.35 -24.13 -29.06
N ASP B 185 150.06 -24.47 -27.99
CA ASP B 185 149.97 -25.79 -27.39
C ASP B 185 148.63 -25.89 -26.67
N PRO B 186 148.00 -27.07 -26.72
CA PRO B 186 146.71 -27.28 -26.06
C PRO B 186 146.68 -26.89 -24.58
N ALA B 187 147.78 -27.11 -23.89
CA ALA B 187 147.85 -26.77 -22.48
C ALA B 187 148.25 -25.33 -22.22
N ASP B 188 149.23 -24.84 -22.97
CA ASP B 188 149.73 -23.48 -22.83
C ASP B 188 148.63 -22.43 -22.74
N VAL B 189 147.97 -22.34 -21.59
CA VAL B 189 146.91 -21.37 -21.41
C VAL B 189 147.49 -19.96 -21.53
N GLY B 190 148.74 -19.81 -21.10
CA GLY B 190 149.38 -18.52 -21.18
C GLY B 190 149.31 -17.96 -22.59
N ALA B 191 149.87 -18.69 -23.54
CA ALA B 191 149.87 -18.26 -24.93
C ALA B 191 148.49 -17.78 -25.37
N LEU B 192 147.45 -18.55 -25.05
CA LEU B 192 146.10 -18.17 -25.42
C LEU B 192 145.77 -16.80 -24.84
N GLU B 193 145.87 -16.68 -23.52
CA GLU B 193 145.58 -15.43 -22.85
C GLU B 193 146.42 -14.32 -23.47
N LEU B 194 147.68 -14.63 -23.75
CA LEU B 194 148.58 -13.66 -24.35
C LEU B 194 148.05 -13.19 -25.68
N ALA B 195 147.99 -14.12 -26.64
CA ALA B 195 147.49 -13.81 -27.96
C ALA B 195 146.12 -13.15 -27.86
N LEU B 196 145.33 -13.60 -26.88
CA LEU B 196 143.99 -13.06 -26.66
C LEU B 196 144.06 -11.53 -26.53
N ASN B 197 145.21 -11.05 -26.08
CA ASN B 197 145.42 -9.61 -25.90
C ASN B 197 146.19 -8.96 -27.04
N GLN B 198 147.25 -9.62 -27.50
CA GLN B 198 148.07 -9.10 -28.58
C GLN B 198 147.21 -8.66 -29.77
N LYS B 199 146.54 -9.63 -30.39
CA LYS B 199 145.68 -9.35 -31.54
C LYS B 199 144.21 -9.44 -31.16
N LYS B 200 143.34 -9.25 -32.16
CA LYS B 200 141.90 -9.32 -31.94
C LYS B 200 141.35 -10.63 -32.48
N VAL B 201 141.37 -11.66 -31.64
CA VAL B 201 140.90 -12.99 -32.03
C VAL B 201 139.40 -13.07 -32.26
N ASN B 202 139.04 -13.62 -33.41
CA ASN B 202 137.63 -13.75 -33.77
C ASN B 202 137.09 -15.04 -33.17
N LEU B 203 137.90 -16.09 -33.23
CA LEU B 203 137.46 -17.38 -32.71
C LEU B 203 138.63 -18.32 -32.43
N PHE B 204 138.49 -19.08 -31.35
CA PHE B 204 139.49 -20.06 -30.95
C PHE B 204 138.91 -21.41 -31.31
N PHE B 205 139.63 -22.14 -32.16
CA PHE B 205 139.14 -23.44 -32.58
C PHE B 205 140.12 -24.55 -32.28
N THR B 206 139.61 -25.61 -31.68
CA THR B 206 140.42 -26.77 -31.34
C THR B 206 139.56 -27.95 -30.95
N GLU B 207 140.12 -29.15 -31.10
CA GLU B 207 139.40 -30.35 -30.73
C GLU B 207 139.96 -30.86 -29.42
N SER B 208 139.11 -31.53 -28.65
CA SER B 208 139.52 -32.09 -27.38
C SER B 208 138.59 -33.26 -27.05
N PRO B 209 139.15 -34.47 -26.92
CA PRO B 209 140.58 -34.82 -27.04
C PRO B 209 141.18 -34.43 -28.38
N THR B 210 142.48 -34.16 -28.36
CA THR B 210 143.23 -33.78 -29.55
C THR B 210 143.70 -35.01 -30.31
N ASN B 211 144.37 -34.80 -31.43
CA ASN B 211 144.86 -35.92 -32.23
C ASN B 211 146.33 -35.69 -32.56
N PRO B 212 147.16 -36.74 -32.49
CA PRO B 212 146.81 -38.12 -32.12
C PRO B 212 147.17 -38.40 -30.66
N PHE B 213 147.56 -37.36 -29.94
CA PHE B 213 147.96 -37.51 -28.56
C PHE B 213 146.83 -37.27 -27.57
N LEU B 214 145.60 -37.21 -28.08
CA LEU B 214 144.43 -37.00 -27.23
C LEU B 214 144.63 -35.97 -26.13
N ARG B 215 145.39 -34.91 -26.42
CA ARG B 215 145.60 -33.85 -25.45
C ARG B 215 144.27 -33.16 -25.28
N CYS B 216 143.90 -32.85 -24.05
CA CYS B 216 142.64 -32.18 -23.81
C CYS B 216 142.81 -30.72 -23.45
N VAL B 217 141.73 -29.97 -23.58
CA VAL B 217 141.74 -28.55 -23.27
C VAL B 217 140.68 -28.25 -22.22
N ASP B 218 141.06 -27.49 -21.20
CA ASP B 218 140.13 -27.14 -20.15
C ASP B 218 139.11 -26.18 -20.74
N ILE B 219 138.13 -26.74 -21.44
CA ILE B 219 137.09 -25.93 -22.06
C ILE B 219 136.67 -24.79 -21.16
N GLU B 220 135.92 -25.12 -20.11
CA GLU B 220 135.43 -24.14 -19.16
C GLU B 220 136.36 -22.95 -19.02
N LEU B 221 137.60 -23.23 -18.66
CA LEU B 221 138.59 -22.18 -18.50
C LEU B 221 138.75 -21.38 -19.79
N VAL B 222 139.19 -22.05 -20.84
CA VAL B 222 139.39 -21.40 -22.13
C VAL B 222 138.19 -20.57 -22.54
N SER B 223 137.00 -21.16 -22.45
CA SER B 223 135.78 -20.46 -22.82
C SER B 223 135.76 -19.11 -22.12
N LYS B 224 136.05 -19.13 -20.82
CA LYS B 224 136.07 -17.91 -20.03
C LYS B 224 137.05 -16.91 -20.60
N LEU B 225 138.33 -17.28 -20.65
CA LEU B 225 139.38 -16.42 -21.17
C LEU B 225 139.03 -15.82 -22.53
N CYS B 226 138.37 -16.61 -23.36
CA CYS B 226 138.00 -16.15 -24.70
C CYS B 226 136.81 -15.20 -24.64
N HIS B 227 135.71 -15.67 -24.07
CA HIS B 227 134.52 -14.85 -23.97
C HIS B 227 134.81 -13.49 -23.34
N GLU B 228 135.90 -13.43 -22.57
CA GLU B 228 136.29 -12.19 -21.92
C GLU B 228 136.78 -11.19 -22.95
N LYS B 229 137.42 -11.70 -24.00
CA LYS B 229 137.92 -10.86 -25.09
C LYS B 229 137.02 -10.92 -26.31
N GLY B 230 135.78 -11.36 -26.11
CA GLY B 230 134.82 -11.43 -27.19
C GLY B 230 135.09 -12.47 -28.26
N ALA B 231 136.07 -13.33 -28.03
CA ALA B 231 136.40 -14.36 -29.00
C ALA B 231 135.40 -15.51 -28.89
N LEU B 232 135.31 -16.31 -29.96
CA LEU B 232 134.40 -17.44 -29.99
C LEU B 232 135.16 -18.74 -29.77
N VAL B 233 134.54 -19.68 -29.07
CA VAL B 233 135.19 -20.96 -28.79
C VAL B 233 134.48 -22.11 -29.48
N CYS B 234 135.17 -22.72 -30.44
CA CYS B 234 134.60 -23.84 -31.17
C CYS B 234 135.42 -25.09 -30.87
N ILE B 235 134.76 -26.11 -30.34
CA ILE B 235 135.41 -27.37 -29.99
C ILE B 235 134.97 -28.53 -30.88
N ASP B 236 135.94 -29.29 -31.35
CA ASP B 236 135.65 -30.45 -32.18
C ASP B 236 135.71 -31.69 -31.29
N GLY B 237 134.59 -32.00 -30.64
CA GLY B 237 134.54 -33.15 -29.75
C GLY B 237 134.38 -34.49 -30.45
N THR B 238 134.94 -34.60 -31.65
CA THR B 238 134.84 -35.85 -32.41
C THR B 238 135.22 -37.04 -31.52
N PHE B 239 136.49 -37.10 -31.16
CA PHE B 239 137.02 -38.19 -30.33
C PHE B 239 136.21 -38.41 -29.07
N ALA B 240 135.69 -37.32 -28.50
CA ALA B 240 134.92 -37.41 -27.27
C ALA B 240 133.56 -38.05 -27.42
N THR B 241 132.70 -37.41 -28.20
CA THR B 241 131.32 -37.86 -28.42
C THR B 241 130.44 -37.15 -27.40
N PRO B 242 129.24 -36.71 -27.81
CA PRO B 242 128.35 -36.03 -26.87
C PRO B 242 128.10 -36.81 -25.57
N LEU B 243 128.33 -38.11 -25.60
CA LEU B 243 128.10 -38.93 -24.41
C LEU B 243 129.19 -38.77 -23.37
N ASN B 244 130.43 -38.61 -23.83
CA ASN B 244 131.56 -38.48 -22.93
C ASN B 244 131.81 -37.04 -22.45
N GLN B 245 131.21 -36.06 -23.11
CA GLN B 245 131.41 -34.67 -22.72
C GLN B 245 130.46 -33.72 -23.43
N LYS B 246 130.02 -32.69 -22.71
CA LYS B 246 129.10 -31.71 -23.28
C LYS B 246 129.77 -30.35 -23.36
N ALA B 247 130.73 -30.24 -24.27
CA ALA B 247 131.48 -29.00 -24.47
C ALA B 247 130.62 -27.74 -24.38
N LEU B 248 129.40 -27.83 -24.87
CA LEU B 248 128.51 -26.68 -24.83
C LEU B 248 128.22 -26.24 -23.41
N ALA B 249 127.87 -27.22 -22.56
CA ALA B 249 127.58 -26.95 -21.17
C ALA B 249 128.83 -26.45 -20.46
N LEU B 250 129.99 -26.84 -20.99
CA LEU B 250 131.25 -26.42 -20.41
C LEU B 250 131.52 -24.96 -20.71
N GLY B 251 130.73 -24.38 -21.59
CA GLY B 251 130.90 -22.98 -21.92
C GLY B 251 131.19 -22.71 -23.39
N ALA B 252 131.69 -23.72 -24.09
CA ALA B 252 132.00 -23.58 -25.51
C ALA B 252 130.83 -22.95 -26.27
N ASP B 253 131.14 -22.28 -27.36
CA ASP B 253 130.11 -21.64 -28.18
C ASP B 253 129.59 -22.61 -29.23
N LEU B 254 130.50 -23.32 -29.90
CA LEU B 254 130.13 -24.27 -30.93
C LEU B 254 130.87 -25.59 -30.79
N VAL B 255 130.15 -26.68 -31.00
CA VAL B 255 130.74 -28.01 -30.92
C VAL B 255 130.42 -28.73 -32.21
N LEU B 256 131.41 -29.43 -32.76
CA LEU B 256 131.20 -30.17 -33.99
C LEU B 256 131.95 -31.49 -33.99
N HIS B 257 131.35 -32.50 -34.61
CA HIS B 257 131.96 -33.81 -34.69
C HIS B 257 131.93 -34.30 -36.13
N SER B 258 132.76 -35.30 -36.39
CA SER B 258 132.80 -35.92 -37.70
C SER B 258 131.97 -37.19 -37.48
N ALA B 259 130.66 -37.08 -37.72
CA ALA B 259 129.74 -38.19 -37.54
C ALA B 259 130.26 -39.41 -38.29
N THR B 260 131.18 -39.17 -39.21
CA THR B 260 131.79 -40.22 -40.01
C THR B 260 132.36 -41.29 -39.08
N LYS B 261 132.82 -40.86 -37.91
CA LYS B 261 133.45 -41.73 -36.93
C LYS B 261 132.57 -42.48 -35.93
N PHE B 262 132.30 -41.86 -34.79
CA PHE B 262 131.51 -42.49 -33.73
C PHE B 262 130.01 -42.44 -33.92
N LEU B 263 129.47 -41.26 -34.18
CA LEU B 263 128.03 -41.12 -34.38
C LEU B 263 127.52 -42.20 -35.32
N GLY B 264 128.20 -42.38 -36.45
CA GLY B 264 127.79 -43.41 -37.39
C GLY B 264 128.32 -44.74 -36.89
N GLY B 265 129.56 -44.72 -36.41
CA GLY B 265 130.20 -45.91 -35.88
C GLY B 265 130.09 -47.20 -36.64
N HIS B 266 129.90 -47.12 -37.96
CA HIS B 266 129.79 -48.34 -38.75
C HIS B 266 130.73 -48.31 -39.95
N ASN B 267 131.53 -47.25 -40.03
CA ASN B 267 132.48 -47.10 -41.12
C ASN B 267 131.83 -47.28 -42.48
N ASP B 268 130.59 -46.82 -42.62
CA ASP B 268 129.87 -46.96 -43.88
C ASP B 268 129.20 -45.67 -44.32
N VAL B 269 129.71 -44.53 -43.88
CA VAL B 269 129.10 -43.25 -44.25
C VAL B 269 129.87 -42.06 -43.72
N LEU B 270 129.90 -40.99 -44.52
CA LEU B 270 130.57 -39.77 -44.13
C LEU B 270 129.54 -38.71 -43.79
N ALA B 271 129.86 -37.89 -42.78
CA ALA B 271 128.96 -36.83 -42.37
C ALA B 271 129.56 -35.99 -41.25
N GLY B 272 129.33 -34.68 -41.34
CA GLY B 272 129.83 -33.76 -40.34
C GLY B 272 128.63 -33.07 -39.74
N CYS B 273 128.83 -32.39 -38.61
CA CYS B 273 127.72 -31.69 -37.99
C CYS B 273 128.22 -30.67 -36.99
N ILE B 274 127.48 -29.57 -36.88
CA ILE B 274 127.83 -28.52 -35.96
C ILE B 274 126.60 -28.19 -35.15
N SER B 275 126.78 -27.99 -33.85
CA SER B 275 125.66 -27.67 -32.98
C SER B 275 125.99 -26.50 -32.07
N GLY B 276 124.95 -25.78 -31.67
CA GLY B 276 125.13 -24.64 -30.80
C GLY B 276 123.91 -23.73 -30.78
N PRO B 277 124.09 -22.45 -30.41
CA PRO B 277 122.98 -21.51 -30.36
C PRO B 277 122.50 -21.16 -31.75
N LEU B 278 121.19 -21.00 -31.89
CA LEU B 278 120.59 -20.67 -33.17
C LEU B 278 121.27 -19.45 -33.80
N LYS B 279 121.24 -18.33 -33.09
CA LYS B 279 121.85 -17.09 -33.55
C LYS B 279 123.16 -17.33 -34.28
N LEU B 280 123.88 -18.36 -33.89
CA LEU B 280 125.15 -18.67 -34.49
C LEU B 280 125.05 -19.70 -35.63
N VAL B 281 124.61 -20.90 -35.29
CA VAL B 281 124.48 -21.97 -36.27
C VAL B 281 123.81 -21.52 -37.56
N SER B 282 122.74 -20.74 -37.42
CA SER B 282 122.01 -20.25 -38.59
C SER B 282 122.92 -19.53 -39.56
N GLU B 283 123.72 -18.61 -39.06
CA GLU B 283 124.65 -17.84 -39.88
C GLU B 283 125.42 -18.79 -40.79
N ILE B 284 125.78 -19.95 -40.25
CA ILE B 284 126.51 -20.96 -41.01
C ILE B 284 125.59 -21.64 -42.00
N ARG B 285 124.44 -22.07 -41.51
CA ARG B 285 123.46 -22.74 -42.35
C ARG B 285 123.27 -21.94 -43.63
N ASN B 286 123.23 -20.62 -43.49
CA ASN B 286 123.05 -19.75 -44.65
C ASN B 286 124.16 -19.99 -45.66
N LEU B 287 125.39 -19.72 -45.26
CA LEU B 287 126.52 -19.91 -46.15
C LEU B 287 126.49 -21.33 -46.70
N HIS B 288 126.04 -22.25 -45.86
CA HIS B 288 125.96 -23.65 -46.24
C HIS B 288 125.05 -23.80 -47.46
N HIS B 289 123.87 -23.19 -47.38
CA HIS B 289 122.91 -23.24 -48.46
C HIS B 289 123.50 -22.78 -49.79
N ILE B 290 124.56 -21.99 -49.71
CA ILE B 290 125.20 -21.50 -50.92
C ILE B 290 126.28 -22.44 -51.41
N LEU B 291 127.20 -22.78 -50.53
CA LEU B 291 128.29 -23.69 -50.90
C LEU B 291 127.72 -25.04 -51.34
N GLY B 292 126.51 -25.32 -50.88
CA GLY B 292 125.82 -26.55 -51.25
C GLY B 292 126.58 -27.84 -50.99
N GLY B 293 126.66 -28.23 -49.72
CA GLY B 293 127.34 -29.46 -49.37
C GLY B 293 126.37 -30.34 -48.61
N ALA B 294 125.10 -30.22 -48.99
CA ALA B 294 124.02 -30.96 -48.35
C ALA B 294 124.29 -32.45 -48.20
N LEU B 295 123.76 -33.01 -47.12
CA LEU B 295 123.91 -34.42 -46.82
C LEU B 295 122.74 -35.20 -47.38
N ASN B 296 123.05 -36.30 -48.08
CA ASN B 296 122.01 -37.13 -48.67
C ASN B 296 121.19 -37.81 -47.60
N PRO B 297 119.87 -37.90 -47.79
CA PRO B 297 118.96 -38.53 -46.83
C PRO B 297 119.45 -39.90 -46.38
N ASN B 298 119.67 -40.80 -47.34
CA ASN B 298 120.13 -42.16 -47.04
C ASN B 298 121.24 -42.12 -46.00
N ALA B 299 122.17 -41.20 -46.17
CA ALA B 299 123.28 -41.06 -45.24
C ALA B 299 122.64 -40.74 -43.89
N ALA B 300 121.92 -39.64 -43.83
CA ALA B 300 121.26 -39.22 -42.62
C ALA B 300 120.61 -40.39 -41.90
N TYR B 301 119.89 -41.23 -42.64
CA TYR B 301 119.24 -42.36 -42.00
C TYR B 301 120.24 -43.30 -41.36
N LEU B 302 121.20 -43.75 -42.14
CA LEU B 302 122.22 -44.66 -41.63
C LEU B 302 122.72 -44.16 -40.28
N ILE B 303 123.01 -42.87 -40.20
CA ILE B 303 123.48 -42.29 -38.95
C ILE B 303 122.42 -42.43 -37.89
N ILE B 304 121.21 -41.99 -38.20
CA ILE B 304 120.12 -42.08 -37.24
C ILE B 304 120.06 -43.52 -36.73
N ARG B 305 120.20 -44.45 -37.66
CA ARG B 305 120.16 -45.86 -37.33
C ARG B 305 121.30 -46.24 -36.40
N GLY B 306 122.46 -45.64 -36.64
CA GLY B 306 123.62 -45.94 -35.82
C GLY B 306 123.49 -45.43 -34.39
N MET B 307 123.11 -44.17 -34.25
CA MET B 307 122.97 -43.55 -32.94
C MET B 307 121.98 -44.30 -32.05
N LYS B 308 121.20 -45.21 -32.64
CA LYS B 308 120.23 -45.99 -31.89
C LYS B 308 120.98 -46.80 -30.86
N THR B 309 122.25 -47.06 -31.13
CA THR B 309 123.10 -47.85 -30.24
C THR B 309 124.36 -47.09 -29.81
N LEU B 310 124.31 -45.78 -29.91
CA LEU B 310 125.47 -44.96 -29.54
C LEU B 310 126.00 -45.32 -28.16
N HIS B 311 125.21 -45.05 -27.14
CA HIS B 311 125.63 -45.34 -25.77
C HIS B 311 126.23 -46.73 -25.70
N LEU B 312 125.44 -47.73 -26.04
CA LEU B 312 125.87 -49.12 -26.02
C LEU B 312 127.31 -49.25 -26.53
N ARG B 313 127.56 -48.71 -27.71
CA ARG B 313 128.90 -48.78 -28.30
C ARG B 313 129.93 -48.02 -27.50
N VAL B 314 129.73 -46.71 -27.36
CA VAL B 314 130.66 -45.85 -26.63
C VAL B 314 131.11 -46.51 -25.33
N GLN B 315 130.14 -46.98 -24.55
CA GLN B 315 130.42 -47.64 -23.28
C GLN B 315 131.50 -48.68 -23.51
N GLN B 316 131.14 -49.73 -24.23
CA GLN B 316 132.04 -50.83 -24.56
C GLN B 316 133.39 -50.29 -25.01
N GLN B 317 133.38 -49.32 -25.91
CA GLN B 317 134.62 -48.74 -26.42
C GLN B 317 135.43 -48.05 -25.34
N ASN B 318 134.75 -47.31 -24.47
CA ASN B 318 135.44 -46.61 -23.39
C ASN B 318 136.21 -47.59 -22.50
N SER B 319 135.57 -48.71 -22.15
CA SER B 319 136.21 -49.72 -21.31
C SER B 319 137.41 -50.33 -21.98
N THR B 320 137.17 -51.11 -23.04
CA THR B 320 138.24 -51.76 -23.79
C THR B 320 139.44 -50.83 -23.90
N ALA B 321 139.20 -49.58 -24.27
CA ALA B 321 140.27 -48.60 -24.40
C ALA B 321 141.09 -48.55 -23.12
N LEU B 322 140.46 -48.07 -22.05
CA LEU B 322 141.10 -47.97 -20.75
C LEU B 322 141.93 -49.20 -20.41
N ARG B 323 141.26 -50.30 -20.11
CA ARG B 323 141.93 -51.54 -19.76
C ARG B 323 143.16 -51.76 -20.66
N MET B 324 142.91 -51.88 -21.95
CA MET B 324 143.99 -52.09 -22.91
C MET B 324 145.08 -51.04 -22.76
N ALA B 325 144.68 -49.82 -22.42
CA ALA B 325 145.64 -48.74 -22.25
C ALA B 325 146.65 -49.10 -21.17
N GLU B 326 146.15 -49.33 -19.96
CA GLU B 326 147.00 -49.69 -18.84
C GLU B 326 147.84 -50.88 -19.26
N ILE B 327 147.17 -51.97 -19.63
CA ILE B 327 147.86 -53.19 -20.06
C ILE B 327 148.99 -52.83 -21.01
N LEU B 328 148.74 -51.90 -21.90
CA LEU B 328 149.75 -51.48 -22.87
C LEU B 328 150.86 -50.70 -22.20
N GLU B 329 150.47 -49.76 -21.34
CA GLU B 329 151.43 -48.93 -20.63
C GLU B 329 152.41 -49.79 -19.84
N ALA B 330 151.87 -50.83 -19.19
CA ALA B 330 152.67 -51.74 -18.38
C ALA B 330 153.57 -52.65 -19.22
N HIS B 331 153.25 -52.80 -20.49
CA HIS B 331 154.04 -53.66 -21.36
C HIS B 331 155.44 -53.11 -21.57
N PRO B 332 156.46 -53.98 -21.50
CA PRO B 332 157.85 -53.58 -21.69
C PRO B 332 158.17 -53.04 -23.08
N LYS B 333 157.65 -53.69 -24.10
CA LYS B 333 157.90 -53.27 -25.47
C LYS B 333 157.18 -51.96 -25.82
N VAL B 334 156.26 -51.54 -24.95
CA VAL B 334 155.52 -50.31 -25.20
C VAL B 334 156.22 -49.12 -24.56
N ARG B 335 156.91 -48.32 -25.37
CA ARG B 335 157.63 -47.17 -24.85
C ARG B 335 156.73 -46.17 -24.14
N HIS B 336 155.74 -45.65 -24.84
CA HIS B 336 154.83 -44.67 -24.26
C HIS B 336 153.37 -44.93 -24.67
N VAL B 337 152.44 -44.45 -23.85
CA VAL B 337 151.02 -44.63 -24.15
C VAL B 337 150.23 -43.37 -23.84
N TYR B 338 149.42 -42.92 -24.79
CA TYR B 338 148.61 -41.72 -24.61
C TYR B 338 147.15 -42.08 -24.50
N TYR B 339 146.51 -41.59 -23.46
CA TYR B 339 145.11 -41.83 -23.21
C TYR B 339 144.70 -41.04 -21.97
N PRO B 340 143.74 -40.12 -22.12
CA PRO B 340 143.28 -39.30 -21.00
C PRO B 340 142.88 -40.11 -19.78
N GLY B 341 142.57 -41.39 -19.99
CA GLY B 341 142.18 -42.24 -18.89
C GLY B 341 143.30 -42.53 -17.92
N LEU B 342 144.53 -42.57 -18.42
CA LEU B 342 145.68 -42.85 -17.58
C LEU B 342 146.14 -41.61 -16.84
N GLN B 343 146.82 -41.81 -15.72
CA GLN B 343 147.34 -40.71 -14.93
C GLN B 343 148.55 -40.17 -15.65
N SER B 344 149.24 -41.05 -16.37
CA SER B 344 150.43 -40.69 -17.12
C SER B 344 150.13 -39.57 -18.11
N HIS B 345 148.85 -39.36 -18.38
CA HIS B 345 148.46 -38.33 -19.33
C HIS B 345 148.53 -36.94 -18.72
N PRO B 346 149.18 -36.01 -19.42
CA PRO B 346 149.35 -34.62 -18.99
C PRO B 346 148.08 -33.96 -18.44
N GLU B 347 147.06 -33.84 -19.27
CA GLU B 347 145.81 -33.22 -18.84
C GLU B 347 144.86 -34.21 -18.19
N HIS B 348 145.40 -35.33 -17.73
CA HIS B 348 144.56 -36.34 -17.11
C HIS B 348 143.58 -35.76 -16.11
N HIS B 349 144.04 -34.82 -15.29
CA HIS B 349 143.18 -34.22 -14.28
C HIS B 349 142.01 -33.49 -14.94
N ILE B 350 142.30 -32.76 -16.01
CA ILE B 350 141.25 -32.03 -16.72
C ILE B 350 140.29 -33.04 -17.30
N ALA B 351 140.84 -34.09 -17.92
CA ALA B 351 140.04 -35.14 -18.52
C ALA B 351 139.01 -35.64 -17.52
N LYS B 352 139.44 -35.84 -16.28
CA LYS B 352 138.55 -36.34 -15.24
C LYS B 352 137.49 -35.31 -14.86
N LYS B 353 137.90 -34.04 -14.82
CA LYS B 353 136.98 -32.98 -14.45
C LYS B 353 135.88 -32.66 -15.45
N GLN B 354 136.17 -32.78 -16.74
CA GLN B 354 135.17 -32.47 -17.75
C GLN B 354 134.61 -33.67 -18.53
N MET B 355 135.30 -34.81 -18.46
CA MET B 355 134.82 -35.99 -19.18
C MET B 355 134.27 -37.06 -18.25
N THR B 356 133.51 -37.98 -18.81
CA THR B 356 132.92 -39.08 -18.05
C THR B 356 133.39 -40.38 -18.69
N GLY B 357 134.17 -40.22 -19.76
CA GLY B 357 134.71 -41.35 -20.49
C GLY B 357 135.95 -40.85 -21.19
N PHE B 358 136.66 -41.72 -21.91
CA PHE B 358 137.86 -41.29 -22.58
C PHE B 358 137.96 -41.84 -24.00
N GLY B 359 136.81 -42.09 -24.59
CA GLY B 359 136.77 -42.60 -25.95
C GLY B 359 137.36 -43.98 -26.05
N GLY B 360 137.45 -44.49 -27.27
CA GLY B 360 138.00 -45.81 -27.49
C GLY B 360 139.22 -45.74 -28.37
N ALA B 361 139.86 -44.57 -28.40
CA ALA B 361 141.05 -44.38 -29.21
C ALA B 361 142.25 -44.29 -28.29
N VAL B 362 143.33 -44.98 -28.66
CA VAL B 362 144.54 -44.97 -27.86
C VAL B 362 145.76 -44.93 -28.76
N SER B 363 146.68 -44.02 -28.45
CA SER B 363 147.89 -43.89 -29.23
C SER B 363 149.05 -44.33 -28.35
N PHE B 364 150.08 -44.88 -28.97
CA PHE B 364 151.24 -45.33 -28.21
C PHE B 364 152.43 -45.57 -29.11
N GLU B 365 153.62 -45.35 -28.55
CA GLU B 365 154.87 -45.55 -29.29
C GLU B 365 155.44 -46.91 -28.94
N VAL B 366 155.83 -47.66 -29.95
CA VAL B 366 156.41 -48.98 -29.74
C VAL B 366 157.91 -48.90 -29.54
N ASP B 367 158.45 -49.74 -28.67
CA ASP B 367 159.89 -49.73 -28.42
C ASP B 367 160.62 -50.30 -29.63
N GLY B 368 160.63 -49.55 -30.72
CA GLY B 368 161.30 -50.01 -31.91
C GLY B 368 161.47 -48.91 -32.95
N ASP B 369 161.80 -49.29 -34.17
CA ASP B 369 161.99 -48.31 -35.23
C ASP B 369 160.88 -48.43 -36.26
N LEU B 370 160.87 -47.49 -37.20
CA LEU B 370 159.88 -47.45 -38.27
C LEU B 370 159.52 -48.86 -38.73
N LEU B 371 160.50 -49.54 -39.32
CA LEU B 371 160.30 -50.89 -39.81
C LEU B 371 159.73 -51.83 -38.75
N THR B 372 160.31 -51.80 -37.56
CA THR B 372 159.86 -52.66 -36.47
C THR B 372 158.40 -52.39 -36.15
N THR B 373 158.08 -51.14 -35.84
CA THR B 373 156.71 -50.76 -35.51
C THR B 373 155.76 -51.35 -36.55
N ALA B 374 156.10 -51.17 -37.82
CA ALA B 374 155.28 -51.69 -38.91
C ALA B 374 155.07 -53.19 -38.67
N LYS B 375 156.17 -53.90 -38.47
CA LYS B 375 156.11 -55.33 -38.23
C LYS B 375 155.08 -55.64 -37.14
N PHE B 376 154.89 -54.70 -36.22
CA PHE B 376 153.91 -54.89 -35.16
C PHE B 376 152.51 -54.87 -35.75
N VAL B 377 152.14 -53.73 -36.33
CA VAL B 377 150.81 -53.60 -36.91
C VAL B 377 150.55 -54.75 -37.87
N ASP B 378 151.55 -55.08 -38.68
CA ASP B 378 151.42 -56.16 -39.65
C ASP B 378 151.02 -57.47 -38.98
N ALA B 379 151.43 -57.63 -37.73
CA ALA B 379 151.14 -58.83 -36.97
C ALA B 379 149.68 -58.92 -36.50
N LEU B 380 149.09 -57.77 -36.20
CA LEU B 380 147.70 -57.74 -35.75
C LEU B 380 146.82 -58.48 -36.75
N LYS B 381 145.79 -59.15 -36.25
CA LYS B 381 144.90 -59.90 -37.12
C LYS B 381 143.47 -59.40 -37.15
N ILE B 382 143.08 -58.62 -36.15
CA ILE B 382 141.72 -58.12 -36.09
C ILE B 382 141.49 -56.71 -36.65
N PRO B 383 142.22 -55.70 -36.15
CA PRO B 383 142.00 -54.36 -36.68
C PRO B 383 142.38 -54.21 -38.14
N TYR B 384 141.74 -53.26 -38.82
CA TYR B 384 142.02 -53.00 -40.22
C TYR B 384 143.03 -51.86 -40.24
N ILE B 385 143.94 -51.88 -41.19
CA ILE B 385 144.93 -50.82 -41.32
C ILE B 385 144.35 -49.78 -42.27
N ALA B 386 143.88 -48.67 -41.70
CA ALA B 386 143.30 -47.61 -42.51
C ALA B 386 143.03 -46.40 -41.63
N PRO B 387 142.78 -45.24 -42.25
CA PRO B 387 142.50 -44.04 -41.45
C PRO B 387 141.18 -44.22 -40.71
N SER B 388 140.45 -43.13 -40.51
CA SER B 388 139.17 -43.20 -39.82
C SER B 388 139.24 -43.97 -38.51
N PHE B 389 138.14 -43.95 -37.77
CA PHE B 389 138.07 -44.63 -36.48
C PHE B 389 136.67 -44.52 -35.91
N GLY B 390 136.44 -45.18 -34.77
CA GLY B 390 135.13 -45.10 -34.13
C GLY B 390 134.13 -46.13 -34.60
N GLY B 391 134.47 -46.88 -35.64
CA GLY B 391 133.55 -47.89 -36.14
C GLY B 391 133.57 -49.16 -35.30
N CYS B 392 132.55 -49.99 -35.47
CA CYS B 392 132.45 -51.23 -34.71
C CYS B 392 133.71 -52.06 -34.93
N GLU B 393 134.25 -51.99 -36.14
CA GLU B 393 135.46 -52.73 -36.46
C GLU B 393 136.67 -51.93 -35.96
N SER B 394 137.64 -52.63 -35.40
CA SER B 394 138.83 -51.97 -34.89
C SER B 394 139.75 -51.52 -36.03
N ILE B 395 140.49 -50.44 -35.80
CA ILE B 395 141.40 -49.93 -36.80
C ILE B 395 142.74 -49.46 -36.23
N VAL B 396 143.80 -49.66 -36.99
CA VAL B 396 145.14 -49.27 -36.56
C VAL B 396 145.82 -48.56 -37.71
N ASP B 397 146.88 -47.83 -37.41
CA ASP B 397 147.62 -47.12 -38.43
C ASP B 397 148.89 -46.53 -37.88
N GLN B 398 149.82 -46.24 -38.79
CA GLN B 398 151.11 -45.66 -38.44
C GLN B 398 151.18 -44.26 -39.04
N PRO B 399 150.60 -43.27 -38.34
CA PRO B 399 150.57 -41.88 -38.78
C PRO B 399 151.78 -41.49 -39.62
N ALA B 400 152.96 -41.85 -39.15
CA ALA B 400 154.18 -41.53 -39.87
C ALA B 400 154.02 -41.85 -41.35
N ILE B 401 153.33 -42.95 -41.62
CA ILE B 401 153.11 -43.38 -42.99
C ILE B 401 151.69 -43.01 -43.43
N MET B 402 150.71 -43.53 -42.70
CA MET B 402 149.31 -43.30 -42.99
C MET B 402 148.96 -41.92 -43.51
N SER B 403 149.49 -40.87 -42.90
CA SER B 403 149.17 -39.53 -43.35
C SER B 403 150.27 -38.48 -43.22
N TYR B 404 151.51 -38.92 -43.08
CA TYR B 404 152.61 -37.98 -42.95
C TYR B 404 153.81 -38.46 -43.75
N TRP B 405 153.64 -39.55 -44.48
CA TRP B 405 154.71 -40.09 -45.28
C TRP B 405 155.17 -39.07 -46.32
N ASP B 406 154.29 -38.12 -46.61
CA ASP B 406 154.59 -37.08 -47.59
C ASP B 406 155.63 -36.11 -47.07
N LEU B 407 155.87 -36.16 -45.76
CA LEU B 407 156.84 -35.27 -45.14
C LEU B 407 158.17 -35.94 -44.86
N SER B 408 159.18 -35.13 -44.54
CA SER B 408 160.51 -35.61 -44.25
C SER B 408 160.60 -36.11 -42.81
N GLN B 409 161.53 -37.03 -42.59
CA GLN B 409 161.74 -37.60 -41.27
C GLN B 409 161.86 -36.48 -40.24
N SER B 410 162.47 -35.38 -40.65
CA SER B 410 162.66 -34.23 -39.79
C SER B 410 161.35 -33.46 -39.58
N ASP B 411 160.77 -32.97 -40.68
CA ASP B 411 159.53 -32.23 -40.60
C ASP B 411 158.48 -33.01 -39.84
N ARG B 412 158.53 -34.33 -39.93
CA ARG B 412 157.58 -35.18 -39.24
C ARG B 412 157.65 -34.93 -37.74
N ALA B 413 158.86 -34.92 -37.21
CA ALA B 413 159.08 -34.70 -35.78
C ALA B 413 158.59 -33.32 -35.37
N LYS B 414 158.50 -32.41 -36.33
CA LYS B 414 158.04 -31.05 -36.05
C LYS B 414 156.69 -31.07 -35.36
N TYR B 415 156.01 -32.20 -35.44
CA TYR B 415 154.69 -32.34 -34.82
C TYR B 415 154.63 -33.47 -33.80
N GLY B 416 155.76 -34.10 -33.55
CA GLY B 416 155.81 -35.17 -32.58
C GLY B 416 155.51 -36.53 -33.20
N ILE B 417 155.22 -36.52 -34.50
CA ILE B 417 154.92 -37.75 -35.22
C ILE B 417 156.18 -38.59 -35.39
N MET B 418 156.31 -39.62 -34.55
CA MET B 418 157.47 -40.50 -34.60
C MET B 418 157.15 -41.76 -35.37
N ASP B 419 158.14 -42.33 -36.03
CA ASP B 419 157.95 -43.57 -36.78
C ASP B 419 157.58 -44.62 -35.73
N ASN B 420 157.56 -44.18 -34.48
CA ASN B 420 157.26 -45.00 -33.33
C ASN B 420 155.76 -45.06 -33.07
N LEU B 421 155.14 -43.89 -33.07
CA LEU B 421 153.71 -43.72 -32.82
C LEU B 421 152.77 -44.65 -33.57
N VAL B 422 151.77 -45.14 -32.86
CA VAL B 422 150.76 -46.03 -33.41
C VAL B 422 149.39 -45.63 -32.87
N ARG B 423 148.41 -45.49 -33.76
CA ARG B 423 147.06 -45.13 -33.35
C ARG B 423 146.21 -46.38 -33.41
N PHE B 424 145.39 -46.58 -32.39
CA PHE B 424 144.53 -47.75 -32.32
C PHE B 424 143.12 -47.39 -31.95
N SER B 425 142.22 -47.52 -32.93
CA SER B 425 140.81 -47.24 -32.68
C SER B 425 140.16 -48.55 -32.33
N PHE B 426 140.05 -48.81 -31.04
CA PHE B 426 139.44 -50.04 -30.59
C PHE B 426 138.01 -50.16 -31.07
N GLY B 427 137.73 -51.26 -31.76
CA GLY B 427 136.39 -51.49 -32.26
C GLY B 427 135.48 -51.89 -31.12
N VAL B 428 134.43 -52.62 -31.45
CA VAL B 428 133.48 -53.06 -30.43
C VAL B 428 133.62 -54.56 -30.17
N GLU B 429 134.60 -55.19 -30.82
CA GLU B 429 134.85 -56.62 -30.66
C GLU B 429 135.05 -56.93 -29.17
N ASP B 430 135.10 -58.22 -28.83
CA ASP B 430 135.29 -58.61 -27.44
C ASP B 430 136.69 -58.30 -26.95
N PHE B 431 136.78 -57.75 -25.74
CA PHE B 431 138.07 -57.38 -25.15
C PHE B 431 139.13 -58.46 -25.30
N ASP B 432 138.93 -59.57 -24.61
CA ASP B 432 139.87 -60.68 -24.64
C ASP B 432 140.36 -60.93 -26.06
N ASP B 433 139.42 -61.08 -26.98
CA ASP B 433 139.76 -61.32 -28.37
C ASP B 433 140.75 -60.28 -28.86
N LEU B 434 140.52 -59.02 -28.51
CA LEU B 434 141.38 -57.91 -28.93
C LEU B 434 142.72 -57.94 -28.21
N LYS B 435 142.65 -57.97 -26.88
CA LYS B 435 143.85 -57.99 -26.08
C LYS B 435 144.78 -59.10 -26.56
N ALA B 436 144.26 -60.33 -26.59
CA ALA B 436 145.05 -61.47 -27.04
C ALA B 436 145.74 -61.16 -28.36
N ASP B 437 145.01 -60.53 -29.27
CA ASP B 437 145.56 -60.16 -30.57
C ASP B 437 146.74 -59.20 -30.40
N ILE B 438 146.48 -58.08 -29.75
CA ILE B 438 147.51 -57.07 -29.51
C ILE B 438 148.77 -57.69 -28.93
N LEU B 439 148.62 -58.36 -27.80
CA LEU B 439 149.74 -59.00 -27.12
C LEU B 439 150.50 -59.90 -28.08
N GLN B 440 149.80 -60.88 -28.64
CA GLN B 440 150.42 -61.80 -29.58
C GLN B 440 151.21 -61.06 -30.66
N ALA B 441 150.72 -59.88 -31.03
CA ALA B 441 151.37 -59.08 -32.07
C ALA B 441 152.60 -58.33 -31.56
N LEU B 442 152.91 -58.46 -30.27
CA LEU B 442 154.05 -57.78 -29.70
C LEU B 442 155.26 -58.72 -29.58
N ASP B 443 155.01 -59.94 -29.12
CA ASP B 443 156.07 -60.93 -28.96
C ASP B 443 156.78 -61.11 -30.29
N SER B 444 156.06 -60.85 -31.38
CA SER B 444 156.63 -60.99 -32.71
C SER B 444 157.94 -60.22 -32.78
N ILE B 445 157.98 -59.08 -32.09
CA ILE B 445 159.17 -58.25 -32.06
C ILE B 445 160.18 -58.78 -31.05
N TYR C 50 134.96 -70.10 -37.79
CA TYR C 50 135.38 -69.08 -38.79
C TYR C 50 136.89 -68.85 -38.74
N ALA C 51 137.33 -68.12 -37.71
CA ALA C 51 138.74 -67.82 -37.54
C ALA C 51 139.28 -68.30 -36.20
N SER C 52 140.60 -68.40 -36.11
CA SER C 52 141.27 -68.84 -34.90
C SER C 52 141.22 -67.81 -33.78
N PHE C 53 141.81 -66.64 -34.03
CA PHE C 53 141.88 -65.57 -33.05
C PHE C 53 140.57 -65.04 -32.47
N LEU C 54 139.44 -65.47 -33.03
CA LEU C 54 138.14 -65.01 -32.54
C LEU C 54 137.42 -66.16 -31.87
N ASN C 55 136.99 -65.96 -30.63
CA ASN C 55 136.31 -67.01 -29.91
C ASN C 55 135.08 -66.48 -29.20
N SER C 56 134.94 -65.16 -29.16
CA SER C 56 133.79 -64.55 -28.53
C SER C 56 132.72 -64.26 -29.57
N ASP C 57 131.53 -64.80 -29.33
CA ASP C 57 130.40 -64.63 -30.23
C ASP C 57 130.34 -63.24 -30.87
N GLY C 58 130.45 -62.22 -30.02
CA GLY C 58 130.41 -60.85 -30.50
C GLY C 58 131.40 -60.56 -31.61
N SER C 59 132.65 -60.91 -31.38
CA SER C 59 133.70 -60.68 -32.37
C SER C 59 133.31 -61.33 -33.69
N VAL C 60 132.65 -62.48 -33.60
CA VAL C 60 132.20 -63.22 -34.77
C VAL C 60 131.10 -62.46 -35.49
N ALA C 61 130.02 -62.18 -34.77
CA ALA C 61 128.88 -61.45 -35.32
C ALA C 61 129.36 -60.18 -36.03
N ILE C 62 130.58 -59.78 -35.75
CA ILE C 62 131.14 -58.58 -36.35
C ILE C 62 131.97 -58.89 -37.60
N HIS C 63 132.90 -59.82 -37.49
CA HIS C 63 133.76 -60.15 -38.61
C HIS C 63 133.44 -61.44 -39.34
N ALA C 64 132.45 -62.18 -38.86
CA ALA C 64 132.09 -63.43 -39.49
C ALA C 64 131.81 -63.23 -40.97
N GLY C 65 132.51 -63.99 -41.80
CA GLY C 65 132.33 -63.90 -43.24
C GLY C 65 132.66 -62.55 -43.86
N GLU C 66 133.62 -61.85 -43.27
CA GLU C 66 133.99 -60.55 -43.79
C GLU C 66 135.48 -60.28 -43.59
N ARG C 67 135.90 -60.17 -42.33
CA ARG C 67 137.29 -59.90 -42.01
C ARG C 67 138.29 -60.62 -42.91
N LEU C 68 138.07 -61.91 -43.12
CA LEU C 68 138.97 -62.69 -43.95
C LEU C 68 138.81 -62.39 -45.43
N GLY C 69 137.68 -62.80 -46.00
CA GLY C 69 137.42 -62.56 -47.40
C GLY C 69 135.93 -62.36 -47.65
N ARG C 70 135.57 -61.97 -48.87
CA ARG C 70 134.17 -61.73 -49.19
C ARG C 70 133.79 -62.29 -50.56
N GLY C 71 134.78 -62.72 -51.32
CA GLY C 71 134.51 -63.26 -52.64
C GLY C 71 133.94 -62.17 -53.53
N ILE C 72 134.08 -60.93 -53.07
CA ILE C 72 133.60 -59.76 -53.79
C ILE C 72 134.71 -58.72 -53.82
N VAL C 73 135.90 -59.15 -53.39
CA VAL C 73 137.11 -58.33 -53.34
C VAL C 73 136.96 -56.82 -53.38
N THR C 74 137.41 -56.16 -52.31
CA THR C 74 137.35 -54.71 -52.20
C THR C 74 138.21 -54.25 -51.03
N ASP C 75 138.81 -53.07 -51.15
CA ASP C 75 139.62 -52.55 -50.08
C ASP C 75 138.69 -51.82 -49.12
N ALA C 76 137.39 -52.10 -49.23
CA ALA C 76 136.39 -51.47 -48.38
C ALA C 76 136.22 -52.25 -47.08
N ILE C 77 135.87 -51.54 -46.02
CA ILE C 77 135.68 -52.18 -44.72
C ILE C 77 134.37 -52.92 -44.68
N THR C 78 133.31 -52.25 -45.10
CA THR C 78 131.97 -52.84 -45.10
C THR C 78 131.70 -53.67 -46.34
N THR C 79 130.62 -54.43 -46.28
CA THR C 79 130.20 -55.27 -47.38
C THR C 79 129.46 -54.43 -48.40
N PRO C 80 129.87 -54.50 -49.67
CA PRO C 80 129.20 -53.72 -50.72
C PRO C 80 127.84 -54.29 -51.05
N VAL C 81 126.87 -53.40 -51.29
CA VAL C 81 125.52 -53.81 -51.64
C VAL C 81 125.40 -54.01 -53.14
N VAL C 82 125.17 -55.25 -53.57
CA VAL C 82 125.03 -55.55 -54.99
C VAL C 82 123.58 -55.60 -55.42
N ASN C 83 123.17 -54.62 -56.21
CA ASN C 83 121.79 -54.52 -56.69
C ASN C 83 121.65 -55.01 -58.13
N THR C 84 121.70 -56.32 -58.32
CA THR C 84 121.56 -56.88 -59.66
C THR C 84 120.44 -57.91 -59.69
N SER C 85 119.77 -58.01 -60.83
CA SER C 85 118.67 -58.96 -61.00
C SER C 85 119.17 -60.27 -61.60
N ALA C 86 120.40 -60.26 -62.09
CA ALA C 86 120.98 -61.45 -62.70
C ALA C 86 122.49 -61.32 -62.83
N TYR C 87 123.14 -62.40 -63.23
CA TYR C 87 124.59 -62.41 -63.39
C TYR C 87 124.94 -62.89 -64.78
N PHE C 88 125.91 -62.23 -65.40
CA PHE C 88 126.33 -62.58 -66.74
C PHE C 88 127.53 -63.50 -66.78
N PHE C 89 127.91 -63.89 -67.99
CA PHE C 89 129.06 -64.76 -68.21
C PHE C 89 129.90 -64.14 -69.32
N ASN C 90 131.22 -64.31 -69.23
CA ASN C 90 132.11 -63.73 -70.23
C ASN C 90 131.98 -64.40 -71.59
N LYS C 91 131.78 -65.72 -71.58
CA LYS C 91 131.63 -66.46 -72.81
C LYS C 91 130.90 -67.77 -72.56
N THR C 92 130.26 -68.29 -73.61
CA THR C 92 129.50 -69.53 -73.50
C THR C 92 130.28 -70.63 -72.81
N SER C 93 131.54 -70.81 -73.23
CA SER C 93 132.39 -71.82 -72.64
C SER C 93 132.30 -71.77 -71.12
N GLU C 94 132.30 -70.57 -70.56
CA GLU C 94 132.21 -70.39 -69.13
C GLU C 94 130.83 -70.80 -68.61
N LEU C 95 129.79 -70.36 -69.30
CA LEU C 95 128.42 -70.69 -68.91
C LEU C 95 128.31 -72.21 -68.81
N ILE C 96 128.91 -72.89 -69.78
CA ILE C 96 128.87 -74.35 -69.79
C ILE C 96 129.56 -74.86 -68.54
N ASP C 97 130.76 -74.36 -68.29
CA ASP C 97 131.51 -74.77 -67.12
C ASP C 97 130.64 -74.69 -65.86
N PHE C 98 130.04 -73.53 -65.63
CA PHE C 98 129.19 -73.35 -64.46
C PHE C 98 128.03 -74.35 -64.46
N LYS C 99 127.34 -74.45 -65.59
CA LYS C 99 126.21 -75.36 -65.71
C LYS C 99 126.65 -76.81 -65.48
N GLU C 100 127.91 -77.09 -65.78
CA GLU C 100 128.46 -78.43 -65.62
C GLU C 100 129.10 -78.53 -64.23
N LYS C 101 128.89 -77.50 -63.41
CA LYS C 101 129.42 -77.44 -62.05
C LYS C 101 130.95 -77.42 -62.02
N ARG C 102 131.53 -76.52 -62.80
CA ARG C 102 132.99 -76.38 -62.86
C ARG C 102 133.39 -74.96 -62.49
N ARG C 103 132.40 -74.08 -62.43
CA ARG C 103 132.62 -72.68 -62.09
C ARG C 103 131.62 -72.24 -61.01
N ALA C 104 131.84 -71.07 -60.45
CA ALA C 104 130.97 -70.55 -59.39
C ALA C 104 130.22 -69.30 -59.83
N SER C 105 128.91 -69.28 -59.57
CA SER C 105 128.05 -68.15 -59.92
C SER C 105 126.64 -68.39 -59.39
N PHE C 106 125.92 -67.30 -59.17
CA PHE C 106 124.55 -67.39 -58.66
C PHE C 106 123.57 -67.62 -59.81
N GLU C 107 124.02 -67.29 -61.03
CA GLU C 107 123.20 -67.45 -62.23
C GLU C 107 122.08 -66.41 -62.26
N TYR C 108 121.16 -66.51 -61.30
CA TYR C 108 120.05 -65.58 -61.21
C TYR C 108 119.96 -64.98 -59.81
N GLY C 109 119.45 -63.75 -59.73
CA GLY C 109 119.32 -63.08 -58.45
C GLY C 109 118.52 -63.85 -57.43
N ARG C 110 117.63 -64.73 -57.90
CA ARG C 110 116.80 -65.53 -57.01
C ARG C 110 117.57 -66.72 -56.48
N TYR C 111 118.70 -67.02 -57.13
CA TYR C 111 119.55 -68.15 -56.73
C TYR C 111 120.70 -67.71 -55.82
N GLY C 112 120.67 -66.45 -55.39
CA GLY C 112 121.73 -65.96 -54.52
C GLY C 112 122.20 -64.54 -54.79
N ASN C 113 123.10 -64.05 -53.94
CA ASN C 113 123.63 -62.70 -54.07
C ASN C 113 124.88 -62.54 -53.20
N PRO C 114 125.93 -61.92 -53.74
CA PRO C 114 127.17 -61.71 -52.99
C PRO C 114 126.95 -61.03 -51.65
N THR C 115 126.20 -59.94 -51.67
CA THR C 115 125.93 -59.20 -50.45
C THR C 115 125.20 -60.06 -49.43
N THR C 116 124.39 -61.00 -49.92
CA THR C 116 123.63 -61.87 -49.05
C THR C 116 124.44 -63.02 -48.48
N VAL C 117 125.12 -63.76 -49.34
CA VAL C 117 125.91 -64.90 -48.87
C VAL C 117 126.71 -64.49 -47.64
N VAL C 118 127.15 -63.23 -47.61
CA VAL C 118 127.90 -62.73 -46.47
C VAL C 118 127.07 -62.95 -45.22
N LEU C 119 125.94 -62.26 -45.15
CA LEU C 119 125.05 -62.42 -44.00
C LEU C 119 124.79 -63.89 -43.79
N GLU C 120 124.71 -64.64 -44.88
CA GLU C 120 124.46 -66.07 -44.80
C GLU C 120 125.54 -66.75 -43.97
N GLU C 121 126.78 -66.63 -44.43
CA GLU C 121 127.91 -67.22 -43.73
C GLU C 121 128.02 -66.66 -42.32
N LYS C 122 127.83 -65.36 -42.17
CA LYS C 122 127.91 -64.72 -40.87
C LYS C 122 127.05 -65.49 -39.87
N ILE C 123 125.76 -65.58 -40.15
CA ILE C 123 124.84 -66.29 -39.28
C ILE C 123 125.34 -67.72 -39.08
N SER C 124 125.71 -68.37 -40.18
CA SER C 124 126.21 -69.74 -40.14
C SER C 124 127.27 -69.90 -39.06
N ALA C 125 128.20 -68.96 -39.02
CA ALA C 125 129.27 -68.99 -38.03
C ALA C 125 128.69 -68.90 -36.63
N LEU C 126 127.91 -67.86 -36.38
CA LEU C 126 127.30 -67.66 -35.07
C LEU C 126 126.63 -68.94 -34.57
N GLU C 127 125.67 -69.43 -35.33
CA GLU C 127 124.95 -70.64 -34.95
C GLU C 127 125.86 -71.85 -35.04
N GLY C 128 127.07 -71.64 -35.54
CA GLY C 128 128.00 -72.74 -35.68
C GLY C 128 127.38 -73.83 -36.53
N ALA C 129 126.83 -73.44 -37.68
CA ALA C 129 126.19 -74.37 -38.58
C ALA C 129 127.01 -74.63 -39.84
N GLU C 130 126.55 -75.59 -40.65
CA GLU C 130 127.22 -75.96 -41.89
C GLU C 130 126.85 -74.95 -42.98
N SER C 131 125.59 -74.53 -42.98
CA SER C 131 125.10 -73.57 -43.96
C SER C 131 123.81 -72.92 -43.50
N THR C 132 123.57 -71.70 -43.99
CA THR C 132 122.37 -70.95 -43.62
C THR C 132 121.66 -70.42 -44.87
N LEU C 133 120.34 -70.27 -44.76
CA LEU C 133 119.53 -69.77 -45.86
C LEU C 133 118.76 -68.54 -45.41
N LEU C 134 118.56 -67.60 -46.31
CA LEU C 134 117.85 -66.39 -45.95
C LEU C 134 116.63 -66.10 -46.81
N MET C 135 115.47 -66.02 -46.16
CA MET C 135 114.23 -65.76 -46.85
C MET C 135 113.87 -64.28 -46.72
N ALA C 136 112.69 -63.93 -47.23
CA ALA C 136 112.21 -62.56 -47.19
C ALA C 136 111.56 -62.26 -45.85
N SER C 137 111.33 -63.30 -45.05
CA SER C 137 110.72 -63.14 -43.75
C SER C 137 110.61 -64.46 -43.02
N GLY C 138 110.74 -64.40 -41.69
CA GLY C 138 110.64 -65.61 -40.89
C GLY C 138 109.52 -66.50 -41.37
N MET C 139 108.32 -65.92 -41.50
CA MET C 139 107.17 -66.68 -41.96
C MET C 139 107.53 -67.49 -43.20
N CYS C 140 108.15 -66.83 -44.17
CA CYS C 140 108.55 -67.51 -45.39
C CYS C 140 109.39 -68.71 -44.99
N ALA C 141 110.45 -68.44 -44.22
CA ALA C 141 111.34 -69.48 -43.75
C ALA C 141 110.58 -70.70 -43.22
N SER C 142 110.00 -70.56 -42.04
CA SER C 142 109.25 -71.67 -41.44
C SER C 142 108.34 -72.30 -42.48
N THR C 143 107.50 -71.47 -43.09
CA THR C 143 106.56 -71.94 -44.08
C THR C 143 107.23 -72.80 -45.16
N VAL C 144 108.28 -72.28 -45.76
CA VAL C 144 108.99 -73.02 -46.80
C VAL C 144 109.51 -74.30 -46.17
N MET C 145 110.42 -74.12 -45.21
CA MET C 145 111.03 -75.24 -44.51
C MET C 145 110.07 -76.39 -44.31
N LEU C 146 108.84 -76.08 -43.95
CA LEU C 146 107.83 -77.12 -43.73
C LEU C 146 107.55 -77.85 -45.03
N LEU C 147 106.97 -77.14 -46.01
CA LEU C 147 106.64 -77.74 -47.30
C LEU C 147 107.87 -78.38 -47.93
N ALA C 148 109.04 -77.98 -47.47
CA ALA C 148 110.27 -78.51 -48.01
C ALA C 148 110.67 -79.87 -47.44
N LEU C 149 110.54 -80.03 -46.12
CA LEU C 149 110.94 -81.28 -45.47
C LEU C 149 109.81 -82.29 -45.27
N VAL C 150 108.68 -81.82 -44.76
CA VAL C 150 107.55 -82.71 -44.52
C VAL C 150 106.93 -83.17 -45.84
N PRO C 151 106.88 -84.50 -46.04
CA PRO C 151 106.31 -85.07 -47.27
C PRO C 151 104.79 -85.06 -47.24
N ALA C 152 104.18 -85.41 -48.37
CA ALA C 152 102.73 -85.45 -48.48
C ALA C 152 102.18 -86.54 -47.58
N GLY C 153 101.09 -86.24 -46.88
CA GLY C 153 100.49 -87.22 -45.99
C GLY C 153 101.35 -87.47 -44.77
N GLY C 154 102.47 -86.74 -44.68
CA GLY C 154 103.36 -86.89 -43.56
C GLY C 154 102.78 -86.37 -42.25
N HIS C 155 103.52 -86.54 -41.16
CA HIS C 155 103.06 -86.09 -39.86
C HIS C 155 104.13 -85.24 -39.18
N ILE C 156 103.68 -84.26 -38.41
CA ILE C 156 104.60 -83.38 -37.71
C ILE C 156 104.08 -83.07 -36.31
N VAL C 157 105.02 -82.91 -35.38
CA VAL C 157 104.67 -82.60 -34.00
C VAL C 157 105.10 -81.20 -33.66
N THR C 158 104.26 -80.50 -32.94
CA THR C 158 104.57 -79.14 -32.54
C THR C 158 103.87 -78.78 -31.25
N THR C 159 104.46 -77.85 -30.52
CA THR C 159 103.93 -77.39 -29.25
C THR C 159 102.67 -76.55 -29.40
N THR C 160 101.94 -76.41 -28.30
CA THR C 160 100.70 -75.64 -28.30
C THR C 160 101.03 -74.17 -28.48
N ASP C 161 101.98 -73.67 -27.69
CA ASP C 161 102.39 -72.28 -27.77
C ASP C 161 103.11 -72.02 -29.08
N CYS C 162 102.43 -71.38 -30.02
CA CYS C 162 102.99 -71.10 -31.33
C CYS C 162 102.70 -69.68 -31.77
N TYR C 163 103.41 -69.24 -32.81
CA TYR C 163 103.21 -67.91 -33.35
C TYR C 163 101.90 -67.96 -34.14
N ARG C 164 100.92 -67.18 -33.69
CA ARG C 164 99.61 -67.13 -34.33
C ARG C 164 99.65 -67.59 -35.78
N LYS C 165 100.32 -66.80 -36.62
CA LYS C 165 100.41 -67.12 -38.05
C LYS C 165 100.90 -68.55 -38.28
N THR C 166 102.10 -68.86 -37.81
CA THR C 166 102.67 -70.20 -37.99
C THR C 166 101.60 -71.25 -37.72
N ARG C 167 100.79 -71.02 -36.71
CA ARG C 167 99.71 -71.95 -36.38
C ARG C 167 98.83 -72.18 -37.59
N ILE C 168 98.14 -71.13 -38.00
CA ILE C 168 97.23 -71.19 -39.15
C ILE C 168 97.79 -71.98 -40.31
N PHE C 169 98.99 -71.61 -40.76
CA PHE C 169 99.60 -72.31 -41.88
C PHE C 169 99.47 -73.81 -41.68
N ILE C 170 99.80 -74.26 -40.48
CA ILE C 170 99.75 -75.67 -40.14
C ILE C 170 98.32 -76.19 -40.08
N GLU C 171 97.41 -75.37 -39.57
CA GLU C 171 96.02 -75.75 -39.42
C GLU C 171 95.16 -75.51 -40.66
N THR C 172 95.73 -74.89 -41.69
CA THR C 172 94.94 -74.61 -42.87
C THR C 172 95.59 -74.93 -44.21
N ILE C 173 96.91 -74.85 -44.30
CA ILE C 173 97.57 -75.14 -45.55
C ILE C 173 98.09 -76.56 -45.62
N LEU C 174 98.91 -76.93 -44.66
CA LEU C 174 99.48 -78.26 -44.62
C LEU C 174 98.41 -79.33 -44.85
N PRO C 175 97.24 -79.18 -44.23
CA PRO C 175 96.19 -80.19 -44.42
C PRO C 175 95.93 -80.45 -45.89
N LYS C 176 96.05 -79.41 -46.71
CA LYS C 176 95.82 -79.54 -48.13
C LYS C 176 96.72 -80.61 -48.72
N MET C 177 97.95 -80.66 -48.24
CA MET C 177 98.90 -81.66 -48.71
C MET C 177 98.71 -82.94 -47.92
N GLY C 178 97.60 -83.01 -47.20
CA GLY C 178 97.29 -84.18 -46.40
C GLY C 178 98.23 -84.37 -45.22
N ILE C 179 98.94 -83.30 -44.86
CA ILE C 179 99.87 -83.37 -43.74
C ILE C 179 99.15 -83.16 -42.42
N THR C 180 99.15 -84.19 -41.60
CA THR C 180 98.51 -84.13 -40.29
C THR C 180 99.54 -83.77 -39.24
N ALA C 181 99.08 -83.16 -38.15
CA ALA C 181 100.00 -82.77 -37.09
C ALA C 181 99.40 -82.96 -35.71
N THR C 182 100.28 -83.09 -34.72
CA THR C 182 99.86 -83.28 -33.33
C THR C 182 100.41 -82.16 -32.47
N VAL C 183 99.52 -81.56 -31.67
CA VAL C 183 99.90 -80.47 -30.78
C VAL C 183 100.04 -80.96 -29.35
N ILE C 184 101.20 -80.69 -28.76
CA ILE C 184 101.46 -81.11 -27.39
C ILE C 184 102.00 -79.95 -26.56
N ASP C 185 102.03 -80.13 -25.24
CA ASP C 185 102.54 -79.09 -24.34
C ASP C 185 104.06 -79.09 -24.45
N PRO C 186 104.68 -77.90 -24.41
CA PRO C 186 106.13 -77.81 -24.52
C PRO C 186 106.87 -78.71 -23.53
N ALA C 187 106.33 -78.82 -22.32
CA ALA C 187 106.93 -79.62 -21.26
C ALA C 187 106.60 -81.09 -21.38
N ASP C 188 105.32 -81.39 -21.60
CA ASP C 188 104.84 -82.77 -21.72
C ASP C 188 105.71 -83.62 -22.64
N VAL C 189 106.82 -84.11 -22.11
CA VAL C 189 107.72 -84.96 -22.90
C VAL C 189 107.05 -86.29 -23.19
N GLY C 190 106.20 -86.73 -22.28
CA GLY C 190 105.49 -87.98 -22.46
C GLY C 190 104.76 -88.02 -23.79
N ALA C 191 103.87 -87.04 -23.98
CA ALA C 191 103.09 -86.96 -25.21
C ALA C 191 104.00 -87.10 -26.42
N LEU C 192 105.09 -86.34 -26.45
CA LEU C 192 106.02 -86.40 -27.57
C LEU C 192 106.50 -87.83 -27.77
N GLU C 193 107.03 -88.43 -26.70
CA GLU C 193 107.52 -89.80 -26.76
C GLU C 193 106.40 -90.73 -27.21
N LEU C 194 105.20 -90.48 -26.70
CA LEU C 194 104.04 -91.30 -27.06
C LEU C 194 103.76 -91.17 -28.56
N ALA C 195 103.44 -89.95 -28.99
CA ALA C 195 103.15 -89.68 -30.38
C ALA C 195 104.29 -90.18 -31.26
N LEU C 196 105.50 -90.07 -30.74
CA LEU C 196 106.68 -90.51 -31.46
C LEU C 196 106.53 -91.97 -31.86
N ASN C 197 105.77 -92.72 -31.06
CA ASN C 197 105.54 -94.14 -31.32
C ASN C 197 104.24 -94.41 -32.05
N GLN C 198 103.16 -93.76 -31.61
CA GLN C 198 101.86 -93.93 -32.23
C GLN C 198 101.96 -93.81 -33.76
N LYS C 199 102.28 -92.60 -34.22
CA LYS C 199 102.42 -92.35 -35.65
C LYS C 199 103.89 -92.21 -36.05
N LYS C 200 104.13 -92.01 -37.34
CA LYS C 200 105.48 -91.86 -37.87
C LYS C 200 105.77 -90.39 -38.11
N VAL C 201 106.32 -89.72 -37.11
CA VAL C 201 106.63 -88.30 -37.22
C VAL C 201 107.77 -87.99 -38.17
N ASN C 202 107.56 -87.00 -39.03
CA ASN C 202 108.58 -86.61 -39.99
C ASN C 202 109.48 -85.54 -39.40
N LEU C 203 108.90 -84.69 -38.58
CA LEU C 203 109.66 -83.61 -37.96
C LEU C 203 108.93 -82.95 -36.80
N PHE C 204 109.67 -82.67 -35.74
CA PHE C 204 109.13 -82.01 -34.55
C PHE C 204 109.55 -80.56 -34.65
N PHE C 205 108.58 -79.66 -34.73
CA PHE C 205 108.89 -78.26 -34.86
C PHE C 205 108.35 -77.46 -33.68
N THR C 206 109.19 -76.58 -33.15
CA THR C 206 108.80 -75.71 -32.04
C THR C 206 109.82 -74.62 -31.82
N GLU C 207 109.42 -73.59 -31.09
CA GLU C 207 110.30 -72.48 -30.79
C GLU C 207 110.53 -72.44 -29.28
N SER C 208 111.76 -72.15 -28.88
CA SER C 208 112.12 -72.07 -27.47
C SER C 208 113.16 -70.96 -27.29
N PRO C 209 112.86 -69.96 -26.44
CA PRO C 209 111.62 -69.83 -25.67
C PRO C 209 110.38 -69.76 -26.55
N THR C 210 109.24 -70.12 -25.96
CA THR C 210 107.98 -70.12 -26.67
C THR C 210 107.31 -68.76 -26.56
N ASN C 211 106.18 -68.60 -27.23
CA ASN C 211 105.45 -67.35 -27.18
C ASN C 211 104.00 -67.61 -26.80
N PRO C 212 103.42 -66.75 -25.94
CA PRO C 212 104.02 -65.58 -25.30
C PRO C 212 104.43 -65.88 -23.86
N PHE C 213 104.52 -67.16 -23.53
CA PHE C 213 104.88 -67.54 -22.18
C PHE C 213 106.33 -68.00 -22.07
N LEU C 214 107.09 -67.74 -23.12
CA LEU C 214 108.50 -68.09 -23.16
C LEU C 214 108.80 -69.46 -22.58
N ARG C 215 107.89 -70.40 -22.78
CA ARG C 215 108.09 -71.76 -22.28
C ARG C 215 109.26 -72.32 -23.08
N CYS C 216 110.17 -73.00 -22.41
CA CYS C 216 111.33 -73.57 -23.08
C CYS C 216 111.24 -75.08 -23.19
N VAL C 217 111.96 -75.64 -24.15
CA VAL C 217 111.96 -77.07 -24.38
C VAL C 217 113.35 -77.64 -24.21
N ASP C 218 113.47 -78.74 -23.48
CA ASP C 218 114.77 -79.35 -23.28
C ASP C 218 115.25 -79.93 -24.60
N ILE C 219 115.74 -79.06 -25.48
CA ILE C 219 116.23 -79.47 -26.79
C ILE C 219 116.99 -80.79 -26.73
N GLU C 220 118.17 -80.76 -26.12
CA GLU C 220 119.01 -81.96 -26.01
C GLU C 220 118.18 -83.22 -25.82
N LEU C 221 117.31 -83.20 -24.81
CA LEU C 221 116.47 -84.36 -24.53
C LEU C 221 115.59 -84.67 -25.74
N VAL C 222 114.75 -83.72 -26.11
CA VAL C 222 113.85 -83.90 -27.24
C VAL C 222 114.57 -84.37 -28.50
N SER C 223 115.68 -83.73 -28.81
CA SER C 223 116.46 -84.12 -29.98
C SER C 223 116.70 -85.62 -29.92
N LYS C 224 117.11 -86.10 -28.75
CA LYS C 224 117.38 -87.51 -28.53
C LYS C 224 116.16 -88.36 -28.85
N LEU C 225 115.08 -88.14 -28.10
CA LEU C 225 113.85 -88.90 -28.30
C LEU C 225 113.42 -88.91 -29.75
N CYS C 226 113.60 -87.79 -30.42
CA CYS C 226 113.23 -87.68 -31.82
C CYS C 226 114.15 -88.48 -32.72
N HIS C 227 115.43 -88.14 -32.71
CA HIS C 227 116.41 -88.84 -33.54
C HIS C 227 116.34 -90.33 -33.37
N GLU C 228 115.85 -90.78 -32.21
CA GLU C 228 115.73 -92.20 -31.94
C GLU C 228 114.72 -92.81 -32.90
N LYS C 229 113.64 -92.07 -33.16
CA LYS C 229 112.60 -92.52 -34.06
C LYS C 229 112.75 -91.95 -35.45
N GLY C 230 113.95 -91.46 -35.76
CA GLY C 230 114.21 -90.91 -37.08
C GLY C 230 113.52 -89.59 -37.41
N ALA C 231 112.90 -88.96 -36.43
CA ALA C 231 112.22 -87.69 -36.64
C ALA C 231 113.21 -86.52 -36.70
N LEU C 232 112.79 -85.41 -37.29
CA LEU C 232 113.64 -84.24 -37.40
C LEU C 232 113.24 -83.18 -36.38
N VAL C 233 114.23 -82.50 -35.81
CA VAL C 233 113.95 -81.46 -34.82
C VAL C 233 114.34 -80.09 -35.32
N CYS C 234 113.35 -79.23 -35.49
CA CYS C 234 113.58 -77.87 -35.95
C CYS C 234 113.16 -76.89 -34.86
N ILE C 235 114.10 -76.10 -34.38
CA ILE C 235 113.82 -75.14 -33.32
C ILE C 235 113.86 -73.69 -33.80
N ASP C 236 112.85 -72.93 -33.40
CA ASP C 236 112.78 -71.53 -33.76
C ASP C 236 113.28 -70.75 -32.56
N GLY C 237 114.60 -70.52 -32.50
CA GLY C 237 115.17 -69.80 -31.39
C GLY C 237 115.11 -68.30 -31.54
N THR C 238 114.09 -67.81 -32.22
CA THR C 238 113.94 -66.37 -32.43
C THR C 238 114.16 -65.61 -31.12
N PHE C 239 113.27 -65.85 -30.15
CA PHE C 239 113.33 -65.19 -28.85
C PHE C 239 114.68 -65.36 -28.16
N ALA C 240 115.34 -66.47 -28.47
CA ALA C 240 116.63 -66.76 -27.86
C ALA C 240 117.77 -65.95 -28.44
N THR C 241 118.04 -66.17 -29.73
CA THR C 241 119.14 -65.50 -30.44
C THR C 241 120.34 -66.43 -30.37
N PRO C 242 121.10 -66.56 -31.46
CA PRO C 242 122.27 -67.44 -31.45
C PRO C 242 123.24 -67.16 -30.30
N LEU C 243 123.12 -65.99 -29.69
CA LEU C 243 124.01 -65.63 -28.59
C LEU C 243 123.59 -66.25 -27.26
N ASN C 244 122.28 -66.34 -27.03
CA ASN C 244 121.78 -66.88 -25.79
C ASN C 244 121.65 -68.40 -25.78
N GLN C 245 121.84 -69.03 -26.94
CA GLN C 245 121.73 -70.48 -27.04
C GLN C 245 122.08 -71.01 -28.43
N LYS C 246 122.65 -72.20 -28.49
CA LYS C 246 123.02 -72.80 -29.76
C LYS C 246 122.29 -74.12 -29.96
N ALA C 247 120.98 -74.03 -30.14
CA ALA C 247 120.15 -75.20 -30.32
C ALA C 247 120.83 -76.29 -31.15
N LEU C 248 121.60 -75.86 -32.14
CA LEU C 248 122.29 -76.80 -33.01
C LEU C 248 123.21 -77.69 -32.18
N ALA C 249 124.06 -77.07 -31.37
CA ALA C 249 124.98 -77.82 -30.53
C ALA C 249 124.20 -78.67 -29.55
N LEU C 250 123.01 -78.20 -29.18
CA LEU C 250 122.18 -78.93 -28.24
C LEU C 250 121.63 -80.21 -28.86
N GLY C 251 121.80 -80.34 -30.17
CA GLY C 251 121.32 -81.53 -30.85
C GLY C 251 120.29 -81.30 -31.94
N ALA C 252 119.64 -80.13 -31.92
CA ALA C 252 118.63 -79.81 -32.93
C ALA C 252 119.15 -80.00 -34.36
N ASP C 253 118.24 -80.30 -35.29
CA ASP C 253 118.62 -80.51 -36.68
C ASP C 253 118.67 -79.19 -37.42
N LEU C 254 117.64 -78.38 -37.21
CA LEU C 254 117.53 -77.08 -37.87
C LEU C 254 117.07 -76.01 -36.90
N VAL C 255 117.70 -74.85 -37.00
CA VAL C 255 117.34 -73.70 -36.18
C VAL C 255 117.03 -72.55 -37.10
N LEU C 256 115.96 -71.81 -36.79
CA LEU C 256 115.58 -70.68 -37.62
C LEU C 256 115.06 -69.54 -36.77
N HIS C 257 115.40 -68.32 -37.19
CA HIS C 257 114.96 -67.14 -36.48
C HIS C 257 114.33 -66.17 -37.46
N SER C 258 113.58 -65.21 -36.93
CA SER C 258 112.97 -64.18 -37.74
C SER C 258 113.89 -63.00 -37.57
N ALA C 259 114.86 -62.87 -38.46
CA ALA C 259 115.83 -61.78 -38.39
C ALA C 259 115.12 -60.43 -38.24
N THR C 260 113.82 -60.43 -38.52
CA THR C 260 113.01 -59.24 -38.41
C THR C 260 113.07 -58.63 -37.01
N LYS C 261 113.29 -59.46 -36.02
CA LYS C 261 113.32 -59.03 -34.62
C LYS C 261 114.66 -58.62 -34.02
N PHE C 262 115.42 -59.60 -33.54
CA PHE C 262 116.70 -59.33 -32.89
C PHE C 262 117.89 -59.15 -33.81
N LEU C 263 118.11 -60.10 -34.71
CA LEU C 263 119.24 -60.02 -35.62
C LEU C 263 119.32 -58.63 -36.24
N GLY C 264 118.19 -58.11 -36.70
CA GLY C 264 118.17 -56.78 -37.27
C GLY C 264 118.01 -55.75 -36.17
N GLY C 265 117.27 -56.15 -35.14
CA GLY C 265 117.03 -55.30 -33.97
C GLY C 265 116.92 -53.81 -34.17
N HIS C 266 116.38 -53.38 -35.29
CA HIS C 266 116.23 -51.95 -35.53
C HIS C 266 114.82 -51.64 -35.99
N ASN C 267 114.00 -52.67 -36.08
CA ASN C 267 112.61 -52.52 -36.48
C ASN C 267 112.48 -51.79 -37.81
N ASP C 268 113.40 -52.06 -38.72
CA ASP C 268 113.36 -51.42 -40.03
C ASP C 268 113.60 -52.38 -41.19
N VAL C 269 113.27 -53.65 -40.99
CA VAL C 269 113.47 -54.63 -42.06
C VAL C 269 112.94 -56.00 -41.69
N LEU C 270 112.46 -56.73 -42.70
CA LEU C 270 111.94 -58.07 -42.47
C LEU C 270 112.89 -59.07 -43.10
N ALA C 271 113.06 -60.21 -42.42
CA ALA C 271 113.93 -61.26 -42.92
C ALA C 271 113.89 -62.51 -42.04
N GLY C 272 113.95 -63.66 -42.69
CA GLY C 272 113.94 -64.92 -41.98
C GLY C 272 115.18 -65.70 -42.38
N CYS C 273 115.57 -66.67 -41.57
CA CYS C 273 116.75 -67.46 -41.91
C CYS C 273 116.74 -68.84 -41.26
N ILE C 274 117.25 -69.82 -41.99
CA ILE C 274 117.32 -71.18 -41.51
C ILE C 274 118.76 -71.65 -41.62
N SER C 275 119.26 -72.25 -40.55
CA SER C 275 120.63 -72.73 -40.53
C SER C 275 120.68 -74.17 -40.06
N GLY C 276 121.62 -74.92 -40.60
CA GLY C 276 121.77 -76.32 -40.22
C GLY C 276 122.70 -77.05 -41.16
N PRO C 277 122.67 -78.40 -41.15
CA PRO C 277 123.55 -79.20 -42.03
C PRO C 277 123.24 -78.97 -43.50
N LEU C 278 124.27 -78.92 -44.33
CA LEU C 278 124.10 -78.71 -45.76
C LEU C 278 123.08 -79.67 -46.35
N LYS C 279 123.35 -80.97 -46.20
CA LYS C 279 122.45 -82.01 -46.72
C LYS C 279 120.98 -81.67 -46.52
N LEU C 280 120.68 -80.95 -45.43
CA LEU C 280 119.31 -80.57 -45.14
C LEU C 280 118.94 -79.21 -45.71
N VAL C 281 119.64 -78.16 -45.27
CA VAL C 281 119.36 -76.81 -45.73
C VAL C 281 119.22 -76.71 -47.24
N SER C 282 120.13 -77.33 -47.99
CA SER C 282 120.08 -77.28 -49.44
C SER C 282 118.73 -77.74 -50.00
N GLU C 283 118.19 -78.83 -49.46
CA GLU C 283 116.91 -79.35 -49.90
C GLU C 283 115.85 -78.26 -49.84
N ILE C 284 115.98 -77.38 -48.85
CA ILE C 284 115.04 -76.27 -48.68
C ILE C 284 115.37 -75.20 -49.72
N ARG C 285 116.64 -74.82 -49.75
CA ARG C 285 117.11 -73.80 -50.69
C ARG C 285 116.54 -74.06 -52.08
N ASN C 286 116.54 -75.32 -52.48
CA ASN C 286 116.03 -75.70 -53.79
C ASN C 286 114.59 -75.21 -53.92
N LEU C 287 113.70 -75.78 -53.12
CA LEU C 287 112.29 -75.39 -53.16
C LEU C 287 112.18 -73.87 -53.08
N HIS C 288 113.10 -73.27 -52.35
CA HIS C 288 113.11 -71.83 -52.19
C HIS C 288 113.31 -71.16 -53.55
N HIS C 289 114.30 -71.63 -54.28
CA HIS C 289 114.59 -71.09 -55.60
C HIS C 289 113.35 -71.09 -56.48
N ILE C 290 112.41 -71.97 -56.17
CA ILE C 290 111.18 -72.05 -56.94
C ILE C 290 110.12 -71.10 -56.44
N LEU C 291 109.76 -71.23 -55.17
CA LEU C 291 108.75 -70.35 -54.60
C LEU C 291 109.18 -68.89 -54.71
N GLY C 292 110.47 -68.70 -54.99
CA GLY C 292 111.03 -67.36 -55.14
C GLY C 292 110.62 -66.33 -54.10
N GLY C 293 111.23 -66.42 -52.93
CA GLY C 293 110.94 -65.48 -51.86
C GLY C 293 112.23 -64.80 -51.47
N ALA C 294 113.13 -64.69 -52.44
CA ALA C 294 114.44 -64.08 -52.24
C ALA C 294 114.45 -62.80 -51.41
N LEU C 295 115.53 -62.61 -50.66
CA LEU C 295 115.69 -61.44 -49.83
C LEU C 295 116.48 -60.37 -50.57
N ASN C 296 115.98 -59.15 -50.56
CA ASN C 296 116.64 -58.06 -51.26
C ASN C 296 117.97 -57.72 -50.61
N PRO C 297 118.98 -57.41 -51.41
CA PRO C 297 120.32 -57.05 -50.91
C PRO C 297 120.30 -55.97 -49.85
N ASN C 298 119.62 -54.87 -50.13
CA ASN C 298 119.55 -53.77 -49.18
C ASN C 298 119.12 -54.27 -47.82
N ALA C 299 118.17 -55.20 -47.79
CA ALA C 299 117.70 -55.76 -46.52
C ALA C 299 118.85 -56.52 -45.89
N ALA C 300 119.48 -57.38 -46.67
CA ALA C 300 120.59 -58.17 -46.18
C ALA C 300 121.59 -57.25 -45.50
N TYR C 301 121.99 -56.18 -46.20
CA TYR C 301 122.96 -55.25 -45.64
C TYR C 301 122.51 -54.68 -44.32
N LEU C 302 121.31 -54.14 -44.27
CA LEU C 302 120.79 -53.57 -43.03
C LEU C 302 120.98 -54.57 -41.90
N ILE C 303 120.73 -55.84 -42.18
CA ILE C 303 120.89 -56.87 -41.17
C ILE C 303 122.37 -56.99 -40.79
N ILE C 304 123.20 -57.21 -41.79
CA ILE C 304 124.64 -57.33 -41.55
C ILE C 304 125.09 -56.14 -40.69
N ARG C 305 124.57 -54.97 -41.00
CA ARG C 305 124.91 -53.76 -40.28
C ARG C 305 124.41 -53.82 -38.85
N GLY C 306 123.26 -54.47 -38.66
CA GLY C 306 122.70 -54.57 -37.33
C GLY C 306 123.47 -55.55 -36.46
N MET C 307 123.77 -56.71 -37.04
CA MET C 307 124.49 -57.75 -36.32
C MET C 307 125.84 -57.26 -35.83
N LYS C 308 126.28 -56.12 -36.35
CA LYS C 308 127.56 -55.56 -35.95
C LYS C 308 127.54 -55.25 -34.46
N THR C 309 126.35 -55.02 -33.93
CA THR C 309 126.18 -54.71 -32.52
C THR C 309 125.25 -55.70 -31.82
N LEU C 310 125.15 -56.90 -32.38
CA LEU C 310 124.27 -57.90 -31.80
C LEU C 310 124.54 -58.10 -30.33
N HIS C 311 125.71 -58.63 -30.02
CA HIS C 311 126.07 -58.88 -28.63
C HIS C 311 125.75 -57.68 -27.77
N LEU C 312 126.36 -56.55 -28.10
CA LEU C 312 126.15 -55.32 -27.36
C LEU C 312 124.69 -55.16 -26.97
N ARG C 313 123.80 -55.28 -27.95
CA ARG C 313 122.37 -55.15 -27.70
C ARG C 313 121.85 -56.26 -26.80
N VAL C 314 121.85 -57.49 -27.31
CA VAL C 314 121.38 -58.64 -26.55
C VAL C 314 121.75 -58.51 -25.08
N GLN C 315 123.03 -58.24 -24.82
CA GLN C 315 123.51 -58.10 -23.46
C GLN C 315 122.58 -57.17 -22.71
N GLN C 316 122.62 -55.90 -23.09
CA GLN C 316 121.77 -54.88 -22.46
C GLN C 316 120.35 -55.37 -22.28
N GLN C 317 119.76 -55.89 -23.35
CA GLN C 317 118.40 -56.40 -23.30
C GLN C 317 118.23 -57.47 -22.24
N ASN C 318 119.07 -58.50 -22.29
CA ASN C 318 119.01 -59.58 -21.32
C ASN C 318 118.93 -59.05 -19.89
N SER C 319 119.77 -58.07 -19.56
CA SER C 319 119.79 -57.49 -18.23
C SER C 319 118.47 -56.81 -17.89
N THR C 320 118.22 -55.68 -18.53
CA THR C 320 117.00 -54.93 -18.31
C THR C 320 115.84 -55.87 -18.06
N ALA C 321 115.69 -56.86 -18.95
CA ALA C 321 114.62 -57.84 -18.85
C ALA C 321 114.58 -58.43 -17.45
N LEU C 322 115.60 -59.22 -17.14
CA LEU C 322 115.70 -59.86 -15.84
C LEU C 322 115.31 -58.92 -14.71
N ARG C 323 116.15 -57.92 -14.47
CA ARG C 323 115.90 -56.93 -13.42
C ARG C 323 114.43 -56.55 -13.40
N MET C 324 113.96 -55.97 -14.51
CA MET C 324 112.57 -55.56 -14.60
C MET C 324 111.65 -56.70 -14.23
N ALA C 325 111.96 -57.90 -14.73
CA ALA C 325 111.15 -59.08 -14.45
C ALA C 325 110.90 -59.24 -12.95
N GLU C 326 111.98 -59.40 -12.20
CA GLU C 326 111.87 -59.55 -10.75
C GLU C 326 111.04 -58.39 -10.19
N ILE C 327 111.54 -57.17 -10.41
CA ILE C 327 110.85 -55.98 -9.93
C ILE C 327 109.37 -56.08 -10.20
N LEU C 328 109.02 -56.56 -11.39
CA LEU C 328 107.64 -56.70 -11.78
C LEU C 328 106.96 -57.80 -10.97
N GLU C 329 107.64 -58.93 -10.84
CA GLU C 329 107.10 -60.05 -10.07
C GLU C 329 106.79 -59.61 -8.65
N ALA C 330 107.69 -58.81 -8.09
CA ALA C 330 107.53 -58.32 -6.72
C ALA C 330 106.43 -57.26 -6.61
N HIS C 331 106.11 -56.62 -7.72
CA HIS C 331 105.07 -55.61 -7.71
C HIS C 331 103.72 -56.19 -7.37
N PRO C 332 102.94 -55.47 -6.54
CA PRO C 332 101.60 -55.92 -6.12
C PRO C 332 100.57 -55.97 -7.25
N LYS C 333 100.53 -54.92 -8.06
CA LYS C 333 99.56 -54.87 -9.15
C LYS C 333 99.87 -55.86 -10.27
N VAL C 334 101.00 -56.57 -10.15
CA VAL C 334 101.39 -57.56 -11.13
C VAL C 334 100.97 -58.95 -10.65
N ARG C 335 99.93 -59.49 -11.27
CA ARG C 335 99.42 -60.81 -10.89
C ARG C 335 100.43 -61.95 -11.13
N HIS C 336 100.99 -62.00 -12.33
CA HIS C 336 101.95 -63.04 -12.67
C HIS C 336 102.98 -62.53 -13.68
N VAL C 337 104.14 -63.16 -13.70
CA VAL C 337 105.21 -62.78 -14.61
C VAL C 337 105.88 -63.99 -15.26
N TYR C 338 106.09 -63.93 -16.57
CA TYR C 338 106.72 -65.01 -17.30
C TYR C 338 108.09 -64.62 -17.83
N TYR C 339 109.11 -65.38 -17.45
CA TYR C 339 110.47 -65.12 -17.88
C TYR C 339 111.35 -66.27 -17.41
N PRO C 340 112.02 -66.95 -18.34
CA PRO C 340 112.88 -68.08 -18.00
C PRO C 340 113.94 -67.72 -16.95
N GLY C 341 114.26 -66.44 -16.85
CA GLY C 341 115.24 -65.99 -15.88
C GLY C 341 114.80 -66.12 -14.43
N LEU C 342 113.49 -66.07 -14.20
CA LEU C 342 112.95 -66.19 -12.86
C LEU C 342 112.81 -67.65 -12.49
N GLN C 343 112.81 -67.94 -11.19
CA GLN C 343 112.67 -69.30 -10.72
C GLN C 343 111.20 -69.69 -10.84
N SER C 344 110.33 -68.69 -10.72
CA SER C 344 108.90 -68.90 -10.82
C SER C 344 108.54 -69.54 -12.15
N HIS C 345 109.48 -69.50 -13.09
CA HIS C 345 109.26 -70.09 -14.40
C HIS C 345 109.37 -71.62 -14.38
N PRO C 346 108.34 -72.31 -14.91
CA PRO C 346 108.29 -73.77 -14.97
C PRO C 346 109.59 -74.42 -15.43
N GLU C 347 110.02 -74.09 -16.64
CA GLU C 347 111.23 -74.68 -17.19
C GLU C 347 112.50 -73.89 -16.86
N HIS C 348 112.43 -73.08 -15.81
CA HIS C 348 113.57 -72.27 -15.40
C HIS C 348 114.87 -73.08 -15.34
N HIS C 349 114.80 -74.28 -14.78
CA HIS C 349 115.99 -75.12 -14.68
C HIS C 349 116.55 -75.40 -16.06
N ILE C 350 115.69 -75.84 -16.97
CA ILE C 350 116.13 -76.13 -18.33
C ILE C 350 116.76 -74.88 -18.91
N ALA C 351 116.08 -73.75 -18.71
CA ALA C 351 116.55 -72.48 -19.22
C ALA C 351 118.00 -72.28 -18.81
N LYS C 352 118.27 -72.49 -17.52
CA LYS C 352 119.62 -72.34 -17.00
C LYS C 352 120.58 -73.32 -17.63
N LYS C 353 120.12 -74.56 -17.80
CA LYS C 353 120.97 -75.62 -18.37
C LYS C 353 121.38 -75.45 -19.82
N GLN C 354 120.52 -74.86 -20.65
CA GLN C 354 120.85 -74.69 -22.06
C GLN C 354 121.04 -73.26 -22.53
N MET C 355 120.53 -72.29 -21.77
CA MET C 355 120.66 -70.89 -22.14
C MET C 355 121.72 -70.18 -21.31
N THR C 356 122.19 -69.04 -21.82
CA THR C 356 123.19 -68.25 -21.13
C THR C 356 122.60 -66.86 -20.91
N GLY C 357 121.38 -66.69 -21.39
CA GLY C 357 120.65 -65.45 -21.27
C GLY C 357 119.17 -65.80 -21.28
N PHE C 358 118.29 -64.80 -21.22
CA PHE C 358 116.86 -65.10 -21.23
C PHE C 358 116.07 -64.13 -22.10
N GLY C 359 116.76 -63.53 -23.06
CA GLY C 359 116.10 -62.60 -23.96
C GLY C 359 115.74 -61.29 -23.30
N GLY C 360 115.10 -60.41 -24.06
CA GLY C 360 114.71 -59.13 -23.52
C GLY C 360 113.20 -59.03 -23.57
N ALA C 361 112.56 -60.19 -23.69
CA ALA C 361 111.12 -60.24 -23.76
C ALA C 361 110.54 -60.74 -22.44
N VAL C 362 109.49 -60.06 -21.97
CA VAL C 362 108.85 -60.44 -20.73
C VAL C 362 107.34 -60.31 -20.85
N SER C 363 106.64 -61.35 -20.42
CA SER C 363 105.19 -61.35 -20.46
C SER C 363 104.69 -61.32 -19.02
N PHE C 364 103.54 -60.70 -18.78
CA PHE C 364 103.00 -60.65 -17.43
C PHE C 364 101.54 -60.23 -17.40
N GLU C 365 100.78 -60.78 -16.46
CA GLU C 365 99.37 -60.46 -16.33
C GLU C 365 99.22 -59.38 -15.28
N VAL C 366 98.45 -58.35 -15.60
CA VAL C 366 98.24 -57.27 -14.66
C VAL C 366 97.01 -57.57 -13.81
N ASP C 367 97.06 -57.16 -12.54
CA ASP C 367 95.95 -57.41 -11.63
C ASP C 367 94.77 -56.51 -11.98
N GLY C 368 94.08 -56.86 -13.06
CA GLY C 368 92.93 -56.08 -13.48
C GLY C 368 92.14 -56.77 -14.58
N ASP C 369 91.29 -56.03 -15.26
CA ASP C 369 90.48 -56.60 -16.34
C ASP C 369 90.91 -55.98 -17.67
N LEU C 370 90.35 -56.51 -18.75
CA LEU C 370 90.66 -56.03 -20.09
C LEU C 370 90.89 -54.52 -20.12
N LEU C 371 89.82 -53.78 -19.88
CA LEU C 371 89.88 -52.31 -19.88
C LEU C 371 91.00 -51.76 -19.01
N THR C 372 91.14 -52.30 -17.80
CA THR C 372 92.17 -51.84 -16.88
C THR C 372 93.56 -52.06 -17.46
N THR C 373 93.83 -53.29 -17.90
CA THR C 373 95.13 -53.62 -18.47
C THR C 373 95.49 -52.62 -19.56
N ALA C 374 94.52 -52.33 -20.42
CA ALA C 374 94.72 -51.37 -21.49
C ALA C 374 95.21 -50.06 -20.88
N LYS C 375 94.42 -49.54 -19.94
CA LYS C 375 94.75 -48.30 -19.25
C LYS C 375 96.22 -48.28 -18.84
N PHE C 376 96.76 -49.44 -18.50
CA PHE C 376 98.15 -49.55 -18.10
C PHE C 376 99.05 -49.25 -19.28
N VAL C 377 98.93 -50.06 -20.32
CA VAL C 377 99.75 -49.87 -21.51
C VAL C 377 99.60 -48.44 -22.02
N ASP C 378 98.38 -47.93 -21.96
CA ASP C 378 98.09 -46.58 -22.42
C ASP C 378 98.88 -45.54 -21.62
N ALA C 379 99.23 -45.90 -20.40
CA ALA C 379 99.98 -44.99 -19.52
C ALA C 379 101.45 -44.91 -19.91
N LEU C 380 102.00 -46.04 -20.36
CA LEU C 380 103.40 -46.10 -20.77
C LEU C 380 103.71 -44.96 -21.72
N LYS C 381 104.93 -44.43 -21.64
CA LYS C 381 105.32 -43.32 -22.49
C LYS C 381 106.50 -43.62 -23.41
N ILE C 382 107.22 -44.71 -23.14
CA ILE C 382 108.37 -45.05 -23.95
C ILE C 382 108.14 -46.13 -25.01
N PRO C 383 107.69 -47.31 -24.60
CA PRO C 383 107.48 -48.35 -25.62
C PRO C 383 106.36 -48.01 -26.58
N TYR C 384 106.46 -48.53 -27.80
CA TYR C 384 105.46 -48.31 -28.82
C TYR C 384 104.48 -49.48 -28.73
N ILE C 385 103.21 -49.21 -29.01
CA ILE C 385 102.20 -50.28 -28.96
C ILE C 385 102.12 -50.89 -30.34
N ALA C 386 102.71 -52.06 -30.53
CA ALA C 386 102.68 -52.71 -31.83
C ALA C 386 103.22 -54.13 -31.73
N PRO C 387 103.02 -54.93 -32.79
CA PRO C 387 103.53 -56.30 -32.76
C PRO C 387 105.07 -56.27 -32.81
N SER C 388 105.68 -57.31 -33.36
CA SER C 388 107.14 -57.37 -33.45
C SER C 388 107.84 -57.14 -32.11
N PHE C 389 109.16 -57.20 -32.14
CA PHE C 389 109.96 -57.03 -30.93
C PHE C 389 111.44 -57.24 -31.25
N GLY C 390 112.29 -56.99 -30.27
CA GLY C 390 113.71 -57.19 -30.46
C GLY C 390 114.49 -55.99 -30.96
N GLY C 391 113.78 -54.90 -31.27
CA GLY C 391 114.47 -53.72 -31.74
C GLY C 391 114.94 -52.83 -30.61
N CYS C 392 115.80 -51.87 -30.94
CA CYS C 392 116.32 -50.94 -29.96
C CYS C 392 115.17 -50.22 -29.24
N GLU C 393 114.10 -49.98 -29.96
CA GLU C 393 112.93 -49.32 -29.37
C GLU C 393 112.09 -50.34 -28.62
N SER C 394 111.63 -49.97 -27.43
CA SER C 394 110.82 -50.87 -26.63
C SER C 394 109.43 -50.97 -27.23
N ILE C 395 108.80 -52.14 -27.05
CA ILE C 395 107.46 -52.34 -27.59
C ILE C 395 106.58 -53.12 -26.62
N VAL C 396 105.29 -52.76 -26.59
CA VAL C 396 104.32 -53.41 -25.73
C VAL C 396 103.08 -53.73 -26.53
N ASP C 397 102.27 -54.65 -26.01
CA ASP C 397 101.03 -55.03 -26.68
C ASP C 397 100.16 -55.90 -25.78
N GLN C 398 98.88 -56.00 -26.14
CA GLN C 398 97.94 -56.80 -25.38
C GLN C 398 97.43 -57.90 -26.28
N PRO C 399 98.18 -58.99 -26.39
CA PRO C 399 97.83 -60.15 -27.23
C PRO C 399 96.33 -60.31 -27.43
N ALA C 400 95.59 -60.33 -26.32
CA ALA C 400 94.14 -60.48 -26.38
C ALA C 400 93.57 -59.62 -27.50
N ILE C 401 94.14 -58.44 -27.66
CA ILE C 401 93.68 -57.51 -28.70
C ILE C 401 94.63 -57.53 -29.89
N MET C 402 95.88 -57.20 -29.65
CA MET C 402 96.91 -57.14 -30.68
C MET C 402 96.82 -58.21 -31.77
N SER C 403 96.49 -59.45 -31.40
CA SER C 403 96.42 -60.49 -32.42
C SER C 403 95.50 -61.64 -32.08
N TYR C 404 94.52 -61.40 -31.22
CA TYR C 404 93.58 -62.44 -30.85
C TYR C 404 92.18 -61.88 -30.71
N TRP C 405 92.05 -60.57 -30.94
CA TRP C 405 90.77 -59.90 -30.84
C TRP C 405 89.76 -60.52 -31.81
N ASP C 406 90.27 -61.23 -32.81
CA ASP C 406 89.41 -61.87 -33.79
C ASP C 406 88.72 -63.07 -33.18
N LEU C 407 89.19 -63.49 -32.01
CA LEU C 407 88.61 -64.65 -31.31
C LEU C 407 87.70 -64.26 -30.16
N SER C 408 86.89 -65.21 -29.72
CA SER C 408 85.96 -64.99 -28.63
C SER C 408 86.65 -65.06 -27.27
N GLN C 409 86.07 -64.36 -26.30
CA GLN C 409 86.61 -64.33 -24.95
C GLN C 409 86.91 -65.74 -24.47
N SER C 410 86.11 -66.68 -24.92
CA SER C 410 86.27 -68.08 -24.54
C SER C 410 87.41 -68.73 -25.33
N ASP C 411 87.27 -68.74 -26.66
CA ASP C 411 88.29 -69.32 -27.53
C ASP C 411 89.66 -68.76 -27.20
N ARG C 412 89.70 -67.52 -26.72
CA ARG C 412 90.96 -66.87 -26.36
C ARG C 412 91.63 -67.65 -25.25
N ALA C 413 90.87 -67.97 -24.22
CA ALA C 413 91.37 -68.71 -23.07
C ALA C 413 91.86 -70.09 -23.46
N LYS C 414 91.36 -70.59 -24.59
CA LYS C 414 91.75 -71.91 -25.08
C LYS C 414 93.27 -72.01 -25.19
N TYR C 415 93.92 -70.86 -25.31
CA TYR C 415 95.37 -70.81 -25.45
C TYR C 415 96.05 -70.12 -24.27
N GLY C 416 95.25 -69.72 -23.28
CA GLY C 416 95.81 -69.05 -22.12
C GLY C 416 95.88 -67.54 -22.27
N ILE C 417 95.49 -67.05 -23.45
CA ILE C 417 95.51 -65.63 -23.73
C ILE C 417 94.44 -64.92 -22.90
N MET C 418 94.87 -64.30 -21.80
CA MET C 418 93.97 -63.58 -20.92
C MET C 418 93.95 -62.10 -21.29
N ASP C 419 92.84 -61.43 -21.01
CA ASP C 419 92.73 -60.01 -21.29
C ASP C 419 93.71 -59.34 -20.32
N ASN C 420 94.29 -60.17 -19.46
CA ASN C 420 95.24 -59.76 -18.44
C ASN C 420 96.66 -59.61 -19.00
N LEU C 421 97.12 -60.67 -19.67
CA LEU C 421 98.44 -60.77 -20.26
C LEU C 421 98.94 -59.56 -21.03
N VAL C 422 100.21 -59.23 -20.82
CA VAL C 422 100.86 -58.12 -21.49
C VAL C 422 102.30 -58.50 -21.89
N ARG C 423 102.62 -58.37 -23.17
CA ARG C 423 103.96 -58.68 -23.64
C ARG C 423 104.77 -57.40 -23.68
N PHE C 424 106.01 -57.46 -23.21
CA PHE C 424 106.87 -56.29 -23.19
C PHE C 424 108.25 -56.57 -23.77
N SER C 425 108.51 -56.05 -24.96
CA SER C 425 109.80 -56.23 -25.59
C SER C 425 110.67 -55.06 -25.15
N PHE C 426 111.47 -55.29 -24.13
CA PHE C 426 112.35 -54.26 -23.62
C PHE C 426 113.34 -53.83 -24.69
N GLY C 427 113.30 -52.55 -25.05
CA GLY C 427 114.21 -52.03 -26.05
C GLY C 427 115.61 -51.96 -25.50
N VAL C 428 116.40 -51.03 -26.01
CA VAL C 428 117.78 -50.87 -25.58
C VAL C 428 117.96 -49.59 -24.75
N GLU C 429 116.86 -48.90 -24.51
CA GLU C 429 116.89 -47.66 -23.73
C GLU C 429 117.49 -47.93 -22.35
N ASP C 430 117.75 -46.87 -21.60
CA ASP C 430 118.33 -47.00 -20.28
C ASP C 430 117.34 -47.59 -19.29
N PHE C 431 117.83 -48.54 -18.50
CA PHE C 431 117.00 -49.23 -17.50
C PHE C 431 116.15 -48.29 -16.66
N ASP C 432 116.80 -47.45 -15.87
CA ASP C 432 116.09 -46.50 -15.01
C ASP C 432 114.97 -45.83 -15.78
N ASP C 433 115.31 -45.25 -16.92
CA ASP C 433 114.32 -44.59 -17.75
C ASP C 433 113.13 -45.49 -17.96
N LEU C 434 113.40 -46.75 -18.32
CA LEU C 434 112.36 -47.73 -18.58
C LEU C 434 111.57 -48.11 -17.33
N LYS C 435 112.29 -48.59 -16.31
CA LYS C 435 111.65 -48.99 -15.07
C LYS C 435 110.73 -47.89 -14.57
N ALA C 436 111.28 -46.69 -14.41
CA ALA C 436 110.52 -45.56 -13.95
C ALA C 436 109.20 -45.45 -14.72
N ASP C 437 109.30 -45.57 -16.05
CA ASP C 437 108.13 -45.50 -16.91
C ASP C 437 107.13 -46.57 -16.54
N ILE C 438 107.58 -47.83 -16.52
CA ILE C 438 106.72 -48.95 -16.18
C ILE C 438 106.03 -48.70 -14.84
N LEU C 439 106.82 -48.45 -13.82
CA LEU C 439 106.29 -48.20 -12.48
C LEU C 439 105.24 -47.10 -12.48
N GLN C 440 105.62 -45.92 -12.98
CA GLN C 440 104.72 -44.79 -13.04
C GLN C 440 103.36 -45.15 -13.66
N ALA C 441 103.37 -46.08 -14.62
CA ALA C 441 102.14 -46.49 -15.28
C ALA C 441 101.35 -47.46 -14.41
N LEU C 442 102.03 -48.06 -13.42
CA LEU C 442 101.38 -49.01 -12.53
C LEU C 442 100.70 -48.30 -11.37
N ASP C 443 100.93 -46.99 -11.24
CA ASP C 443 100.34 -46.21 -10.18
C ASP C 443 99.02 -45.60 -10.67
N SER C 444 98.81 -45.67 -11.97
CA SER C 444 97.60 -45.14 -12.58
C SER C 444 96.45 -46.13 -12.45
N ILE C 445 96.71 -47.22 -11.74
CA ILE C 445 95.69 -48.24 -11.53
C ILE C 445 95.52 -48.55 -10.04
N TYR D 50 136.17 -43.89 -75.86
CA TYR D 50 135.85 -44.98 -74.87
C TYR D 50 135.82 -46.35 -75.54
N ALA D 51 134.66 -46.72 -76.07
CA ALA D 51 134.50 -48.00 -76.74
C ALA D 51 134.43 -47.80 -78.25
N SER D 52 134.73 -48.86 -78.99
CA SER D 52 134.70 -48.80 -80.45
C SER D 52 133.36 -49.21 -81.02
N PHE D 53 132.80 -50.28 -80.46
CA PHE D 53 131.50 -50.80 -80.91
C PHE D 53 130.32 -49.97 -80.42
N LEU D 54 130.62 -48.88 -79.72
CA LEU D 54 129.59 -47.98 -79.20
C LEU D 54 129.86 -46.63 -79.83
N ASN D 55 128.84 -46.02 -80.41
CA ASN D 55 129.03 -44.73 -81.06
C ASN D 55 127.99 -43.68 -80.68
N SER D 56 126.79 -44.12 -80.34
CA SER D 56 125.73 -43.21 -79.95
C SER D 56 125.81 -42.85 -78.47
N ASP D 57 125.53 -41.59 -78.15
CA ASP D 57 125.58 -41.14 -76.78
C ASP D 57 124.73 -42.04 -75.90
N GLY D 58 123.47 -42.23 -76.27
CA GLY D 58 122.59 -43.08 -75.49
C GLY D 58 123.26 -44.38 -75.08
N SER D 59 123.78 -45.10 -76.06
CA SER D 59 124.45 -46.37 -75.78
C SER D 59 125.57 -46.15 -74.78
N VAL D 60 126.24 -45.00 -74.88
CA VAL D 60 127.32 -44.66 -73.97
C VAL D 60 126.77 -44.43 -72.58
N ALA D 61 125.86 -43.45 -72.47
CA ALA D 61 125.24 -43.12 -71.20
C ALA D 61 124.77 -44.37 -70.47
N ILE D 62 124.62 -45.46 -71.21
CA ILE D 62 124.16 -46.71 -70.62
C ILE D 62 125.31 -47.62 -70.20
N HIS D 63 126.28 -47.82 -71.08
CA HIS D 63 127.40 -48.70 -70.79
C HIS D 63 128.73 -48.04 -70.49
N ALA D 64 128.80 -46.72 -70.65
CA ALA D 64 130.05 -46.02 -70.38
C ALA D 64 130.53 -46.33 -68.96
N GLY D 65 131.78 -46.77 -68.86
CA GLY D 65 132.36 -47.09 -67.58
C GLY D 65 131.72 -48.26 -66.86
N GLU D 66 131.19 -49.21 -67.62
CA GLU D 66 130.55 -50.38 -67.02
C GLU D 66 130.71 -51.62 -67.89
N ARG D 67 130.04 -51.64 -69.03
CA ARG D 67 130.09 -52.77 -69.95
C ARG D 67 131.45 -53.46 -69.99
N LEU D 68 132.50 -52.68 -70.16
CA LEU D 68 133.85 -53.23 -70.23
C LEU D 68 134.33 -53.73 -68.87
N GLY D 69 134.66 -52.79 -67.98
CA GLY D 69 135.14 -53.17 -66.66
C GLY D 69 134.65 -52.20 -65.60
N ARG D 70 134.90 -52.51 -64.34
CA ARG D 70 134.46 -51.64 -63.26
C ARG D 70 135.50 -51.46 -62.15
N GLY D 71 136.59 -52.24 -62.23
CA GLY D 71 137.62 -52.13 -61.21
C GLY D 71 137.05 -52.54 -59.87
N ILE D 72 135.90 -53.21 -59.92
CA ILE D 72 135.23 -53.68 -58.73
C ILE D 72 134.77 -55.12 -58.98
N VAL D 73 135.21 -55.67 -60.11
CA VAL D 73 134.92 -57.04 -60.52
C VAL D 73 133.70 -57.72 -59.91
N THR D 74 132.74 -58.07 -60.78
CA THR D 74 131.52 -58.74 -60.35
C THR D 74 130.81 -59.29 -61.58
N ASP D 75 130.10 -60.39 -61.40
CA ASP D 75 129.35 -60.98 -62.50
C ASP D 75 127.98 -60.34 -62.54
N ALA D 76 127.83 -59.25 -61.80
CA ALA D 76 126.57 -58.52 -61.74
C ALA D 76 126.48 -57.52 -62.88
N ILE D 77 125.27 -57.31 -63.36
CA ILE D 77 125.04 -56.39 -64.47
C ILE D 77 125.19 -54.94 -64.04
N THR D 78 124.63 -54.61 -62.88
CA THR D 78 124.68 -53.25 -62.37
C THR D 78 125.92 -52.99 -61.53
N THR D 79 126.17 -51.72 -61.24
CA THR D 79 127.30 -51.34 -60.43
C THR D 79 126.91 -51.48 -58.96
N PRO D 80 127.70 -52.25 -58.20
CA PRO D 80 127.43 -52.45 -56.78
C PRO D 80 127.64 -51.16 -55.99
N VAL D 81 126.81 -50.95 -54.98
CA VAL D 81 126.90 -49.74 -54.16
C VAL D 81 127.79 -49.98 -52.96
N VAL D 82 128.97 -49.36 -52.97
CA VAL D 82 129.91 -49.51 -51.87
C VAL D 82 129.72 -48.47 -50.78
N ASN D 83 129.29 -48.92 -49.61
CA ASN D 83 129.04 -48.04 -48.47
C ASN D 83 130.15 -48.10 -47.43
N THR D 84 131.33 -47.57 -47.75
CA THR D 84 132.44 -47.58 -46.82
C THR D 84 132.91 -46.18 -46.50
N SER D 85 133.41 -45.99 -45.28
CA SER D 85 133.88 -44.68 -44.86
C SER D 85 135.38 -44.58 -45.08
N ALA D 86 136.02 -45.71 -45.33
CA ALA D 86 137.46 -45.73 -45.57
C ALA D 86 137.89 -47.03 -46.24
N TYR D 87 139.16 -47.08 -46.62
CA TYR D 87 139.70 -48.26 -47.29
C TYR D 87 140.97 -48.74 -46.58
N PHE D 88 141.00 -50.04 -46.27
CA PHE D 88 142.13 -50.64 -45.58
C PHE D 88 143.23 -51.11 -46.52
N PHE D 89 144.34 -51.55 -45.92
CA PHE D 89 145.48 -52.06 -46.66
C PHE D 89 145.81 -53.42 -46.05
N ASN D 90 146.36 -54.32 -46.86
CA ASN D 90 146.70 -55.65 -46.38
C ASN D 90 147.93 -55.65 -45.46
N LYS D 91 148.90 -54.81 -45.80
CA LYS D 91 150.12 -54.71 -45.00
C LYS D 91 150.84 -53.41 -45.27
N THR D 92 151.49 -52.88 -44.24
CA THR D 92 152.21 -51.61 -44.34
C THR D 92 152.96 -51.46 -45.65
N SER D 93 153.67 -52.51 -46.05
CA SER D 93 154.44 -52.47 -47.28
C SER D 93 153.59 -51.94 -48.41
N GLU D 94 152.34 -52.39 -48.45
CA GLU D 94 151.40 -51.93 -49.48
C GLU D 94 151.07 -50.47 -49.25
N LEU D 95 150.70 -50.13 -48.02
CA LEU D 95 150.35 -48.75 -47.70
C LEU D 95 151.46 -47.82 -48.17
N ILE D 96 152.70 -48.27 -48.03
CA ILE D 96 153.83 -47.48 -48.46
C ILE D 96 153.78 -47.33 -49.96
N ASP D 97 153.62 -48.45 -50.65
CA ASP D 97 153.55 -48.44 -52.10
C ASP D 97 152.55 -47.39 -52.58
N PHE D 98 151.34 -47.44 -52.06
CA PHE D 98 150.30 -46.48 -52.44
C PHE D 98 150.74 -45.04 -52.18
N LYS D 99 151.18 -44.79 -50.94
CA LYS D 99 151.62 -43.45 -50.57
C LYS D 99 152.77 -42.99 -51.44
N GLU D 100 153.54 -43.95 -51.96
CA GLU D 100 154.68 -43.65 -52.83
C GLU D 100 154.22 -43.65 -54.29
N LYS D 101 152.92 -43.74 -54.49
CA LYS D 101 152.32 -43.76 -55.82
C LYS D 101 152.74 -44.96 -56.67
N ARG D 102 152.64 -46.16 -56.08
CA ARG D 102 152.99 -47.39 -56.78
C ARG D 102 151.78 -48.33 -56.82
N ARG D 103 150.76 -48.00 -56.03
CA ARG D 103 149.54 -48.79 -55.95
C ARG D 103 148.33 -47.89 -56.11
N ALA D 104 147.15 -48.49 -56.30
CA ALA D 104 145.93 -47.73 -56.47
C ALA D 104 144.95 -47.95 -55.32
N SER D 105 144.38 -46.85 -54.84
CA SER D 105 143.41 -46.88 -53.74
C SER D 105 142.87 -45.49 -53.49
N PHE D 106 141.70 -45.41 -52.87
CA PHE D 106 141.07 -44.14 -52.56
C PHE D 106 141.56 -43.63 -51.22
N GLU D 107 142.08 -44.54 -50.40
CA GLU D 107 142.59 -44.19 -49.07
C GLU D 107 141.44 -43.86 -48.14
N TYR D 108 140.73 -42.77 -48.44
CA TYR D 108 139.60 -42.34 -47.63
C TYR D 108 138.35 -42.16 -48.50
N GLY D 109 137.18 -42.32 -47.89
CA GLY D 109 135.94 -42.16 -48.63
C GLY D 109 135.79 -40.79 -49.27
N ARG D 110 136.35 -39.78 -48.62
CA ARG D 110 136.28 -38.41 -49.13
C ARG D 110 137.19 -38.24 -50.32
N TYR D 111 138.10 -39.19 -50.51
CA TYR D 111 139.04 -39.13 -51.61
C TYR D 111 138.55 -39.95 -52.80
N GLY D 112 137.34 -40.48 -52.71
CA GLY D 112 136.79 -41.26 -53.80
C GLY D 112 135.97 -42.46 -53.37
N ASN D 113 135.47 -43.20 -54.35
CA ASN D 113 134.64 -44.38 -54.11
C ASN D 113 134.44 -45.14 -55.42
N PRO D 114 134.53 -46.48 -55.39
CA PRO D 114 134.36 -47.31 -56.58
C PRO D 114 133.03 -47.07 -57.28
N THR D 115 131.95 -47.05 -56.50
CA THR D 115 130.62 -46.84 -57.04
C THR D 115 130.54 -45.48 -57.73
N THR D 116 131.30 -44.52 -57.20
CA THR D 116 131.30 -43.17 -57.76
C THR D 116 132.12 -43.03 -59.04
N VAL D 117 133.36 -43.49 -59.00
CA VAL D 117 134.23 -43.39 -60.17
C VAL D 117 133.52 -43.82 -61.45
N VAL D 118 132.62 -44.79 -61.31
CA VAL D 118 131.87 -45.26 -62.47
C VAL D 118 131.18 -44.05 -63.06
N LEU D 119 130.20 -43.53 -62.32
CA LEU D 119 129.45 -42.36 -62.74
C LEU D 119 130.40 -41.27 -63.22
N GLU D 120 131.56 -41.19 -62.59
CA GLU D 120 132.55 -40.20 -62.98
C GLU D 120 132.98 -40.47 -64.39
N GLU D 121 133.50 -41.68 -64.62
CA GLU D 121 133.95 -42.09 -65.94
C GLU D 121 132.84 -42.01 -66.96
N LYS D 122 131.64 -42.42 -66.55
CA LYS D 122 130.48 -42.40 -67.43
C LYS D 122 130.31 -41.01 -68.02
N ILE D 123 130.13 -40.03 -67.16
CA ILE D 123 129.96 -38.65 -67.58
C ILE D 123 131.13 -38.23 -68.46
N SER D 124 132.33 -38.55 -68.00
CA SER D 124 133.54 -38.21 -68.74
C SER D 124 133.39 -38.62 -70.20
N ALA D 125 132.97 -39.87 -70.40
CA ALA D 125 132.79 -40.41 -71.74
C ALA D 125 131.76 -39.60 -72.51
N LEU D 126 130.63 -39.34 -71.88
CA LEU D 126 129.57 -38.57 -72.52
C LEU D 126 130.10 -37.21 -72.96
N GLU D 127 130.52 -36.40 -72.00
CA GLU D 127 131.05 -35.08 -72.31
C GLU D 127 132.31 -35.20 -73.15
N GLY D 128 132.78 -36.44 -73.31
CA GLY D 128 133.99 -36.67 -74.08
C GLY D 128 135.15 -35.90 -73.48
N ALA D 129 135.30 -35.98 -72.16
CA ALA D 129 136.37 -35.28 -71.45
C ALA D 129 137.48 -36.19 -70.98
N GLU D 130 138.51 -35.58 -70.40
CA GLU D 130 139.67 -36.31 -69.88
C GLU D 130 139.33 -36.91 -68.52
N SER D 131 138.64 -36.14 -67.70
CA SER D 131 138.24 -36.60 -66.38
C SER D 131 137.07 -35.79 -65.83
N THR D 132 136.34 -36.36 -64.89
CA THR D 132 135.21 -35.69 -64.30
C THR D 132 135.23 -35.83 -62.78
N LEU D 133 134.67 -34.84 -62.10
CA LEU D 133 134.62 -34.84 -60.64
C LEU D 133 133.16 -34.70 -60.21
N LEU D 134 132.80 -35.32 -59.10
CA LEU D 134 131.42 -35.26 -58.63
C LEU D 134 131.28 -34.70 -57.23
N MET D 135 130.53 -33.63 -57.08
CA MET D 135 130.33 -33.02 -55.78
C MET D 135 129.02 -33.49 -55.17
N ALA D 136 128.61 -32.83 -54.10
CA ALA D 136 127.37 -33.18 -53.43
C ALA D 136 126.20 -32.44 -54.07
N SER D 137 126.52 -31.42 -54.87
CA SER D 137 125.49 -30.64 -55.53
C SER D 137 126.13 -29.62 -56.46
N GLY D 138 125.46 -29.32 -57.55
CA GLY D 138 125.97 -28.34 -58.51
C GLY D 138 126.57 -27.14 -57.79
N MET D 139 125.78 -26.53 -56.91
CA MET D 139 126.25 -25.38 -56.16
C MET D 139 127.66 -25.64 -55.65
N CYS D 140 127.84 -26.79 -55.03
CA CYS D 140 129.14 -27.17 -54.53
C CYS D 140 130.13 -27.09 -55.68
N ALA D 141 129.81 -27.81 -56.74
CA ALA D 141 130.65 -27.85 -57.94
C ALA D 141 131.12 -26.45 -58.31
N SER D 142 130.19 -25.64 -58.82
CA SER D 142 130.53 -24.29 -59.22
C SER D 142 131.32 -23.62 -58.11
N THR D 143 130.69 -23.50 -56.95
CA THR D 143 131.29 -22.87 -55.79
C THR D 143 132.77 -23.26 -55.63
N VAL D 144 133.04 -24.55 -55.53
CA VAL D 144 134.41 -25.03 -55.37
C VAL D 144 135.25 -24.59 -56.55
N MET D 145 134.90 -25.10 -57.73
CA MET D 145 135.60 -24.78 -58.97
C MET D 145 136.14 -23.36 -59.00
N LEU D 146 135.34 -22.42 -58.51
CA LEU D 146 135.72 -21.02 -58.48
C LEU D 146 136.90 -20.81 -57.54
N LEU D 147 136.68 -21.09 -56.26
CA LEU D 147 137.74 -20.93 -55.26
C LEU D 147 138.97 -21.72 -55.69
N ALA D 148 138.74 -22.75 -56.50
CA ALA D 148 139.81 -23.62 -56.97
C ALA D 148 140.69 -23.05 -58.08
N LEU D 149 140.09 -22.42 -59.08
CA LEU D 149 140.85 -21.88 -60.19
C LEU D 149 141.16 -20.39 -60.10
N VAL D 150 140.20 -19.60 -59.66
CA VAL D 150 140.40 -18.16 -59.53
C VAL D 150 141.29 -17.82 -58.34
N PRO D 151 142.44 -17.19 -58.59
CA PRO D 151 143.37 -16.81 -57.53
C PRO D 151 142.85 -15.62 -56.75
N ALA D 152 143.56 -15.26 -55.68
CA ALA D 152 143.17 -14.14 -54.85
C ALA D 152 143.39 -12.85 -55.62
N GLY D 153 142.49 -11.89 -55.43
CA GLY D 153 142.61 -10.62 -56.11
C GLY D 153 142.40 -10.76 -57.61
N GLY D 154 142.17 -12.00 -58.05
CA GLY D 154 141.95 -12.26 -59.46
C GLY D 154 140.66 -11.66 -59.98
N HIS D 155 140.42 -11.79 -61.28
CA HIS D 155 139.22 -11.26 -61.89
C HIS D 155 138.50 -12.32 -62.71
N ILE D 156 137.18 -12.25 -62.74
CA ILE D 156 136.38 -13.21 -63.48
C ILE D 156 135.26 -12.52 -64.22
N VAL D 157 134.86 -13.09 -65.35
CA VAL D 157 133.78 -12.53 -66.15
C VAL D 157 132.61 -13.50 -66.20
N THR D 158 131.41 -12.97 -66.09
CA THR D 158 130.22 -13.80 -66.12
C THR D 158 129.04 -13.03 -66.68
N THR D 159 128.08 -13.77 -67.24
CA THR D 159 126.88 -13.17 -67.82
C THR D 159 125.92 -12.65 -66.76
N THR D 160 125.03 -11.75 -67.18
CA THR D 160 124.06 -11.18 -66.26
C THR D 160 123.09 -12.25 -65.81
N ASP D 161 122.57 -13.02 -66.77
CA ASP D 161 121.64 -14.09 -66.46
C ASP D 161 122.38 -15.20 -65.73
N CYS D 162 122.08 -15.37 -64.45
CA CYS D 162 122.74 -16.39 -63.65
C CYS D 162 121.77 -17.05 -62.71
N TYR D 163 122.22 -18.14 -62.09
CA TYR D 163 121.41 -18.88 -61.13
C TYR D 163 121.47 -18.07 -59.84
N ARG D 164 120.31 -17.59 -59.40
CA ARG D 164 120.22 -16.77 -58.18
C ARG D 164 121.35 -17.02 -57.19
N LYS D 165 121.43 -18.23 -56.66
CA LYS D 165 122.47 -18.57 -55.69
C LYS D 165 123.86 -18.28 -56.24
N THR D 166 124.20 -18.88 -57.38
CA THR D 166 125.50 -18.68 -57.99
C THR D 166 125.87 -17.21 -58.02
N ARG D 167 124.87 -16.36 -58.19
CA ARG D 167 125.10 -14.92 -58.21
C ARG D 167 125.69 -14.51 -56.88
N ILE D 168 124.90 -14.66 -55.83
CA ILE D 168 125.29 -14.30 -54.47
C ILE D 168 126.73 -14.68 -54.11
N PHE D 169 127.08 -15.94 -54.31
CA PHE D 169 128.42 -16.41 -54.00
C PHE D 169 129.46 -15.46 -54.58
N ILE D 170 129.26 -15.09 -55.83
CA ILE D 170 130.18 -14.20 -56.52
C ILE D 170 130.11 -12.77 -55.99
N GLU D 171 128.91 -12.35 -55.61
CA GLU D 171 128.71 -11.00 -55.10
C GLU D 171 128.94 -10.82 -53.61
N THR D 172 129.16 -11.92 -52.88
CA THR D 172 129.36 -11.81 -51.44
C THR D 172 130.52 -12.61 -50.85
N ILE D 173 130.86 -13.73 -51.48
CA ILE D 173 131.96 -14.54 -50.96
C ILE D 173 133.26 -14.21 -51.65
N LEU D 174 133.30 -14.40 -52.96
CA LEU D 174 134.51 -14.12 -53.74
C LEU D 174 135.18 -12.78 -53.38
N PRO D 175 134.39 -11.71 -53.15
CA PRO D 175 135.01 -10.43 -52.80
C PRO D 175 135.92 -10.54 -51.58
N LYS D 176 135.56 -11.41 -50.66
CA LYS D 176 136.36 -11.60 -49.45
C LYS D 176 137.79 -11.93 -49.86
N MET D 177 137.94 -12.83 -50.83
CA MET D 177 139.25 -13.21 -51.32
C MET D 177 139.77 -12.15 -52.26
N GLY D 178 139.13 -10.99 -52.22
CA GLY D 178 139.54 -9.89 -53.08
C GLY D 178 139.38 -10.21 -54.55
N ILE D 179 138.45 -11.11 -54.87
CA ILE D 179 138.22 -11.50 -56.26
C ILE D 179 137.12 -10.62 -56.87
N THR D 180 137.50 -9.82 -57.86
CA THR D 180 136.57 -8.94 -58.53
C THR D 180 136.05 -9.61 -59.80
N ALA D 181 134.83 -9.24 -60.21
CA ALA D 181 134.24 -9.81 -61.41
C ALA D 181 133.46 -8.78 -62.22
N THR D 182 133.26 -9.08 -63.50
CA THR D 182 132.53 -8.20 -64.41
C THR D 182 131.30 -8.91 -64.98
N VAL D 183 130.16 -8.23 -64.95
CA VAL D 183 128.91 -8.78 -65.46
C VAL D 183 128.54 -8.20 -66.82
N ILE D 184 128.37 -9.06 -67.80
CA ILE D 184 128.03 -8.62 -69.15
C ILE D 184 126.85 -9.42 -69.69
N ASP D 185 126.28 -8.94 -70.78
CA ASP D 185 125.15 -9.62 -71.41
C ASP D 185 125.67 -10.85 -72.15
N PRO D 186 124.89 -11.94 -72.15
CA PRO D 186 125.29 -13.18 -72.83
C PRO D 186 125.67 -12.99 -74.29
N ALA D 187 125.00 -12.06 -74.96
CA ALA D 187 125.27 -11.79 -76.37
C ALA D 187 126.37 -10.77 -76.59
N ASP D 188 126.38 -9.72 -75.78
CA ASP D 188 127.38 -8.64 -75.89
C ASP D 188 128.81 -9.15 -75.96
N VAL D 189 129.22 -9.59 -77.15
CA VAL D 189 130.57 -10.10 -77.33
C VAL D 189 131.58 -8.98 -77.15
N GLY D 190 131.17 -7.77 -77.52
CA GLY D 190 132.05 -6.63 -77.39
C GLY D 190 132.56 -6.52 -75.96
N ALA D 191 131.64 -6.33 -75.02
CA ALA D 191 131.99 -6.20 -73.61
C ALA D 191 133.04 -7.22 -73.20
N LEU D 192 132.80 -8.47 -73.54
CA LEU D 192 133.73 -9.54 -73.20
C LEU D 192 135.10 -9.20 -73.77
N GLU D 193 135.17 -9.02 -75.09
CA GLU D 193 136.42 -8.70 -75.73
C GLU D 193 137.04 -7.48 -75.06
N LEU D 194 136.20 -6.51 -74.75
CA LEU D 194 136.67 -5.29 -74.10
C LEU D 194 137.30 -5.63 -72.76
N ALA D 195 136.47 -6.09 -71.83
CA ALA D 195 136.94 -6.45 -70.51
C ALA D 195 138.17 -7.36 -70.61
N LEU D 196 138.15 -8.23 -71.62
CA LEU D 196 139.25 -9.15 -71.83
C LEU D 196 140.56 -8.38 -71.90
N ASN D 197 140.48 -7.15 -72.39
CA ASN D 197 141.65 -6.30 -72.54
C ASN D 197 141.85 -5.37 -71.35
N GLN D 198 140.78 -4.75 -70.88
CA GLN D 198 140.84 -3.83 -69.76
C GLN D 198 141.56 -4.44 -68.57
N LYS D 199 140.99 -5.52 -68.03
CA LYS D 199 141.57 -6.20 -66.90
C LYS D 199 142.15 -7.56 -67.28
N LYS D 200 142.81 -8.20 -66.34
CA LYS D 200 143.41 -9.50 -66.56
C LYS D 200 142.46 -10.58 -66.06
N VAL D 201 141.58 -11.03 -66.95
CA VAL D 201 140.60 -12.04 -66.59
C VAL D 201 141.25 -13.40 -66.37
N ASN D 202 140.84 -14.05 -65.30
CA ASN D 202 141.38 -15.36 -64.98
C ASN D 202 140.51 -16.43 -65.59
N LEU D 203 139.20 -16.17 -65.62
CA LEU D 203 138.27 -17.13 -66.18
C LEU D 203 136.90 -16.52 -66.47
N PHE D 204 136.31 -16.94 -67.59
CA PHE D 204 134.99 -16.48 -67.98
C PHE D 204 134.05 -17.61 -67.65
N PHE D 205 133.06 -17.33 -66.81
CA PHE D 205 132.11 -18.37 -66.41
C PHE D 205 130.67 -18.01 -66.73
N THR D 206 129.96 -18.96 -67.34
CA THR D 206 128.55 -18.74 -67.70
C THR D 206 127.87 -20.04 -68.10
N GLU D 207 126.54 -20.06 -68.03
CA GLU D 207 125.79 -21.23 -68.40
C GLU D 207 125.06 -20.94 -69.70
N SER D 208 124.96 -21.95 -70.56
CA SER D 208 124.29 -21.80 -71.83
C SER D 208 123.65 -23.14 -72.19
N PRO D 209 122.33 -23.16 -72.38
CA PRO D 209 121.41 -22.02 -72.27
C PRO D 209 121.47 -21.37 -70.91
N THR D 210 121.05 -20.11 -70.87
CA THR D 210 121.04 -19.32 -69.65
C THR D 210 119.72 -19.51 -68.93
N ASN D 211 119.58 -18.84 -67.78
CA ASN D 211 118.35 -18.93 -67.00
C ASN D 211 117.90 -17.53 -66.63
N PRO D 212 116.60 -17.23 -66.71
CA PRO D 212 115.52 -18.12 -67.12
C PRO D 212 115.11 -17.82 -68.56
N PHE D 213 115.94 -17.09 -69.27
CA PHE D 213 115.63 -16.74 -70.65
C PHE D 213 116.37 -17.60 -71.65
N LEU D 214 116.97 -18.67 -71.16
CA LEU D 214 117.69 -19.62 -72.01
C LEU D 214 118.60 -18.96 -73.04
N ARG D 215 119.11 -17.77 -72.74
CA ARG D 215 119.99 -17.09 -73.65
C ARG D 215 121.20 -17.99 -73.83
N CYS D 216 121.65 -18.15 -75.07
CA CYS D 216 122.81 -19.00 -75.33
C CYS D 216 124.04 -18.19 -75.68
N VAL D 217 125.20 -18.81 -75.49
CA VAL D 217 126.45 -18.13 -75.79
C VAL D 217 127.20 -18.88 -76.87
N ASP D 218 127.77 -18.14 -77.82
CA ASP D 218 128.53 -18.78 -78.88
C ASP D 218 129.84 -19.28 -78.29
N ILE D 219 129.77 -20.42 -77.63
CA ILE D 219 130.94 -21.00 -77.00
C ILE D 219 132.16 -20.85 -77.90
N GLU D 220 132.20 -21.64 -78.97
CA GLU D 220 133.31 -21.60 -79.90
C GLU D 220 133.94 -20.21 -80.00
N LEU D 221 133.13 -19.21 -80.32
CA LEU D 221 133.63 -17.86 -80.45
C LEU D 221 134.26 -17.37 -79.16
N VAL D 222 133.48 -17.38 -78.08
CA VAL D 222 133.97 -16.93 -76.77
C VAL D 222 135.27 -17.61 -76.37
N SER D 223 135.28 -18.95 -76.43
CA SER D 223 136.47 -19.71 -76.06
C SER D 223 137.68 -19.11 -76.76
N LYS D 224 137.50 -18.77 -78.03
CA LYS D 224 138.58 -18.19 -78.82
C LYS D 224 139.04 -16.87 -78.21
N LEU D 225 138.12 -15.91 -78.13
CA LEU D 225 138.44 -14.60 -77.58
C LEU D 225 139.11 -14.71 -76.22
N CYS D 226 138.64 -15.62 -75.39
CA CYS D 226 139.20 -15.80 -74.06
C CYS D 226 140.58 -16.43 -74.12
N HIS D 227 140.67 -17.61 -74.73
CA HIS D 227 141.94 -18.33 -74.85
C HIS D 227 143.03 -17.46 -75.45
N GLU D 228 142.64 -16.41 -76.16
CA GLU D 228 143.58 -15.49 -76.77
C GLU D 228 144.26 -14.66 -75.69
N LYS D 229 143.50 -14.33 -74.65
CA LYS D 229 144.01 -13.54 -73.54
C LYS D 229 144.38 -14.41 -72.33
N GLY D 230 144.47 -15.71 -72.55
CA GLY D 230 144.84 -16.63 -71.48
C GLY D 230 143.74 -16.94 -70.48
N ALA D 231 142.55 -16.40 -70.69
CA ALA D 231 141.44 -16.64 -69.78
C ALA D 231 140.89 -18.05 -69.93
N LEU D 232 140.22 -18.54 -68.90
CA LEU D 232 139.65 -19.87 -68.92
C LEU D 232 138.16 -19.76 -69.19
N VAL D 233 137.61 -20.74 -69.89
CA VAL D 233 136.18 -20.72 -70.18
C VAL D 233 135.47 -21.88 -69.53
N CYS D 234 134.58 -21.58 -68.59
CA CYS D 234 133.83 -22.61 -67.90
C CYS D 234 132.35 -22.41 -68.18
N ILE D 235 131.73 -23.43 -68.77
CA ILE D 235 130.32 -23.37 -69.12
C ILE D 235 129.45 -24.30 -68.28
N ASP D 236 128.29 -23.81 -67.87
CA ASP D 236 127.36 -24.59 -67.09
C ASP D 236 126.23 -25.03 -68.03
N GLY D 237 126.44 -26.15 -68.69
CA GLY D 237 125.43 -26.65 -69.61
C GLY D 237 124.35 -27.46 -68.94
N THR D 238 123.98 -27.09 -67.72
CA THR D 238 122.95 -27.81 -67.00
C THR D 238 121.73 -27.98 -67.88
N PHE D 239 121.14 -26.86 -68.26
CA PHE D 239 119.96 -26.83 -69.11
C PHE D 239 120.15 -27.60 -70.41
N ALA D 240 121.37 -27.58 -70.93
CA ALA D 240 121.67 -28.26 -72.18
C ALA D 240 121.67 -29.79 -72.08
N THR D 241 122.61 -30.32 -71.30
CA THR D 241 122.80 -31.77 -71.12
C THR D 241 123.86 -32.18 -72.13
N PRO D 242 124.77 -33.07 -71.73
CA PRO D 242 125.82 -33.51 -72.66
C PRO D 242 125.28 -34.02 -73.98
N LEU D 243 124.01 -34.41 -73.98
CA LEU D 243 123.40 -34.93 -75.19
C LEU D 243 123.06 -33.83 -76.18
N ASN D 244 122.63 -32.69 -75.68
CA ASN D 244 122.24 -31.57 -76.54
C ASN D 244 123.39 -30.66 -76.96
N GLN D 245 124.57 -30.85 -76.37
CA GLN D 245 125.73 -30.04 -76.72
C GLN D 245 126.99 -30.50 -75.99
N LYS D 246 128.13 -30.40 -76.66
CA LYS D 246 129.40 -30.81 -76.09
C LYS D 246 130.33 -29.62 -75.93
N ALA D 247 129.96 -28.71 -75.03
CA ALA D 247 130.71 -27.50 -74.78
C ALA D 247 132.21 -27.70 -74.92
N LEU D 248 132.69 -28.83 -74.42
CA LEU D 248 134.12 -29.14 -74.49
C LEU D 248 134.62 -29.15 -75.93
N ALA D 249 133.92 -29.87 -76.79
CA ALA D 249 134.30 -29.95 -78.19
C ALA D 249 134.25 -28.57 -78.83
N LEU D 250 133.34 -27.74 -78.33
CA LEU D 250 133.17 -26.39 -78.85
C LEU D 250 134.37 -25.52 -78.52
N GLY D 251 135.19 -25.97 -77.56
CA GLY D 251 136.36 -25.21 -77.19
C GLY D 251 136.45 -24.85 -75.71
N ALA D 252 135.34 -24.97 -75.00
CA ALA D 252 135.30 -24.65 -73.57
C ALA D 252 136.37 -25.42 -72.81
N ASP D 253 136.81 -24.88 -71.67
CA ASP D 253 137.84 -25.51 -70.87
C ASP D 253 137.23 -26.46 -69.85
N LEU D 254 136.11 -26.04 -69.27
CA LEU D 254 135.44 -26.86 -68.27
C LEU D 254 133.95 -26.75 -68.47
N VAL D 255 133.25 -27.85 -68.22
CA VAL D 255 131.80 -27.87 -68.34
C VAL D 255 131.28 -28.52 -67.08
N LEU D 256 130.20 -27.98 -66.53
CA LEU D 256 129.63 -28.55 -65.33
C LEU D 256 128.12 -28.47 -65.34
N HIS D 257 127.48 -29.48 -64.76
CA HIS D 257 126.03 -29.54 -64.68
C HIS D 257 125.60 -29.88 -63.27
N SER D 258 124.35 -29.59 -62.98
CA SER D 258 123.79 -29.91 -61.68
C SER D 258 123.01 -31.21 -61.91
N ALA D 259 123.72 -32.32 -61.90
CA ALA D 259 123.08 -33.63 -62.12
C ALA D 259 121.77 -33.73 -61.36
N THR D 260 121.59 -32.85 -60.38
CA THR D 260 120.37 -32.82 -59.59
C THR D 260 119.17 -32.74 -60.51
N LYS D 261 119.36 -32.10 -61.67
CA LYS D 261 118.30 -31.89 -62.63
C LYS D 261 118.05 -32.97 -63.66
N PHE D 262 118.73 -32.86 -64.80
CA PHE D 262 118.56 -33.80 -65.90
C PHE D 262 119.25 -35.15 -65.77
N LEU D 263 120.54 -35.15 -65.47
CA LEU D 263 121.29 -36.39 -65.32
C LEU D 263 120.55 -37.39 -64.45
N GLY D 264 120.08 -36.92 -63.29
CA GLY D 264 119.35 -37.79 -62.40
C GLY D 264 117.90 -37.87 -62.85
N GLY D 265 117.43 -36.75 -63.41
CA GLY D 265 116.08 -36.65 -63.93
C GLY D 265 114.96 -37.36 -63.20
N HIS D 266 115.05 -37.48 -61.88
CA HIS D 266 113.98 -38.14 -61.15
C HIS D 266 113.56 -37.35 -59.93
N ASN D 267 114.17 -36.17 -59.77
CA ASN D 267 113.87 -35.28 -58.66
C ASN D 267 113.99 -35.98 -57.31
N ASP D 268 114.93 -36.90 -57.19
CA ASP D 268 115.10 -37.64 -55.94
C ASP D 268 116.54 -37.66 -55.46
N VAL D 269 117.36 -36.73 -55.94
CA VAL D 269 118.75 -36.69 -55.54
C VAL D 269 119.48 -35.43 -56.01
N LEU D 270 120.43 -34.96 -55.20
CA LEU D 270 121.20 -33.77 -55.53
C LEU D 270 122.63 -34.21 -55.85
N ALA D 271 123.28 -33.49 -56.75
CA ALA D 271 124.65 -33.80 -57.12
C ALA D 271 125.16 -32.82 -58.16
N GLY D 272 126.44 -32.49 -58.06
CA GLY D 272 127.03 -31.59 -59.03
C GLY D 272 128.20 -32.30 -59.65
N CYS D 273 128.65 -31.84 -60.81
CA CYS D 273 129.78 -32.47 -61.46
C CYS D 273 130.50 -31.52 -62.41
N ILE D 274 131.81 -31.70 -62.52
CA ILE D 274 132.63 -30.89 -63.38
C ILE D 274 133.46 -31.84 -64.22
N SER D 275 133.61 -31.52 -65.50
CA SER D 275 134.39 -32.37 -66.38
C SER D 275 135.31 -31.52 -67.24
N GLY D 276 136.48 -32.05 -67.53
CA GLY D 276 137.44 -31.31 -68.34
C GLY D 276 138.81 -31.96 -68.37
N PRO D 277 139.84 -31.23 -68.83
CA PRO D 277 141.19 -31.79 -68.89
C PRO D 277 141.69 -32.13 -67.50
N LEU D 278 142.42 -33.23 -67.39
CA LEU D 278 142.96 -33.66 -66.11
C LEU D 278 143.71 -32.52 -65.44
N LYS D 279 144.74 -32.01 -66.12
CA LYS D 279 145.55 -30.93 -65.59
C LYS D 279 144.74 -29.89 -64.82
N LEU D 280 143.51 -29.67 -65.27
CA LEU D 280 142.64 -28.69 -64.63
C LEU D 280 141.80 -29.31 -63.53
N VAL D 281 140.91 -30.22 -63.91
CA VAL D 281 140.02 -30.88 -62.96
C VAL D 281 140.74 -31.31 -61.68
N SER D 282 141.89 -31.94 -61.81
CA SER D 282 142.64 -32.40 -60.64
C SER D 282 142.80 -31.29 -59.61
N GLU D 283 143.28 -30.13 -60.07
CA GLU D 283 143.49 -28.99 -59.21
C GLU D 283 142.27 -28.75 -58.32
N ILE D 284 141.09 -28.94 -58.89
CA ILE D 284 139.87 -28.76 -58.15
C ILE D 284 139.70 -29.92 -57.17
N ARG D 285 139.76 -31.13 -57.72
CA ARG D 285 139.63 -32.35 -56.91
C ARG D 285 140.40 -32.21 -55.61
N ASN D 286 141.60 -31.65 -55.70
CA ASN D 286 142.43 -31.46 -54.53
C ASN D 286 141.71 -30.61 -53.48
N LEU D 287 141.43 -29.36 -53.84
CA LEU D 287 140.74 -28.47 -52.94
C LEU D 287 139.46 -29.14 -52.46
N HIS D 288 138.89 -29.96 -53.33
CA HIS D 288 137.66 -30.66 -53.00
C HIS D 288 137.89 -31.58 -51.82
N HIS D 289 138.96 -32.37 -51.91
CA HIS D 289 139.31 -33.30 -50.86
C HIS D 289 139.42 -32.60 -49.51
N ILE D 290 139.64 -31.31 -49.55
CA ILE D 290 139.77 -30.53 -48.33
C ILE D 290 138.41 -30.03 -47.86
N LEU D 291 137.74 -29.28 -48.71
CA LEU D 291 136.42 -28.74 -48.36
C LEU D 291 135.46 -29.87 -48.01
N GLY D 292 135.85 -31.08 -48.39
CA GLY D 292 135.05 -32.27 -48.11
C GLY D 292 133.57 -32.20 -48.41
N GLY D 293 133.23 -32.20 -49.69
CA GLY D 293 131.83 -32.16 -50.08
C GLY D 293 131.50 -33.42 -50.85
N ALA D 294 132.18 -34.51 -50.51
CA ALA D 294 132.00 -35.80 -51.16
C ALA D 294 130.55 -36.20 -51.37
N LEU D 295 130.30 -36.90 -52.48
CA LEU D 295 128.96 -37.36 -52.83
C LEU D 295 128.77 -38.79 -52.37
N ASN D 296 127.69 -39.03 -51.64
CA ASN D 296 127.39 -40.36 -51.12
C ASN D 296 127.14 -41.37 -52.24
N PRO D 297 127.64 -42.60 -52.07
CA PRO D 297 127.48 -43.67 -53.06
C PRO D 297 126.04 -43.89 -53.50
N ASN D 298 125.13 -44.03 -52.55
CA ASN D 298 123.73 -44.24 -52.87
C ASN D 298 123.27 -43.19 -53.87
N ALA D 299 123.68 -41.95 -53.66
CA ALA D 299 123.31 -40.87 -54.56
C ALA D 299 123.88 -41.20 -55.93
N ALA D 300 125.20 -41.44 -55.95
CA ALA D 300 125.88 -41.77 -57.19
C ALA D 300 125.16 -42.86 -57.97
N TYR D 301 124.77 -43.92 -57.27
CA TYR D 301 124.07 -45.01 -57.93
C TYR D 301 122.81 -44.48 -58.57
N LEU D 302 121.98 -43.84 -57.77
CA LEU D 302 120.73 -43.28 -58.26
C LEU D 302 120.94 -42.56 -59.58
N ILE D 303 121.99 -41.75 -59.65
CA ILE D 303 122.27 -41.03 -60.87
C ILE D 303 122.64 -42.01 -61.99
N ILE D 304 123.57 -42.90 -61.71
CA ILE D 304 123.97 -43.89 -62.70
C ILE D 304 122.74 -44.58 -63.26
N ARG D 305 121.82 -44.93 -62.37
CA ARG D 305 120.60 -45.61 -62.76
C ARG D 305 119.78 -44.71 -63.67
N GLY D 306 119.74 -43.43 -63.32
CA GLY D 306 118.98 -42.49 -64.12
C GLY D 306 119.54 -42.36 -65.52
N MET D 307 120.84 -42.13 -65.59
CA MET D 307 121.52 -41.97 -66.86
C MET D 307 121.30 -43.14 -67.81
N LYS D 308 120.78 -44.24 -67.27
CA LYS D 308 120.52 -45.42 -68.09
C LYS D 308 119.48 -45.08 -69.15
N THR D 309 118.63 -44.09 -68.84
CA THR D 309 117.58 -43.67 -69.76
C THR D 309 117.69 -42.19 -70.08
N LEU D 310 118.90 -41.67 -70.08
CA LEU D 310 119.10 -40.26 -70.38
C LEU D 310 118.54 -39.91 -71.75
N HIS D 311 119.16 -40.42 -72.80
CA HIS D 311 118.72 -40.13 -74.17
C HIS D 311 117.20 -40.22 -74.28
N LEU D 312 116.67 -41.39 -73.98
CA LEU D 312 115.23 -41.61 -74.04
C LEU D 312 114.47 -40.42 -73.49
N ARG D 313 114.84 -39.98 -72.29
CA ARG D 313 114.19 -38.84 -71.66
C ARG D 313 114.41 -37.56 -72.44
N VAL D 314 115.65 -37.08 -72.43
CA VAL D 314 116.00 -35.86 -73.13
C VAL D 314 115.25 -35.73 -74.44
N GLN D 315 115.31 -36.79 -75.25
CA GLN D 315 114.62 -36.81 -76.54
C GLN D 315 113.19 -36.32 -76.33
N GLN D 316 112.41 -37.13 -75.62
CA GLN D 316 111.01 -36.81 -75.33
C GLN D 316 110.82 -35.39 -74.84
N GLN D 317 111.66 -34.97 -73.90
CA GLN D 317 111.56 -33.63 -73.35
C GLN D 317 111.81 -32.58 -74.43
N ASN D 318 112.87 -32.76 -75.20
CA ASN D 318 113.20 -31.83 -76.27
C ASN D 318 111.99 -31.58 -77.15
N SER D 319 111.32 -32.65 -77.55
CA SER D 319 110.13 -32.54 -78.40
C SER D 319 109.05 -31.75 -77.72
N THR D 320 108.41 -32.36 -76.72
CA THR D 320 107.33 -31.70 -75.98
C THR D 320 107.60 -30.22 -75.80
N ALA D 321 108.85 -29.89 -75.44
CA ALA D 321 109.23 -28.49 -75.25
C ALA D 321 108.93 -27.72 -76.51
N LEU D 322 109.68 -28.01 -77.58
CA LEU D 322 109.50 -27.35 -78.86
C LEU D 322 108.03 -27.15 -79.22
N ARG D 323 107.35 -28.24 -79.55
CA ARG D 323 105.93 -28.18 -79.92
C ARG D 323 105.15 -27.22 -79.01
N MET D 324 105.14 -27.51 -77.71
CA MET D 324 104.43 -26.67 -76.77
C MET D 324 104.87 -25.22 -76.89
N ALA D 325 106.15 -25.01 -77.12
CA ALA D 325 106.68 -23.66 -77.26
C ALA D 325 105.87 -22.92 -78.30
N GLU D 326 106.01 -23.35 -79.55
CA GLU D 326 105.28 -22.74 -80.66
C GLU D 326 103.83 -22.57 -80.24
N ILE D 327 103.17 -23.67 -79.90
CA ILE D 327 101.79 -23.63 -79.49
C ILE D 327 101.55 -22.49 -78.51
N LEU D 328 102.50 -22.30 -77.62
CA LEU D 328 102.39 -21.24 -76.65
C LEU D 328 102.59 -19.89 -77.30
N GLU D 329 103.63 -19.78 -78.13
CA GLU D 329 103.94 -18.54 -78.81
C GLU D 329 102.74 -18.06 -79.62
N ALA D 330 102.07 -19.01 -80.28
CA ALA D 330 100.91 -18.71 -81.10
C ALA D 330 99.69 -18.32 -80.25
N HIS D 331 99.64 -18.84 -79.03
CA HIS D 331 98.51 -18.53 -78.16
C HIS D 331 98.42 -17.02 -77.90
N PRO D 332 97.19 -16.49 -77.89
CA PRO D 332 96.94 -15.06 -77.65
C PRO D 332 97.25 -14.58 -76.23
N LYS D 333 96.82 -15.35 -75.24
CA LYS D 333 97.06 -14.97 -73.85
C LYS D 333 98.53 -15.01 -73.49
N VAL D 334 99.34 -15.57 -74.39
CA VAL D 334 100.78 -15.67 -74.16
C VAL D 334 101.50 -14.47 -74.75
N ARG D 335 101.90 -13.53 -73.90
CA ARG D 335 102.61 -12.34 -74.35
C ARG D 335 103.93 -12.64 -75.05
N HIS D 336 104.78 -13.41 -74.38
CA HIS D 336 106.09 -13.75 -74.94
C HIS D 336 106.52 -15.14 -74.52
N VAL D 337 107.38 -15.76 -75.34
CA VAL D 337 107.88 -17.09 -75.05
C VAL D 337 109.38 -17.19 -75.34
N TYR D 338 110.11 -17.84 -74.45
CA TYR D 338 111.54 -17.99 -74.61
C TYR D 338 111.92 -19.45 -74.81
N TYR D 339 112.67 -19.71 -75.87
CA TYR D 339 113.12 -21.06 -76.19
C TYR D 339 114.03 -21.03 -77.41
N PRO D 340 115.28 -21.46 -77.25
CA PRO D 340 116.25 -21.49 -78.34
C PRO D 340 115.72 -22.15 -79.60
N GLY D 341 114.74 -23.03 -79.43
CA GLY D 341 114.16 -23.72 -80.57
C GLY D 341 113.43 -22.81 -81.52
N LEU D 342 112.79 -21.77 -80.98
CA LEU D 342 112.04 -20.84 -81.81
C LEU D 342 112.98 -19.86 -82.49
N GLN D 343 112.51 -19.26 -83.58
CA GLN D 343 113.29 -18.30 -84.32
C GLN D 343 113.20 -16.97 -83.58
N SER D 344 112.09 -16.78 -82.88
CA SER D 344 111.87 -15.57 -82.12
C SER D 344 112.97 -15.37 -81.08
N HIS D 345 113.71 -16.44 -80.80
CA HIS D 345 114.78 -16.36 -79.82
C HIS D 345 116.01 -15.68 -80.40
N PRO D 346 116.54 -14.66 -79.69
CA PRO D 346 117.72 -13.88 -80.08
C PRO D 346 118.89 -14.69 -80.64
N GLU D 347 119.41 -15.61 -79.83
CA GLU D 347 120.54 -16.42 -80.27
C GLU D 347 120.11 -17.72 -80.95
N HIS D 348 118.88 -17.75 -81.43
CA HIS D 348 118.35 -18.94 -82.10
C HIS D 348 119.36 -19.52 -83.09
N HIS D 349 119.95 -18.67 -83.90
CA HIS D 349 120.92 -19.11 -84.90
C HIS D 349 122.09 -19.83 -84.25
N ILE D 350 122.58 -19.31 -83.13
CA ILE D 350 123.69 -19.93 -82.43
C ILE D 350 123.22 -21.26 -81.88
N ALA D 351 122.00 -21.27 -81.33
CA ALA D 351 121.44 -22.48 -80.77
C ALA D 351 121.51 -23.59 -81.81
N LYS D 352 121.09 -23.28 -83.02
CA LYS D 352 121.10 -24.25 -84.10
C LYS D 352 122.53 -24.67 -84.45
N LYS D 353 123.42 -23.71 -84.50
CA LYS D 353 124.80 -23.99 -84.85
C LYS D 353 125.57 -24.85 -83.86
N GLN D 354 125.24 -24.75 -82.58
CA GLN D 354 125.97 -25.55 -81.59
C GLN D 354 125.17 -26.62 -80.85
N MET D 355 123.84 -26.51 -80.87
CA MET D 355 123.03 -27.51 -80.20
C MET D 355 122.36 -28.46 -81.18
N THR D 356 121.84 -29.56 -80.67
CA THR D 356 121.15 -30.54 -81.48
C THR D 356 119.79 -30.72 -80.86
N GLY D 357 119.55 -29.94 -79.80
CA GLY D 357 118.29 -29.97 -79.09
C GLY D 357 118.18 -28.64 -78.37
N PHE D 358 117.10 -28.44 -77.63
CA PHE D 358 116.91 -27.18 -76.92
C PHE D 358 116.36 -27.37 -75.52
N GLY D 359 116.58 -28.55 -74.97
CA GLY D 359 116.11 -28.84 -73.63
C GLY D 359 114.61 -29.01 -73.53
N GLY D 360 114.14 -29.18 -72.30
CA GLY D 360 112.71 -29.34 -72.07
C GLY D 360 112.22 -28.24 -71.16
N ALA D 361 112.98 -27.16 -71.13
CA ALA D 361 112.62 -26.02 -70.28
C ALA D 361 112.15 -24.89 -71.17
N VAL D 362 111.03 -24.28 -70.79
CA VAL D 362 110.47 -23.18 -71.55
C VAL D 362 109.96 -22.09 -70.63
N SER D 363 110.36 -20.86 -70.92
CA SER D 363 109.94 -19.72 -70.13
C SER D 363 109.05 -18.85 -70.99
N PHE D 364 108.06 -18.21 -70.38
CA PHE D 364 107.16 -17.36 -71.13
C PHE D 364 106.39 -16.43 -70.22
N GLU D 365 106.06 -15.26 -70.74
CA GLU D 365 105.31 -14.27 -69.98
C GLU D 365 103.84 -14.36 -70.37
N VAL D 366 102.96 -14.39 -69.37
CA VAL D 366 101.53 -14.48 -69.62
C VAL D 366 100.94 -13.09 -69.75
N ASP D 367 99.97 -12.93 -70.64
CA ASP D 367 99.34 -11.63 -70.84
C ASP D 367 98.45 -11.28 -69.64
N GLY D 368 99.09 -10.97 -68.51
CA GLY D 368 98.34 -10.62 -67.31
C GLY D 368 99.23 -9.97 -66.27
N ASP D 369 98.76 -9.93 -65.03
CA ASP D 369 99.54 -9.33 -63.96
C ASP D 369 99.91 -10.39 -62.93
N LEU D 370 100.74 -10.01 -61.97
CA LEU D 370 101.19 -10.91 -60.93
C LEU D 370 100.08 -11.88 -60.50
N LEU D 371 99.05 -11.33 -59.87
CA LEU D 371 97.93 -12.15 -59.42
C LEU D 371 97.40 -13.05 -60.53
N THR D 372 97.14 -12.48 -61.70
CA THR D 372 96.62 -13.24 -62.83
C THR D 372 97.53 -14.40 -63.20
N THR D 373 98.80 -14.12 -63.44
CA THR D 373 99.74 -15.16 -63.80
C THR D 373 99.63 -16.30 -62.79
N ALA D 374 99.62 -15.95 -61.50
CA ALA D 374 99.50 -16.94 -60.46
C ALA D 374 98.28 -17.81 -60.73
N LYS D 375 97.15 -17.15 -60.99
CA LYS D 375 95.91 -17.85 -61.29
C LYS D 375 96.15 -18.91 -62.35
N PHE D 376 97.02 -18.60 -63.30
CA PHE D 376 97.33 -19.54 -64.36
C PHE D 376 97.97 -20.79 -63.79
N VAL D 377 99.14 -20.64 -63.19
CA VAL D 377 99.84 -21.77 -62.62
C VAL D 377 98.95 -22.56 -61.67
N ASP D 378 98.15 -21.84 -60.88
CA ASP D 378 97.23 -22.48 -59.93
C ASP D 378 96.25 -23.40 -60.65
N ALA D 379 95.96 -23.07 -61.89
CA ALA D 379 95.02 -23.84 -62.69
C ALA D 379 95.61 -25.16 -63.16
N LEU D 380 96.90 -25.16 -63.46
CA LEU D 380 97.58 -26.36 -63.92
C LEU D 380 97.32 -27.52 -62.97
N LYS D 381 97.18 -28.72 -63.52
CA LYS D 381 96.91 -29.90 -62.70
C LYS D 381 98.00 -30.97 -62.74
N ILE D 382 98.91 -30.87 -63.68
CA ILE D 382 99.97 -31.87 -63.79
C ILE D 382 101.29 -31.48 -63.17
N PRO D 383 101.89 -30.37 -63.63
CA PRO D 383 103.19 -29.96 -63.07
C PRO D 383 103.12 -29.58 -61.60
N TYR D 384 104.22 -29.81 -60.89
CA TYR D 384 104.31 -29.48 -59.47
C TYR D 384 104.85 -28.06 -59.37
N ILE D 385 104.35 -27.31 -58.39
CA ILE D 385 104.85 -25.95 -58.20
C ILE D 385 106.04 -26.01 -57.28
N ALA D 386 107.24 -25.85 -57.85
CA ALA D 386 108.45 -25.90 -57.04
C ALA D 386 109.68 -25.55 -57.88
N PRO D 387 110.84 -25.31 -57.24
CA PRO D 387 112.05 -24.98 -58.00
C PRO D 387 112.52 -26.23 -58.75
N SER D 388 113.81 -26.32 -59.03
CA SER D 388 114.34 -27.49 -59.74
C SER D 388 113.65 -27.72 -61.08
N PHE D 389 114.17 -28.67 -61.85
CA PHE D 389 113.63 -29.00 -63.17
C PHE D 389 114.42 -30.16 -63.78
N GLY D 390 113.91 -30.68 -64.89
CA GLY D 390 114.59 -31.78 -65.57
C GLY D 390 114.13 -33.18 -65.17
N GLY D 391 113.24 -33.26 -64.19
CA GLY D 391 112.76 -34.57 -63.76
C GLY D 391 111.63 -35.11 -64.61
N CYS D 392 111.33 -36.39 -64.43
CA CYS D 392 110.26 -37.02 -65.17
C CYS D 392 108.96 -36.27 -64.95
N GLU D 393 108.80 -35.75 -63.73
CA GLU D 393 107.60 -35.00 -63.40
C GLU D 393 107.76 -33.54 -63.84
N SER D 394 106.71 -32.99 -64.42
CA SER D 394 106.76 -31.61 -64.88
C SER D 394 106.73 -30.65 -63.70
N ILE D 395 107.30 -29.47 -63.90
CA ILE D 395 107.33 -28.46 -62.85
C ILE D 395 107.16 -27.07 -63.41
N VAL D 396 106.54 -26.20 -62.62
CA VAL D 396 106.31 -24.81 -63.01
C VAL D 396 106.57 -23.92 -61.82
N ASP D 397 106.81 -22.64 -62.08
CA ASP D 397 107.05 -21.69 -61.00
C ASP D 397 107.01 -20.25 -61.51
N GLN D 398 106.85 -19.33 -60.58
CA GLN D 398 106.81 -17.91 -60.90
C GLN D 398 108.04 -17.26 -60.25
N PRO D 399 109.18 -17.31 -60.93
CA PRO D 399 110.45 -16.75 -60.46
C PRO D 399 110.25 -15.53 -59.55
N ALA D 400 109.41 -14.61 -60.02
CA ALA D 400 109.13 -13.39 -59.27
C ALA D 400 108.87 -13.73 -57.81
N ILE D 401 108.15 -14.83 -57.60
CA ILE D 401 107.83 -15.28 -56.25
C ILE D 401 108.77 -16.40 -55.84
N MET D 402 108.77 -17.45 -56.65
CA MET D 402 109.61 -18.61 -56.38
C MET D 402 110.96 -18.29 -55.79
N SER D 403 111.68 -17.33 -56.37
CA SER D 403 113.00 -17.04 -55.85
C SER D 403 113.44 -15.59 -55.94
N TYR D 404 112.48 -14.69 -56.07
CA TYR D 404 112.82 -13.27 -56.15
C TYR D 404 111.88 -12.43 -55.33
N TRP D 405 110.95 -13.09 -54.66
CA TRP D 405 109.99 -12.41 -53.82
C TRP D 405 110.69 -11.57 -52.75
N ASP D 406 111.91 -11.97 -52.43
CA ASP D 406 112.70 -11.27 -51.43
C ASP D 406 113.11 -9.89 -51.92
N LEU D 407 112.98 -9.65 -53.22
CA LEU D 407 113.36 -8.37 -53.79
C LEU D 407 112.15 -7.48 -54.05
N SER D 408 112.43 -6.21 -54.33
CA SER D 408 111.39 -5.22 -54.60
C SER D 408 110.94 -5.29 -56.05
N GLN D 409 109.69 -4.90 -56.28
CA GLN D 409 109.12 -4.90 -57.63
C GLN D 409 110.07 -4.24 -58.62
N SER D 410 110.81 -3.25 -58.14
CA SER D 410 111.76 -2.52 -58.97
C SER D 410 113.05 -3.31 -59.20
N ASP D 411 113.72 -3.67 -58.12
CA ASP D 411 114.96 -4.43 -58.22
C ASP D 411 114.75 -5.70 -59.03
N ARG D 412 113.53 -6.26 -58.95
CA ARG D 412 113.22 -7.46 -59.69
C ARG D 412 113.43 -7.21 -61.17
N ALA D 413 112.85 -6.11 -61.66
CA ALA D 413 112.98 -5.75 -63.07
C ALA D 413 114.43 -5.55 -63.47
N LYS D 414 115.27 -5.25 -62.48
CA LYS D 414 116.68 -5.04 -62.74
C LYS D 414 117.27 -6.23 -63.49
N TYR D 415 116.60 -7.38 -63.39
CA TYR D 415 117.07 -8.59 -64.07
C TYR D 415 116.10 -9.12 -65.12
N GLY D 416 115.00 -8.40 -65.34
CA GLY D 416 114.04 -8.85 -66.34
C GLY D 416 112.97 -9.76 -65.76
N ILE D 417 113.10 -10.06 -64.47
CA ILE D 417 112.13 -10.93 -63.81
C ILE D 417 110.80 -10.20 -63.63
N MET D 418 109.86 -10.51 -64.52
CA MET D 418 108.53 -9.90 -64.48
C MET D 418 107.54 -10.79 -63.73
N ASP D 419 106.60 -10.16 -63.05
CA ASP D 419 105.58 -10.91 -62.32
C ASP D 419 104.81 -11.69 -63.37
N ASN D 420 105.19 -11.45 -64.62
CA ASN D 420 104.60 -12.06 -65.79
C ASN D 420 105.24 -13.42 -66.09
N LEU D 421 106.57 -13.40 -66.11
CA LEU D 421 107.38 -14.57 -66.40
C LEU D 421 106.95 -15.86 -65.70
N VAL D 422 107.04 -16.96 -66.45
CA VAL D 422 106.69 -18.27 -65.94
C VAL D 422 107.66 -19.30 -66.50
N ARG D 423 108.22 -20.12 -65.62
CA ARG D 423 109.14 -21.15 -66.04
C ARG D 423 108.41 -22.48 -66.04
N PHE D 424 108.62 -23.25 -67.10
CA PHE D 424 107.97 -24.55 -67.23
C PHE D 424 108.94 -25.65 -67.62
N SER D 425 109.22 -26.54 -66.67
CA SER D 425 110.11 -27.66 -66.93
C SER D 425 109.20 -28.81 -67.34
N PHE D 426 109.11 -29.03 -68.64
CA PHE D 426 108.26 -30.09 -69.13
C PHE D 426 108.77 -31.44 -68.67
N GLY D 427 107.91 -32.16 -67.96
CA GLY D 427 108.27 -33.48 -67.47
C GLY D 427 108.39 -34.43 -68.64
N VAL D 428 108.18 -35.72 -68.39
CA VAL D 428 108.28 -36.71 -69.44
C VAL D 428 106.89 -37.28 -69.77
N GLU D 429 105.86 -36.72 -69.15
CA GLU D 429 104.49 -37.14 -69.37
C GLU D 429 104.15 -37.06 -70.85
N ASP D 430 102.97 -37.57 -71.23
CA ASP D 430 102.58 -37.56 -72.63
C ASP D 430 102.18 -36.16 -73.08
N PHE D 431 102.73 -35.74 -74.21
CA PHE D 431 102.47 -34.43 -74.77
C PHE D 431 101.01 -33.97 -74.62
N ASP D 432 100.13 -34.62 -75.37
CA ASP D 432 98.71 -34.29 -75.34
C ASP D 432 98.20 -34.01 -73.93
N ASP D 433 98.49 -34.93 -73.00
CA ASP D 433 98.06 -34.79 -71.63
C ASP D 433 98.53 -33.47 -71.05
N LEU D 434 99.76 -33.09 -71.39
CA LEU D 434 100.37 -31.85 -70.93
C LEU D 434 99.76 -30.64 -71.63
N LYS D 435 99.85 -30.64 -72.95
CA LYS D 435 99.29 -29.55 -73.74
C LYS D 435 97.89 -29.24 -73.22
N ALA D 436 97.01 -30.22 -73.32
CA ALA D 436 95.63 -30.06 -72.87
C ALA D 436 95.57 -29.34 -71.52
N ASP D 437 96.43 -29.75 -70.59
CA ASP D 437 96.47 -29.14 -69.27
C ASP D 437 96.80 -27.66 -69.38
N ILE D 438 97.92 -27.37 -70.04
CA ILE D 438 98.35 -25.99 -70.20
C ILE D 438 97.24 -25.15 -70.81
N LEU D 439 96.74 -25.58 -71.96
CA LEU D 439 95.68 -24.86 -72.64
C LEU D 439 94.49 -24.61 -71.72
N GLN D 440 93.89 -25.70 -71.24
CA GLN D 440 92.75 -25.59 -70.34
C GLN D 440 93.07 -24.57 -69.24
N ALA D 441 94.35 -24.53 -68.87
CA ALA D 441 94.81 -23.62 -67.82
C ALA D 441 94.68 -22.15 -68.22
N LEU D 442 94.76 -21.87 -69.51
CA LEU D 442 94.65 -20.51 -69.98
C LEU D 442 93.20 -20.06 -70.13
N ASP D 443 92.32 -21.02 -70.41
CA ASP D 443 90.90 -20.72 -70.57
C ASP D 443 90.28 -20.26 -69.27
N SER D 444 91.11 -20.00 -68.26
CA SER D 444 90.63 -19.56 -66.96
C SER D 444 90.91 -18.10 -66.70
N ILE D 445 91.12 -17.32 -67.77
CA ILE D 445 91.40 -15.90 -67.64
C ILE D 445 91.02 -15.13 -68.90
N TYR E 50 -27.90 42.66 -34.63
CA TYR E 50 -28.09 41.48 -33.73
C TYR E 50 -28.56 40.27 -34.53
N ALA E 51 -29.38 39.45 -33.90
CA ALA E 51 -29.92 38.26 -34.54
C ALA E 51 -30.57 38.65 -35.85
N SER E 52 -30.45 37.76 -36.83
CA SER E 52 -31.02 37.99 -38.15
C SER E 52 -32.51 37.66 -38.20
N PHE E 53 -32.95 36.77 -37.31
CA PHE E 53 -34.36 36.40 -37.28
C PHE E 53 -35.19 37.42 -36.52
N LEU E 54 -34.66 38.63 -36.40
CA LEU E 54 -35.33 39.71 -35.72
C LEU E 54 -35.17 40.94 -36.60
N ASN E 55 -36.26 41.43 -37.16
CA ASN E 55 -36.19 42.59 -38.05
C ASN E 55 -37.02 43.79 -37.60
N SER E 56 -37.71 43.67 -36.48
CA SER E 56 -38.52 44.78 -35.99
C SER E 56 -37.90 45.38 -34.74
N ASP E 57 -37.83 46.70 -34.72
CA ASP E 57 -37.26 47.42 -33.59
C ASP E 57 -37.77 46.83 -32.28
N GLY E 58 -39.09 46.70 -32.16
CA GLY E 58 -39.67 46.14 -30.96
C GLY E 58 -39.04 44.85 -30.50
N SER E 59 -39.03 43.85 -31.39
CA SER E 59 -38.46 42.56 -31.08
C SER E 59 -37.03 42.69 -30.57
N VAL E 60 -36.27 43.59 -31.19
CA VAL E 60 -34.90 43.81 -30.79
C VAL E 60 -34.89 44.39 -29.39
N ALA E 61 -35.56 45.51 -29.21
CA ALA E 61 -35.63 46.18 -27.91
C ALA E 61 -36.00 45.17 -26.83
N ILE E 62 -36.52 44.03 -27.25
CA ILE E 62 -36.91 43.00 -26.30
C ILE E 62 -35.82 41.97 -26.10
N HIS E 63 -35.29 41.45 -27.21
CA HIS E 63 -34.28 40.42 -27.13
C HIS E 63 -32.83 40.84 -27.43
N ALA E 64 -32.62 42.09 -27.81
CA ALA E 64 -31.27 42.57 -28.12
C ALA E 64 -30.33 42.37 -26.94
N GLY E 65 -29.23 41.66 -27.18
CA GLY E 65 -28.25 41.41 -26.14
C GLY E 65 -28.72 40.49 -25.03
N GLU E 66 -29.66 39.61 -25.34
CA GLU E 66 -30.18 38.69 -24.35
C GLU E 66 -30.51 37.32 -24.94
N ARG E 67 -31.60 37.25 -25.71
CA ARG E 67 -32.04 36.01 -26.32
C ARG E 67 -30.92 35.05 -26.70
N LEU E 68 -29.90 35.56 -27.37
CA LEU E 68 -28.78 34.72 -27.80
C LEU E 68 -27.88 34.33 -26.63
N GLY E 69 -27.11 35.30 -26.13
CA GLY E 69 -26.22 35.03 -25.02
C GLY E 69 -26.14 36.24 -24.10
N ARG E 70 -25.52 36.07 -22.94
CA ARG E 70 -25.40 37.18 -22.00
C ARG E 70 -24.03 37.27 -21.36
N GLY E 71 -23.19 36.29 -21.61
CA GLY E 71 -21.86 36.31 -21.02
C GLY E 71 -21.93 36.21 -19.51
N ILE E 72 -23.10 35.81 -19.01
CA ILE E 72 -23.33 35.65 -17.58
C ILE E 72 -24.05 34.32 -17.35
N VAL E 73 -24.12 33.52 -18.41
CA VAL E 73 -24.73 32.19 -18.42
C VAL E 73 -25.76 31.84 -17.33
N THR E 74 -27.00 31.63 -17.76
CA THR E 74 -28.09 31.26 -16.84
C THR E 74 -29.27 30.71 -17.62
N ASP E 75 -30.03 29.83 -16.99
CA ASP E 75 -31.21 29.27 -17.62
C ASP E 75 -32.38 30.20 -17.31
N ALA E 76 -32.04 31.39 -16.81
CA ALA E 76 -33.04 32.40 -16.46
C ALA E 76 -33.46 33.20 -17.68
N ILE E 77 -34.73 33.58 -17.74
CA ILE E 77 -35.24 34.35 -18.86
C ILE E 77 -34.71 35.78 -18.82
N THR E 78 -34.84 36.41 -17.66
CA THR E 78 -34.40 37.79 -17.48
C THR E 78 -32.91 37.90 -17.24
N THR E 79 -32.40 39.13 -17.25
CA THR E 79 -30.99 39.38 -17.01
C THR E 79 -30.78 39.51 -15.49
N PRO E 80 -29.85 38.73 -14.93
CA PRO E 80 -29.59 38.79 -13.49
C PRO E 80 -28.92 40.09 -13.10
N VAL E 81 -29.29 40.61 -11.93
CA VAL E 81 -28.72 41.86 -11.43
C VAL E 81 -27.48 41.59 -10.57
N VAL E 82 -26.31 41.94 -11.10
CA VAL E 82 -25.05 41.74 -10.40
C VAL E 82 -24.68 42.96 -9.55
N ASN E 83 -24.72 42.79 -8.24
CA ASN E 83 -24.40 43.86 -7.31
C ASN E 83 -23.00 43.74 -6.71
N THR E 84 -21.98 43.90 -7.54
CA THR E 84 -20.61 43.79 -7.05
C THR E 84 -19.87 45.12 -7.20
N SER E 85 -18.94 45.38 -6.29
CA SER E 85 -18.16 46.60 -6.32
C SER E 85 -16.83 46.36 -7.02
N ALA E 86 -16.51 45.09 -7.25
CA ALA E 86 -15.27 44.72 -7.91
C ALA E 86 -15.31 43.28 -8.40
N TYR E 87 -14.30 42.89 -9.19
CA TYR E 87 -14.22 41.54 -9.73
C TYR E 87 -12.88 40.91 -9.40
N PHE E 88 -12.91 39.67 -8.94
CA PHE E 88 -11.70 38.96 -8.56
C PHE E 88 -11.10 38.13 -9.68
N PHE E 89 -9.95 37.53 -9.37
CA PHE E 89 -9.25 36.67 -10.30
C PHE E 89 -8.87 35.41 -9.56
N ASN E 90 -8.89 34.28 -10.27
CA ASN E 90 -8.56 33.00 -9.66
C ASN E 90 -7.10 32.92 -9.24
N LYS E 91 -6.21 33.41 -10.11
CA LYS E 91 -4.77 33.39 -9.81
C LYS E 91 -4.04 34.50 -10.53
N THR E 92 -2.94 34.95 -9.96
CA THR E 92 -2.14 36.04 -10.53
C THR E 92 -1.93 35.87 -12.02
N SER E 93 -1.55 34.66 -12.44
CA SER E 93 -1.33 34.39 -13.85
C SER E 93 -2.47 34.94 -14.70
N GLU E 94 -3.70 34.71 -14.22
CA GLU E 94 -4.88 35.19 -14.94
C GLU E 94 -4.92 36.72 -14.94
N LEU E 95 -4.68 37.31 -13.77
CA LEU E 95 -4.68 38.77 -13.64
C LEU E 95 -3.73 39.37 -14.66
N ILE E 96 -2.57 38.74 -14.81
CA ILE E 96 -1.56 39.20 -15.76
C ILE E 96 -2.14 39.11 -17.16
N ASP E 97 -2.70 37.95 -17.50
CA ASP E 97 -3.30 37.75 -18.81
C ASP E 97 -4.23 38.92 -19.13
N PHE E 98 -5.17 39.19 -18.23
CA PHE E 98 -6.13 40.28 -18.43
C PHE E 98 -5.43 41.62 -18.63
N LYS E 99 -4.53 41.95 -17.71
CA LYS E 99 -3.79 43.21 -17.79
C LYS E 99 -2.98 43.27 -19.08
N GLU E 100 -2.61 42.09 -19.59
CA GLU E 100 -1.84 42.01 -20.82
C GLU E 100 -2.80 41.90 -22.00
N LYS E 101 -4.09 42.07 -21.72
CA LYS E 101 -5.13 41.99 -22.73
C LYS E 101 -5.23 40.61 -23.40
N ARG E 102 -5.29 39.57 -22.58
CA ARG E 102 -5.39 38.19 -23.07
C ARG E 102 -6.63 37.51 -22.51
N ARG E 103 -7.26 38.18 -21.53
CA ARG E 103 -8.47 37.68 -20.90
C ARG E 103 -9.51 38.80 -20.80
N ALA E 104 -10.75 38.43 -20.49
CA ALA E 104 -11.84 39.40 -20.37
C ALA E 104 -12.33 39.57 -18.94
N SER E 105 -12.46 40.81 -18.51
CA SER E 105 -12.93 41.15 -17.16
C SER E 105 -13.14 42.65 -17.04
N PHE E 106 -14.02 43.05 -16.13
CA PHE E 106 -14.31 44.45 -15.92
C PHE E 106 -13.29 45.05 -14.97
N GLU E 107 -12.61 44.18 -14.22
CA GLU E 107 -11.60 44.62 -13.25
C GLU E 107 -12.25 45.31 -12.05
N TYR E 108 -12.87 46.47 -12.29
CA TYR E 108 -13.54 47.23 -11.25
C TYR E 108 -14.98 47.56 -11.64
N GLY E 109 -15.84 47.75 -10.64
CA GLY E 109 -17.23 48.05 -10.90
C GLY E 109 -17.44 49.34 -11.69
N ARG E 110 -16.47 50.24 -11.61
CA ARG E 110 -16.55 51.51 -12.31
C ARG E 110 -16.17 51.33 -13.78
N TYR E 111 -15.50 50.22 -14.07
CA TYR E 111 -15.08 49.92 -15.43
C TYR E 111 -16.09 49.05 -16.19
N GLY E 112 -17.24 48.80 -15.57
CA GLY E 112 -18.26 47.98 -16.22
C GLY E 112 -19.03 47.05 -15.30
N ASN E 113 -19.97 46.31 -15.88
CA ASN E 113 -20.81 45.37 -15.11
C ASN E 113 -21.60 44.50 -16.08
N PRO E 114 -21.67 43.18 -15.82
CA PRO E 114 -22.40 42.24 -16.67
C PRO E 114 -23.86 42.63 -16.90
N THR E 115 -24.51 43.10 -15.85
CA THR E 115 -25.90 43.52 -15.93
C THR E 115 -26.03 44.75 -16.82
N THR E 116 -25.02 45.61 -16.77
CA THR E 116 -25.03 46.82 -17.56
C THR E 116 -24.74 46.58 -19.04
N VAL E 117 -23.66 45.87 -19.33
CA VAL E 117 -23.29 45.60 -20.71
C VAL E 117 -24.48 45.13 -21.53
N VAL E 118 -25.39 44.40 -20.90
CA VAL E 118 -26.58 43.91 -21.60
C VAL E 118 -27.28 45.13 -22.18
N LEU E 119 -27.76 45.98 -21.29
CA LEU E 119 -28.45 47.20 -21.69
C LEU E 119 -27.60 47.96 -22.69
N GLU E 120 -26.29 47.92 -22.50
CA GLU E 120 -25.38 48.61 -23.41
C GLU E 120 -25.52 48.05 -24.81
N GLU E 121 -25.38 46.73 -24.93
CA GLU E 121 -25.49 46.06 -26.22
C GLU E 121 -26.88 46.23 -26.79
N LYS E 122 -27.88 46.15 -25.93
CA LYS E 122 -29.26 46.31 -26.37
C LYS E 122 -29.38 47.61 -27.15
N ILE E 123 -29.17 48.73 -26.47
CA ILE E 123 -29.25 50.03 -27.10
C ILE E 123 -28.40 50.05 -28.36
N SER E 124 -27.18 49.53 -28.25
CA SER E 124 -26.27 49.49 -29.37
C SER E 124 -26.95 48.89 -30.58
N ALA E 125 -27.76 47.86 -30.35
CA ALA E 125 -28.48 47.19 -31.42
C ALA E 125 -29.61 48.06 -31.98
N LEU E 126 -30.37 48.68 -31.08
CA LEU E 126 -31.48 49.55 -31.48
C LEU E 126 -30.99 50.69 -32.35
N GLU E 127 -30.07 51.48 -31.82
CA GLU E 127 -29.50 52.60 -32.55
C GLU E 127 -28.67 52.12 -33.72
N GLY E 128 -28.45 50.81 -33.78
CA GLY E 128 -27.65 50.23 -34.85
C GLY E 128 -26.23 50.78 -34.81
N ALA E 129 -25.66 50.82 -33.61
CA ALA E 129 -24.31 51.35 -33.41
C ALA E 129 -23.26 50.28 -33.17
N GLU E 130 -22.00 50.72 -33.18
CA GLU E 130 -20.85 49.84 -32.95
C GLU E 130 -20.74 49.54 -31.47
N SER E 131 -21.00 50.56 -30.65
CA SER E 131 -20.91 50.42 -29.20
C SER E 131 -21.68 51.54 -28.49
N THR E 132 -22.13 51.27 -27.28
CA THR E 132 -22.87 52.26 -26.50
C THR E 132 -22.29 52.34 -25.09
N LEU E 133 -22.41 53.50 -24.47
CA LEU E 133 -21.91 53.68 -23.12
C LEU E 133 -23.05 54.14 -22.25
N LEU E 134 -22.98 53.88 -20.95
CA LEU E 134 -24.04 54.28 -20.05
C LEU E 134 -23.52 55.04 -18.85
N MET E 135 -24.04 56.24 -18.66
CA MET E 135 -23.65 57.06 -17.52
C MET E 135 -24.72 56.96 -16.46
N ALA E 136 -24.63 57.83 -15.46
CA ALA E 136 -25.60 57.82 -14.37
C ALA E 136 -26.77 58.72 -14.69
N SER E 137 -26.64 59.49 -15.77
CA SER E 137 -27.70 60.40 -16.19
C SER E 137 -27.31 61.14 -17.46
N GLY E 138 -28.31 61.41 -18.29
CA GLY E 138 -28.06 62.12 -19.52
C GLY E 138 -27.08 63.26 -19.31
N MET E 139 -27.38 64.12 -18.33
CA MET E 139 -26.51 65.24 -18.03
C MET E 139 -25.06 64.79 -18.00
N CYS E 140 -24.79 63.71 -17.26
CA CYS E 140 -23.44 63.20 -17.18
C CYS E 140 -22.94 62.89 -18.58
N ALA E 141 -23.73 62.10 -19.31
CA ALA E 141 -23.38 61.72 -20.67
C ALA E 141 -22.93 62.93 -21.49
N SER E 142 -23.85 63.81 -21.85
CA SER E 142 -23.49 64.99 -22.63
C SER E 142 -22.29 65.69 -22.03
N THR E 143 -22.38 66.03 -20.75
CA THR E 143 -21.31 66.70 -20.03
C THR E 143 -19.97 66.04 -20.28
N VAL E 144 -19.88 64.75 -20.00
CA VAL E 144 -18.64 64.02 -20.20
C VAL E 144 -18.21 64.09 -21.66
N MET E 145 -19.04 63.53 -22.52
CA MET E 145 -18.82 63.51 -23.96
C MET E 145 -18.15 64.79 -24.42
N LEU E 146 -18.64 65.92 -23.91
CA LEU E 146 -18.06 67.19 -24.28
C LEU E 146 -16.59 67.24 -23.87
N LEU E 147 -16.35 67.26 -22.57
CA LEU E 147 -14.98 67.32 -22.06
C LEU E 147 -14.14 66.21 -22.66
N ALA E 148 -14.81 65.18 -23.16
CA ALA E 148 -14.12 64.03 -23.74
C ALA E 148 -13.59 64.26 -25.15
N LEU E 149 -14.45 64.81 -26.01
CA LEU E 149 -14.07 65.03 -27.41
C LEU E 149 -13.51 66.42 -27.72
N VAL E 150 -14.14 67.46 -27.17
CA VAL E 150 -13.69 68.82 -27.42
C VAL E 150 -12.37 69.10 -26.70
N PRO E 151 -11.30 69.39 -27.46
CA PRO E 151 -10.00 69.68 -26.88
C PRO E 151 -10.00 71.05 -26.22
N ALA E 152 -8.90 71.39 -25.56
CA ALA E 152 -8.79 72.68 -24.89
C ALA E 152 -8.71 73.78 -25.93
N GLY E 153 -9.32 74.93 -25.65
CA GLY E 153 -9.29 76.03 -26.58
C GLY E 153 -10.03 75.72 -27.87
N GLY E 154 -10.63 74.54 -27.93
CA GLY E 154 -11.36 74.14 -29.12
C GLY E 154 -12.67 74.92 -29.30
N HIS E 155 -13.37 74.63 -30.38
CA HIS E 155 -14.63 75.30 -30.68
C HIS E 155 -15.73 74.29 -30.96
N ILE E 156 -16.95 74.64 -30.56
CA ILE E 156 -18.10 73.77 -30.76
C ILE E 156 -19.32 74.58 -31.21
N VAL E 157 -20.14 73.98 -32.06
CA VAL E 157 -21.34 74.65 -32.55
C VAL E 157 -22.56 73.94 -32.00
N THR E 158 -23.52 74.73 -31.54
CA THR E 158 -24.75 74.18 -30.99
C THR E 158 -25.92 75.11 -31.25
N THR E 159 -27.10 74.53 -31.33
CA THR E 159 -28.32 75.29 -31.59
C THR E 159 -28.75 76.13 -30.40
N THR E 160 -29.62 77.10 -30.66
CA THR E 160 -30.11 77.98 -29.61
C THR E 160 -30.99 77.22 -28.64
N ASP E 161 -31.95 76.48 -29.18
CA ASP E 161 -32.88 75.69 -28.37
C ASP E 161 -32.11 74.55 -27.72
N CYS E 162 -31.88 74.64 -26.41
CA CYS E 162 -31.15 73.61 -25.68
C CYS E 162 -31.77 73.33 -24.33
N TYR E 163 -31.30 72.27 -23.69
CA TYR E 163 -31.79 71.90 -22.37
C TYR E 163 -31.14 72.85 -21.37
N ARG E 164 -31.97 73.61 -20.66
CA ARG E 164 -31.49 74.58 -19.67
C ARG E 164 -30.11 74.26 -19.11
N LYS E 165 -30.01 73.14 -18.40
CA LYS E 165 -28.74 72.73 -17.81
C LYS E 165 -27.63 72.67 -18.86
N THR E 166 -27.79 71.78 -19.85
CA THR E 166 -26.78 71.63 -20.91
C THR E 166 -26.21 72.97 -21.32
N ARG E 167 -27.10 73.97 -21.40
CA ARG E 167 -26.69 75.32 -21.77
C ARG E 167 -25.60 75.79 -20.82
N ILE E 168 -26.00 75.97 -19.57
CA ILE E 168 -25.09 76.42 -18.53
C ILE E 168 -23.70 75.79 -18.61
N PHE E 169 -23.64 74.47 -18.63
CA PHE E 169 -22.37 73.76 -18.69
C PHE E 169 -21.49 74.32 -19.78
N ILE E 170 -22.09 74.61 -20.93
CA ILE E 170 -21.35 75.14 -22.05
C ILE E 170 -21.02 76.61 -21.84
N GLU E 171 -21.92 77.33 -21.20
CA GLU E 171 -21.73 78.75 -20.96
C GLU E 171 -20.93 79.09 -19.72
N THR E 172 -20.60 78.09 -18.90
CA THR E 172 -19.86 78.36 -17.67
C THR E 172 -18.69 77.43 -17.36
N ILE E 173 -18.78 76.17 -17.78
CA ILE E 173 -17.70 75.23 -17.51
C ILE E 173 -16.72 75.16 -18.67
N LEU E 174 -17.22 74.81 -19.85
CA LEU E 174 -16.36 74.70 -21.03
C LEU E 174 -15.43 75.90 -21.22
N PRO E 175 -15.92 77.13 -20.94
CA PRO E 175 -15.05 78.30 -21.11
C PRO E 175 -13.78 78.18 -20.28
N LYS E 176 -13.89 77.54 -19.11
CA LYS E 176 -12.74 77.35 -18.23
C LYS E 176 -11.61 76.68 -19.01
N MET E 177 -11.96 75.64 -19.77
CA MET E 177 -10.98 74.93 -20.57
C MET E 177 -10.68 75.72 -21.84
N GLY E 178 -11.12 76.98 -21.85
CA GLY E 178 -10.90 77.85 -22.99
C GLY E 178 -11.68 77.41 -24.22
N ILE E 179 -12.70 76.60 -24.01
CA ILE E 179 -13.52 76.11 -25.11
C ILE E 179 -14.61 77.11 -25.47
N THR E 180 -14.52 77.65 -26.68
CA THR E 180 -15.49 78.62 -27.16
C THR E 180 -16.53 77.91 -28.01
N ALA E 181 -17.73 78.48 -28.09
CA ALA E 181 -18.81 77.87 -28.87
C ALA E 181 -19.66 78.93 -29.57
N THR E 182 -20.34 78.51 -30.63
CA THR E 182 -21.20 79.38 -31.41
C THR E 182 -22.64 78.87 -31.40
N VAL E 183 -23.57 79.74 -31.03
CA VAL E 183 -24.98 79.39 -30.97
C VAL E 183 -25.75 79.84 -32.21
N ILE E 184 -26.35 78.88 -32.90
CA ILE E 184 -27.11 79.16 -34.11
C ILE E 184 -28.52 78.58 -34.05
N ASP E 185 -29.38 79.04 -34.95
CA ASP E 185 -30.75 78.55 -35.02
C ASP E 185 -30.75 77.16 -35.64
N PRO E 186 -31.62 76.27 -35.14
CA PRO E 186 -31.72 74.90 -35.67
C PRO E 186 -31.87 74.81 -37.18
N ALA E 187 -32.60 75.77 -37.74
CA ALA E 187 -32.84 75.79 -39.18
C ALA E 187 -31.73 76.47 -39.96
N ASP E 188 -31.30 77.64 -39.48
CA ASP E 188 -30.25 78.43 -40.13
C ASP E 188 -29.01 77.62 -40.53
N VAL E 189 -29.13 76.87 -41.62
CA VAL E 189 -28.02 76.06 -42.11
C VAL E 189 -26.88 76.97 -42.56
N GLY E 190 -27.24 78.18 -43.00
CA GLY E 190 -26.22 79.11 -43.44
C GLY E 190 -25.22 79.39 -42.34
N ALA E 191 -25.72 79.81 -41.19
CA ALA E 191 -24.86 80.12 -40.05
C ALA E 191 -23.88 78.99 -39.82
N LEU E 192 -24.38 77.76 -39.78
CA LEU E 192 -23.54 76.59 -39.56
C LEU E 192 -22.43 76.54 -40.61
N GLU E 193 -22.83 76.51 -41.88
CA GLU E 193 -21.85 76.46 -42.97
C GLU E 193 -20.85 77.59 -42.83
N LEU E 194 -21.37 78.77 -42.49
CA LEU E 194 -20.55 79.95 -42.31
C LEU E 194 -19.52 79.69 -41.21
N ALA E 195 -20.01 79.51 -40.00
CA ALA E 195 -19.15 79.25 -38.85
C ALA E 195 -18.23 78.08 -39.16
N LEU E 196 -18.73 77.13 -39.93
CA LEU E 196 -17.95 75.97 -40.31
C LEU E 196 -16.66 76.40 -40.99
N ASN E 197 -16.68 77.59 -41.60
CA ASN E 197 -15.51 78.11 -42.30
C ASN E 197 -14.74 79.14 -41.49
N GLN E 198 -15.46 80.05 -40.84
CA GLN E 198 -14.82 81.09 -40.04
C GLN E 198 -13.79 80.47 -39.09
N LYS E 199 -14.28 79.73 -38.10
CA LYS E 199 -13.41 79.08 -37.13
C LYS E 199 -13.23 77.61 -37.45
N LYS E 200 -12.46 76.92 -36.60
CA LYS E 200 -12.22 75.50 -36.77
C LYS E 200 -13.08 74.75 -35.76
N VAL E 201 -14.27 74.34 -36.19
CA VAL E 201 -15.20 73.62 -35.32
C VAL E 201 -14.74 72.19 -35.04
N ASN E 202 -14.78 71.83 -33.76
CA ASN E 202 -14.38 70.49 -33.33
C ASN E 202 -15.58 69.56 -33.38
N LEU E 203 -16.75 70.06 -33.01
CA LEU E 203 -17.95 69.26 -33.02
C LEU E 203 -19.23 70.09 -32.96
N PHE E 204 -20.23 69.64 -33.71
CA PHE E 204 -21.53 70.29 -33.74
C PHE E 204 -22.45 69.45 -32.88
N PHE E 205 -22.98 70.06 -31.82
CA PHE E 205 -23.85 69.34 -30.90
C PHE E 205 -25.22 69.96 -30.80
N THR E 206 -26.25 69.12 -30.92
CA THR E 206 -27.62 69.58 -30.83
C THR E 206 -28.60 68.42 -30.74
N GLU E 207 -29.77 68.69 -30.18
CA GLU E 207 -30.79 67.67 -30.07
C GLU E 207 -31.91 67.91 -31.08
N SER E 208 -32.46 66.83 -31.63
CA SER E 208 -33.53 66.93 -32.61
C SER E 208 -34.44 65.72 -32.45
N PRO E 209 -35.73 65.96 -32.13
CA PRO E 209 -36.35 67.27 -31.93
C PRO E 209 -35.67 68.08 -30.84
N THR E 210 -35.88 69.38 -30.88
CA THR E 210 -35.30 70.30 -29.92
C THR E 210 -36.28 70.51 -28.77
N ASN E 211 -35.88 71.32 -27.78
CA ASN E 211 -36.74 71.59 -26.64
C ASN E 211 -36.81 73.10 -26.42
N PRO E 212 -38.01 73.63 -26.14
CA PRO E 212 -39.30 72.94 -26.02
C PRO E 212 -40.15 73.12 -27.28
N PHE E 213 -39.53 73.61 -28.35
CA PHE E 213 -40.24 73.83 -29.60
C PHE E 213 -40.04 72.70 -30.59
N LEU E 214 -39.52 71.59 -30.10
CA LEU E 214 -39.29 70.42 -30.93
C LEU E 214 -38.77 70.71 -32.33
N ARG E 215 -38.00 71.78 -32.48
CA ARG E 215 -37.44 72.10 -33.78
C ARG E 215 -36.53 70.94 -34.19
N CYS E 216 -36.58 70.53 -35.44
CA CYS E 216 -35.74 69.44 -35.90
C CYS E 216 -34.62 69.93 -36.78
N VAL E 217 -33.57 69.12 -36.90
CA VAL E 217 -32.43 69.49 -37.71
C VAL E 217 -32.23 68.45 -38.80
N ASP E 218 -32.02 68.90 -40.03
CA ASP E 218 -31.80 67.97 -41.12
C ASP E 218 -30.45 67.29 -40.91
N ILE E 219 -30.44 66.29 -40.04
CA ILE E 219 -29.23 65.55 -39.72
C ILE E 219 -28.40 65.31 -40.97
N GLU E 220 -28.89 64.42 -41.83
CA GLU E 220 -28.21 64.08 -43.07
C GLU E 220 -27.45 65.27 -43.64
N LEU E 221 -28.17 66.36 -43.89
CA LEU E 221 -27.57 67.56 -44.44
C LEU E 221 -26.43 68.03 -43.56
N VAL E 222 -26.78 68.43 -42.34
CA VAL E 222 -25.80 68.92 -41.40
C VAL E 222 -24.58 68.02 -41.29
N SER E 223 -24.81 66.73 -41.15
CA SER E 223 -23.72 65.77 -41.05
C SER E 223 -22.75 65.97 -42.20
N LYS E 224 -23.28 66.11 -43.41
CA LYS E 224 -22.46 66.31 -44.59
C LYS E 224 -21.62 67.58 -44.46
N LEU E 225 -22.29 68.71 -44.26
CA LEU E 225 -21.61 69.99 -44.12
C LEU E 225 -20.49 69.92 -43.10
N CYS E 226 -20.77 69.30 -41.96
CA CYS E 226 -19.79 69.18 -40.90
C CYS E 226 -18.63 68.27 -41.30
N HIS E 227 -18.95 67.02 -41.64
CA HIS E 227 -17.91 66.06 -42.03
C HIS E 227 -17.01 66.61 -43.10
N GLU E 228 -17.52 67.57 -43.87
CA GLU E 228 -16.74 68.19 -44.93
C GLU E 228 -15.58 68.99 -44.32
N LYS E 229 -15.88 69.66 -43.20
CA LYS E 229 -14.88 70.47 -42.52
C LYS E 229 -14.24 69.72 -41.36
N GLY E 230 -14.42 68.40 -41.34
CA GLY E 230 -13.83 67.57 -40.30
C GLY E 230 -14.48 67.64 -38.93
N ALA E 231 -15.55 68.44 -38.80
CA ALA E 231 -16.25 68.57 -37.53
C ALA E 231 -17.00 67.30 -37.18
N LEU E 232 -17.37 67.15 -35.92
CA LEU E 232 -18.09 65.98 -35.47
C LEU E 232 -19.54 66.36 -35.19
N VAL E 233 -20.46 65.45 -35.46
CA VAL E 233 -21.87 65.73 -35.23
C VAL E 233 -22.44 64.81 -34.17
N CYS E 234 -22.87 65.40 -33.07
CA CYS E 234 -23.46 64.64 -31.98
C CYS E 234 -24.89 65.09 -31.77
N ILE E 235 -25.82 64.16 -31.94
CA ILE E 235 -27.23 64.46 -31.77
C ILE E 235 -27.83 63.85 -30.52
N ASP E 236 -28.70 64.61 -29.87
CA ASP E 236 -29.36 64.15 -28.66
C ASP E 236 -30.81 63.80 -29.02
N GLY E 237 -31.01 62.57 -29.48
CA GLY E 237 -32.34 62.15 -29.88
C GLY E 237 -33.24 61.74 -28.73
N THR E 238 -33.08 62.38 -27.58
CA THR E 238 -33.89 62.06 -26.42
C THR E 238 -35.37 62.03 -26.76
N PHE E 239 -35.89 63.17 -27.17
CA PHE E 239 -37.30 63.32 -27.53
C PHE E 239 -37.72 62.37 -28.65
N ALA E 240 -36.77 62.08 -29.55
CA ALA E 240 -37.06 61.19 -30.67
C ALA E 240 -37.25 59.75 -30.26
N THR E 241 -36.17 59.14 -29.75
CA THR E 241 -36.14 57.74 -29.33
C THR E 241 -35.61 56.98 -30.53
N PRO E 242 -34.74 55.98 -30.30
CA PRO E 242 -34.19 55.20 -31.42
C PRO E 242 -35.25 54.61 -32.34
N LEU E 243 -36.47 54.48 -31.83
CA LEU E 243 -37.57 53.93 -32.62
C LEU E 243 -38.09 54.92 -33.64
N ASN E 244 -38.13 56.20 -33.27
CA ASN E 244 -38.64 57.22 -34.19
C ASN E 244 -37.60 57.77 -35.16
N GLN E 245 -36.33 57.46 -34.94
CA GLN E 245 -35.27 57.94 -35.83
C GLN E 245 -33.90 57.35 -35.51
N LYS E 246 -33.09 57.13 -36.55
CA LYS E 246 -31.76 56.56 -36.39
C LYS E 246 -30.69 57.55 -36.82
N ALA E 247 -30.55 58.63 -36.06
CA ALA E 247 -29.57 59.67 -36.36
C ALA E 247 -28.27 59.12 -36.89
N LEU E 248 -27.81 58.01 -36.32
CA LEU E 248 -26.57 57.40 -36.76
C LEU E 248 -26.62 57.09 -38.25
N ALA E 249 -27.65 56.36 -38.66
CA ALA E 249 -27.82 56.00 -40.05
C ALA E 249 -27.93 57.27 -40.87
N LEU E 250 -28.49 58.31 -40.26
CA LEU E 250 -28.67 59.60 -40.92
C LEU E 250 -27.34 60.29 -41.20
N GLY E 251 -26.27 59.76 -40.61
CA GLY E 251 -24.96 60.34 -40.82
C GLY E 251 -24.30 60.84 -39.57
N ALA E 252 -25.08 61.07 -38.53
CA ALA E 252 -24.54 61.57 -37.26
C ALA E 252 -23.39 60.68 -36.78
N ASP E 253 -22.46 61.28 -36.04
CA ASP E 253 -21.32 60.56 -35.51
C ASP E 253 -21.66 59.92 -34.18
N LEU E 254 -22.35 60.68 -33.33
CA LEU E 254 -22.73 60.19 -32.03
C LEU E 254 -24.16 60.57 -31.69
N VAL E 255 -24.87 59.64 -31.07
CA VAL E 255 -26.24 59.88 -30.66
C VAL E 255 -26.34 59.55 -29.19
N LEU E 256 -27.08 60.36 -28.46
CA LEU E 256 -27.23 60.13 -27.03
C LEU E 256 -28.60 60.54 -26.56
N HIS E 257 -29.13 59.78 -25.63
CA HIS E 257 -30.44 60.06 -25.05
C HIS E 257 -30.34 60.04 -23.54
N SER E 258 -31.34 60.63 -22.89
CA SER E 258 -31.41 60.63 -21.45
C SER E 258 -32.41 59.51 -21.16
N ALA E 259 -31.89 58.29 -21.01
CA ALA E 259 -32.72 57.13 -20.73
C ALA E 259 -33.69 57.40 -19.60
N THR E 260 -33.41 58.45 -18.84
CA THR E 260 -34.25 58.86 -17.73
C THR E 260 -35.70 59.05 -18.18
N LYS E 261 -35.86 59.46 -19.43
CA LYS E 261 -37.18 59.73 -19.99
C LYS E 261 -37.94 58.58 -20.66
N PHE E 262 -37.69 58.38 -21.95
CA PHE E 262 -38.38 57.35 -22.72
C PHE E 262 -37.86 55.94 -22.54
N LEU E 263 -36.56 55.74 -22.74
CA LEU E 263 -36.00 54.42 -22.60
C LEU E 263 -36.52 53.76 -21.33
N GLY E 264 -36.48 54.48 -20.22
CA GLY E 264 -36.98 53.95 -18.97
C GLY E 264 -38.49 54.05 -18.96
N GLY E 265 -38.99 55.21 -19.36
CA GLY E 265 -40.41 55.46 -19.44
C GLY E 265 -41.28 55.11 -18.25
N HIS E 266 -40.72 55.08 -17.05
CA HIS E 266 -41.51 54.77 -15.87
C HIS E 266 -41.31 55.80 -14.77
N ASN E 267 -40.51 56.82 -15.07
CA ASN E 267 -40.24 57.91 -14.14
C ASN E 267 -39.74 57.40 -12.79
N ASP E 268 -38.94 56.35 -12.81
CA ASP E 268 -38.43 55.78 -11.58
C ASP E 268 -36.93 55.52 -11.64
N VAL E 269 -36.23 56.21 -12.54
CA VAL E 269 -34.79 56.00 -12.65
C VAL E 269 -34.11 57.00 -13.58
N LEU E 270 -32.88 57.36 -13.25
CA LEU E 270 -32.10 58.29 -14.05
C LEU E 270 -31.01 57.52 -14.78
N ALA E 271 -30.64 57.99 -15.96
CA ALA E 271 -29.59 57.32 -16.72
C ALA E 271 -29.35 58.01 -18.06
N GLY E 272 -28.08 58.09 -18.45
CA GLY E 272 -27.72 58.69 -19.71
C GLY E 272 -26.98 57.66 -20.54
N CYS E 273 -26.95 57.84 -21.86
CA CYS E 273 -26.25 56.88 -22.70
C CYS E 273 -25.84 57.49 -24.03
N ILE E 274 -24.69 57.08 -24.53
CA ILE E 274 -24.19 57.57 -25.80
C ILE E 274 -23.85 56.34 -26.63
N SER E 275 -24.15 56.41 -27.91
CA SER E 275 -23.86 55.30 -28.82
C SER E 275 -23.23 55.84 -30.08
N GLY E 276 -22.29 55.07 -30.62
CA GLY E 276 -21.60 55.49 -31.84
C GLY E 276 -20.47 54.54 -32.19
N PRO E 277 -19.55 54.97 -33.06
CA PRO E 277 -18.41 54.13 -33.46
C PRO E 277 -17.48 53.87 -32.29
N LEU E 278 -16.95 52.65 -32.22
CA LEU E 278 -16.04 52.28 -31.15
C LEU E 278 -14.93 53.30 -31.02
N LYS E 279 -14.17 53.48 -32.09
CA LYS E 279 -13.06 54.42 -32.12
C LYS E 279 -13.37 55.71 -31.37
N LEU E 280 -14.64 56.11 -31.36
CA LEU E 280 -15.03 57.33 -30.68
C LEU E 280 -15.50 57.07 -29.26
N VAL E 281 -16.61 56.34 -29.13
CA VAL E 281 -17.18 56.04 -27.85
C VAL E 281 -16.13 55.65 -26.81
N SER E 282 -15.21 54.78 -27.20
CA SER E 282 -14.16 54.34 -26.29
C SER E 282 -13.43 55.52 -25.65
N GLU E 283 -13.07 56.50 -26.48
CA GLU E 283 -12.37 57.68 -26.00
C GLU E 283 -13.11 58.30 -24.83
N ILE E 284 -14.43 58.26 -24.87
CA ILE E 284 -15.25 58.82 -23.80
C ILE E 284 -15.23 57.87 -22.61
N ARG E 285 -15.50 56.60 -22.87
CA ARG E 285 -15.51 55.58 -21.84
C ARG E 285 -14.30 55.74 -20.95
N ASN E 286 -13.16 56.02 -21.58
CA ASN E 286 -11.90 56.20 -20.86
C ASN E 286 -12.05 57.32 -19.83
N LEU E 287 -12.31 58.53 -20.30
CA LEU E 287 -12.48 59.66 -19.39
C LEU E 287 -13.57 59.34 -18.38
N HIS E 288 -14.57 58.57 -18.82
CA HIS E 288 -15.68 58.18 -17.95
C HIS E 288 -15.14 57.39 -16.78
N HIS E 289 -14.28 56.43 -17.07
CA HIS E 289 -13.69 55.58 -16.05
C HIS E 289 -13.03 56.42 -14.98
N ILE E 290 -12.62 57.63 -15.34
CA ILE E 290 -11.96 58.53 -14.42
C ILE E 290 -12.95 59.36 -13.62
N LEU E 291 -13.76 60.16 -14.31
CA LEU E 291 -14.74 60.99 -13.64
C LEU E 291 -15.66 60.12 -12.78
N GLY E 292 -15.64 58.82 -13.07
CA GLY E 292 -16.43 57.85 -12.33
C GLY E 292 -17.88 58.20 -12.09
N GLY E 293 -18.68 58.07 -13.14
CA GLY E 293 -20.11 58.35 -13.02
C GLY E 293 -20.89 57.09 -13.33
N ALA E 294 -20.27 55.94 -13.03
CA ALA E 294 -20.87 54.64 -13.26
C ALA E 294 -22.34 54.55 -12.90
N LEU E 295 -23.07 53.75 -13.67
CA LEU E 295 -24.49 53.56 -13.44
C LEU E 295 -24.71 52.28 -12.65
N ASN E 296 -25.49 52.39 -11.58
CA ASN E 296 -25.77 51.24 -10.73
C ASN E 296 -26.53 50.15 -11.48
N PRO E 297 -26.20 48.87 -11.21
CA PRO E 297 -26.84 47.74 -11.86
C PRO E 297 -28.37 47.74 -11.75
N ASN E 298 -28.88 47.96 -10.53
CA ASN E 298 -30.32 47.99 -10.31
C ASN E 298 -30.98 48.95 -11.28
N ALA E 299 -30.34 50.10 -11.48
CA ALA E 299 -30.86 51.10 -12.40
C ALA E 299 -30.85 50.47 -13.79
N ALA E 300 -29.69 49.97 -14.20
CA ALA E 300 -29.54 49.33 -15.50
C ALA E 300 -30.66 48.33 -15.74
N TYR E 301 -30.93 47.48 -14.76
CA TYR E 301 -31.99 46.48 -14.91
C TYR E 301 -33.33 47.12 -15.17
N LEU E 302 -33.71 48.06 -14.31
CA LEU E 302 -34.99 48.75 -14.45
C LEU E 302 -35.19 49.25 -15.87
N ILE E 303 -34.13 49.77 -16.47
CA ILE E 303 -34.19 50.26 -17.84
C ILE E 303 -34.39 49.07 -18.78
N ILE E 304 -33.57 48.05 -18.63
CA ILE E 304 -33.69 46.86 -19.46
C ILE E 304 -35.13 46.37 -19.40
N ARG E 305 -35.72 46.47 -18.21
CA ARG E 305 -37.08 46.04 -17.98
C ARG E 305 -38.06 46.96 -18.68
N GLY E 306 -37.75 48.25 -18.68
CA GLY E 306 -38.62 49.22 -19.34
C GLY E 306 -38.60 49.07 -20.84
N MET E 307 -37.40 48.91 -21.40
CA MET E 307 -37.24 48.77 -22.83
C MET E 307 -37.94 47.52 -23.37
N LYS E 308 -38.39 46.65 -22.48
CA LYS E 308 -39.09 45.45 -22.90
C LYS E 308 -40.39 45.82 -23.62
N THR E 309 -40.90 47.00 -23.30
CA THR E 309 -42.14 47.48 -23.91
C THR E 309 -41.95 48.85 -24.53
N LEU E 310 -40.77 49.10 -25.08
CA LEU E 310 -40.48 50.39 -25.70
C LEU E 310 -41.44 50.68 -26.85
N HIS E 311 -41.35 49.89 -27.91
CA HIS E 311 -42.22 50.07 -29.07
C HIS E 311 -43.66 50.28 -28.61
N LEU E 312 -44.21 49.28 -27.94
CA LEU E 312 -45.55 49.33 -27.43
C LEU E 312 -45.89 50.72 -26.90
N ARG E 313 -45.02 51.24 -26.04
CA ARG E 313 -45.24 52.56 -25.47
C ARG E 313 -45.11 53.66 -26.51
N VAL E 314 -43.91 53.82 -27.07
CA VAL E 314 -43.67 54.85 -28.08
C VAL E 314 -44.85 54.97 -29.04
N GLN E 315 -45.26 53.84 -29.59
CA GLN E 315 -46.39 53.80 -30.51
C GLN E 315 -47.54 54.62 -29.93
N GLN E 316 -48.12 54.09 -28.86
CA GLN E 316 -49.23 54.72 -28.17
C GLN E 316 -49.00 56.22 -27.99
N GLN E 317 -47.84 56.58 -27.47
CA GLN E 317 -47.50 57.97 -27.24
C GLN E 317 -47.53 58.77 -28.55
N ASN E 318 -46.82 58.27 -29.56
CA ASN E 318 -46.77 58.95 -30.84
C ASN E 318 -48.17 59.33 -31.30
N SER E 319 -49.10 58.39 -31.22
CA SER E 319 -50.48 58.62 -31.63
C SER E 319 -51.15 59.72 -30.80
N THR E 320 -51.46 59.40 -29.56
CA THR E 320 -52.11 60.35 -28.66
C THR E 320 -51.59 61.77 -28.91
N ALA E 321 -50.28 61.91 -29.02
CA ALA E 321 -49.65 63.21 -29.25
C ALA E 321 -50.29 63.84 -30.48
N LEU E 322 -50.00 63.27 -31.64
CA LEU E 322 -50.55 63.76 -32.89
C LEU E 322 -52.00 64.20 -32.77
N ARG E 323 -52.89 63.23 -32.60
CA ARG E 323 -54.31 63.52 -32.47
C ARG E 323 -54.56 64.72 -31.56
N MET E 324 -54.10 64.64 -30.32
CA MET E 324 -54.29 65.72 -29.38
C MET E 324 -53.71 67.02 -29.93
N ALA E 325 -52.59 66.91 -30.63
CA ALA E 325 -51.93 68.08 -31.21
C ALA E 325 -52.92 68.84 -32.08
N GLU E 326 -53.36 68.21 -33.16
CA GLU E 326 -54.30 68.82 -34.07
C GLU E 326 -55.47 69.36 -33.26
N ILE E 327 -56.15 68.46 -32.54
CA ILE E 327 -57.29 68.84 -31.71
C ILE E 327 -56.99 70.14 -30.97
N LEU E 328 -55.76 70.26 -30.48
CA LEU E 328 -55.35 71.44 -29.76
C LEU E 328 -55.20 72.60 -30.71
N GLU E 329 -54.46 72.39 -31.79
CA GLU E 329 -54.23 73.44 -32.77
C GLU E 329 -55.56 74.06 -33.21
N ALA E 330 -56.55 73.21 -33.43
CA ALA E 330 -57.87 73.65 -33.87
C ALA E 330 -58.61 74.40 -32.77
N HIS E 331 -58.32 74.07 -31.51
CA HIS E 331 -58.99 74.73 -30.39
C HIS E 331 -58.79 76.24 -30.43
N PRO E 332 -59.82 77.00 -30.04
CA PRO E 332 -59.76 78.47 -30.02
C PRO E 332 -58.87 79.05 -28.93
N LYS E 333 -59.01 78.53 -27.72
CA LYS E 333 -58.22 79.02 -26.60
C LYS E 333 -56.74 78.67 -26.74
N VAL E 334 -56.40 77.91 -27.78
CA VAL E 334 -55.02 77.53 -28.03
C VAL E 334 -54.42 78.45 -29.09
N ARG E 335 -53.58 79.38 -28.65
CA ARG E 335 -52.94 80.33 -29.56
C ARG E 335 -52.03 79.66 -30.59
N HIS E 336 -51.12 78.81 -30.13
CA HIS E 336 -50.20 78.13 -31.02
C HIS E 336 -49.85 76.75 -30.50
N VAL E 337 -49.43 75.86 -31.39
CA VAL E 337 -49.06 74.50 -31.01
C VAL E 337 -47.81 74.06 -31.74
N TYR E 338 -46.90 73.40 -31.01
CA TYR E 338 -45.66 72.92 -31.59
C TYR E 338 -45.62 71.41 -31.60
N TYR E 339 -45.39 70.84 -32.78
CA TYR E 339 -45.30 69.39 -32.95
C TYR E 339 -44.89 69.07 -34.39
N PRO E 340 -43.76 68.38 -34.56
CA PRO E 340 -43.28 68.04 -35.91
C PRO E 340 -44.33 67.31 -36.74
N GLY E 341 -45.28 66.66 -36.07
CA GLY E 341 -46.31 65.94 -36.78
C GLY E 341 -47.21 66.86 -37.59
N LEU E 342 -47.42 68.07 -37.09
CA LEU E 342 -48.27 69.04 -37.77
C LEU E 342 -47.54 69.73 -38.92
N GLN E 343 -48.32 70.21 -39.89
CA GLN E 343 -47.75 70.90 -41.04
C GLN E 343 -47.35 72.29 -40.58
N SER E 344 -48.07 72.81 -39.60
CA SER E 344 -47.80 74.13 -39.06
C SER E 344 -46.37 74.22 -38.55
N HIS E 345 -45.73 73.07 -38.39
CA HIS E 345 -44.36 73.04 -37.90
C HIS E 345 -43.34 73.38 -38.99
N PRO E 346 -42.45 74.34 -38.72
CA PRO E 346 -41.39 74.80 -39.63
C PRO E 346 -40.63 73.70 -40.35
N GLU E 347 -40.01 72.81 -39.58
CA GLU E 347 -39.25 71.73 -40.18
C GLU E 347 -40.09 70.47 -40.36
N HIS E 348 -41.40 70.66 -40.47
CA HIS E 348 -42.32 69.53 -40.63
C HIS E 348 -41.88 68.62 -41.77
N HIS E 349 -41.44 69.21 -42.88
CA HIS E 349 -41.00 68.41 -44.02
C HIS E 349 -39.81 67.55 -43.64
N ILE E 350 -38.87 68.12 -42.88
CA ILE E 350 -37.70 67.38 -42.44
C ILE E 350 -38.14 66.27 -41.50
N ALA E 351 -39.04 66.61 -40.58
CA ALA E 351 -39.55 65.64 -39.62
C ALA E 351 -40.03 64.40 -40.35
N LYS E 352 -40.81 64.61 -41.42
CA LYS E 352 -41.35 63.52 -42.21
C LYS E 352 -40.24 62.74 -42.92
N LYS E 353 -39.29 63.47 -43.48
CA LYS E 353 -38.20 62.86 -44.22
C LYS E 353 -37.27 61.97 -43.40
N GLN E 354 -37.01 62.34 -42.15
CA GLN E 354 -36.10 61.55 -41.33
C GLN E 354 -36.75 60.79 -40.17
N MET E 355 -37.93 61.22 -39.75
CA MET E 355 -38.59 60.53 -38.66
C MET E 355 -39.70 59.61 -39.13
N THR E 356 -40.13 58.71 -38.26
CA THR E 356 -41.20 57.79 -38.58
C THR E 356 -42.25 58.00 -37.50
N GLY E 357 -41.93 58.93 -36.60
CA GLY E 357 -42.83 59.27 -35.52
C GLY E 357 -42.53 60.69 -35.08
N PHE E 358 -43.27 61.21 -34.10
CA PHE E 358 -43.03 62.56 -33.64
C PHE E 358 -43.04 62.70 -32.13
N GLY E 359 -42.75 61.59 -31.44
CA GLY E 359 -42.72 61.61 -29.98
C GLY E 359 -44.07 61.82 -29.34
N GLY E 360 -44.10 61.86 -28.02
CA GLY E 360 -45.33 62.04 -27.29
C GLY E 360 -45.32 63.35 -26.53
N ALA E 361 -44.42 64.23 -26.92
CA ALA E 361 -44.30 65.52 -26.27
C ALA E 361 -44.87 66.59 -27.19
N VAL E 362 -45.66 67.48 -26.62
CA VAL E 362 -46.26 68.55 -27.39
C VAL E 362 -46.24 69.85 -26.61
N SER E 363 -45.79 70.92 -27.25
CA SER E 363 -45.72 72.22 -26.62
C SER E 363 -46.73 73.14 -27.26
N PHE E 364 -47.31 74.04 -26.47
CA PHE E 364 -48.30 74.95 -27.01
C PHE E 364 -48.53 76.16 -26.11
N GLU E 365 -48.87 77.28 -26.73
CA GLU E 365 -49.14 78.51 -25.99
C GLU E 365 -50.63 78.64 -25.83
N VAL E 366 -51.08 78.97 -24.62
CA VAL E 366 -52.49 79.12 -24.36
C VAL E 366 -52.88 80.58 -24.57
N ASP E 367 -54.10 80.81 -25.06
CA ASP E 367 -54.56 82.17 -25.30
C ASP E 367 -54.88 82.84 -23.97
N GLY E 368 -53.84 83.22 -23.24
CA GLY E 368 -54.01 83.87 -21.95
C GLY E 368 -52.71 84.44 -21.42
N ASP E 369 -52.72 84.84 -20.15
CA ASP E 369 -51.52 85.41 -19.54
C ASP E 369 -50.95 84.43 -18.51
N LEU E 370 -49.75 84.71 -18.04
CA LEU E 370 -49.08 83.87 -17.06
C LEU E 370 -50.06 83.23 -16.07
N LEU E 371 -50.75 84.06 -15.31
CA LEU E 371 -51.72 83.58 -14.32
C LEU E 371 -52.78 82.67 -14.93
N THR E 372 -53.32 83.10 -16.07
CA THR E 372 -54.35 82.32 -16.76
C THR E 372 -53.83 80.94 -17.15
N THR E 373 -52.71 80.92 -17.87
CA THR E 373 -52.12 79.66 -18.30
C THR E 373 -52.05 78.72 -17.10
N ALA E 374 -51.54 79.23 -15.99
CA ALA E 374 -51.43 78.42 -14.77
C ALA E 374 -52.78 77.81 -14.45
N LYS E 375 -53.80 78.66 -14.38
CA LYS E 375 -55.15 78.20 -14.09
C LYS E 375 -55.48 76.99 -14.94
N PHE E 376 -54.99 76.99 -16.16
CA PHE E 376 -55.23 75.87 -17.06
C PHE E 376 -54.60 74.60 -16.48
N VAL E 377 -53.28 74.58 -16.40
CA VAL E 377 -52.59 73.43 -15.87
C VAL E 377 -53.16 73.00 -14.52
N ASP E 378 -53.50 73.97 -13.69
CA ASP E 378 -54.06 73.70 -12.38
C ASP E 378 -55.35 72.90 -12.51
N ALA E 379 -56.05 73.13 -13.62
CA ALA E 379 -57.30 72.46 -13.89
C ALA E 379 -57.13 71.00 -14.24
N LEU E 380 -56.07 70.68 -14.97
CA LEU E 380 -55.82 69.31 -15.38
C LEU E 380 -55.90 68.38 -14.17
N LYS E 381 -56.32 67.14 -14.39
CA LYS E 381 -56.46 66.19 -13.30
C LYS E 381 -55.67 64.90 -13.45
N ILE E 382 -55.10 64.67 -14.65
CA ILE E 382 -54.35 63.45 -14.88
C ILE E 382 -52.83 63.61 -14.87
N PRO E 383 -52.29 64.52 -15.67
CA PRO E 383 -50.83 64.69 -15.67
C PRO E 383 -50.32 65.30 -14.40
N TYR E 384 -49.08 64.98 -14.05
CA TYR E 384 -48.44 65.51 -12.86
C TYR E 384 -47.70 66.76 -13.28
N ILE E 385 -47.63 67.75 -12.39
CA ILE E 385 -46.90 68.98 -12.70
C ILE E 385 -45.47 68.76 -12.22
N ALA E 386 -44.55 68.60 -13.16
CA ALA E 386 -43.15 68.39 -12.81
C ALA E 386 -42.28 68.31 -14.05
N PRO E 387 -40.95 68.38 -13.88
CA PRO E 387 -40.07 68.31 -15.05
C PRO E 387 -40.12 66.91 -15.65
N SER E 388 -39.05 66.51 -16.33
CA SER E 388 -39.00 65.19 -16.94
C SER E 388 -40.17 64.91 -17.88
N PHE E 389 -40.11 63.79 -18.57
CA PHE E 389 -41.14 63.40 -19.52
C PHE E 389 -40.80 62.04 -20.11
N GLY E 390 -41.73 61.47 -20.86
CA GLY E 390 -41.51 60.18 -21.48
C GLY E 390 -41.97 59.00 -20.66
N GLY E 391 -42.47 59.25 -19.45
CA GLY E 391 -42.93 58.17 -18.61
C GLY E 391 -44.38 57.80 -18.86
N CYS E 392 -44.76 56.60 -18.41
CA CYS E 392 -46.13 56.12 -18.58
C CYS E 392 -47.12 57.16 -18.09
N GLU E 393 -46.75 57.87 -17.03
CA GLU E 393 -47.63 58.91 -16.49
C GLU E 393 -47.45 60.20 -17.28
N SER E 394 -48.55 60.90 -17.53
CA SER E 394 -48.51 62.15 -18.29
C SER E 394 -47.97 63.24 -17.40
N ILE E 395 -47.29 64.21 -18.00
CA ILE E 395 -46.72 65.32 -17.24
C ILE E 395 -46.89 66.64 -17.97
N VAL E 396 -47.08 67.70 -17.19
CA VAL E 396 -47.24 69.05 -17.72
C VAL E 396 -46.39 70.03 -16.92
N ASP E 397 -46.09 71.17 -17.53
CA ASP E 397 -45.30 72.19 -16.85
C ASP E 397 -45.32 73.50 -17.59
N GLN E 398 -44.98 74.57 -16.90
CA GLN E 398 -44.95 75.90 -17.47
C GLN E 398 -43.51 76.40 -17.43
N PRO E 399 -42.68 75.95 -18.38
CA PRO E 399 -41.26 76.33 -18.48
C PRO E 399 -40.92 77.67 -17.84
N ALA E 400 -41.68 78.69 -18.20
CA ALA E 400 -41.47 80.04 -17.68
C ALA E 400 -41.24 79.97 -16.17
N ILE E 401 -41.97 79.08 -15.52
CA ILE E 401 -41.85 78.90 -14.08
C ILE E 401 -41.00 77.68 -13.79
N MET E 402 -41.47 76.53 -14.25
CA MET E 402 -40.79 75.26 -14.05
C MET E 402 -39.28 75.34 -14.07
N SER E 403 -38.70 76.08 -15.01
CA SER E 403 -37.24 76.15 -15.07
C SER E 403 -36.65 77.46 -15.58
N TYR E 404 -37.45 78.52 -15.58
CA TYR E 404 -36.97 79.80 -16.07
C TYR E 404 -37.43 80.93 -15.17
N TRP E 405 -38.09 80.57 -14.08
CA TRP E 405 -38.59 81.55 -13.13
C TRP E 405 -37.44 82.34 -12.54
N ASP E 406 -36.24 81.78 -12.62
CA ASP E 406 -35.05 82.42 -12.09
C ASP E 406 -34.66 83.62 -12.95
N LEU E 407 -35.22 83.69 -14.16
CA LEU E 407 -34.91 84.78 -15.07
C LEU E 407 -35.97 85.87 -15.09
N SER E 408 -35.66 86.99 -15.74
CA SER E 408 -36.58 88.11 -15.85
C SER E 408 -37.55 87.94 -17.01
N GLN E 409 -38.74 88.52 -16.85
CA GLN E 409 -39.76 88.45 -17.89
C GLN E 409 -39.13 88.73 -19.24
N SER E 410 -38.19 89.66 -19.25
CA SER E 410 -37.49 90.04 -20.49
C SER E 410 -36.53 88.95 -20.92
N ASP E 411 -35.55 88.64 -20.07
CA ASP E 411 -34.56 87.62 -20.38
C ASP E 411 -35.25 86.32 -20.81
N ARG E 412 -36.43 86.07 -20.27
CA ARG E 412 -37.17 84.86 -20.59
C ARG E 412 -37.50 84.79 -22.08
N ALA E 413 -38.01 85.91 -22.61
CA ALA E 413 -38.36 85.99 -24.02
C ALA E 413 -37.13 85.82 -24.92
N LYS E 414 -35.95 86.07 -24.35
CA LYS E 414 -34.71 85.96 -25.10
C LYS E 414 -34.59 84.56 -25.73
N TYR E 415 -35.37 83.61 -25.22
CA TYR E 415 -35.35 82.24 -25.73
C TYR E 415 -36.70 81.79 -26.26
N GLY E 416 -37.68 82.69 -26.23
CA GLY E 416 -39.00 82.35 -26.72
C GLY E 416 -39.89 81.80 -25.62
N ILE E 417 -39.33 81.65 -24.43
CA ILE E 417 -40.10 81.14 -23.31
C ILE E 417 -41.15 82.14 -22.88
N MET E 418 -42.38 81.93 -23.33
CA MET E 418 -43.48 82.81 -22.98
C MET E 418 -44.20 82.29 -21.76
N ASP E 419 -44.77 83.20 -20.98
CA ASP E 419 -45.52 82.80 -19.80
C ASP E 419 -46.73 82.04 -20.35
N ASN E 420 -46.82 82.04 -21.67
CA ASN E 420 -47.90 81.38 -22.42
C ASN E 420 -47.63 79.89 -22.58
N LEU E 421 -46.47 79.60 -23.16
CA LEU E 421 -46.01 78.24 -23.44
C LEU E 421 -46.31 77.20 -22.37
N VAL E 422 -46.68 76.00 -22.81
CA VAL E 422 -46.97 74.89 -21.92
C VAL E 422 -46.46 73.61 -22.55
N ARG E 423 -45.68 72.84 -21.79
CA ARG E 423 -45.14 71.59 -22.28
C ARG E 423 -45.98 70.44 -21.76
N PHE E 424 -46.34 69.52 -22.66
CA PHE E 424 -47.15 68.38 -22.26
C PHE E 424 -46.57 67.06 -22.69
N SER E 425 -46.13 66.27 -21.71
CA SER E 425 -45.59 64.96 -21.99
C SER E 425 -46.75 64.00 -21.84
N PHE E 426 -47.32 63.63 -22.98
CA PHE E 426 -48.45 62.72 -22.98
C PHE E 426 -48.04 61.35 -22.46
N GLY E 427 -48.69 60.93 -21.38
CA GLY E 427 -48.39 59.64 -20.80
C GLY E 427 -48.86 58.52 -21.71
N VAL E 428 -49.15 57.36 -21.14
CA VAL E 428 -49.60 56.23 -21.91
C VAL E 428 -51.07 55.94 -21.59
N GLU E 429 -51.66 56.82 -20.80
CA GLU E 429 -53.07 56.68 -20.42
C GLU E 429 -53.92 56.61 -21.69
N ASP E 430 -55.22 56.32 -21.53
CA ASP E 430 -56.10 56.23 -22.68
C ASP E 430 -56.41 57.61 -23.26
N PHE E 431 -56.33 57.71 -24.58
CA PHE E 431 -56.58 58.96 -25.29
C PHE E 431 -57.79 59.74 -24.77
N ASP E 432 -58.97 59.16 -24.96
CA ASP E 432 -60.20 59.83 -24.54
C ASP E 432 -60.07 60.40 -23.13
N ASP E 433 -59.61 59.57 -22.20
CA ASP E 433 -59.43 60.00 -20.82
C ASP E 433 -58.60 61.28 -20.77
N LEU E 434 -57.48 61.27 -21.48
CA LEU E 434 -56.58 62.42 -21.55
C LEU E 434 -57.25 63.60 -22.24
N LYS E 435 -57.64 63.38 -23.49
CA LYS E 435 -58.31 64.41 -24.28
C LYS E 435 -59.40 65.06 -23.44
N ALA E 436 -60.35 64.25 -22.98
CA ALA E 436 -61.44 64.73 -22.16
C ALA E 436 -60.90 65.67 -21.08
N ASP E 437 -59.85 65.23 -20.41
CA ASP E 437 -59.22 66.01 -19.35
C ASP E 437 -58.77 67.37 -19.88
N ILE E 438 -57.87 67.35 -20.84
CA ILE E 438 -57.34 68.57 -21.44
C ILE E 438 -58.45 69.56 -21.79
N LEU E 439 -59.40 69.11 -22.61
CA LEU E 439 -60.52 69.95 -23.04
C LEU E 439 -61.26 70.55 -21.85
N GLN E 440 -61.68 69.68 -20.92
CA GLN E 440 -62.39 70.12 -19.74
C GLN E 440 -61.61 71.23 -19.04
N ALA E 441 -60.29 71.19 -19.18
CA ALA E 441 -59.45 72.20 -18.58
C ALA E 441 -59.62 73.52 -19.33
N LEU E 442 -59.33 73.49 -20.63
CA LEU E 442 -59.46 74.68 -21.48
C LEU E 442 -60.83 75.33 -21.32
N ASP E 443 -61.81 74.53 -20.89
CA ASP E 443 -63.17 75.02 -20.70
C ASP E 443 -63.27 76.02 -19.55
N SER E 444 -62.31 75.98 -18.63
CA SER E 444 -62.30 76.87 -17.49
C SER E 444 -61.48 78.14 -17.69
N ILE E 445 -61.64 78.76 -18.85
CA ILE E 445 -60.94 79.99 -19.18
C ILE E 445 -61.88 80.96 -19.89
N TYR F 50 -18.04 21.95 4.95
CA TYR F 50 -18.01 22.81 3.72
C TYR F 50 -16.57 23.02 3.24
N ALA F 51 -15.92 24.03 3.80
CA ALA F 51 -14.55 24.37 3.44
C ALA F 51 -13.60 23.93 4.55
N SER F 52 -12.48 23.34 4.16
CA SER F 52 -11.48 22.86 5.10
C SER F 52 -10.76 24.00 5.81
N PHE F 53 -10.53 25.09 5.08
CA PHE F 53 -9.82 26.23 5.64
C PHE F 53 -10.69 27.22 6.43
N LEU F 54 -11.99 26.95 6.49
CA LEU F 54 -12.90 27.81 7.22
C LEU F 54 -13.50 27.01 8.37
N ASN F 55 -13.15 27.38 9.59
CA ASN F 55 -13.65 26.64 10.74
C ASN F 55 -14.49 27.47 11.72
N SER F 56 -14.29 28.78 11.74
CA SER F 56 -15.06 29.64 12.62
C SER F 56 -16.43 29.92 11.99
N ASP F 57 -17.47 29.91 12.81
CA ASP F 57 -18.83 30.17 12.33
C ASP F 57 -18.91 31.45 11.52
N GLY F 58 -18.35 32.53 12.05
CA GLY F 58 -18.38 33.80 11.35
C GLY F 58 -17.85 33.66 9.94
N SER F 59 -16.63 33.17 9.81
CA SER F 59 -16.00 32.99 8.50
C SER F 59 -16.94 32.24 7.55
N VAL F 60 -17.62 31.24 8.09
CA VAL F 60 -18.54 30.45 7.29
C VAL F 60 -19.73 31.32 6.86
N ALA F 61 -20.36 31.95 7.84
CA ALA F 61 -21.51 32.81 7.59
C ALA F 61 -21.16 33.85 6.54
N ILE F 62 -19.87 33.99 6.24
CA ILE F 62 -19.43 34.95 5.26
C ILE F 62 -19.14 34.33 3.90
N HIS F 63 -18.42 33.20 3.89
CA HIS F 63 -18.08 32.58 2.62
C HIS F 63 -18.80 31.27 2.30
N ALA F 64 -19.65 30.81 3.21
CA ALA F 64 -20.37 29.57 2.98
C ALA F 64 -21.23 29.64 1.71
N GLY F 65 -21.01 28.68 0.81
CA GLY F 65 -21.77 28.63 -0.43
C GLY F 65 -21.49 29.77 -1.40
N GLU F 66 -20.31 30.37 -1.29
CA GLU F 66 -19.93 31.48 -2.16
C GLU F 66 -18.46 31.43 -2.54
N ARG F 67 -17.61 31.67 -1.56
CA ARG F 67 -16.17 31.68 -1.77
C ARG F 67 -15.69 30.64 -2.77
N LEU F 68 -16.15 29.41 -2.61
CA LEU F 68 -15.74 28.33 -3.51
C LEU F 68 -16.39 28.44 -4.87
N GLY F 69 -17.70 28.21 -4.93
CA GLY F 69 -18.40 28.29 -6.19
C GLY F 69 -19.81 28.79 -5.96
N ARG F 70 -20.57 28.96 -7.05
CA ARG F 70 -21.93 29.43 -6.92
C ARG F 70 -22.89 28.78 -7.91
N GLY F 71 -22.34 28.07 -8.89
CA GLY F 71 -23.18 27.42 -9.88
C GLY F 71 -23.88 28.48 -10.71
N ILE F 72 -23.35 29.70 -10.65
CA ILE F 72 -23.89 30.83 -11.40
C ILE F 72 -22.73 31.61 -12.00
N VAL F 73 -21.55 31.00 -11.94
CA VAL F 73 -20.30 31.55 -12.46
C VAL F 73 -20.22 33.05 -12.77
N THR F 74 -19.36 33.76 -12.03
CA THR F 74 -19.17 35.19 -12.22
C THR F 74 -17.90 35.62 -11.52
N ASP F 75 -17.22 36.62 -12.09
CA ASP F 75 -15.99 37.12 -11.48
C ASP F 75 -16.39 38.14 -10.42
N ALA F 76 -17.67 38.14 -10.07
CA ALA F 76 -18.20 39.06 -9.06
C ALA F 76 -18.00 38.51 -7.65
N ILE F 77 -17.68 39.41 -6.72
CA ILE F 77 -17.47 39.02 -5.33
C ILE F 77 -18.78 38.57 -4.71
N THR F 78 -19.81 39.39 -4.85
CA THR F 78 -21.12 39.09 -4.28
C THR F 78 -21.91 38.14 -5.15
N THR F 79 -23.05 37.69 -4.62
CA THR F 79 -23.94 36.79 -5.34
C THR F 79 -24.89 37.64 -6.16
N PRO F 80 -25.04 37.33 -7.45
CA PRO F 80 -25.93 38.06 -8.35
C PRO F 80 -27.40 37.75 -8.06
N VAL F 81 -28.25 38.78 -8.14
CA VAL F 81 -29.68 38.61 -7.89
C VAL F 81 -30.43 38.25 -9.15
N VAL F 82 -30.92 37.02 -9.21
CA VAL F 82 -31.65 36.52 -10.37
C VAL F 82 -33.14 36.74 -10.25
N ASN F 83 -33.66 37.65 -11.06
CA ASN F 83 -35.09 37.97 -11.06
C ASN F 83 -35.82 37.32 -12.21
N THR F 84 -35.99 36.01 -12.15
CA THR F 84 -36.69 35.30 -13.21
C THR F 84 -37.88 34.56 -12.63
N SER F 85 -38.94 34.47 -13.42
CA SER F 85 -40.14 33.78 -12.98
C SER F 85 -40.10 32.33 -13.42
N ALA F 86 -39.17 32.03 -14.33
CA ALA F 86 -39.03 30.67 -14.84
C ALA F 86 -37.68 30.46 -15.50
N TYR F 87 -37.42 29.23 -15.90
CA TYR F 87 -36.15 28.88 -16.54
C TYR F 87 -36.41 28.12 -17.84
N PHE F 88 -35.70 28.51 -18.90
CA PHE F 88 -35.87 27.89 -20.20
C PHE F 88 -34.92 26.73 -20.45
N PHE F 89 -35.09 26.10 -21.61
CA PHE F 89 -34.27 24.98 -22.02
C PHE F 89 -33.81 25.24 -23.45
N ASN F 90 -32.59 24.85 -23.75
CA ASN F 90 -32.03 25.06 -25.09
C ASN F 90 -32.76 24.23 -26.13
N LYS F 91 -33.09 22.99 -25.78
CA LYS F 91 -33.80 22.11 -26.70
C LYS F 91 -34.56 21.03 -25.96
N THR F 92 -35.61 20.53 -26.60
CA THR F 92 -36.45 19.48 -26.00
C THR F 92 -35.62 18.35 -25.40
N SER F 93 -34.64 17.89 -26.16
CA SER F 93 -33.76 16.81 -25.70
C SER F 93 -33.29 17.07 -24.28
N GLU F 94 -32.89 18.31 -24.02
CA GLU F 94 -32.41 18.70 -22.70
C GLU F 94 -33.54 18.64 -21.68
N LEU F 95 -34.67 19.23 -22.03
CA LEU F 95 -35.84 19.25 -21.14
C LEU F 95 -36.15 17.82 -20.72
N ILE F 96 -36.03 16.90 -21.66
CA ILE F 96 -36.29 15.49 -21.39
C ILE F 96 -35.29 15.01 -20.36
N ASP F 97 -34.01 15.29 -20.62
CA ASP F 97 -32.94 14.90 -19.72
C ASP F 97 -33.26 15.32 -18.29
N PHE F 98 -33.57 16.60 -18.11
CA PHE F 98 -33.88 17.12 -16.78
C PHE F 98 -35.09 16.40 -16.17
N LYS F 99 -36.16 16.30 -16.95
CA LYS F 99 -37.37 15.64 -16.48
C LYS F 99 -37.07 14.18 -16.14
N GLU F 100 -36.07 13.62 -16.82
CA GLU F 100 -35.67 12.23 -16.58
C GLU F 100 -34.56 12.20 -15.53
N LYS F 101 -34.34 13.33 -14.87
CA LYS F 101 -33.33 13.47 -13.82
C LYS F 101 -31.92 13.17 -14.32
N ARG F 102 -31.55 13.78 -15.44
CA ARG F 102 -30.21 13.61 -16.02
C ARG F 102 -29.51 14.96 -16.12
N ARG F 103 -30.26 16.02 -15.89
CA ARG F 103 -29.74 17.38 -15.94
C ARG F 103 -30.21 18.16 -14.71
N ALA F 104 -29.64 19.34 -14.51
CA ALA F 104 -30.01 20.18 -13.38
C ALA F 104 -30.68 21.47 -13.81
N SER F 105 -31.77 21.82 -13.12
CA SER F 105 -32.52 23.03 -13.40
C SER F 105 -33.66 23.18 -12.40
N PHE F 106 -34.01 24.43 -12.10
CA PHE F 106 -35.09 24.71 -11.16
C PHE F 106 -36.43 24.52 -11.82
N GLU F 107 -36.44 24.55 -13.15
CA GLU F 107 -37.67 24.40 -13.93
C GLU F 107 -38.54 25.65 -13.77
N TYR F 108 -39.08 25.85 -12.57
CA TYR F 108 -39.93 27.00 -12.29
C TYR F 108 -39.37 27.82 -11.13
N GLY F 109 -39.68 29.11 -11.13
CA GLY F 109 -39.20 29.99 -10.07
C GLY F 109 -39.66 29.54 -8.70
N ARG F 110 -40.80 28.86 -8.64
CA ARG F 110 -41.35 28.38 -7.39
C ARG F 110 -40.57 27.16 -6.92
N TYR F 111 -39.88 26.52 -7.86
CA TYR F 111 -39.10 25.33 -7.55
C TYR F 111 -37.65 25.64 -7.19
N GLY F 112 -37.33 26.92 -7.03
CA GLY F 112 -35.97 27.29 -6.68
C GLY F 112 -35.43 28.53 -7.37
N ASN F 113 -34.21 28.91 -7.01
CA ASN F 113 -33.57 30.08 -7.59
C ASN F 113 -32.10 30.09 -7.21
N PRO F 114 -31.21 30.37 -8.18
CA PRO F 114 -29.76 30.40 -7.96
C PRO F 114 -29.38 31.35 -6.84
N THR F 115 -29.99 32.53 -6.82
CA THR F 115 -29.71 33.51 -5.79
C THR F 115 -30.12 32.94 -4.44
N THR F 116 -31.17 32.14 -4.43
CA THR F 116 -31.67 31.56 -3.19
C THR F 116 -30.83 30.40 -2.69
N VAL F 117 -30.63 29.40 -3.53
CA VAL F 117 -29.84 28.23 -3.14
C VAL F 117 -28.59 28.62 -2.36
N VAL F 118 -27.99 29.75 -2.74
CA VAL F 118 -26.80 30.23 -2.06
C VAL F 118 -27.13 30.34 -0.58
N LEU F 119 -28.04 31.24 -0.26
CA LEU F 119 -28.46 31.44 1.12
C LEU F 119 -28.84 30.10 1.75
N GLU F 120 -29.42 29.23 0.94
CA GLU F 120 -29.83 27.92 1.42
C GLU F 120 -28.61 27.17 1.94
N GLU F 121 -27.68 26.90 1.04
CA GLU F 121 -26.45 26.19 1.38
C GLU F 121 -25.73 26.90 2.51
N LYS F 122 -25.70 28.23 2.45
CA LYS F 122 -25.03 29.01 3.48
C LYS F 122 -25.53 28.59 4.85
N ILE F 123 -26.83 28.74 5.07
CA ILE F 123 -27.42 28.37 6.34
C ILE F 123 -27.12 26.90 6.61
N SER F 124 -27.27 26.06 5.59
CA SER F 124 -27.00 24.64 5.73
C SER F 124 -25.67 24.46 6.45
N ALA F 125 -24.65 25.09 5.92
CA ALA F 125 -23.31 25.01 6.49
C ALA F 125 -23.30 25.43 7.94
N LEU F 126 -23.83 26.61 8.21
CA LEU F 126 -23.88 27.14 9.57
C LEU F 126 -24.48 26.14 10.55
N GLU F 127 -25.73 25.77 10.30
CA GLU F 127 -26.41 24.82 11.17
C GLU F 127 -25.74 23.45 11.04
N GLY F 128 -24.85 23.32 10.06
CA GLY F 128 -24.18 22.05 9.87
C GLY F 128 -25.19 20.98 9.52
N ALA F 129 -26.08 21.29 8.59
CA ALA F 129 -27.13 20.37 8.17
C ALA F 129 -26.89 19.80 6.79
N GLU F 130 -27.74 18.86 6.41
CA GLU F 130 -27.64 18.20 5.11
C GLU F 130 -28.20 19.12 4.02
N SER F 131 -29.28 19.80 4.33
CA SER F 131 -29.93 20.71 3.38
C SER F 131 -30.89 21.64 4.10
N THR F 132 -31.07 22.84 3.54
CA THR F 132 -31.97 23.82 4.14
C THR F 132 -33.00 24.27 3.12
N LEU F 133 -34.15 24.71 3.62
CA LEU F 133 -35.23 25.19 2.76
C LEU F 133 -35.59 26.60 3.20
N LEU F 134 -35.96 27.45 2.25
CA LEU F 134 -36.32 28.82 2.58
C LEU F 134 -37.72 29.20 2.15
N MET F 135 -38.52 29.65 3.11
CA MET F 135 -39.89 30.06 2.85
C MET F 135 -39.95 31.57 2.73
N ALA F 136 -41.17 32.09 2.68
CA ALA F 136 -41.39 33.52 2.58
C ALA F 136 -41.50 34.16 3.95
N SER F 137 -41.56 33.32 4.99
CA SER F 137 -41.66 33.81 6.36
C SER F 137 -41.67 32.65 7.35
N GLY F 138 -41.06 32.88 8.51
CA GLY F 138 -41.01 31.86 9.53
C GLY F 138 -42.34 31.16 9.68
N MET F 139 -43.40 31.96 9.83
CA MET F 139 -44.73 31.40 9.98
C MET F 139 -44.97 30.37 8.89
N CYS F 140 -44.67 30.73 7.65
CA CYS F 140 -44.84 29.80 6.54
C CYS F 140 -44.09 28.52 6.86
N ALA F 141 -42.80 28.66 7.18
CA ALA F 141 -41.95 27.53 7.51
C ALA F 141 -42.61 26.57 8.50
N SER F 142 -42.67 26.98 9.76
CA SER F 142 -43.28 26.14 10.78
C SER F 142 -44.60 25.59 10.25
N THR F 143 -45.47 26.50 9.84
CA THR F 143 -46.78 26.17 9.31
C THR F 143 -46.72 25.01 8.30
N VAL F 144 -45.91 25.19 7.27
CA VAL F 144 -45.77 24.17 6.27
C VAL F 144 -45.22 22.90 6.89
N MET F 145 -44.04 23.03 7.49
CA MET F 145 -43.36 21.92 8.14
C MET F 145 -44.34 21.01 8.87
N LEU F 146 -45.31 21.61 9.56
CA LEU F 146 -46.30 20.83 10.27
C LEU F 146 -47.12 20.01 9.30
N LEU F 147 -47.91 20.70 8.47
CA LEU F 147 -48.75 20.01 7.49
C LEU F 147 -47.94 19.05 6.63
N ALA F 148 -46.62 19.24 6.61
CA ALA F 148 -45.76 18.39 5.81
C ALA F 148 -45.42 17.05 6.45
N LEU F 149 -45.04 17.09 7.72
CA LEU F 149 -44.66 15.87 8.44
C LEU F 149 -45.75 15.20 9.26
N VAL F 150 -46.54 15.99 9.98
CA VAL F 150 -47.61 15.45 10.80
C VAL F 150 -48.73 14.91 9.91
N PRO F 151 -49.00 13.59 9.97
CA PRO F 151 -50.05 12.98 9.17
C PRO F 151 -51.43 13.31 9.71
N ALA F 152 -52.47 12.92 8.97
CA ALA F 152 -53.84 13.18 9.40
C ALA F 152 -54.17 12.36 10.64
N GLY F 153 -54.92 12.96 11.56
CA GLY F 153 -55.29 12.27 12.78
C GLY F 153 -54.10 11.98 13.68
N GLY F 154 -52.91 12.44 13.25
CA GLY F 154 -51.71 12.22 14.03
C GLY F 154 -51.67 13.05 15.30
N HIS F 155 -50.61 12.88 16.07
CA HIS F 155 -50.45 13.61 17.31
C HIS F 155 -49.11 14.32 17.35
N ILE F 156 -49.08 15.45 18.04
CA ILE F 156 -47.85 16.23 18.16
C ILE F 156 -47.77 16.80 19.57
N VAL F 157 -46.54 17.00 20.05
CA VAL F 157 -46.34 17.55 21.38
C VAL F 157 -45.60 18.87 21.26
N THR F 158 -46.02 19.85 22.05
CA THR F 158 -45.38 21.14 22.00
C THR F 158 -45.45 21.81 23.37
N THR F 159 -44.50 22.70 23.61
CA THR F 159 -44.41 23.42 24.88
C THR F 159 -45.50 24.47 25.02
N THR F 160 -45.75 24.90 26.26
CA THR F 160 -46.77 25.91 26.53
C THR F 160 -46.34 27.27 26.00
N ASP F 161 -45.08 27.63 26.25
CA ASP F 161 -44.56 28.91 25.78
C ASP F 161 -44.36 28.81 24.27
N CYS F 162 -45.21 29.50 23.50
CA CYS F 162 -45.14 29.47 22.05
C CYS F 162 -45.38 30.83 21.44
N TYR F 163 -45.09 30.95 20.14
CA TYR F 163 -45.30 32.19 19.42
C TYR F 163 -46.79 32.32 19.15
N ARG F 164 -47.41 33.34 19.75
CA ARG F 164 -48.84 33.58 19.61
C ARG F 164 -49.43 32.95 18.35
N LYS F 165 -48.97 33.40 17.20
CA LYS F 165 -49.47 32.88 15.92
C LYS F 165 -49.33 31.37 15.85
N THR F 166 -48.10 30.88 15.95
CA THR F 166 -47.85 29.44 15.89
C THR F 166 -48.88 28.69 16.72
N ARG F 167 -49.23 29.24 17.87
CA ARG F 167 -50.22 28.63 18.74
C ARG F 167 -51.51 28.38 17.99
N ILE F 168 -52.18 29.47 17.63
CA ILE F 168 -53.43 29.41 16.90
C ILE F 168 -53.45 28.35 15.79
N PHE F 169 -52.49 28.42 14.87
CA PHE F 169 -52.44 27.45 13.77
C PHE F 169 -52.65 26.03 14.27
N ILE F 170 -52.02 25.73 15.40
CA ILE F 170 -52.13 24.40 15.99
C ILE F 170 -53.49 24.19 16.65
N GLU F 171 -53.97 25.25 17.30
CA GLU F 171 -55.25 25.19 18.01
C GLU F 171 -56.47 25.38 17.12
N THR F 172 -56.26 25.74 15.87
CA THR F 172 -57.40 25.97 14.99
C THR F 172 -57.34 25.34 13.61
N ILE F 173 -56.15 25.16 13.06
CA ILE F 173 -56.04 24.58 11.73
C ILE F 173 -55.76 23.09 11.77
N LEU F 174 -54.70 22.71 12.47
CA LEU F 174 -54.34 21.31 12.58
C LEU F 174 -55.54 20.46 12.95
N PRO F 175 -56.37 20.91 13.91
CA PRO F 175 -57.54 20.12 14.29
C PRO F 175 -58.40 19.75 13.09
N LYS F 176 -58.39 20.59 12.07
CA LYS F 176 -59.17 20.34 10.86
C LYS F 176 -58.74 19.01 10.23
N MET F 177 -57.43 18.77 10.25
CA MET F 177 -56.88 17.54 9.69
C MET F 177 -56.95 16.43 10.73
N GLY F 178 -57.72 16.66 11.77
CA GLY F 178 -57.85 15.68 12.84
C GLY F 178 -56.56 15.53 13.63
N ILE F 179 -55.67 16.50 13.51
CA ILE F 179 -54.40 16.44 14.22
C ILE F 179 -54.54 16.98 15.63
N THR F 180 -54.41 16.09 16.61
CA THR F 180 -54.51 16.45 18.02
C THR F 180 -53.11 16.68 18.58
N ALA F 181 -53.01 17.51 19.61
CA ALA F 181 -51.71 17.80 20.21
C ALA F 181 -51.79 17.92 21.72
N THR F 182 -50.62 17.88 22.36
CA THR F 182 -50.54 17.99 23.80
C THR F 182 -49.58 19.11 24.19
N VAL F 183 -50.03 19.96 25.09
CA VAL F 183 -49.22 21.08 25.55
C VAL F 183 -48.58 20.77 26.90
N ILE F 184 -47.27 20.87 26.96
CA ILE F 184 -46.53 20.60 28.19
C ILE F 184 -45.55 21.73 28.51
N ASP F 185 -45.08 21.77 29.75
CA ASP F 185 -44.12 22.79 30.18
C ASP F 185 -42.76 22.46 29.59
N PRO F 186 -41.99 23.49 29.19
CA PRO F 186 -40.66 23.29 28.60
C PRO F 186 -39.73 22.43 29.46
N ALA F 187 -39.89 22.51 30.78
CA ALA F 187 -39.06 21.76 31.70
C ALA F 187 -39.62 20.38 32.03
N ASP F 188 -40.91 20.32 32.30
CA ASP F 188 -41.58 19.07 32.64
C ASP F 188 -41.24 17.92 31.69
N VAL F 189 -40.06 17.33 31.87
CA VAL F 189 -39.67 16.24 31.01
C VAL F 189 -40.58 15.06 31.25
N GLY F 190 -41.07 14.93 32.48
CA GLY F 190 -41.95 13.84 32.81
C GLY F 190 -43.14 13.79 31.86
N ALA F 191 -43.86 14.90 31.77
CA ALA F 191 -45.02 14.99 30.89
C ALA F 191 -44.68 14.48 29.50
N LEU F 192 -43.56 14.96 28.96
CA LEU F 192 -43.13 14.55 27.63
C LEU F 192 -42.99 13.03 27.58
N GLU F 193 -42.20 12.49 28.49
CA GLU F 193 -41.97 11.05 28.56
C GLU F 193 -43.31 10.33 28.70
N LEU F 194 -44.15 10.84 29.59
CA LEU F 194 -45.46 10.24 29.82
C LEU F 194 -46.22 10.22 28.50
N ALA F 195 -46.50 11.41 27.98
CA ALA F 195 -47.23 11.56 26.73
C ALA F 195 -46.60 10.68 25.66
N LEU F 196 -45.28 10.62 25.67
CA LEU F 196 -44.55 9.83 24.69
C LEU F 196 -45.06 8.40 24.67
N ASN F 197 -45.59 7.96 25.80
CA ASN F 197 -46.10 6.60 25.93
C ASN F 197 -47.62 6.50 25.75
N GLN F 198 -48.35 7.41 26.39
CA GLN F 198 -49.81 7.42 26.29
C GLN F 198 -50.25 7.28 24.84
N LYS F 199 -50.01 8.34 24.05
CA LYS F 199 -50.39 8.35 22.64
C LYS F 199 -49.20 8.07 21.74
N LYS F 200 -49.44 8.09 20.44
CA LYS F 200 -48.39 7.86 19.45
C LYS F 200 -47.99 9.21 18.84
N VAL F 201 -47.03 9.87 19.48
CA VAL F 201 -46.56 11.17 19.02
C VAL F 201 -45.84 11.09 17.69
N ASN F 202 -46.21 11.98 16.77
CA ASN F 202 -45.57 12.01 15.46
C ASN F 202 -44.36 12.93 15.47
N LEU F 203 -44.46 14.00 16.26
CA LEU F 203 -43.36 14.95 16.34
C LEU F 203 -43.50 15.91 17.51
N PHE F 204 -42.37 16.21 18.14
CA PHE F 204 -42.33 17.14 19.26
C PHE F 204 -41.77 18.45 18.71
N PHE F 205 -42.57 19.51 18.81
CA PHE F 205 -42.14 20.79 18.29
C PHE F 205 -42.08 21.86 19.37
N THR F 206 -40.98 22.60 19.39
CA THR F 206 -40.80 23.67 20.37
C THR F 206 -39.58 24.53 20.04
N GLU F 207 -39.56 25.73 20.59
CA GLU F 207 -38.45 26.64 20.38
C GLU F 207 -37.68 26.81 21.67
N SER F 208 -36.37 26.95 21.55
CA SER F 208 -35.51 27.12 22.71
C SER F 208 -34.34 28.00 22.31
N PRO F 209 -34.17 29.16 22.96
CA PRO F 209 -35.00 29.68 24.05
C PRO F 209 -36.46 29.81 23.65
N THR F 210 -37.31 29.85 24.67
CA THR F 210 -38.74 29.98 24.48
C THR F 210 -39.11 31.45 24.51
N ASN F 211 -40.37 31.76 24.22
CA ASN F 211 -40.84 33.13 24.23
C ASN F 211 -42.05 33.25 25.14
N PRO F 212 -42.11 34.32 25.95
CA PRO F 212 -41.13 35.39 26.05
C PRO F 212 -40.24 35.21 27.27
N PHE F 213 -40.31 34.03 27.87
CA PHE F 213 -39.53 33.77 29.06
C PHE F 213 -38.23 33.06 28.74
N LEU F 214 -37.94 32.94 27.45
CA LEU F 214 -36.72 32.31 26.99
C LEU F 214 -36.40 31.00 27.69
N ARG F 215 -37.44 30.27 28.08
CA ARG F 215 -37.22 28.99 28.74
C ARG F 215 -36.52 28.09 27.75
N CYS F 216 -35.53 27.33 28.22
CA CYS F 216 -34.80 26.45 27.32
C CYS F 216 -35.14 24.99 27.55
N VAL F 217 -34.90 24.19 26.52
CA VAL F 217 -35.18 22.77 26.58
C VAL F 217 -33.91 21.98 26.37
N ASP F 218 -33.66 21.01 27.24
CA ASP F 218 -32.48 20.19 27.09
C ASP F 218 -32.63 19.33 25.85
N ILE F 219 -32.38 19.94 24.69
CA ILE F 219 -32.50 19.25 23.41
C ILE F 219 -32.01 17.80 23.48
N GLU F 220 -30.71 17.63 23.65
CA GLU F 220 -30.08 16.32 23.72
C GLU F 220 -30.95 15.30 24.46
N LEU F 221 -31.38 15.65 25.66
CA LEU F 221 -32.21 14.76 26.45
C LEU F 221 -33.49 14.44 25.70
N VAL F 222 -34.26 15.49 25.44
CA VAL F 222 -35.53 15.35 24.73
C VAL F 222 -35.39 14.56 23.44
N SER F 223 -34.43 14.92 22.60
CA SER F 223 -34.20 14.21 21.35
C SER F 223 -34.17 12.72 21.61
N LYS F 224 -33.44 12.33 22.66
CA LYS F 224 -33.32 10.93 23.04
C LYS F 224 -34.68 10.33 23.35
N LEU F 225 -35.31 10.83 24.41
CA LEU F 225 -36.62 10.35 24.82
C LEU F 225 -37.56 10.22 23.63
N CYS F 226 -37.51 11.19 22.73
CA CYS F 226 -38.37 11.16 21.56
C CYS F 226 -37.96 10.09 20.58
N HIS F 227 -36.72 10.16 20.11
CA HIS F 227 -36.23 9.19 19.16
C HIS F 227 -36.46 7.77 19.63
N GLU F 228 -36.57 7.60 20.94
CA GLU F 228 -36.81 6.28 21.53
C GLU F 228 -38.19 5.78 21.14
N LYS F 229 -39.15 6.69 21.10
CA LYS F 229 -40.52 6.35 20.75
C LYS F 229 -40.82 6.65 19.28
N GLY F 230 -39.76 6.88 18.51
CA GLY F 230 -39.92 7.16 17.09
C GLY F 230 -40.45 8.54 16.73
N ALA F 231 -40.60 9.41 17.72
CA ALA F 231 -41.11 10.75 17.48
C ALA F 231 -40.03 11.65 16.88
N LEU F 232 -40.46 12.70 16.20
CA LEU F 232 -39.52 13.63 15.58
C LEU F 232 -39.37 14.85 16.46
N VAL F 233 -38.18 15.43 16.45
CA VAL F 233 -37.93 16.61 17.27
C VAL F 233 -37.59 17.81 16.40
N CYS F 234 -38.45 18.83 16.43
CA CYS F 234 -38.21 20.02 15.65
C CYS F 234 -38.07 21.23 16.57
N ILE F 235 -36.89 21.83 16.55
CA ILE F 235 -36.61 23.00 17.39
C ILE F 235 -36.57 24.30 16.60
N ASP F 236 -37.17 25.34 17.19
CA ASP F 236 -37.19 26.66 16.57
C ASP F 236 -36.16 27.51 17.30
N GLY F 237 -34.92 27.44 16.83
CA GLY F 237 -33.85 28.19 17.45
C GLY F 237 -33.79 29.65 17.06
N THR F 238 -34.94 30.21 16.72
CA THR F 238 -35.00 31.61 16.33
C THR F 238 -34.17 32.46 17.29
N PHE F 239 -34.63 32.55 18.53
CA PHE F 239 -33.97 33.33 19.55
C PHE F 239 -32.49 33.00 19.71
N ALA F 240 -32.16 31.74 19.49
CA ALA F 240 -30.79 31.28 19.65
C ALA F 240 -29.82 31.75 18.58
N THR F 241 -30.07 31.33 17.34
CA THR F 241 -29.21 31.64 16.18
C THR F 241 -28.23 30.49 16.07
N PRO F 242 -27.97 30.02 14.84
CA PRO F 242 -27.03 28.91 14.65
C PRO F 242 -25.67 29.15 15.33
N LEU F 243 -25.38 30.40 15.64
CA LEU F 243 -24.12 30.75 16.29
C LEU F 243 -24.12 30.43 17.78
N ASN F 244 -25.26 30.61 18.42
CA ASN F 244 -25.37 30.35 19.85
C ASN F 244 -25.72 28.92 20.22
N GLN F 245 -26.00 28.09 19.22
CA GLN F 245 -26.32 26.69 19.48
C GLN F 245 -26.61 25.94 18.18
N LYS F 246 -26.27 24.67 18.15
CA LYS F 246 -26.50 23.84 16.98
C LYS F 246 -27.42 22.69 17.34
N ALA F 247 -28.68 23.03 17.61
CA ALA F 247 -29.68 22.03 17.97
C ALA F 247 -29.55 20.73 17.20
N LEU F 248 -29.16 20.83 15.93
CA LEU F 248 -29.01 19.65 15.09
C LEU F 248 -27.99 18.69 15.70
N ALA F 249 -26.82 19.22 16.05
CA ALA F 249 -25.75 18.41 16.64
C ALA F 249 -26.19 17.88 17.99
N LEU F 250 -27.06 18.63 18.66
CA LEU F 250 -27.56 18.24 19.96
C LEU F 250 -28.48 17.02 19.84
N GLY F 251 -28.85 16.69 18.61
CA GLY F 251 -29.72 15.54 18.39
C GLY F 251 -31.03 15.84 17.69
N ALA F 252 -31.45 17.09 17.71
CA ALA F 252 -32.71 17.50 17.07
C ALA F 252 -32.78 16.99 15.62
N ASP F 253 -33.99 16.78 15.13
CA ASP F 253 -34.21 16.31 13.77
C ASP F 253 -34.26 17.47 12.80
N LEU F 254 -35.00 18.52 13.18
CA LEU F 254 -35.14 19.70 12.34
C LEU F 254 -35.03 20.99 13.14
N VAL F 255 -34.37 21.96 12.56
CA VAL F 255 -34.21 23.27 13.19
C VAL F 255 -34.68 24.32 12.22
N LEU F 256 -35.41 25.30 12.73
CA LEU F 256 -35.93 26.36 11.88
C LEU F 256 -35.89 27.70 12.59
N HIS F 257 -35.63 28.74 11.84
CA HIS F 257 -35.57 30.09 12.39
C HIS F 257 -36.38 31.05 11.55
N SER F 258 -36.71 32.18 12.14
CA SER F 258 -37.43 33.23 11.46
C SER F 258 -36.37 34.22 11.03
N ALA F 259 -35.72 33.95 9.89
CA ALA F 259 -34.67 34.82 9.38
C ALA F 259 -35.09 36.28 9.47
N THR F 260 -36.40 36.49 9.59
CA THR F 260 -36.96 37.82 9.70
C THR F 260 -36.29 38.58 10.84
N LYS F 261 -35.82 37.83 11.83
CA LYS F 261 -35.21 38.43 13.01
C LYS F 261 -33.71 38.67 13.01
N PHE F 262 -32.94 37.65 13.42
CA PHE F 262 -31.49 37.76 13.52
C PHE F 262 -30.76 37.55 12.20
N LEU F 263 -31.04 36.44 11.54
CA LEU F 263 -30.37 36.16 10.27
C LEU F 263 -30.31 37.42 9.42
N GLY F 264 -31.45 38.08 9.25
CA GLY F 264 -31.47 39.30 8.48
C GLY F 264 -30.97 40.44 9.33
N GLY F 265 -31.37 40.42 10.61
CA GLY F 265 -30.96 41.43 11.56
C GLY F 265 -30.95 42.88 11.13
N HIS F 266 -31.83 43.25 10.21
CA HIS F 266 -31.88 44.63 9.74
C HIS F 266 -33.31 45.17 9.73
N ASN F 267 -34.26 44.32 10.14
CA ASN F 267 -35.66 44.72 10.20
C ASN F 267 -36.18 45.22 8.86
N ASP F 268 -35.73 44.62 7.77
CA ASP F 268 -36.16 45.07 6.45
C ASP F 268 -36.49 43.91 5.51
N VAL F 269 -36.90 42.78 6.07
CA VAL F 269 -37.23 41.63 5.23
C VAL F 269 -37.76 40.48 6.06
N LEU F 270 -38.70 39.74 5.48
CA LEU F 270 -39.29 38.59 6.14
C LEU F 270 -38.80 37.34 5.43
N ALA F 271 -38.64 36.26 6.18
CA ALA F 271 -38.19 35.00 5.61
C ALA F 271 -38.10 33.92 6.66
N GLY F 272 -38.39 32.69 6.25
CA GLY F 272 -38.33 31.58 7.16
C GLY F 272 -37.44 30.51 6.55
N CYS F 273 -36.92 29.61 7.37
CA CYS F 273 -36.07 28.56 6.86
C CYS F 273 -36.03 27.35 7.78
N ILE F 274 -35.96 26.17 7.17
CA ILE F 274 -35.91 24.91 7.89
C ILE F 274 -34.70 24.15 7.39
N SER F 275 -33.90 23.63 8.32
CA SER F 275 -32.72 22.87 7.95
C SER F 275 -32.72 21.53 8.64
N GLY F 276 -32.15 20.53 7.97
CA GLY F 276 -32.10 19.20 8.53
C GLY F 276 -31.70 18.17 7.50
N PRO F 277 -31.85 16.88 7.82
CA PRO F 277 -31.49 15.82 6.87
C PRO F 277 -32.31 15.91 5.59
N LEU F 278 -31.68 15.57 4.47
CA LEU F 278 -32.35 15.62 3.18
C LEU F 278 -33.64 14.83 3.19
N LYS F 279 -33.53 13.55 3.51
CA LYS F 279 -34.68 12.65 3.57
C LYS F 279 -35.90 13.34 4.16
N LEU F 280 -35.67 14.23 5.12
CA LEU F 280 -36.76 14.94 5.77
C LEU F 280 -37.13 16.25 5.09
N VAL F 281 -36.18 17.19 5.08
CA VAL F 281 -36.43 18.49 4.46
C VAL F 281 -37.09 18.38 3.10
N SER F 282 -36.60 17.47 2.25
CA SER F 282 -37.16 17.31 0.93
C SER F 282 -38.67 17.11 0.99
N GLU F 283 -39.12 16.22 1.86
CA GLU F 283 -40.54 15.94 2.02
C GLU F 283 -41.32 17.23 2.19
N ILE F 284 -40.72 18.21 2.85
CA ILE F 284 -41.35 19.49 3.08
C ILE F 284 -41.28 20.32 1.80
N ARG F 285 -40.08 20.40 1.22
CA ARG F 285 -39.86 21.16 -0.01
C ARG F 285 -40.93 20.81 -1.05
N ASN F 286 -41.29 19.53 -1.11
CA ASN F 286 -42.30 19.08 -2.05
C ASN F 286 -43.61 19.79 -1.79
N LEU F 287 -44.14 19.62 -0.59
CA LEU F 287 -45.40 20.26 -0.22
C LEU F 287 -45.28 21.76 -0.41
N HIS F 288 -44.08 22.27 -0.20
CA HIS F 288 -43.82 23.70 -0.35
C HIS F 288 -44.01 24.13 -1.79
N HIS F 289 -43.52 23.30 -2.71
CA HIS F 289 -43.64 23.57 -4.14
C HIS F 289 -45.10 23.72 -4.51
N ILE F 290 -45.97 23.12 -3.72
CA ILE F 290 -47.40 23.17 -3.97
C ILE F 290 -48.05 24.40 -3.36
N LEU F 291 -47.99 24.52 -2.04
CA LEU F 291 -48.58 25.66 -1.38
C LEU F 291 -48.04 26.96 -1.95
N GLY F 292 -46.90 26.86 -2.64
CA GLY F 292 -46.28 28.01 -3.27
C GLY F 292 -46.02 29.23 -2.40
N GLY F 293 -45.03 29.13 -1.53
CA GLY F 293 -44.68 30.24 -0.66
C GLY F 293 -43.26 30.68 -0.89
N ALA F 294 -42.81 30.53 -2.13
CA ALA F 294 -41.45 30.89 -2.53
C ALA F 294 -40.98 32.24 -2.00
N LEU F 295 -39.68 32.32 -1.73
CA LEU F 295 -39.08 33.55 -1.23
C LEU F 295 -38.49 34.32 -2.41
N ASN F 296 -38.77 35.61 -2.47
CA ASN F 296 -38.27 36.45 -3.56
C ASN F 296 -36.75 36.60 -3.49
N PRO F 297 -36.07 36.51 -4.65
CA PRO F 297 -34.62 36.64 -4.71
C PRO F 297 -34.10 37.84 -3.95
N ASN F 298 -34.64 39.02 -4.26
CA ASN F 298 -34.22 40.24 -3.59
C ASN F 298 -34.19 40.06 -2.08
N ALA F 299 -35.19 39.37 -1.55
CA ALA F 299 -35.23 39.12 -0.11
C ALA F 299 -34.03 38.25 0.23
N ALA F 300 -33.90 37.15 -0.50
CA ALA F 300 -32.80 36.21 -0.29
C ALA F 300 -31.48 36.95 -0.20
N TYR F 301 -31.21 37.82 -1.17
CA TYR F 301 -29.96 38.56 -1.17
C TYR F 301 -29.78 39.36 0.11
N LEU F 302 -30.78 40.15 0.45
CA LEU F 302 -30.72 40.99 1.64
C LEU F 302 -30.27 40.17 2.83
N ILE F 303 -30.78 38.95 2.94
CA ILE F 303 -30.40 38.06 4.03
C ILE F 303 -28.94 37.69 3.87
N ILE F 304 -28.60 37.16 2.69
CA ILE F 304 -27.24 36.79 2.39
C ILE F 304 -26.31 37.94 2.76
N ARG F 305 -26.78 39.16 2.49
CA ARG F 305 -26.01 40.35 2.79
C ARG F 305 -25.92 40.58 4.28
N GLY F 306 -27.00 40.28 5.00
CA GLY F 306 -27.01 40.47 6.44
C GLY F 306 -26.13 39.50 7.20
N MET F 307 -26.19 38.22 6.82
CA MET F 307 -25.42 37.18 7.48
C MET F 307 -23.92 37.44 7.32
N LYS F 308 -23.57 38.37 6.44
CA LYS F 308 -22.17 38.72 6.20
C LYS F 308 -21.57 39.24 7.50
N THR F 309 -22.43 39.74 8.38
CA THR F 309 -22.01 40.28 9.66
C THR F 309 -22.75 39.62 10.82
N LEU F 310 -23.20 38.39 10.62
CA LEU F 310 -23.93 37.67 11.65
C LEU F 310 -23.15 37.61 12.95
N HIS F 311 -22.03 36.89 12.95
CA HIS F 311 -21.21 36.78 14.14
C HIS F 311 -21.00 38.14 14.78
N LEU F 312 -20.45 39.06 14.01
CA LEU F 312 -20.21 40.41 14.50
C LEU F 312 -21.36 40.90 15.36
N ARG F 313 -22.56 40.88 14.79
CA ARG F 313 -23.75 41.34 15.49
C ARG F 313 -24.06 40.49 16.71
N VAL F 314 -24.43 39.23 16.49
CA VAL F 314 -24.76 38.32 17.59
C VAL F 314 -23.87 38.54 18.80
N GLN F 315 -22.56 38.55 18.56
CA GLN F 315 -21.59 38.77 19.61
C GLN F 315 -22.03 39.98 20.42
N GLN F 316 -21.93 41.15 19.80
CA GLN F 316 -22.31 42.41 20.44
C GLN F 316 -23.63 42.28 21.17
N GLN F 317 -24.62 41.71 20.50
CA GLN F 317 -25.94 41.55 21.10
C GLN F 317 -25.85 40.71 22.37
N ASN F 318 -25.25 39.53 22.25
CA ASN F 318 -25.11 38.63 23.39
C ASN F 318 -24.58 39.35 24.62
N SER F 319 -23.55 40.17 24.43
CA SER F 319 -22.95 40.91 25.54
C SER F 319 -23.92 41.91 26.15
N THR F 320 -24.28 42.93 25.38
CA THR F 320 -25.20 43.96 25.84
C THR F 320 -26.35 43.34 26.64
N ALA F 321 -26.93 42.26 26.10
CA ALA F 321 -28.02 41.58 26.77
C ALA F 321 -27.62 41.21 28.18
N LEU F 322 -26.64 40.32 28.29
CA LEU F 322 -26.13 39.86 29.57
C LEU F 322 -25.94 40.99 30.56
N ARG F 323 -24.94 41.83 30.32
CA ARG F 323 -24.65 42.95 31.19
C ARG F 323 -25.92 43.65 31.64
N MET F 324 -26.70 44.12 30.67
CA MET F 324 -27.95 44.79 30.96
C MET F 324 -28.82 43.91 31.83
N ALA F 325 -28.90 42.63 31.48
CA ALA F 325 -29.70 41.68 32.24
C ALA F 325 -29.38 41.85 33.71
N GLU F 326 -28.13 41.55 34.08
CA GLU F 326 -27.70 41.68 35.46
C GLU F 326 -28.06 43.06 35.99
N ILE F 327 -27.56 44.10 35.34
CA ILE F 327 -27.84 45.46 35.76
C ILE F 327 -29.33 45.64 36.05
N LEU F 328 -30.16 45.01 35.23
CA LEU F 328 -31.60 45.11 35.41
C LEU F 328 -32.05 44.33 36.63
N GLU F 329 -31.59 43.08 36.72
CA GLU F 329 -31.94 42.23 37.84
C GLU F 329 -31.65 42.90 39.17
N ALA F 330 -30.52 43.61 39.22
CA ALA F 330 -30.09 44.30 40.44
C ALA F 330 -30.88 45.57 40.69
N HIS F 331 -31.48 46.12 39.64
CA HIS F 331 -32.27 47.34 39.79
C HIS F 331 -33.47 47.08 40.69
N PRO F 332 -33.77 48.02 41.60
CA PRO F 332 -34.90 47.90 42.54
C PRO F 332 -36.27 47.93 41.87
N LYS F 333 -36.45 48.83 40.91
CA LYS F 333 -37.73 48.95 40.23
C LYS F 333 -38.02 47.76 39.31
N VAL F 334 -37.05 46.88 39.16
CA VAL F 334 -37.22 45.70 38.32
C VAL F 334 -37.59 44.51 39.21
N ARG F 335 -38.84 44.08 39.12
CA ARG F 335 -39.33 42.96 39.91
C ARG F 335 -38.64 41.65 39.56
N HIS F 336 -38.63 41.30 38.28
CA HIS F 336 -38.01 40.06 37.83
C HIS F 336 -37.36 40.22 36.47
N VAL F 337 -36.41 39.36 36.16
CA VAL F 337 -35.71 39.41 34.88
C VAL F 337 -35.49 38.00 34.34
N TYR F 338 -35.82 37.81 33.07
CA TYR F 338 -35.66 36.52 32.42
C TYR F 338 -34.52 36.57 31.41
N TYR F 339 -33.58 35.66 31.55
CA TYR F 339 -32.45 35.58 30.64
C TYR F 339 -31.63 34.35 30.97
N PRO F 340 -31.51 33.42 30.01
CA PRO F 340 -30.74 32.19 30.24
C PRO F 340 -29.35 32.46 30.77
N GLY F 341 -28.85 33.67 30.52
CA GLY F 341 -27.52 34.04 30.96
C GLY F 341 -27.40 34.17 32.48
N LEU F 342 -28.47 34.58 33.13
CA LEU F 342 -28.47 34.74 34.58
C LEU F 342 -28.65 33.40 35.29
N GLN F 343 -28.22 33.33 36.54
CA GLN F 343 -28.36 32.12 37.32
C GLN F 343 -29.80 32.00 37.78
N SER F 344 -30.44 33.15 37.97
CA SER F 344 -31.82 33.23 38.41
C SER F 344 -32.73 32.47 37.46
N HIS F 345 -32.24 32.22 36.25
CA HIS F 345 -33.02 31.51 35.24
C HIS F 345 -33.11 30.02 35.52
N PRO F 346 -34.34 29.48 35.51
CA PRO F 346 -34.60 28.06 35.75
C PRO F 346 -33.66 27.09 35.04
N GLU F 347 -33.72 27.05 33.71
CA GLU F 347 -32.86 26.14 32.94
C GLU F 347 -31.47 26.71 32.67
N HIS F 348 -31.05 27.68 33.47
CA HIS F 348 -29.75 28.29 33.30
C HIS F 348 -28.66 27.26 33.08
N HIS F 349 -28.70 26.16 33.84
CA HIS F 349 -27.69 25.12 33.71
C HIS F 349 -27.73 24.49 32.32
N ILE F 350 -28.94 24.28 31.79
CA ILE F 350 -29.07 23.69 30.45
C ILE F 350 -28.58 24.70 29.44
N ALA F 351 -28.89 25.97 29.67
CA ALA F 351 -28.45 27.03 28.78
C ALA F 351 -26.95 26.94 28.62
N LYS F 352 -26.25 26.88 29.76
CA LYS F 352 -24.81 26.78 29.77
C LYS F 352 -24.29 25.53 29.07
N LYS F 353 -24.94 24.40 29.33
CA LYS F 353 -24.51 23.15 28.75
C LYS F 353 -24.67 23.02 27.24
N GLN F 354 -25.70 23.65 26.67
CA GLN F 354 -25.91 23.55 25.23
C GLN F 354 -25.70 24.82 24.43
N MET F 355 -25.69 25.96 25.11
CA MET F 355 -25.50 27.23 24.42
C MET F 355 -24.12 27.81 24.68
N THR F 356 -23.70 28.71 23.79
CA THR F 356 -22.42 29.39 23.91
C THR F 356 -22.72 30.87 24.03
N GLY F 357 -24.01 31.20 23.91
CA GLY F 357 -24.47 32.57 24.01
C GLY F 357 -25.89 32.56 24.56
N PHE F 358 -26.50 33.72 24.74
CA PHE F 358 -27.86 33.76 25.26
C PHE F 358 -28.74 34.75 24.53
N GLY F 359 -28.37 35.05 23.29
CA GLY F 359 -29.14 35.97 22.48
C GLY F 359 -29.04 37.39 22.97
N GLY F 360 -29.85 38.27 22.38
CA GLY F 360 -29.84 39.67 22.78
C GLY F 360 -31.23 40.07 23.21
N ALA F 361 -32.03 39.07 23.54
CA ALA F 361 -33.41 39.29 23.97
C ALA F 361 -33.52 39.11 25.47
N VAL F 362 -34.15 40.07 26.13
CA VAL F 362 -34.32 40.02 27.57
C VAL F 362 -35.73 40.45 27.97
N SER F 363 -36.39 39.62 28.75
CA SER F 363 -37.74 39.92 29.22
C SER F 363 -37.68 40.19 30.70
N PHE F 364 -38.49 41.13 31.16
CA PHE F 364 -38.50 41.45 32.58
C PHE F 364 -39.75 42.17 33.00
N GLU F 365 -40.19 41.91 34.22
CA GLU F 365 -41.38 42.55 34.78
C GLU F 365 -40.95 43.76 35.58
N VAL F 366 -41.65 44.87 35.37
CA VAL F 366 -41.33 46.10 36.08
C VAL F 366 -42.16 46.18 37.36
N ASP F 367 -41.60 46.77 38.40
CA ASP F 367 -42.33 46.89 39.67
C ASP F 367 -43.40 47.97 39.56
N GLY F 368 -44.49 47.64 38.87
CA GLY F 368 -45.57 48.59 38.70
C GLY F 368 -46.80 47.93 38.09
N ASP F 369 -47.75 48.75 37.63
CA ASP F 369 -48.96 48.22 37.02
C ASP F 369 -48.98 48.52 35.52
N LEU F 370 -49.95 47.93 34.82
CA LEU F 370 -50.10 48.11 33.39
C LEU F 370 -49.74 49.52 32.96
N LEU F 371 -50.49 50.50 33.46
CA LEU F 371 -50.27 51.89 33.13
C LEU F 371 -48.83 52.33 33.42
N THR F 372 -48.35 51.98 34.60
CA THR F 372 -46.98 52.33 35.00
C THR F 372 -45.98 51.74 34.03
N THR F 373 -46.00 50.42 33.88
CA THR F 373 -45.10 49.73 32.97
C THR F 373 -45.04 50.50 31.65
N ALA F 374 -46.21 50.81 31.12
CA ALA F 374 -46.30 51.55 29.87
C ALA F 374 -45.47 52.83 29.97
N LYS F 375 -45.70 53.59 31.02
CA LYS F 375 -44.98 54.84 31.25
C LYS F 375 -43.48 54.62 31.07
N PHE F 376 -43.01 53.43 31.43
CA PHE F 376 -41.61 53.09 31.31
C PHE F 376 -41.18 53.05 29.85
N VAL F 377 -41.76 52.12 29.08
CA VAL F 377 -41.42 52.00 27.67
C VAL F 377 -41.59 53.35 26.97
N ASP F 378 -42.61 54.09 27.36
CA ASP F 378 -42.86 55.40 26.76
C ASP F 378 -41.67 56.32 27.00
N ALA F 379 -40.99 56.13 28.12
CA ALA F 379 -39.84 56.94 28.49
C ALA F 379 -38.61 56.64 27.64
N LEU F 380 -38.46 55.39 27.24
CA LEU F 380 -37.32 54.99 26.42
C LEU F 380 -37.22 55.90 25.21
N LYS F 381 -36.01 56.16 24.75
CA LYS F 381 -35.80 57.03 23.60
C LYS F 381 -35.09 56.37 22.43
N ILE F 382 -34.47 55.22 22.68
CA ILE F 382 -33.75 54.54 21.61
C ILE F 382 -34.51 53.40 20.93
N PRO F 383 -34.97 52.40 21.69
CA PRO F 383 -35.69 51.31 21.06
C PRO F 383 -37.04 51.73 20.48
N TYR F 384 -37.43 51.07 19.39
CA TYR F 384 -38.71 51.35 18.75
C TYR F 384 -39.74 50.44 19.40
N ILE F 385 -40.96 50.92 19.52
CA ILE F 385 -42.02 50.11 20.12
C ILE F 385 -42.70 49.33 19.00
N ALA F 386 -42.44 48.04 18.92
CA ALA F 386 -43.04 47.22 17.87
C ALA F 386 -42.69 45.75 18.06
N PRO F 387 -43.39 44.85 17.35
CA PRO F 387 -43.10 43.41 17.48
C PRO F 387 -41.72 43.13 16.90
N SER F 388 -41.52 41.92 16.38
CA SER F 388 -40.23 41.56 15.80
C SER F 388 -39.06 41.82 16.75
N PHE F 389 -37.86 41.41 16.32
CA PHE F 389 -36.66 41.59 17.12
C PHE F 389 -35.46 41.02 16.38
N GLY F 390 -34.27 41.29 16.90
CA GLY F 390 -33.06 40.76 16.28
C GLY F 390 -32.37 41.70 15.31
N GLY F 391 -32.96 42.88 15.11
CA GLY F 391 -32.36 43.83 14.20
C GLY F 391 -31.38 44.77 14.87
N CYS F 392 -30.54 45.41 14.05
CA CYS F 392 -29.55 46.36 14.56
C CYS F 392 -30.22 47.38 15.46
N GLU F 393 -31.45 47.75 15.13
CA GLU F 393 -32.18 48.72 15.92
C GLU F 393 -32.79 47.98 17.11
N SER F 394 -32.81 48.63 18.27
CA SER F 394 -33.37 48.02 19.47
C SER F 394 -34.89 48.11 19.42
N ILE F 395 -35.56 47.17 20.09
CA ILE F 395 -37.02 47.14 20.11
C ILE F 395 -37.59 46.73 21.46
N VAL F 396 -38.69 47.36 21.85
CA VAL F 396 -39.36 47.06 23.10
C VAL F 396 -40.84 46.88 22.84
N ASP F 397 -41.53 46.19 23.76
CA ASP F 397 -42.96 45.98 23.63
C ASP F 397 -43.57 45.46 24.94
N GLN F 398 -44.88 45.62 25.08
CA GLN F 398 -45.58 45.17 26.27
C GLN F 398 -46.56 44.08 25.86
N PRO F 399 -46.06 42.86 25.62
CA PRO F 399 -46.86 41.71 25.21
C PRO F 399 -48.34 41.81 25.60
N ALA F 400 -48.59 42.13 26.86
CA ALA F 400 -49.95 42.27 27.36
C ALA F 400 -50.80 43.06 26.38
N ILE F 401 -50.19 44.08 25.79
CA ILE F 401 -50.86 44.93 24.82
C ILE F 401 -50.44 44.51 23.40
N MET F 402 -49.16 44.65 23.12
CA MET F 402 -48.59 44.31 21.82
C MET F 402 -49.24 43.15 21.11
N SER F 403 -49.46 42.03 21.81
CA SER F 403 -50.06 40.88 21.15
C SER F 403 -51.00 40.04 21.99
N TYR F 404 -51.50 40.60 23.09
CA TYR F 404 -52.40 39.85 23.95
C TYR F 404 -53.53 40.73 24.44
N TRP F 405 -53.58 41.96 23.94
CA TRP F 405 -54.63 42.89 24.33
C TRP F 405 -55.99 42.35 23.96
N ASP F 406 -56.03 41.48 22.95
CA ASP F 406 -57.28 40.89 22.49
C ASP F 406 -57.86 39.95 23.51
N LEU F 407 -57.07 39.59 24.52
CA LEU F 407 -57.51 38.69 25.57
C LEU F 407 -57.89 39.43 26.84
N SER F 408 -58.54 38.71 27.76
CA SER F 408 -58.97 39.28 29.03
C SER F 408 -57.84 39.27 30.06
N GLN F 409 -57.90 40.21 30.99
CA GLN F 409 -56.89 40.31 32.04
C GLN F 409 -56.64 38.93 32.65
N SER F 410 -57.70 38.14 32.75
CA SER F 410 -57.62 36.80 33.32
C SER F 410 -56.98 35.81 32.35
N ASP F 411 -57.57 35.67 31.17
CA ASP F 411 -57.04 34.75 30.17
C ASP F 411 -55.58 35.05 29.90
N ARG F 412 -55.20 36.32 30.06
CA ARG F 412 -53.82 36.73 29.83
C ARG F 412 -52.89 36.00 30.79
N ALA F 413 -53.25 35.99 32.07
CA ALA F 413 -52.45 35.34 33.10
C ALA F 413 -52.33 33.84 32.84
N LYS F 414 -53.26 33.31 32.06
CA LYS F 414 -53.27 31.88 31.73
C LYS F 414 -51.95 31.47 31.09
N TYR F 415 -51.21 32.46 30.57
CA TYR F 415 -49.93 32.20 29.93
C TYR F 415 -48.76 32.90 30.63
N GLY F 416 -49.04 33.53 31.77
CA GLY F 416 -47.99 34.21 32.51
C GLY F 416 -47.80 35.64 32.03
N ILE F 417 -48.51 35.99 30.98
CA ILE F 417 -48.42 37.34 30.42
C ILE F 417 -48.98 38.37 31.40
N MET F 418 -48.09 39.04 32.12
CA MET F 418 -48.50 40.05 33.08
C MET F 418 -48.41 41.44 32.47
N ASP F 419 -49.30 42.34 32.89
CA ASP F 419 -49.28 43.71 32.37
C ASP F 419 -47.92 44.27 32.79
N ASN F 420 -47.23 43.49 33.60
CA ASN F 420 -45.92 43.82 34.13
C ASN F 420 -44.83 43.60 33.08
N LEU F 421 -44.83 42.38 32.52
CA LEU F 421 -43.86 41.94 31.54
C LEU F 421 -43.50 42.91 30.41
N VAL F 422 -42.21 42.95 30.11
CA VAL F 422 -41.67 43.81 29.05
C VAL F 422 -40.57 43.04 28.33
N ARG F 423 -40.67 42.97 27.01
CA ARG F 423 -39.67 42.29 26.20
C ARG F 423 -38.74 43.36 25.64
N PHE F 424 -37.45 43.08 25.61
CA PHE F 424 -36.49 44.05 25.08
C PHE F 424 -35.47 43.41 24.15
N SER F 425 -35.58 43.72 22.87
CA SER F 425 -34.64 43.20 21.89
C SER F 425 -33.51 44.21 21.78
N PHE F 426 -32.43 43.94 22.47
CA PHE F 426 -31.30 44.85 22.44
C PHE F 426 -30.73 44.93 21.05
N GLY F 427 -30.68 46.15 20.52
CA GLY F 427 -30.16 46.36 19.19
C GLY F 427 -28.65 46.20 19.18
N VAL F 428 -27.99 46.84 18.23
CA VAL F 428 -26.55 46.76 18.12
C VAL F 428 -25.91 48.09 18.51
N GLU F 429 -26.74 49.01 18.97
CA GLU F 429 -26.25 50.32 19.40
C GLU F 429 -25.21 50.13 20.50
N ASP F 430 -24.57 51.21 20.92
CA ASP F 430 -23.55 51.12 21.96
C ASP F 430 -24.17 50.89 23.34
N PHE F 431 -23.57 49.97 24.09
CA PHE F 431 -24.06 49.62 25.42
C PHE F 431 -24.39 50.84 26.28
N ASP F 432 -23.37 51.60 26.66
CA ASP F 432 -23.56 52.77 27.49
C ASP F 432 -24.79 53.57 27.04
N ASP F 433 -24.85 53.86 25.75
CA ASP F 433 -25.96 54.63 25.18
C ASP F 433 -27.30 53.99 25.55
N LEU F 434 -27.36 52.67 25.39
CA LEU F 434 -28.57 51.91 25.71
C LEU F 434 -28.84 51.89 27.21
N LYS F 435 -27.85 51.42 27.96
CA LYS F 435 -27.98 51.36 29.42
C LYS F 435 -28.50 52.68 29.96
N ALA F 436 -27.78 53.75 29.64
CA ALA F 436 -28.16 55.08 30.09
C ALA F 436 -29.65 55.33 29.84
N ASP F 437 -30.09 55.01 28.62
CA ASP F 437 -31.48 55.19 28.24
C ASP F 437 -32.41 54.40 29.15
N ILE F 438 -32.17 53.09 29.23
CA ILE F 438 -32.99 52.23 30.06
C ILE F 438 -33.08 52.78 31.48
N LEU F 439 -31.93 53.02 32.09
CA LEU F 439 -31.87 53.55 33.44
C LEU F 439 -32.65 54.84 33.58
N GLN F 440 -32.31 55.83 32.76
CA GLN F 440 -32.99 57.11 32.78
C GLN F 440 -34.49 56.88 32.66
N ALA F 441 -34.87 55.91 31.83
CA ALA F 441 -36.27 55.58 31.62
C ALA F 441 -36.86 54.97 32.88
N LEU F 442 -36.01 54.30 33.66
CA LEU F 442 -36.44 53.66 34.90
C LEU F 442 -36.44 54.64 36.08
N ASP F 443 -36.24 55.93 35.80
CA ASP F 443 -36.22 56.94 36.85
C ASP F 443 -37.57 57.65 36.89
N SER F 444 -38.23 57.72 35.74
CA SER F 444 -39.53 58.38 35.60
C SER F 444 -40.57 57.91 36.60
N ILE F 445 -40.25 56.85 37.34
CA ILE F 445 -41.17 56.32 38.34
C ILE F 445 -40.60 56.45 39.75
N TYR G 50 -26.87 65.93 17.47
CA TYR G 50 -28.11 65.23 17.02
C TYR G 50 -29.03 64.91 18.19
N ALA G 51 -28.75 63.79 18.86
CA ALA G 51 -29.55 63.37 20.00
C ALA G 51 -28.74 63.49 21.30
N SER G 52 -29.41 63.93 22.35
CA SER G 52 -28.77 64.08 23.65
C SER G 52 -28.42 62.71 24.21
N PHE G 53 -29.23 61.71 23.87
CA PHE G 53 -29.02 60.35 24.35
C PHE G 53 -28.08 59.55 23.46
N LEU G 54 -27.92 60.00 22.22
CA LEU G 54 -27.04 59.32 21.27
C LEU G 54 -25.65 59.96 21.33
N ASN G 55 -24.65 59.17 21.68
CA ASN G 55 -23.29 59.68 21.78
C ASN G 55 -22.26 58.83 21.05
N SER G 56 -22.24 57.53 21.35
CA SER G 56 -21.29 56.64 20.71
C SER G 56 -21.46 56.63 19.20
N ASP G 57 -20.35 56.73 18.48
CA ASP G 57 -20.38 56.74 17.02
C ASP G 57 -21.29 55.65 16.49
N GLY G 58 -21.08 54.42 16.95
CA GLY G 58 -21.90 53.31 16.50
C GLY G 58 -23.39 53.56 16.57
N SER G 59 -23.86 53.96 17.75
CA SER G 59 -25.28 54.23 17.97
C SER G 59 -25.76 55.22 16.92
N VAL G 60 -24.94 56.22 16.63
CA VAL G 60 -25.27 57.23 15.64
C VAL G 60 -25.39 56.57 14.27
N ALA G 61 -24.28 56.00 13.80
CA ALA G 61 -24.25 55.34 12.49
C ALA G 61 -25.45 54.46 12.28
N ILE G 62 -26.16 54.15 13.37
CA ILE G 62 -27.33 53.31 13.29
C ILE G 62 -28.61 54.13 13.22
N HIS G 63 -28.73 55.14 14.08
CA HIS G 63 -29.93 55.96 14.11
C HIS G 63 -29.77 57.39 13.60
N ALA G 64 -28.58 57.75 13.15
CA ALA G 64 -28.36 59.10 12.64
C ALA G 64 -29.26 59.38 11.44
N GLY G 65 -30.08 60.41 11.55
CA GLY G 65 -30.98 60.77 10.47
C GLY G 65 -32.10 59.77 10.24
N GLU G 66 -32.58 59.13 11.31
CA GLU G 66 -33.65 58.16 11.19
C GLU G 66 -34.50 58.12 12.45
N ARG G 67 -33.95 57.55 13.51
CA ARG G 67 -34.66 57.41 14.78
C ARG G 67 -35.63 58.55 15.07
N LEU G 68 -35.17 59.79 14.92
CA LEU G 68 -36.01 60.94 15.20
C LEU G 68 -37.07 61.14 14.13
N GLY G 69 -36.64 61.60 12.96
CA GLY G 69 -37.57 61.83 11.87
C GLY G 69 -36.92 61.49 10.54
N ARG G 70 -37.71 61.47 9.47
CA ARG G 70 -37.16 61.15 8.16
C ARG G 70 -37.67 62.08 7.07
N GLY G 71 -38.67 62.90 7.40
CA GLY G 71 -39.21 63.80 6.41
C GLY G 71 -39.89 63.02 5.30
N ILE G 72 -40.16 61.75 5.60
CA ILE G 72 -40.79 60.85 4.65
C ILE G 72 -41.86 60.05 5.39
N VAL G 73 -42.15 60.48 6.61
CA VAL G 73 -43.15 59.88 7.48
C VAL G 73 -43.62 58.46 7.20
N THR G 74 -43.36 57.55 8.13
CA THR G 74 -43.76 56.16 8.00
C THR G 74 -43.64 55.47 9.34
N ASP G 75 -44.46 54.48 9.58
CA ASP G 75 -44.40 53.74 10.83
C ASP G 75 -43.41 52.60 10.64
N ALA G 76 -42.60 52.73 9.59
CA ALA G 76 -41.59 51.72 9.29
C ALA G 76 -40.29 51.98 10.03
N ILE G 77 -39.60 50.91 10.38
CA ILE G 77 -38.34 51.02 11.09
C ILE G 77 -37.25 51.50 10.14
N THR G 78 -37.13 50.83 9.00
CA THR G 78 -36.13 51.17 8.01
C THR G 78 -36.54 52.34 7.13
N THR G 79 -35.58 52.86 6.37
CA THR G 79 -35.81 53.97 5.45
C THR G 79 -36.36 53.42 4.15
N PRO G 80 -37.48 53.97 3.68
CA PRO G 80 -38.08 53.53 2.42
C PRO G 80 -37.29 53.97 1.20
N VAL G 81 -37.19 53.10 0.21
CA VAL G 81 -36.46 53.39 -1.02
C VAL G 81 -37.36 54.07 -2.05
N VAL G 82 -37.09 55.34 -2.34
CA VAL G 82 -37.89 56.09 -3.31
C VAL G 82 -37.33 56.08 -4.72
N ASN G 83 -37.97 55.32 -5.61
CA ASN G 83 -37.55 55.19 -6.99
C ASN G 83 -38.29 56.14 -7.94
N THR G 84 -38.02 57.43 -7.83
CA THR G 84 -38.68 58.40 -8.69
C THR G 84 -37.65 59.16 -9.51
N SER G 85 -38.05 59.54 -10.72
CA SER G 85 -37.15 60.28 -11.59
C SER G 85 -37.38 61.77 -11.42
N ALA G 86 -38.48 62.13 -10.76
CA ALA G 86 -38.81 63.53 -10.55
C ALA G 86 -39.85 63.70 -9.46
N TYR G 87 -40.16 64.95 -9.13
CA TYR G 87 -41.14 65.24 -8.09
C TYR G 87 -42.16 66.25 -8.61
N PHE G 88 -43.43 65.98 -8.34
CA PHE G 88 -44.52 66.84 -8.80
C PHE G 88 -44.94 67.90 -7.80
N PHE G 89 -45.93 68.71 -8.20
CA PHE G 89 -46.47 69.77 -7.38
C PHE G 89 -47.98 69.70 -7.45
N ASN G 90 -48.64 69.95 -6.33
CA ASN G 90 -50.10 69.91 -6.29
C ASN G 90 -50.75 70.98 -7.14
N LYS G 91 -50.15 72.17 -7.15
CA LYS G 91 -50.66 73.28 -7.94
C LYS G 91 -49.57 74.30 -8.21
N THR G 92 -49.71 75.04 -9.31
CA THR G 92 -48.73 76.05 -9.70
C THR G 92 -48.36 76.96 -8.54
N SER G 93 -49.36 77.39 -7.78
CA SER G 93 -49.11 78.27 -6.64
C SER G 93 -47.99 77.72 -5.76
N GLU G 94 -47.99 76.41 -5.58
CA GLU G 94 -46.97 75.74 -4.78
C GLU G 94 -45.62 75.76 -5.49
N LEU G 95 -45.62 75.38 -6.76
CA LEU G 95 -44.40 75.37 -7.55
C LEU G 95 -43.71 76.73 -7.46
N ILE G 96 -44.51 77.78 -7.47
CA ILE G 96 -43.99 79.14 -7.36
C ILE G 96 -43.34 79.30 -5.99
N ASP G 97 -44.06 78.91 -4.95
CA ASP G 97 -43.54 79.00 -3.59
C ASP G 97 -42.16 78.37 -3.53
N PHE G 98 -42.05 77.14 -4.01
CA PHE G 98 -40.76 76.44 -3.99
C PHE G 98 -39.70 77.19 -4.78
N LYS G 99 -40.01 77.54 -6.03
CA LYS G 99 -39.07 78.26 -6.87
C LYS G 99 -38.69 79.59 -6.22
N GLU G 100 -39.58 80.12 -5.38
CA GLU G 100 -39.34 81.37 -4.68
C GLU G 100 -38.72 81.12 -3.31
N LYS G 101 -38.32 79.87 -3.09
CA LYS G 101 -37.71 79.47 -1.83
C LYS G 101 -38.62 79.68 -0.62
N ARG G 102 -39.85 79.18 -0.72
CA ARG G 102 -40.83 79.29 0.37
C ARG G 102 -41.32 77.90 0.75
N ARG G 103 -41.01 76.91 -0.09
CA ARG G 103 -41.40 75.52 0.14
C ARG G 103 -40.20 74.60 -0.03
N ALA G 104 -40.36 73.34 0.35
CA ALA G 104 -39.28 72.37 0.24
C ALA G 104 -39.59 71.25 -0.77
N SER G 105 -38.60 70.93 -1.59
CA SER G 105 -38.73 69.89 -2.60
C SER G 105 -37.42 69.71 -3.33
N PHE G 106 -37.20 68.53 -3.89
CA PHE G 106 -35.96 68.26 -4.61
C PHE G 106 -36.11 68.73 -6.04
N GLU G 107 -37.35 68.88 -6.49
CA GLU G 107 -37.66 69.32 -7.86
C GLU G 107 -37.39 68.19 -8.84
N TYR G 108 -36.12 67.83 -9.00
CA TYR G 108 -35.72 66.77 -9.91
C TYR G 108 -34.92 65.69 -9.18
N GLY G 109 -34.95 64.47 -9.72
CA GLY G 109 -34.22 63.37 -9.11
C GLY G 109 -32.72 63.63 -8.98
N ARG G 110 -32.19 64.44 -9.90
CA ARG G 110 -30.77 64.76 -9.90
C ARG G 110 -30.45 65.81 -8.83
N TYR G 111 -31.48 66.48 -8.34
CA TYR G 111 -31.31 67.51 -7.31
C TYR G 111 -31.52 66.95 -5.91
N GLY G 112 -31.63 65.63 -5.79
CA GLY G 112 -31.82 65.03 -4.48
C GLY G 112 -32.81 63.87 -4.44
N ASN G 113 -32.93 63.25 -3.28
CA ASN G 113 -33.83 62.13 -3.09
C ASN G 113 -34.00 61.89 -1.59
N PRO G 114 -35.25 61.67 -1.14
CA PRO G 114 -35.55 61.42 0.27
C PRO G 114 -34.76 60.28 0.87
N THR G 115 -34.62 59.21 0.11
CA THR G 115 -33.88 58.04 0.56
C THR G 115 -32.41 58.39 0.69
N THR G 116 -31.93 59.27 -0.18
CA THR G 116 -30.52 59.66 -0.15
C THR G 116 -30.20 60.62 0.99
N VAL G 117 -30.94 61.71 1.10
CA VAL G 117 -30.72 62.70 2.15
C VAL G 117 -30.49 62.05 3.50
N VAL G 118 -31.16 60.93 3.75
CA VAL G 118 -31.00 60.22 5.00
C VAL G 118 -29.53 59.90 5.14
N LEU G 119 -29.05 59.02 4.27
CA LEU G 119 -27.65 58.63 4.27
C LEU G 119 -26.78 59.88 4.32
N GLU G 120 -27.25 60.94 3.69
CA GLU G 120 -26.50 62.20 3.68
C GLU G 120 -26.37 62.69 5.11
N GLU G 121 -27.52 62.93 5.75
CA GLU G 121 -27.53 63.40 7.13
C GLU G 121 -26.82 62.43 8.05
N LYS G 122 -27.00 61.14 7.79
CA LYS G 122 -26.36 60.13 8.62
C LYS G 122 -24.86 60.38 8.64
N ILE G 123 -24.26 60.40 7.47
CA ILE G 123 -22.83 60.65 7.36
C ILE G 123 -22.48 61.98 8.00
N SER G 124 -23.29 63.00 7.71
CA SER G 124 -23.07 64.33 8.27
C SER G 124 -22.86 64.25 9.78
N ALA G 125 -23.74 63.51 10.45
CA ALA G 125 -23.67 63.34 11.89
C ALA G 125 -22.37 62.67 12.33
N LEU G 126 -22.06 61.54 11.69
CA LEU G 126 -20.84 60.80 12.00
C LEU G 126 -19.63 61.71 11.94
N GLU G 127 -19.31 62.19 10.75
CA GLU G 127 -18.17 63.08 10.58
C GLU G 127 -18.37 64.35 11.39
N GLY G 128 -19.59 64.54 11.89
CA GLY G 128 -19.89 65.72 12.67
C GLY G 128 -19.78 66.99 11.85
N ALA G 129 -20.35 66.97 10.65
CA ALA G 129 -20.28 68.11 9.75
C ALA G 129 -21.58 68.89 9.65
N GLU G 130 -21.52 69.98 8.88
CA GLU G 130 -22.67 70.84 8.66
C GLU G 130 -23.57 70.24 7.58
N SER G 131 -22.95 69.62 6.57
CA SER G 131 -23.69 69.01 5.49
C SER G 131 -22.84 68.03 4.70
N THR G 132 -23.47 67.04 4.08
CA THR G 132 -22.75 66.06 3.29
C THR G 132 -23.40 65.88 1.92
N LEU G 133 -22.59 65.51 0.94
CA LEU G 133 -23.06 65.30 -0.42
C LEU G 133 -22.69 63.88 -0.83
N LEU G 134 -23.50 63.29 -1.69
CA LEU G 134 -23.23 61.92 -2.13
C LEU G 134 -23.20 61.82 -3.65
N MET G 135 -22.12 61.30 -4.18
CA MET G 135 -21.98 61.14 -5.62
C MET G 135 -22.22 59.67 -5.99
N ALA G 136 -21.97 59.34 -7.24
CA ALA G 136 -22.15 57.98 -7.70
C ALA G 136 -20.91 57.14 -7.43
N SER G 137 -19.84 57.79 -6.97
CA SER G 137 -18.59 57.11 -6.67
C SER G 137 -17.53 58.07 -6.16
N GLY G 138 -16.62 57.54 -5.34
CA GLY G 138 -15.55 58.37 -4.80
C GLY G 138 -14.90 59.19 -5.88
N MET G 139 -14.46 58.52 -6.94
CA MET G 139 -13.81 59.20 -8.06
C MET G 139 -14.60 60.44 -8.44
N CYS G 140 -15.90 60.26 -8.62
CA CYS G 140 -16.76 61.37 -8.97
C CYS G 140 -16.55 62.46 -7.93
N ALA G 141 -16.82 62.12 -6.68
CA ALA G 141 -16.67 63.05 -5.56
C ALA G 141 -15.43 63.91 -5.69
N SER G 142 -14.27 63.29 -5.49
CA SER G 142 -13.00 64.01 -5.57
C SER G 142 -12.96 64.80 -6.87
N THR G 143 -13.14 64.09 -7.98
CA THR G 143 -13.12 64.68 -9.30
C THR G 143 -13.93 65.96 -9.33
N VAL G 144 -15.19 65.86 -8.92
CA VAL G 144 -16.05 67.03 -8.91
C VAL G 144 -15.47 68.08 -7.99
N MET G 145 -15.42 67.75 -6.70
CA MET G 145 -14.90 68.64 -5.68
C MET G 145 -13.79 69.54 -6.21
N LEU G 146 -12.87 68.96 -6.96
CA LEU G 146 -11.75 69.71 -7.52
C LEU G 146 -12.25 70.80 -8.46
N LEU G 147 -12.86 70.39 -9.57
CA LEU G 147 -13.39 71.33 -10.55
C LEU G 147 -14.32 72.33 -9.89
N ALA G 148 -14.86 71.94 -8.75
CA ALA G 148 -15.79 72.79 -8.02
C ALA G 148 -15.13 73.90 -7.22
N LEU G 149 -14.07 73.58 -6.49
CA LEU G 149 -13.40 74.57 -5.67
C LEU G 149 -12.19 75.25 -6.32
N VAL G 150 -11.32 74.47 -6.95
CA VAL G 150 -10.15 75.05 -7.59
C VAL G 150 -10.54 75.84 -8.84
N PRO G 151 -10.22 77.15 -8.86
CA PRO G 151 -10.54 78.00 -10.01
C PRO G 151 -9.59 77.78 -11.17
N ALA G 152 -9.85 78.46 -12.29
CA ALA G 152 -9.02 78.32 -13.47
C ALA G 152 -7.64 78.92 -13.21
N GLY G 153 -6.61 78.26 -13.72
CA GLY G 153 -5.26 78.76 -13.53
C GLY G 153 -4.82 78.70 -12.08
N GLY G 154 -5.69 78.19 -11.22
CA GLY G 154 -5.36 78.09 -9.80
C GLY G 154 -4.26 77.07 -9.53
N HIS G 155 -3.89 76.95 -8.27
CA HIS G 155 -2.85 76.01 -7.87
C HIS G 155 -3.31 75.14 -6.72
N ILE G 156 -2.87 73.89 -6.71
CA ILE G 156 -3.26 72.98 -5.65
C ILE G 156 -2.05 72.16 -5.21
N VAL G 157 -2.05 71.75 -3.95
CA VAL G 157 -0.96 70.95 -3.40
C VAL G 157 -1.48 69.57 -3.00
N THR G 158 -0.72 68.55 -3.35
CA THR G 158 -1.10 67.19 -3.02
C THR G 158 0.10 66.31 -2.77
N THR G 159 -0.09 65.28 -1.96
CA THR G 159 0.96 64.34 -1.62
C THR G 159 1.33 63.45 -2.79
N THR G 160 2.50 62.84 -2.71
CA THR G 160 2.96 61.94 -3.76
C THR G 160 2.11 60.68 -3.76
N ASP G 161 1.93 60.09 -2.58
CA ASP G 161 1.13 58.89 -2.44
C ASP G 161 -0.33 59.22 -2.72
N CYS G 162 -0.82 58.77 -3.87
CA CYS G 162 -2.20 59.05 -4.26
C CYS G 162 -2.85 57.85 -4.93
N TYR G 163 -4.17 57.92 -5.06
CA TYR G 163 -4.92 56.86 -5.70
C TYR G 163 -4.65 56.97 -7.19
N ARG G 164 -4.05 55.92 -7.76
CA ARG G 164 -3.72 55.89 -9.19
C ARG G 164 -4.57 56.85 -10.01
N LYS G 165 -5.86 56.53 -10.12
CA LYS G 165 -6.80 57.34 -10.90
C LYS G 165 -6.74 58.82 -10.50
N THR G 166 -7.02 59.10 -9.23
CA THR G 166 -7.00 60.48 -8.74
C THR G 166 -5.80 61.22 -9.29
N ARG G 167 -4.67 60.52 -9.36
CA ARG G 167 -3.44 61.11 -9.89
C ARG G 167 -3.70 61.63 -11.29
N ILE G 168 -3.94 60.71 -12.21
CA ILE G 168 -4.20 61.02 -13.60
C ILE G 168 -5.09 62.24 -13.79
N PHE G 169 -6.25 62.24 -13.14
CA PHE G 169 -7.17 63.36 -13.26
C PHE G 169 -6.43 64.68 -13.10
N ILE G 170 -5.61 64.75 -12.06
CA ILE G 170 -4.84 65.94 -11.76
C ILE G 170 -3.74 66.19 -12.78
N GLU G 171 -3.12 65.11 -13.27
CA GLU G 171 -2.03 65.23 -14.21
C GLU G 171 -2.46 65.34 -15.68
N THR G 172 -3.75 65.19 -15.95
CA THR G 172 -4.22 65.25 -17.34
C THR G 172 -5.44 66.11 -17.61
N ILE G 173 -6.34 66.23 -16.64
CA ILE G 173 -7.55 67.01 -16.83
C ILE G 173 -7.42 68.42 -16.29
N LEU G 174 -7.05 68.54 -15.01
CA LEU G 174 -6.89 69.83 -14.40
C LEU G 174 -5.99 70.77 -15.21
N PRO G 175 -4.88 70.25 -15.77
CA PRO G 175 -4.01 71.13 -16.56
C PRO G 175 -4.79 71.83 -17.68
N LYS G 176 -5.84 71.16 -18.17
CA LYS G 176 -6.67 71.72 -19.23
C LYS G 176 -7.25 73.06 -18.79
N MET G 177 -7.71 73.11 -17.55
CA MET G 177 -8.28 74.35 -17.01
C MET G 177 -7.16 75.25 -16.53
N GLY G 178 -5.94 74.95 -16.97
CA GLY G 178 -4.80 75.75 -16.56
C GLY G 178 -4.51 75.63 -15.08
N ILE G 179 -5.00 74.57 -14.46
CA ILE G 179 -4.77 74.36 -13.04
C ILE G 179 -3.46 73.63 -12.80
N THR G 180 -2.53 74.30 -12.10
CA THR G 180 -1.23 73.71 -11.81
C THR G 180 -1.20 73.18 -10.37
N ALA G 181 -0.40 72.16 -10.14
CA ALA G 181 -0.31 71.56 -8.82
C ALA G 181 1.12 71.20 -8.44
N THR G 182 1.35 71.05 -7.14
CA THR G 182 2.67 70.69 -6.62
C THR G 182 2.60 69.41 -5.79
N VAL G 183 3.42 68.44 -6.15
CA VAL G 183 3.46 67.16 -5.44
C VAL G 183 4.55 67.13 -4.39
N ILE G 184 4.15 66.86 -3.15
CA ILE G 184 5.11 66.80 -2.05
C ILE G 184 4.93 65.51 -1.25
N ASP G 185 5.90 65.19 -0.40
CA ASP G 185 5.83 63.99 0.43
C ASP G 185 4.87 64.24 1.58
N PRO G 186 4.12 63.20 1.98
CA PRO G 186 3.16 63.31 3.08
C PRO G 186 3.73 63.93 4.35
N ALA G 187 4.98 63.60 4.65
CA ALA G 187 5.64 64.12 5.85
C ALA G 187 6.27 65.49 5.68
N ASP G 188 6.97 65.67 4.56
CA ASP G 188 7.65 66.93 4.27
C ASP G 188 6.79 68.18 4.49
N VAL G 189 6.63 68.57 5.75
CA VAL G 189 5.85 69.74 6.07
C VAL G 189 6.56 70.97 5.52
N GLY G 190 7.88 70.90 5.46
CA GLY G 190 8.65 72.02 4.93
C GLY G 190 8.15 72.39 3.55
N ALA G 191 8.21 71.43 2.64
CA ALA G 191 7.76 71.64 1.26
C ALA G 191 6.42 72.35 1.24
N LEU G 192 5.46 71.82 2.00
CA LEU G 192 4.14 72.41 2.06
C LEU G 192 4.23 73.87 2.45
N GLU G 193 4.85 74.13 3.60
CA GLU G 193 5.02 75.50 4.09
C GLU G 193 5.70 76.34 3.03
N LEU G 194 6.71 75.77 2.39
CA LEU G 194 7.46 76.47 1.36
C LEU G 194 6.53 76.83 0.21
N ALA G 195 6.00 75.81 -0.46
CA ALA G 195 5.10 76.01 -1.58
C ALA G 195 3.98 76.95 -1.15
N LEU G 196 3.58 76.84 0.11
CA LEU G 196 2.51 77.67 0.66
C LEU G 196 2.83 79.14 0.45
N ASN G 197 4.11 79.45 0.34
CA ASN G 197 4.56 80.83 0.16
C ASN G 197 4.95 81.16 -1.28
N GLN G 198 5.63 80.22 -1.94
CA GLN G 198 6.05 80.43 -3.32
C GLN G 198 4.86 80.85 -4.17
N LYS G 199 3.89 79.93 -4.35
CA LYS G 199 2.71 80.19 -5.15
C LYS G 199 1.50 80.48 -4.26
N LYS G 200 0.37 80.79 -4.89
CA LYS G 200 -0.86 81.07 -4.14
C LYS G 200 -1.77 79.84 -4.23
N VAL G 201 -1.55 78.90 -3.31
CA VAL G 201 -2.32 77.66 -3.29
C VAL G 201 -3.80 77.90 -3.01
N ASN G 202 -4.65 77.21 -3.77
CA ASN G 202 -6.08 77.35 -3.59
C ASN G 202 -6.57 76.26 -2.65
N LEU G 203 -5.94 75.10 -2.70
CA LEU G 203 -6.34 74.01 -1.84
C LEU G 203 -5.33 72.87 -1.78
N PHE G 204 -5.16 72.34 -0.59
CA PHE G 204 -4.25 71.22 -0.37
C PHE G 204 -5.14 70.00 -0.25
N PHE G 205 -4.86 68.99 -1.04
CA PHE G 205 -5.66 67.78 -1.00
C PHE G 205 -4.82 66.54 -0.83
N THR G 206 -5.27 65.66 0.06
CA THR G 206 -4.56 64.42 0.30
C THR G 206 -5.37 63.48 1.18
N GLU G 207 -5.03 62.21 1.10
CA GLU G 207 -5.71 61.22 1.91
C GLU G 207 -4.77 60.75 3.01
N SER G 208 -5.35 60.46 4.17
CA SER G 208 -4.58 60.01 5.32
C SER G 208 -5.45 59.09 6.15
N PRO G 209 -5.05 57.82 6.30
CA PRO G 209 -3.84 57.20 5.74
C PRO G 209 -3.75 57.33 4.24
N THR G 210 -2.52 57.25 3.74
CA THR G 210 -2.27 57.34 2.33
C THR G 210 -2.32 55.95 1.73
N ASN G 211 -2.10 55.85 0.43
CA ASN G 211 -2.11 54.56 -0.24
C ASN G 211 -0.86 54.44 -1.12
N PRO G 212 -0.21 53.27 -1.11
CA PRO G 212 -0.55 52.07 -0.35
C PRO G 212 0.32 51.93 0.89
N PHE G 213 1.02 53.00 1.26
CA PHE G 213 1.89 52.96 2.42
C PHE G 213 1.24 53.57 3.64
N LEU G 214 -0.06 53.82 3.55
CA LEU G 214 -0.83 54.37 4.64
C LEU G 214 -0.12 55.50 5.39
N ARG G 215 0.70 56.27 4.67
CA ARG G 215 1.40 57.37 5.28
C ARG G 215 0.33 58.32 5.81
N CYS G 216 0.54 58.86 7.01
CA CYS G 216 -0.43 59.77 7.58
C CYS G 216 0.08 61.20 7.62
N VAL G 217 -0.85 62.14 7.65
CA VAL G 217 -0.51 63.55 7.64
C VAL G 217 -1.03 64.22 8.92
N ASP G 218 -0.18 65.02 9.56
CA ASP G 218 -0.62 65.70 10.77
C ASP G 218 -1.62 66.76 10.38
N ILE G 219 -2.86 66.32 10.17
CA ILE G 219 -3.94 67.21 9.79
C ILE G 219 -3.86 68.54 10.54
N GLU G 220 -4.19 68.49 11.82
CA GLU G 220 -4.18 69.67 12.69
C GLU G 220 -3.09 70.65 12.27
N LEU G 221 -1.85 70.15 12.20
CA LEU G 221 -0.72 70.98 11.82
C LEU G 221 -0.95 71.57 10.43
N VAL G 222 -1.02 70.69 9.45
CA VAL G 222 -1.22 71.12 8.07
C VAL G 222 -2.36 72.13 7.96
N SER G 223 -3.53 71.78 8.48
CA SER G 223 -4.68 72.67 8.43
C SER G 223 -4.24 74.07 8.81
N LYS G 224 -3.49 74.16 9.91
CA LYS G 224 -3.00 75.43 10.41
C LYS G 224 -2.19 76.15 9.34
N LEU G 225 -1.08 75.53 8.94
CA LEU G 225 -0.21 76.10 7.93
C LEU G 225 -0.99 76.59 6.71
N CYS G 226 -1.93 75.77 6.26
CA CYS G 226 -2.72 76.12 5.10
C CYS G 226 -3.67 77.27 5.35
N HIS G 227 -4.50 77.16 6.39
CA HIS G 227 -5.46 78.20 6.72
C HIS G 227 -4.76 79.54 6.92
N GLU G 228 -3.48 79.50 7.25
CA GLU G 228 -2.72 80.72 7.45
C GLU G 228 -2.57 81.46 6.13
N LYS G 229 -2.36 80.69 5.07
CA LYS G 229 -2.19 81.26 3.73
C LYS G 229 -3.48 81.26 2.92
N GLY G 230 -4.60 81.04 3.59
CA GLY G 230 -5.89 81.05 2.92
C GLY G 230 -6.17 79.84 2.04
N ALA G 231 -5.33 78.83 2.13
CA ALA G 231 -5.52 77.62 1.33
C ALA G 231 -6.59 76.74 1.97
N LEU G 232 -7.15 75.83 1.17
CA LEU G 232 -8.18 74.92 1.66
C LEU G 232 -7.60 73.54 1.88
N VAL G 233 -8.06 72.85 2.91
CA VAL G 233 -7.55 71.51 3.20
C VAL G 233 -8.62 70.45 3.05
N CYS G 234 -8.42 69.56 2.10
CA CYS G 234 -9.36 68.48 1.85
C CYS G 234 -8.67 67.14 2.09
N ILE G 235 -9.21 66.37 3.02
CA ILE G 235 -8.64 65.07 3.35
C ILE G 235 -9.53 63.93 2.94
N ASP G 236 -8.92 62.90 2.35
CA ASP G 236 -9.66 61.73 1.92
C ASP G 236 -9.47 60.66 2.99
N GLY G 237 -10.35 60.67 3.99
CA GLY G 237 -10.25 59.70 5.07
C GLY G 237 -10.85 58.35 4.74
N THR G 238 -10.79 57.95 3.48
CA THR G 238 -11.33 56.66 3.06
C THR G 238 -10.81 55.55 3.96
N PHE G 239 -9.51 55.30 3.85
CA PHE G 239 -8.85 54.26 4.64
C PHE G 239 -9.16 54.38 6.12
N ALA G 240 -9.31 55.61 6.60
CA ALA G 240 -9.58 55.86 8.00
C ALA G 240 -10.98 55.46 8.46
N THR G 241 -11.97 56.17 7.95
CA THR G 241 -13.37 55.95 8.31
C THR G 241 -13.69 56.99 9.37
N PRO G 242 -14.87 57.62 9.31
CA PRO G 242 -15.22 58.62 10.32
C PRO G 242 -15.09 58.08 11.74
N LEU G 243 -15.11 56.76 11.89
CA LEU G 243 -14.99 56.13 13.20
C LEU G 243 -13.58 56.19 13.76
N ASN G 244 -12.59 56.03 12.87
CA ASN G 244 -11.20 56.05 13.29
C ASN G 244 -10.57 57.45 13.35
N GLN G 245 -11.29 58.45 12.86
CA GLN G 245 -10.76 59.82 12.89
C GLN G 245 -11.76 60.83 12.34
N LYS G 246 -11.73 62.03 12.93
CA LYS G 246 -12.63 63.09 12.51
C LYS G 246 -11.85 64.26 11.94
N ALA G 247 -11.24 64.05 10.79
CA ALA G 247 -10.44 65.07 10.11
C ALA G 247 -11.01 66.47 10.25
N LEU G 248 -12.33 66.57 10.18
CA LEU G 248 -12.98 67.87 10.29
C LEU G 248 -12.67 68.52 11.63
N ALA G 249 -12.82 67.76 12.71
CA ALA G 249 -12.55 68.27 14.04
C ALA G 249 -11.08 68.63 14.15
N LEU G 250 -10.25 67.91 13.41
CA LEU G 250 -8.81 68.14 13.43
C LEU G 250 -8.46 69.47 12.77
N GLY G 251 -9.42 70.05 12.05
CA GLY G 251 -9.17 71.31 11.39
C GLY G 251 -9.45 71.30 9.90
N ALA G 252 -9.43 70.10 9.30
CA ALA G 252 -9.67 69.96 7.87
C ALA G 252 -10.93 70.71 7.46
N ASP G 253 -10.94 71.19 6.23
CA ASP G 253 -12.08 71.93 5.70
C ASP G 253 -13.09 70.95 5.13
N LEU G 254 -12.62 70.00 4.33
CA LEU G 254 -13.48 69.02 3.71
C LEU G 254 -12.93 67.62 3.86
N VAL G 255 -13.82 66.67 4.12
CA VAL G 255 -13.43 65.28 4.25
C VAL G 255 -14.31 64.48 3.32
N LEU G 256 -13.73 63.52 2.64
CA LEU G 256 -14.48 62.70 1.71
C LEU G 256 -13.97 61.28 1.71
N HIS G 257 -14.89 60.33 1.55
CA HIS G 257 -14.51 58.93 1.52
C HIS G 257 -15.16 58.28 0.32
N SER G 258 -14.67 57.09 -0.03
CA SER G 258 -15.25 56.33 -1.13
C SER G 258 -16.10 55.27 -0.44
N ALA G 259 -17.34 55.64 -0.14
CA ALA G 259 -18.27 54.73 0.52
C ALA G 259 -18.27 53.36 -0.13
N THR G 260 -17.68 53.27 -1.32
CA THR G 260 -17.59 52.02 -2.04
C THR G 260 -16.86 50.99 -1.20
N LYS G 261 -15.95 51.46 -0.35
CA LYS G 261 -15.13 50.58 0.49
C LYS G 261 -15.68 50.20 1.87
N PHE G 262 -15.40 51.02 2.88
CA PHE G 262 -15.83 50.73 4.24
C PHE G 262 -17.29 51.06 4.54
N LEU G 263 -17.68 52.30 4.33
CA LEU G 263 -19.06 52.69 4.62
C LEU G 263 -20.04 51.62 4.17
N GLY G 264 -19.89 51.17 2.93
CA GLY G 264 -20.76 50.13 2.42
C GLY G 264 -20.28 48.79 2.93
N GLY G 265 -18.96 48.65 2.98
CA GLY G 265 -18.31 47.43 3.48
C GLY G 265 -18.87 46.08 3.07
N HIS G 266 -19.50 45.99 1.91
CA HIS G 266 -20.04 44.72 1.46
C HIS G 266 -19.62 44.38 0.03
N ASN G 267 -18.82 45.27 -0.55
CA ASN G 267 -18.34 45.07 -1.91
C ASN G 267 -19.46 44.85 -2.91
N ASP G 268 -20.58 45.55 -2.73
CA ASP G 268 -21.71 45.39 -3.63
C ASP G 268 -22.33 46.71 -4.07
N VAL G 269 -21.58 47.80 -3.93
CA VAL G 269 -22.10 49.10 -4.33
C VAL G 269 -21.01 50.17 -4.39
N LEU G 270 -21.13 51.07 -5.37
CA LEU G 270 -20.16 52.16 -5.53
C LEU G 270 -20.83 53.44 -5.06
N ALA G 271 -20.05 54.35 -4.51
CA ALA G 271 -20.60 55.62 -4.06
C ALA G 271 -19.51 56.48 -3.43
N GLY G 272 -19.67 57.78 -3.57
CA GLY G 272 -18.71 58.72 -3.01
C GLY G 272 -19.44 59.72 -2.15
N CYS G 273 -18.72 60.45 -1.32
CA CYS G 273 -19.36 61.44 -0.48
C CYS G 273 -18.36 62.43 0.07
N ILE G 274 -18.81 63.67 0.20
CA ILE G 274 -17.98 64.74 0.71
C ILE G 274 -18.77 65.44 1.80
N SER G 275 -18.10 65.72 2.92
CA SER G 275 -18.76 66.37 4.04
C SER G 275 -17.96 67.56 4.57
N GLY G 276 -18.65 68.59 5.01
CA GLY G 276 -17.99 69.77 5.54
C GLY G 276 -18.96 70.92 5.75
N PRO G 277 -18.47 72.16 5.81
CA PRO G 277 -19.33 73.34 6.01
C PRO G 277 -20.28 73.58 4.84
N LEU G 278 -21.51 73.97 5.14
CA LEU G 278 -22.50 74.23 4.10
C LEU G 278 -21.93 75.17 3.05
N LYS G 279 -21.56 76.38 3.48
CA LYS G 279 -21.01 77.39 2.59
C LYS G 279 -20.10 76.79 1.52
N LEU G 280 -19.41 75.72 1.87
CA LEU G 280 -18.50 75.07 0.95
C LEU G 280 -19.16 73.95 0.16
N VAL G 281 -19.64 72.93 0.85
CA VAL G 281 -20.29 71.79 0.19
C VAL G 281 -21.31 72.21 -0.85
N SER G 282 -22.16 73.17 -0.51
CA SER G 282 -23.18 73.64 -1.43
C SER G 282 -22.59 74.01 -2.78
N GLU G 283 -21.51 74.78 -2.76
CA GLU G 283 -20.85 75.20 -3.99
C GLU G 283 -20.57 73.99 -4.88
N ILE G 284 -20.27 72.86 -4.25
CA ILE G 284 -19.99 71.63 -4.99
C ILE G 284 -21.31 71.03 -5.48
N ARG G 285 -22.26 70.89 -4.56
CA ARG G 285 -23.57 70.35 -4.87
C ARG G 285 -24.11 71.00 -6.14
N ASN G 286 -23.89 72.31 -6.26
CA ASN G 286 -24.36 73.05 -7.42
C ASN G 286 -23.77 72.47 -8.68
N LEU G 287 -22.45 72.52 -8.80
CA LEU G 287 -21.78 71.98 -9.97
C LEU G 287 -22.16 70.52 -10.17
N HIS G 288 -22.48 69.85 -9.07
CA HIS G 288 -22.88 68.45 -9.11
C HIS G 288 -24.19 68.30 -9.86
N HIS G 289 -25.13 69.18 -9.55
CA HIS G 289 -26.43 69.16 -10.18
C HIS G 289 -26.30 69.28 -11.69
N ILE G 290 -25.19 69.85 -12.15
CA ILE G 290 -24.97 70.03 -13.58
C ILE G 290 -24.29 68.81 -14.19
N LEU G 291 -23.14 68.43 -13.65
CA LEU G 291 -22.42 67.28 -14.18
C LEU G 291 -23.28 66.03 -14.03
N GLY G 292 -24.31 66.13 -13.20
CA GLY G 292 -25.23 65.03 -13.00
C GLY G 292 -24.63 63.66 -12.76
N GLY G 293 -24.13 63.45 -11.54
CA GLY G 293 -23.55 62.17 -11.18
C GLY G 293 -24.33 61.61 -10.01
N ALA G 294 -25.62 61.93 -9.96
CA ALA G 294 -26.51 61.49 -8.91
C ALA G 294 -26.35 60.01 -8.54
N LEU G 295 -26.60 59.71 -7.27
CA LEU G 295 -26.50 58.34 -6.77
C LEU G 295 -27.87 57.71 -6.69
N ASN G 296 -28.02 56.53 -7.28
CA ASN G 296 -29.29 55.83 -7.27
C ASN G 296 -29.76 55.53 -5.84
N PRO G 297 -31.06 55.66 -5.58
CA PRO G 297 -31.60 55.39 -4.26
C PRO G 297 -31.24 53.99 -3.75
N ASN G 298 -31.45 52.98 -4.58
CA ASN G 298 -31.13 51.62 -4.20
C ASN G 298 -29.72 51.54 -3.64
N ALA G 299 -28.80 52.24 -4.28
CA ALA G 299 -27.42 52.26 -3.81
C ALA G 299 -27.42 52.91 -2.43
N ALA G 300 -27.97 54.11 -2.36
CA ALA G 300 -28.04 54.84 -1.10
C ALA G 300 -28.52 53.93 0.01
N TYR G 301 -29.63 53.23 -0.22
CA TYR G 301 -30.15 52.33 0.81
C TYR G 301 -29.12 51.31 1.25
N LEU G 302 -28.60 50.55 0.29
CA LEU G 302 -27.60 49.54 0.59
C LEU G 302 -26.54 50.07 1.55
N ILE G 303 -26.10 51.31 1.31
CA ILE G 303 -25.09 51.91 2.16
C ILE G 303 -25.67 52.13 3.55
N ILE G 304 -26.82 52.79 3.61
CA ILE G 304 -27.48 53.05 4.87
C ILE G 304 -27.54 51.73 5.65
N ARG G 305 -27.92 50.67 4.94
CA ARG G 305 -28.03 49.34 5.54
C ARG G 305 -26.68 48.85 6.02
N GLY G 306 -25.63 49.18 5.26
CA GLY G 306 -24.30 48.76 5.64
C GLY G 306 -23.81 49.50 6.87
N MET G 307 -24.05 50.80 6.91
CA MET G 307 -23.62 51.63 8.02
C MET G 307 -24.28 51.22 9.33
N LYS G 308 -25.28 50.35 9.25
CA LYS G 308 -25.98 49.88 10.43
C LYS G 308 -25.01 49.12 11.33
N THR G 309 -24.01 48.49 10.71
CA THR G 309 -23.03 47.72 11.46
C THR G 309 -21.61 48.23 11.23
N LEU G 310 -21.46 49.53 10.97
CA LEU G 310 -20.15 50.12 10.72
C LEU G 310 -19.18 49.86 11.86
N HIS G 311 -19.49 50.42 13.04
CA HIS G 311 -18.64 50.25 14.21
C HIS G 311 -18.26 48.78 14.36
N LEU G 312 -19.27 47.93 14.50
CA LEU G 312 -19.06 46.51 14.65
C LEU G 312 -17.94 46.04 13.72
N ARG G 313 -18.10 46.32 12.44
CA ARG G 313 -17.10 45.92 11.44
C ARG G 313 -15.74 46.56 11.68
N VAL G 314 -15.68 47.88 11.56
CA VAL G 314 -14.43 48.61 11.75
C VAL G 314 -13.65 48.03 12.92
N GLN G 315 -14.30 47.93 14.07
CA GLN G 315 -13.68 47.38 15.26
C GLN G 315 -12.93 46.11 14.88
N GLN G 316 -13.68 45.06 14.57
CA GLN G 316 -13.12 43.78 14.19
C GLN G 316 -11.95 43.93 13.22
N GLN G 317 -12.16 44.71 12.17
CA GLN G 317 -11.12 44.93 11.17
C GLN G 317 -9.87 45.55 11.80
N ASN G 318 -10.06 46.60 12.57
CA ASN G 318 -8.95 47.28 13.22
C ASN G 318 -8.06 46.30 13.98
N SER G 319 -8.71 45.41 14.75
CA SER G 319 -7.98 44.40 15.53
C SER G 319 -7.20 43.46 14.63
N THR G 320 -7.92 42.64 13.89
CA THR G 320 -7.30 41.68 12.97
C THR G 320 -6.09 42.29 12.27
N ALA G 321 -6.25 43.50 11.75
CA ALA G 321 -5.16 44.19 11.05
C ALA G 321 -3.94 44.27 11.97
N LEU G 322 -4.07 45.03 13.05
CA LEU G 322 -2.99 45.22 14.01
C LEU G 322 -2.27 43.92 14.33
N ARG G 323 -2.99 42.98 14.95
CA ARG G 323 -2.41 41.70 15.31
C ARG G 323 -1.64 41.10 14.14
N MET G 324 -2.33 40.92 13.02
CA MET G 324 -1.70 40.36 11.85
C MET G 324 -0.47 41.17 11.46
N ALA G 325 -0.60 42.49 11.51
CA ALA G 325 0.52 43.38 11.17
C ALA G 325 1.76 42.93 11.90
N GLU G 326 1.72 42.99 13.23
CA GLU G 326 2.85 42.58 14.05
C GLU G 326 3.31 41.18 13.65
N ILE G 327 2.40 40.21 13.72
CA ILE G 327 2.74 38.84 13.36
C ILE G 327 3.49 38.79 12.04
N LEU G 328 3.11 39.67 11.12
CA LEU G 328 3.73 39.72 9.80
C LEU G 328 5.12 40.34 9.91
N GLU G 329 5.20 41.46 10.61
CA GLU G 329 6.46 42.17 10.81
C GLU G 329 7.50 41.22 11.38
N ALA G 330 7.09 40.41 12.35
CA ALA G 330 7.99 39.46 12.99
C ALA G 330 8.38 38.31 12.08
N HIS G 331 7.48 37.96 11.15
CA HIS G 331 7.76 36.87 10.23
C HIS G 331 9.04 37.13 9.45
N PRO G 332 9.84 36.08 9.25
CA PRO G 332 11.11 36.16 8.51
C PRO G 332 10.95 36.43 7.02
N LYS G 333 10.04 35.71 6.38
CA LYS G 333 9.82 35.89 4.95
C LYS G 333 9.23 37.27 4.63
N VAL G 334 8.89 38.03 5.66
CA VAL G 334 8.32 39.34 5.46
C VAL G 334 9.41 40.40 5.58
N ARG G 335 9.80 40.99 4.45
CA ARG G 335 10.84 42.01 4.45
C ARG G 335 10.42 43.26 5.21
N HIS G 336 9.30 43.84 4.82
CA HIS G 336 8.81 45.06 5.47
C HIS G 336 7.29 45.04 5.59
N VAL G 337 6.76 45.79 6.56
CA VAL G 337 5.33 45.87 6.77
C VAL G 337 4.92 47.32 7.05
N TYR G 338 3.83 47.74 6.42
CA TYR G 338 3.34 49.10 6.61
C TYR G 338 1.99 49.09 7.33
N TYR G 339 1.90 49.88 8.40
CA TYR G 339 0.68 49.97 9.18
C TYR G 339 0.88 51.01 10.29
N PRO G 340 0.06 52.06 10.29
CA PRO G 340 0.18 53.11 11.31
C PRO G 340 0.13 52.59 12.75
N GLY G 341 -0.40 51.38 12.92
CA GLY G 341 -0.49 50.81 14.25
C GLY G 341 0.86 50.41 14.82
N LEU G 342 1.78 50.02 13.94
CA LEU G 342 3.11 49.60 14.36
C LEU G 342 3.99 50.82 14.64
N GLN G 343 5.01 50.62 15.46
CA GLN G 343 5.94 51.69 15.79
C GLN G 343 6.89 51.89 14.62
N SER G 344 7.13 50.81 13.88
CA SER G 344 8.01 50.84 12.73
C SER G 344 7.52 51.84 11.69
N HIS G 345 6.26 52.27 11.83
CA HIS G 345 5.69 53.24 10.90
C HIS G 345 6.15 54.66 11.16
N PRO G 346 6.66 55.34 10.13
CA PRO G 346 7.17 56.72 10.19
C PRO G 346 6.31 57.69 10.99
N GLU G 347 5.07 57.87 10.57
CA GLU G 347 4.17 58.80 11.26
C GLU G 347 3.36 58.12 12.35
N HIS G 348 3.86 57.00 12.85
CA HIS G 348 3.17 56.26 13.90
C HIS G 348 2.73 57.17 15.04
N HIS G 349 3.58 58.09 15.43
CA HIS G 349 3.26 59.00 16.52
C HIS G 349 2.05 59.85 16.15
N ILE G 350 2.01 60.35 14.93
CA ILE G 350 0.89 61.17 14.48
C ILE G 350 -0.36 60.28 14.48
N ALA G 351 -0.18 59.06 13.98
CA ALA G 351 -1.28 58.11 13.92
C ALA G 351 -1.94 58.06 15.28
N LYS G 352 -1.16 57.81 16.31
CA LYS G 352 -1.67 57.72 17.67
C LYS G 352 -2.33 59.02 18.11
N LYS G 353 -1.71 60.14 17.78
CA LYS G 353 -2.23 61.43 18.20
C LYS G 353 -3.59 61.83 17.61
N GLN G 354 -3.85 61.46 16.36
CA GLN G 354 -5.12 61.83 15.73
C GLN G 354 -6.10 60.70 15.44
N MET G 355 -5.60 59.46 15.45
CA MET G 355 -6.46 58.31 15.18
C MET G 355 -6.78 57.53 16.44
N THR G 356 -7.81 56.70 16.36
CA THR G 356 -8.22 55.86 17.48
C THR G 356 -8.18 54.42 16.99
N GLY G 357 -7.82 54.28 15.73
CA GLY G 357 -7.73 52.96 15.10
C GLY G 357 -6.76 53.12 13.95
N PHE G 358 -6.51 52.04 13.22
CA PHE G 358 -5.58 52.12 12.11
C PHE G 358 -6.07 51.41 10.87
N GLY G 359 -7.38 51.24 10.77
CA GLY G 359 -7.97 50.59 9.61
C GLY G 359 -7.75 49.09 9.60
N GLY G 360 -8.23 48.45 8.54
CA GLY G 360 -8.08 47.01 8.43
C GLY G 360 -7.25 46.70 7.20
N ALA G 361 -6.51 47.71 6.75
CA ALA G 361 -5.66 47.55 5.57
C ALA G 361 -4.19 47.52 5.98
N VAL G 362 -3.48 46.52 5.45
CA VAL G 362 -2.06 46.37 5.75
C VAL G 362 -1.27 46.03 4.50
N SER G 363 -0.22 46.80 4.26
CA SER G 363 0.64 46.59 3.12
C SER G 363 1.98 46.06 3.61
N PHE G 364 2.62 45.22 2.81
CA PHE G 364 3.90 44.65 3.21
C PHE G 364 4.64 44.04 2.03
N GLU G 365 5.97 44.12 2.08
CA GLU G 365 6.80 43.55 1.04
C GLU G 365 7.28 42.17 1.44
N VAL G 366 7.14 41.22 0.53
CA VAL G 366 7.55 39.84 0.78
C VAL G 366 9.01 39.65 0.41
N ASP G 367 9.72 38.85 1.19
CA ASP G 367 11.13 38.60 0.91
C ASP G 367 11.30 37.71 -0.31
N GLY G 368 11.00 38.25 -1.49
CA GLY G 368 11.12 37.49 -2.72
C GLY G 368 11.06 38.40 -3.93
N ASP G 369 10.87 37.83 -5.11
CA ASP G 369 10.80 38.62 -6.33
C ASP G 369 9.38 38.62 -6.88
N LEU G 370 9.17 39.39 -7.94
CA LEU G 370 7.86 39.49 -8.58
C LEU G 370 7.14 38.14 -8.61
N LEU G 371 7.72 37.19 -9.33
CA LEU G 371 7.14 35.86 -9.45
C LEU G 371 6.89 35.20 -8.11
N THR G 372 7.86 35.31 -7.20
CA THR G 372 7.73 34.70 -5.87
C THR G 372 6.54 35.30 -5.11
N THR G 373 6.53 36.63 -5.02
CA THR G 373 5.45 37.32 -4.32
C THR G 373 4.11 36.81 -4.81
N ALA G 374 3.97 36.69 -6.13
CA ALA G 374 2.74 36.21 -6.71
C ALA G 374 2.40 34.85 -6.11
N LYS G 375 3.37 33.94 -6.16
CA LYS G 375 3.20 32.59 -5.62
C LYS G 375 2.57 32.67 -4.24
N PHE G 376 2.91 33.71 -3.50
CA PHE G 376 2.37 33.89 -2.16
C PHE G 376 0.87 34.11 -2.24
N VAL G 377 0.48 35.22 -2.87
CA VAL G 377 -0.93 35.55 -3.00
C VAL G 377 -1.71 34.39 -3.61
N ASP G 378 -1.11 33.73 -4.58
CA ASP G 378 -1.75 32.59 -5.24
C ASP G 378 -2.03 31.49 -4.22
N ALA G 379 -1.21 31.44 -3.18
CA ALA G 379 -1.35 30.44 -2.13
C ALA G 379 -2.53 30.70 -1.22
N LEU G 380 -2.78 31.98 -0.93
CA LEU G 380 -3.89 32.35 -0.05
C LEU G 380 -5.16 31.66 -0.51
N LYS G 381 -6.05 31.37 0.43
CA LYS G 381 -7.29 30.68 0.10
C LYS G 381 -8.57 31.43 0.50
N ILE G 382 -8.43 32.45 1.33
CA ILE G 382 -9.61 33.19 1.77
C ILE G 382 -9.85 34.52 1.04
N PRO G 383 -8.85 35.42 1.04
CA PRO G 383 -9.08 36.69 0.34
C PRO G 383 -9.23 36.55 -1.18
N TYR G 384 -9.96 37.48 -1.78
CA TYR G 384 -10.17 37.47 -3.23
C TYR G 384 -9.10 38.37 -3.83
N ILE G 385 -8.62 38.01 -5.01
CA ILE G 385 -7.62 38.83 -5.69
C ILE G 385 -8.37 39.86 -6.52
N ALA G 386 -8.34 41.11 -6.10
CA ALA G 386 -9.03 42.17 -6.83
C ALA G 386 -8.79 43.51 -6.17
N PRO G 387 -9.08 44.61 -6.89
CA PRO G 387 -8.88 45.94 -6.29
C PRO G 387 -9.85 46.14 -5.13
N SER G 388 -10.19 47.40 -4.86
CA SER G 388 -11.11 47.70 -3.77
C SER G 388 -10.66 47.11 -2.43
N PHE G 389 -11.41 47.41 -1.37
CA PHE G 389 -11.09 46.93 -0.04
C PHE G 389 -12.13 47.47 0.94
N GLY G 390 -12.11 46.98 2.17
CA GLY G 390 -13.05 47.43 3.18
C GLY G 390 -14.30 46.60 3.36
N GLY G 391 -14.50 45.63 2.47
CA GLY G 391 -15.68 44.79 2.57
C GLY G 391 -15.53 43.67 3.57
N CYS G 392 -16.62 42.96 3.85
CA CYS G 392 -16.59 41.85 4.79
C CYS G 392 -15.62 40.77 4.30
N GLU G 393 -15.59 40.58 2.99
CA GLU G 393 -14.68 39.59 2.42
C GLU G 393 -13.28 40.19 2.35
N SER G 394 -12.27 39.36 2.60
CA SER G 394 -10.90 39.82 2.58
C SER G 394 -10.39 39.92 1.15
N ILE G 395 -9.50 40.87 0.90
CA ILE G 395 -8.95 41.06 -0.45
C ILE G 395 -7.44 41.28 -0.44
N VAL G 396 -6.79 40.79 -1.48
CA VAL G 396 -5.34 40.93 -1.63
C VAL G 396 -5.04 41.31 -3.08
N ASP G 397 -3.86 41.90 -3.29
CA ASP G 397 -3.47 42.30 -4.63
C ASP G 397 -2.00 42.68 -4.71
N GLN G 398 -1.46 42.68 -5.92
CA GLN G 398 -0.07 43.03 -6.14
C GLN G 398 -0.04 44.30 -6.99
N PRO G 399 -0.18 45.46 -6.33
CA PRO G 399 -0.19 46.77 -6.99
C PRO G 399 0.62 46.79 -8.28
N ALA G 400 1.86 46.31 -8.19
CA ALA G 400 2.76 46.25 -9.33
C ALA G 400 2.02 45.76 -10.56
N ILE G 401 1.19 44.74 -10.37
CA ILE G 401 0.43 44.17 -11.46
C ILE G 401 -0.99 44.73 -11.47
N MET G 402 -1.64 44.60 -10.32
CA MET G 402 -3.01 45.06 -10.16
C MET G 402 -3.32 46.39 -10.84
N SER G 403 -2.52 47.42 -10.57
CA SER G 403 -2.80 48.71 -11.16
C SER G 403 -1.59 49.52 -11.59
N TYR G 404 -0.48 48.84 -11.86
CA TYR G 404 0.72 49.53 -12.29
C TYR G 404 1.48 48.73 -13.34
N TRP G 405 0.90 47.59 -13.72
CA TRP G 405 1.52 46.73 -14.72
C TRP G 405 1.68 47.48 -16.04
N ASP G 406 0.89 48.53 -16.21
CA ASP G 406 0.94 49.34 -17.41
C ASP G 406 2.23 50.15 -17.48
N LEU G 407 2.95 50.21 -16.36
CA LEU G 407 4.19 50.97 -16.30
C LEU G 407 5.42 50.07 -16.37
N SER G 408 6.58 50.70 -16.55
CA SER G 408 7.84 49.97 -16.63
C SER G 408 8.41 49.68 -15.24
N GLN G 409 9.20 48.61 -15.16
CA GLN G 409 9.82 48.20 -13.91
C GLN G 409 10.47 49.41 -13.22
N SER G 410 11.02 50.30 -14.03
CA SER G 410 11.67 51.50 -13.54
C SER G 410 10.65 52.53 -13.06
N ASP G 411 9.82 53.00 -13.97
CA ASP G 411 8.80 53.99 -13.64
C ASP G 411 8.01 53.55 -12.41
N ARG G 412 7.88 52.24 -12.24
CA ARG G 412 7.15 51.69 -11.10
C ARG G 412 7.82 52.11 -9.80
N ALA G 413 9.13 51.95 -9.74
CA ALA G 413 9.90 52.31 -8.55
C ALA G 413 9.79 53.80 -8.28
N LYS G 414 9.45 54.56 -9.32
CA LYS G 414 9.31 56.02 -9.19
C LYS G 414 8.33 56.38 -8.08
N TYR G 415 7.50 55.42 -7.71
CA TYR G 415 6.52 55.63 -6.66
C TYR G 415 6.69 54.68 -5.48
N GLY G 416 7.73 53.85 -5.53
CA GLY G 416 7.98 52.92 -4.45
C GLY G 416 7.30 51.58 -4.68
N ILE G 417 6.48 51.52 -5.72
CA ILE G 417 5.76 50.30 -6.03
C ILE G 417 6.74 49.22 -6.44
N MET G 418 7.04 48.32 -5.51
CA MET G 418 7.96 47.22 -5.78
C MET G 418 7.18 45.96 -6.13
N ASP G 419 7.79 45.12 -6.96
CA ASP G 419 7.14 43.86 -7.35
C ASP G 419 7.02 43.03 -6.07
N ASN G 420 7.54 43.61 -4.99
CA ASN G 420 7.55 43.00 -3.67
C ASN G 420 6.26 43.27 -2.91
N LEU G 421 5.89 44.55 -2.85
CA LEU G 421 4.71 45.04 -2.16
C LEU G 421 3.41 44.25 -2.35
N VAL G 422 2.69 44.08 -1.26
CA VAL G 422 1.41 43.38 -1.27
C VAL G 422 0.43 44.09 -0.36
N ARG G 423 -0.76 44.39 -0.88
CA ARG G 423 -1.79 45.06 -0.11
C ARG G 423 -2.76 44.02 0.40
N PHE G 424 -3.14 44.12 1.67
CA PHE G 424 -4.07 43.16 2.23
C PHE G 424 -5.20 43.83 2.99
N SER G 425 -6.40 43.77 2.40
CA SER G 425 -7.56 44.34 3.05
C SER G 425 -8.19 43.22 3.86
N PHE G 426 -7.94 43.24 5.16
CA PHE G 426 -8.49 42.23 6.03
C PHE G 426 -10.00 42.33 6.10
N GLY G 427 -10.66 41.26 5.70
CA GLY G 427 -12.11 41.24 5.73
C GLY G 427 -12.61 41.25 7.15
N VAL G 428 -13.73 40.61 7.39
CA VAL G 428 -14.32 40.55 8.72
C VAL G 428 -14.32 39.11 9.24
N GLU G 429 -13.74 38.21 8.44
CA GLU G 429 -13.66 36.80 8.82
C GLU G 429 -12.96 36.67 10.16
N ASP G 430 -12.98 35.47 10.72
CA ASP G 430 -12.34 35.23 12.01
C ASP G 430 -10.83 35.27 11.92
N PHE G 431 -10.22 35.99 12.86
CA PHE G 431 -8.76 36.14 12.89
C PHE G 431 -8.00 34.86 12.61
N ASP G 432 -8.07 33.92 13.55
CA ASP G 432 -7.38 32.65 13.41
C ASP G 432 -7.48 32.10 11.99
N ASP G 433 -8.69 32.03 11.47
CA ASP G 433 -8.93 31.53 10.12
C ASP G 433 -8.05 32.26 9.12
N LEU G 434 -7.99 33.58 9.27
CA LEU G 434 -7.20 34.42 8.38
C LEU G 434 -5.71 34.20 8.61
N LYS G 435 -5.26 34.42 9.83
CA LYS G 435 -3.86 34.23 10.18
C LYS G 435 -3.37 32.91 9.59
N ALA G 436 -3.99 31.83 10.02
CA ALA G 436 -3.62 30.49 9.55
C ALA G 436 -3.42 30.50 8.04
N ASP G 437 -4.37 31.05 7.31
CA ASP G 437 -4.29 31.11 5.86
C ASP G 437 -3.02 31.83 5.43
N ILE G 438 -2.85 33.06 5.89
CA ILE G 438 -1.68 33.86 5.55
C ILE G 438 -0.40 33.07 5.82
N LEU G 439 -0.24 32.61 7.05
CA LEU G 439 0.94 31.85 7.43
C LEU G 439 1.16 30.69 6.48
N GLN G 440 0.18 29.81 6.40
CA GLN G 440 0.25 28.65 5.53
C GLN G 440 0.69 29.07 4.13
N ALA G 441 0.25 30.24 3.69
CA ALA G 441 0.61 30.74 2.37
C ALA G 441 2.08 31.12 2.35
N LEU G 442 2.53 31.82 3.38
CA LEU G 442 3.92 32.24 3.47
C LEU G 442 4.84 31.04 3.46
N ASP G 443 4.33 29.90 3.92
CA ASP G 443 5.11 28.68 3.98
C ASP G 443 5.23 28.03 2.60
N SER G 444 4.46 28.52 1.63
CA SER G 444 4.50 27.96 0.29
C SER G 444 5.72 28.44 -0.48
N ILE G 445 6.51 29.31 0.15
CA ILE G 445 7.72 29.84 -0.46
C ILE G 445 8.91 29.74 0.48
N TYR H 50 -62.89 54.49 -8.46
CA TYR H 50 -61.71 55.36 -8.11
C TYR H 50 -62.03 56.81 -8.42
N ALA H 51 -61.94 57.18 -9.70
CA ALA H 51 -62.20 58.55 -10.11
C ALA H 51 -63.11 58.64 -11.32
N SER H 52 -63.38 59.86 -11.76
CA SER H 52 -64.24 60.12 -12.91
C SER H 52 -63.45 60.32 -14.19
N PHE H 53 -62.52 61.27 -14.18
CA PHE H 53 -61.73 61.57 -15.37
C PHE H 53 -61.07 60.33 -15.99
N LEU H 54 -61.00 59.26 -15.23
CA LEU H 54 -60.41 58.01 -15.71
C LEU H 54 -61.54 57.04 -15.98
N ASN H 55 -61.59 56.51 -17.20
CA ASN H 55 -62.64 55.57 -17.55
C ASN H 55 -62.10 54.31 -18.22
N SER H 56 -61.04 54.47 -19.00
CA SER H 56 -60.46 53.33 -19.69
C SER H 56 -59.58 52.54 -18.72
N ASP H 57 -59.78 51.23 -18.71
CA ASP H 57 -59.02 50.34 -17.85
C ASP H 57 -57.54 50.70 -17.88
N GLY H 58 -57.00 50.90 -19.08
CA GLY H 58 -55.60 51.25 -19.20
C GLY H 58 -55.24 52.39 -18.27
N SER H 59 -56.02 53.46 -18.35
CA SER H 59 -55.79 54.63 -17.52
C SER H 59 -55.82 54.25 -16.04
N VAL H 60 -56.71 53.34 -15.68
CA VAL H 60 -56.83 52.89 -14.31
C VAL H 60 -55.60 52.09 -13.89
N ALA H 61 -55.32 51.04 -14.64
CA ALA H 61 -54.16 50.20 -14.37
C ALA H 61 -52.92 51.07 -14.19
N ILE H 62 -53.01 52.32 -14.61
CA ILE H 62 -51.88 53.22 -14.51
C ILE H 62 -51.94 54.11 -13.28
N HIS H 63 -53.11 54.70 -13.00
CA HIS H 63 -53.22 55.59 -11.85
C HIS H 63 -54.03 55.06 -10.69
N ALA H 64 -54.55 53.85 -10.82
CA ALA H 64 -55.35 53.27 -9.74
C ALA H 64 -54.55 53.18 -8.44
N GLY H 65 -55.09 53.77 -7.38
CA GLY H 65 -54.43 53.73 -6.08
C GLY H 65 -53.12 54.49 -6.00
N GLU H 66 -52.99 55.54 -6.79
CA GLU H 66 -51.77 56.32 -6.80
C GLU H 66 -52.06 57.79 -7.07
N ARG H 67 -52.40 58.09 -8.32
CA ARG H 67 -52.68 59.45 -8.76
C ARG H 67 -53.32 60.33 -7.70
N LEU H 68 -54.34 59.80 -7.04
CA LEU H 68 -55.03 60.55 -6.00
C LEU H 68 -54.20 60.63 -4.74
N GLY H 69 -54.06 59.50 -4.05
CA GLY H 69 -53.28 59.47 -2.83
C GLY H 69 -52.59 58.13 -2.68
N ARG H 70 -51.75 58.00 -1.65
CA ARG H 70 -51.04 56.76 -1.42
C ARG H 70 -50.95 56.38 0.06
N GLY H 71 -51.37 57.29 0.93
CA GLY H 71 -51.31 57.01 2.35
C GLY H 71 -49.86 56.84 2.76
N ILE H 72 -48.97 57.30 1.89
CA ILE H 72 -47.53 57.24 2.14
C ILE H 72 -46.91 58.58 1.73
N VAL H 73 -47.78 59.58 1.55
CA VAL H 73 -47.40 60.94 1.20
C VAL H 73 -45.98 61.19 0.68
N THR H 74 -45.89 61.62 -0.56
CA THR H 74 -44.61 61.92 -1.19
C THR H 74 -44.83 62.72 -2.46
N ASP H 75 -43.89 63.59 -2.78
CA ASP H 75 -44.00 64.38 -4.00
C ASP H 75 -43.40 63.54 -5.13
N ALA H 76 -43.25 62.25 -4.89
CA ALA H 76 -42.70 61.34 -5.88
C ALA H 76 -43.79 60.82 -6.78
N ILE H 77 -43.46 60.66 -8.04
CA ILE H 77 -44.41 60.16 -9.02
C ILE H 77 -44.72 58.69 -8.73
N THR H 78 -43.67 57.88 -8.67
CA THR H 78 -43.81 56.45 -8.42
C THR H 78 -44.11 56.14 -6.97
N THR H 79 -44.48 54.88 -6.73
CA THR H 79 -44.76 54.42 -5.39
C THR H 79 -43.46 54.01 -4.73
N PRO H 80 -43.17 54.56 -3.55
CA PRO H 80 -41.93 54.21 -2.84
C PRO H 80 -41.96 52.77 -2.34
N VAL H 81 -40.80 52.11 -2.39
CA VAL H 81 -40.68 50.72 -1.92
C VAL H 81 -40.28 50.67 -0.45
N VAL H 82 -41.22 50.26 0.41
CA VAL H 82 -40.94 50.18 1.84
C VAL H 82 -40.43 48.81 2.27
N ASN H 83 -39.16 48.76 2.63
CA ASN H 83 -38.52 47.52 3.06
C ASN H 83 -38.42 47.42 4.59
N THR H 84 -39.56 47.25 5.25
CA THR H 84 -39.57 47.14 6.71
C THR H 84 -40.11 45.78 7.09
N SER H 85 -39.61 45.25 8.21
CA SER H 85 -40.07 43.95 8.68
C SER H 85 -41.18 44.14 9.70
N ALA H 86 -41.31 45.36 10.20
CA ALA H 86 -42.34 45.68 11.19
C ALA H 86 -42.64 47.16 11.22
N TYR H 87 -43.61 47.55 12.05
CA TYR H 87 -43.99 48.95 12.17
C TYR H 87 -44.05 49.35 13.65
N PHE H 88 -43.44 50.49 13.97
CA PHE H 88 -43.42 50.97 15.34
C PHE H 88 -44.56 51.91 15.67
N PHE H 89 -44.65 52.30 16.94
CA PHE H 89 -45.66 53.21 17.43
C PHE H 89 -44.96 54.28 18.23
N ASN H 90 -45.49 55.50 18.21
CA ASN H 90 -44.88 56.59 18.92
C ASN H 90 -44.99 56.43 20.43
N LYS H 91 -46.14 55.96 20.90
CA LYS H 91 -46.34 55.75 22.33
C LYS H 91 -47.40 54.69 22.59
N THR H 92 -47.31 54.03 23.75
CA THR H 92 -48.26 52.99 24.13
C THR H 92 -49.71 53.38 23.87
N SER H 93 -50.07 54.59 24.29
CA SER H 93 -51.43 55.08 24.09
C SER H 93 -51.87 54.80 22.66
N GLU H 94 -51.02 55.15 21.70
CA GLU H 94 -51.33 54.93 20.30
C GLU H 94 -51.48 53.44 20.01
N LEU H 95 -50.52 52.65 20.48
CA LEU H 95 -50.55 51.21 20.26
C LEU H 95 -51.87 50.65 20.76
N ILE H 96 -52.36 51.20 21.86
CA ILE H 96 -53.62 50.77 22.44
C ILE H 96 -54.74 51.15 21.47
N ASP H 97 -54.72 52.39 21.03
CA ASP H 97 -55.72 52.88 20.10
C ASP H 97 -55.84 51.90 18.92
N PHE H 98 -54.73 51.65 18.26
CA PHE H 98 -54.72 50.74 17.12
C PHE H 98 -55.28 49.37 17.50
N LYS H 99 -54.80 48.82 18.60
CA LYS H 99 -55.26 47.52 19.06
C LYS H 99 -56.75 47.58 19.40
N GLU H 100 -57.22 48.77 19.75
CA GLU H 100 -58.63 48.99 20.09
C GLU H 100 -59.39 49.43 18.84
N LYS H 101 -58.74 49.31 17.68
CA LYS H 101 -59.32 49.68 16.40
C LYS H 101 -59.73 51.15 16.33
N ARG H 102 -58.83 52.03 16.73
CA ARG H 102 -59.07 53.48 16.71
C ARG H 102 -58.03 54.18 15.85
N ARG H 103 -56.99 53.44 15.47
CA ARG H 103 -55.90 53.95 14.64
C ARG H 103 -55.61 52.98 13.48
N ALA H 104 -54.81 53.44 12.52
CA ALA H 104 -54.47 52.61 11.37
C ALA H 104 -52.98 52.24 11.33
N SER H 105 -52.71 50.95 11.12
CA SER H 105 -51.34 50.45 11.05
C SER H 105 -51.33 48.99 10.65
N PHE H 106 -50.25 48.55 10.02
CA PHE H 106 -50.12 47.17 9.59
C PHE H 106 -49.65 46.30 10.75
N GLU H 107 -49.06 46.94 11.76
CA GLU H 107 -48.55 46.24 12.93
C GLU H 107 -47.28 45.46 12.58
N TYR H 108 -47.45 44.42 11.78
CA TYR H 108 -46.33 43.59 11.35
C TYR H 108 -46.27 43.52 9.82
N GLY H 109 -45.08 43.26 9.29
CA GLY H 109 -44.90 43.18 7.86
C GLY H 109 -45.75 42.12 7.20
N ARG H 110 -46.03 41.05 7.93
CA ARG H 110 -46.84 39.95 7.40
C ARG H 110 -48.31 40.38 7.32
N TYR H 111 -48.66 41.41 8.09
CA TYR H 111 -50.03 41.91 8.11
C TYR H 111 -50.27 43.01 7.09
N GLY H 112 -49.30 43.23 6.20
CA GLY H 112 -49.47 44.27 5.20
C GLY H 112 -48.24 45.13 4.93
N ASN H 113 -48.36 46.04 3.97
CA ASN H 113 -47.27 46.92 3.59
C ASN H 113 -47.79 48.06 2.70
N PRO H 114 -47.35 49.30 2.95
CA PRO H 114 -47.78 50.46 2.17
C PRO H 114 -47.53 50.30 0.68
N THR H 115 -46.35 49.78 0.35
CA THR H 115 -45.99 49.57 -1.04
C THR H 115 -46.91 48.53 -1.66
N THR H 116 -47.36 47.58 -0.84
CA THR H 116 -48.23 46.52 -1.32
C THR H 116 -49.67 46.98 -1.47
N VAL H 117 -50.24 47.58 -0.43
CA VAL H 117 -51.62 48.04 -0.48
C VAL H 117 -51.90 48.77 -1.78
N VAL H 118 -50.92 49.52 -2.28
CA VAL H 118 -51.10 50.22 -3.53
C VAL H 118 -51.53 49.21 -4.58
N LEU H 119 -50.62 48.31 -4.92
CA LEU H 119 -50.92 47.27 -5.91
C LEU H 119 -52.22 46.57 -5.57
N GLU H 120 -52.53 46.50 -4.28
CA GLU H 120 -53.76 45.85 -3.84
C GLU H 120 -54.96 46.64 -4.35
N GLU H 121 -54.99 47.92 -4.00
CA GLU H 121 -56.08 48.80 -4.41
C GLU H 121 -56.13 48.89 -5.92
N LYS H 122 -54.97 48.95 -6.55
CA LYS H 122 -54.89 49.04 -8.00
C LYS H 122 -55.70 47.91 -8.62
N ILE H 123 -55.32 46.67 -8.33
CA ILE H 123 -56.03 45.52 -8.86
C ILE H 123 -57.50 45.61 -8.48
N SER H 124 -57.76 45.94 -7.22
CA SER H 124 -59.14 46.06 -6.74
C SER H 124 -59.95 46.90 -7.70
N ALA H 125 -59.40 48.05 -8.09
CA ALA H 125 -60.07 48.96 -9.00
C ALA H 125 -60.30 48.30 -10.36
N LEU H 126 -59.24 47.74 -10.94
CA LEU H 126 -59.34 47.07 -12.23
C LEU H 126 -60.46 46.04 -12.25
N GLU H 127 -60.39 45.06 -11.34
CA GLU H 127 -61.40 44.02 -11.26
C GLU H 127 -62.72 44.57 -10.73
N GLY H 128 -62.72 45.85 -10.37
CA GLY H 128 -63.92 46.48 -9.84
C GLY H 128 -64.45 45.74 -8.64
N ALA H 129 -63.55 45.44 -7.70
CA ALA H 129 -63.92 44.71 -6.50
C ALA H 129 -63.91 45.59 -5.27
N GLU H 130 -64.33 45.00 -4.15
CA GLU H 130 -64.39 45.68 -2.86
C GLU H 130 -62.99 45.70 -2.24
N SER H 131 -62.28 44.60 -2.38
CA SER H 131 -60.92 44.49 -1.84
C SER H 131 -60.15 43.37 -2.51
N THR H 132 -58.83 43.49 -2.49
CA THR H 132 -57.97 42.49 -3.10
C THR H 132 -56.86 42.08 -2.13
N LEU H 133 -56.42 40.83 -2.26
CA LEU H 133 -55.37 40.31 -1.41
C LEU H 133 -54.21 39.86 -2.28
N LEU H 134 -52.99 39.97 -1.75
CA LEU H 134 -51.84 39.57 -2.51
C LEU H 134 -50.96 38.56 -1.78
N MET H 135 -50.77 37.40 -2.41
CA MET H 135 -49.95 36.35 -1.83
C MET H 135 -48.57 36.38 -2.47
N ALA H 136 -47.76 35.37 -2.16
CA ALA H 136 -46.43 35.30 -2.70
C ALA H 136 -46.44 34.62 -4.06
N SER H 137 -47.56 33.99 -4.39
CA SER H 137 -47.69 33.28 -5.65
C SER H 137 -49.10 32.75 -5.87
N GLY H 138 -49.52 32.70 -7.13
CA GLY H 138 -50.84 32.19 -7.45
C GLY H 138 -51.17 30.93 -6.67
N MET H 139 -50.29 29.94 -6.77
CA MET H 139 -50.48 28.69 -6.04
C MET H 139 -50.87 28.99 -4.61
N CYS H 140 -50.10 29.86 -3.96
CA CYS H 140 -50.39 30.24 -2.59
C CYS H 140 -51.85 30.71 -2.53
N ALA H 141 -52.15 31.75 -3.29
CA ALA H 141 -53.49 32.32 -3.35
C ALA H 141 -54.58 31.25 -3.40
N SER H 142 -54.65 30.54 -4.53
CA SER H 142 -55.66 29.50 -4.69
C SER H 142 -55.61 28.60 -3.47
N THR H 143 -54.41 28.04 -3.24
CA THR H 143 -54.19 27.14 -2.13
C THR H 143 -54.82 27.67 -0.85
N VAL H 144 -54.42 28.87 -0.44
CA VAL H 144 -54.96 29.49 0.76
C VAL H 144 -56.46 29.59 0.66
N MET H 145 -56.91 30.35 -0.34
CA MET H 145 -58.32 30.57 -0.56
C MET H 145 -59.14 29.32 -0.29
N LEU H 146 -58.67 28.17 -0.75
CA LEU H 146 -59.38 26.92 -0.53
C LEU H 146 -59.52 26.62 0.95
N LEU H 147 -58.39 26.36 1.60
CA LEU H 147 -58.39 26.04 3.03
C LEU H 147 -59.09 27.12 3.83
N ALA H 148 -59.19 28.30 3.24
CA ALA H 148 -59.82 29.43 3.91
C ALA H 148 -61.34 29.37 3.89
N LEU H 149 -61.91 29.10 2.73
CA LEU H 149 -63.36 29.06 2.60
C LEU H 149 -64.00 27.70 2.80
N VAL H 150 -63.46 26.68 2.13
CA VAL H 150 -64.01 25.33 2.25
C VAL H 150 -63.80 24.79 3.65
N PRO H 151 -64.90 24.46 4.34
CA PRO H 151 -64.82 23.93 5.71
C PRO H 151 -64.41 22.47 5.69
N ALA H 152 -64.18 21.91 6.88
CA ALA H 152 -63.79 20.52 6.99
C ALA H 152 -64.93 19.63 6.54
N GLY H 153 -64.58 18.55 5.84
CA GLY H 153 -65.60 17.62 5.35
C GLY H 153 -66.50 18.24 4.30
N GLY H 154 -66.21 19.48 3.93
CA GLY H 154 -67.02 20.15 2.94
C GLY H 154 -66.83 19.57 1.55
N HIS H 155 -67.58 20.09 0.58
CA HIS H 155 -67.48 19.62 -0.79
C HIS H 155 -67.22 20.78 -1.72
N ILE H 156 -66.53 20.50 -2.82
CA ILE H 156 -66.21 21.54 -3.79
C ILE H 156 -66.29 20.99 -5.20
N VAL H 157 -66.70 21.84 -6.14
CA VAL H 157 -66.81 21.43 -7.53
C VAL H 157 -65.81 22.18 -8.38
N THR H 158 -65.20 21.48 -9.33
CA THR H 158 -64.22 22.08 -10.19
C THR H 158 -64.17 21.36 -11.53
N THR H 159 -63.76 22.09 -12.56
CA THR H 159 -63.66 21.55 -13.90
C THR H 159 -62.50 20.58 -14.05
N THR H 160 -62.54 19.74 -15.08
CA THR H 160 -61.49 18.76 -15.33
C THR H 160 -60.19 19.46 -15.71
N ASP H 161 -60.28 20.38 -16.67
CA ASP H 161 -59.11 21.12 -17.12
C ASP H 161 -58.63 22.00 -15.98
N CYS H 162 -57.52 21.62 -15.35
CA CYS H 162 -56.97 22.37 -14.25
C CYS H 162 -55.46 22.52 -14.32
N TYR H 163 -54.93 23.44 -13.52
CA TYR H 163 -53.49 23.68 -13.47
C TYR H 163 -52.89 22.50 -12.71
N ARG H 164 -52.06 21.72 -13.40
CA ARG H 164 -51.41 20.55 -12.80
C ARG H 164 -51.34 20.62 -11.29
N LYS H 165 -50.55 21.57 -10.79
CA LYS H 165 -50.37 21.73 -9.36
C LYS H 165 -51.71 21.87 -8.63
N THR H 166 -52.49 22.89 -8.98
CA THR H 166 -53.79 23.11 -8.34
C THR H 166 -54.54 21.79 -8.19
N ARG H 167 -54.43 20.95 -9.21
CA ARG H 167 -55.08 19.64 -9.20
C ARG H 167 -54.65 18.84 -7.98
N ILE H 168 -53.36 18.51 -7.94
CA ILE H 168 -52.76 17.74 -6.85
C ILE H 168 -53.21 18.21 -5.47
N PHE H 169 -53.11 19.51 -5.22
CA PHE H 169 -53.51 20.06 -3.92
C PHE H 169 -54.88 19.54 -3.54
N ILE H 170 -55.80 19.60 -4.50
CA ILE H 170 -57.16 19.14 -4.28
C ILE H 170 -57.23 17.62 -4.17
N GLU H 171 -56.41 16.93 -4.94
CA GLU H 171 -56.40 15.48 -4.94
C GLU H 171 -55.56 14.84 -3.85
N THR H 172 -54.80 15.63 -3.10
CA THR H 172 -53.93 15.07 -2.08
C THR H 172 -53.93 15.77 -0.72
N ILE H 173 -54.18 17.07 -0.71
CA ILE H 173 -54.19 17.81 0.55
C ILE H 173 -55.57 17.95 1.15
N LEU H 174 -56.48 18.56 0.38
CA LEU H 174 -57.84 18.76 0.85
C LEU H 174 -58.44 17.48 1.46
N PRO H 175 -58.18 16.31 0.84
CA PRO H 175 -58.74 15.08 1.40
C PRO H 175 -58.37 14.90 2.87
N LYS H 176 -57.21 15.42 3.26
CA LYS H 176 -56.75 15.32 4.65
C LYS H 176 -57.78 15.96 5.57
N MET H 177 -58.29 17.13 5.16
CA MET H 177 -59.28 17.83 5.94
C MET H 177 -60.66 17.25 5.65
N GLY H 178 -60.66 16.08 5.00
CA GLY H 178 -61.91 15.42 4.67
C GLY H 178 -62.74 16.14 3.62
N ILE H 179 -62.12 17.04 2.88
CA ILE H 179 -62.81 17.79 1.84
C ILE H 179 -62.89 17.00 0.54
N THR H 180 -64.12 16.64 0.16
CA THR H 180 -64.34 15.88 -1.07
C THR H 180 -64.69 16.87 -2.19
N ALA H 181 -64.33 16.48 -3.42
CA ALA H 181 -64.61 17.35 -4.56
C ALA H 181 -65.09 16.55 -5.76
N THR H 182 -65.81 17.24 -6.66
CA THR H 182 -66.33 16.62 -7.86
C THR H 182 -65.77 17.31 -9.10
N VAL H 183 -65.28 16.52 -10.04
CA VAL H 183 -64.71 17.04 -11.28
C VAL H 183 -65.69 16.91 -12.43
N ILE H 184 -65.99 18.04 -13.06
CA ILE H 184 -66.92 18.06 -14.18
C ILE H 184 -66.32 18.78 -15.38
N ASP H 185 -66.94 18.60 -16.55
CA ASP H 185 -66.45 19.26 -17.76
C ASP H 185 -66.84 20.73 -17.69
N PRO H 186 -65.98 21.62 -18.18
CA PRO H 186 -66.25 23.06 -18.17
C PRO H 186 -67.60 23.43 -18.78
N ALA H 187 -67.98 22.70 -19.82
CA ALA H 187 -69.23 22.95 -20.52
C ALA H 187 -70.44 22.25 -19.88
N ASP H 188 -70.24 21.00 -19.49
CA ASP H 188 -71.30 20.21 -18.87
C ASP H 188 -72.03 20.92 -17.72
N VAL H 189 -72.95 21.81 -18.07
CA VAL H 189 -73.70 22.56 -17.06
C VAL H 189 -74.62 21.62 -16.29
N GLY H 190 -75.06 20.55 -16.95
CA GLY H 190 -75.95 19.61 -16.30
C GLY H 190 -75.29 19.05 -15.04
N ALA H 191 -74.13 18.44 -15.22
CA ALA H 191 -73.37 17.85 -14.12
C ALA H 191 -73.35 18.80 -12.94
N LEU H 192 -72.96 20.05 -13.21
CA LEU H 192 -72.89 21.07 -12.17
C LEU H 192 -74.24 21.19 -11.47
N GLU H 193 -75.28 21.43 -12.27
CA GLU H 193 -76.63 21.56 -11.74
C GLU H 193 -76.99 20.31 -10.97
N LEU H 194 -76.58 19.16 -11.53
CA LEU H 194 -76.84 17.88 -10.91
C LEU H 194 -76.18 17.82 -9.54
N ALA H 195 -74.84 17.84 -9.53
CA ALA H 195 -74.08 17.78 -8.30
C ALA H 195 -74.55 18.86 -7.33
N LEU H 196 -74.91 20.02 -7.87
CA LEU H 196 -75.38 21.15 -7.05
C LEU H 196 -76.49 20.69 -6.12
N ASN H 197 -77.21 19.65 -6.55
CA ASN H 197 -78.33 19.11 -5.77
C ASN H 197 -77.92 17.88 -4.98
N GLN H 198 -77.25 16.95 -5.66
CA GLN H 198 -76.80 15.71 -5.03
C GLN H 198 -76.19 16.00 -3.66
N LYS H 199 -75.04 16.65 -3.66
CA LYS H 199 -74.35 17.00 -2.42
C LYS H 199 -74.53 18.48 -2.09
N LYS H 200 -73.95 18.89 -0.98
CA LYS H 200 -74.02 20.27 -0.54
C LYS H 200 -72.70 20.93 -0.87
N VAL H 201 -72.62 21.53 -2.06
CA VAL H 201 -71.41 22.19 -2.52
C VAL H 201 -71.13 23.48 -1.76
N ASN H 202 -69.89 23.63 -1.32
CA ASN H 202 -69.48 24.82 -0.58
C ASN H 202 -68.99 25.89 -1.55
N LEU H 203 -68.33 25.45 -2.62
CA LEU H 203 -67.83 26.38 -3.61
C LEU H 203 -67.41 25.70 -4.89
N PHE H 204 -67.70 26.36 -6.01
CA PHE H 204 -67.36 25.88 -7.33
C PHE H 204 -66.15 26.69 -7.76
N PHE H 205 -65.07 25.99 -8.07
CA PHE H 205 -63.85 26.68 -8.47
C PHE H 205 -63.36 26.22 -9.84
N THR H 206 -63.03 27.19 -10.68
CA THR H 206 -62.54 26.90 -12.01
C THR H 206 -61.95 28.15 -12.66
N GLU H 207 -61.09 27.94 -13.64
CA GLU H 207 -60.47 29.04 -14.36
C GLU H 207 -61.05 29.12 -15.75
N SER H 208 -61.24 30.34 -16.25
CA SER H 208 -61.78 30.54 -17.58
C SER H 208 -61.19 31.81 -18.19
N PRO H 209 -60.50 31.67 -19.34
CA PRO H 209 -60.25 30.42 -20.07
C PRO H 209 -59.57 29.35 -19.24
N THR H 210 -59.71 28.11 -19.68
CA THR H 210 -59.12 26.96 -19.00
C THR H 210 -57.74 26.64 -19.59
N ASN H 211 -57.06 25.67 -19.00
CA ASN H 211 -55.73 25.27 -19.45
C ASN H 211 -55.70 23.77 -19.72
N PRO H 212 -55.09 23.36 -20.84
CA PRO H 212 -54.47 24.20 -21.85
C PRO H 212 -55.37 24.36 -23.08
N PHE H 213 -56.64 23.99 -22.94
CA PHE H 213 -57.57 24.10 -24.04
C PHE H 213 -58.41 25.36 -23.99
N LEU H 214 -57.99 26.30 -23.15
CA LEU H 214 -58.68 27.57 -23.00
C LEU H 214 -60.20 27.47 -23.01
N ARG H 215 -60.74 26.35 -22.53
CA ARG H 215 -62.18 26.17 -22.48
C ARG H 215 -62.74 27.26 -21.58
N CYS H 216 -63.87 27.85 -21.97
CA CYS H 216 -64.47 28.90 -21.17
C CYS H 216 -65.77 28.47 -20.51
N VAL H 217 -66.05 29.06 -19.35
CA VAL H 217 -67.25 28.75 -18.60
C VAL H 217 -68.19 29.94 -18.55
N ASP H 218 -69.46 29.71 -18.86
CA ASP H 218 -70.44 30.79 -18.83
C ASP H 218 -70.64 31.24 -17.39
N ILE H 219 -69.71 32.05 -16.90
CA ILE H 219 -69.77 32.56 -15.54
C ILE H 219 -71.20 32.94 -15.15
N GLU H 220 -71.69 34.02 -15.74
CA GLU H 220 -73.04 34.50 -15.45
C GLU H 220 -73.99 33.37 -15.15
N LEU H 221 -74.09 32.42 -16.08
CA LEU H 221 -74.96 31.28 -15.90
C LEU H 221 -74.59 30.48 -14.66
N VAL H 222 -73.37 29.96 -14.65
CA VAL H 222 -72.88 29.16 -13.53
C VAL H 222 -73.10 29.87 -12.21
N SER H 223 -72.71 31.14 -12.16
CA SER H 223 -72.88 31.93 -10.95
C SER H 223 -74.31 31.80 -10.43
N LYS H 224 -75.26 31.85 -11.36
CA LYS H 224 -76.67 31.75 -11.02
C LYS H 224 -77.00 30.40 -10.40
N LEU H 225 -76.71 29.34 -11.14
CA LEU H 225 -76.97 27.98 -10.67
C LEU H 225 -76.40 27.72 -9.29
N CYS H 226 -75.18 28.19 -9.06
CA CYS H 226 -74.52 27.99 -7.77
C CYS H 226 -75.15 28.82 -6.68
N HIS H 227 -75.23 30.13 -6.87
CA HIS H 227 -75.82 31.02 -5.87
C HIS H 227 -77.21 30.57 -5.49
N GLU H 228 -77.85 29.80 -6.37
CA GLU H 228 -79.19 29.29 -6.10
C GLU H 228 -79.11 28.26 -4.99
N LYS H 229 -78.03 27.48 -4.99
CA LYS H 229 -77.83 26.44 -4.01
C LYS H 229 -76.92 26.92 -2.87
N GLY H 230 -76.70 28.23 -2.80
CA GLY H 230 -75.85 28.79 -1.76
C GLY H 230 -74.35 28.58 -1.93
N ALA H 231 -73.96 27.95 -3.03
CA ALA H 231 -72.55 27.67 -3.30
C ALA H 231 -71.80 28.95 -3.65
N LEU H 232 -70.48 28.88 -3.59
CA LEU H 232 -69.64 30.03 -3.91
C LEU H 232 -68.96 29.80 -5.24
N VAL H 233 -68.75 30.88 -5.99
CA VAL H 233 -68.12 30.77 -7.30
C VAL H 233 -66.80 31.54 -7.34
N CYS H 234 -65.71 30.82 -7.54
CA CYS H 234 -64.39 31.43 -7.61
C CYS H 234 -63.77 31.13 -8.96
N ILE H 235 -63.48 32.16 -9.73
CA ILE H 235 -62.89 31.99 -11.06
C ILE H 235 -61.46 32.46 -11.13
N ASP H 236 -60.63 31.67 -11.80
CA ASP H 236 -59.23 32.02 -11.97
C ASP H 236 -59.06 32.63 -13.36
N GLY H 237 -59.25 33.95 -13.43
CA GLY H 237 -59.13 34.64 -14.69
C GLY H 237 -57.71 34.94 -15.09
N THR H 238 -56.77 34.10 -14.67
CA THR H 238 -55.37 34.32 -14.99
C THR H 238 -55.21 34.55 -16.50
N PHE H 239 -55.49 33.51 -17.28
CA PHE H 239 -55.37 33.58 -18.73
C PHE H 239 -56.13 34.78 -19.28
N ALA H 240 -57.26 35.08 -18.67
CA ALA H 240 -58.10 36.18 -19.11
C ALA H 240 -57.48 37.55 -18.94
N THR H 241 -57.31 37.96 -17.68
CA THR H 241 -56.78 39.27 -17.34
C THR H 241 -57.97 40.17 -17.08
N PRO H 242 -57.93 40.97 -16.02
CA PRO H 242 -59.06 41.87 -15.72
C PRO H 242 -59.46 42.74 -16.90
N LEU H 243 -58.57 42.88 -17.88
CA LEU H 243 -58.87 43.70 -19.04
C LEU H 243 -59.79 42.98 -20.03
N ASN H 244 -59.58 41.68 -20.19
CA ASN H 244 -60.39 40.91 -21.12
C ASN H 244 -61.71 40.40 -20.56
N GLN H 245 -61.95 40.59 -19.27
CA GLN H 245 -63.19 40.13 -18.64
C GLN H 245 -63.27 40.48 -17.15
N LYS H 246 -64.47 40.80 -16.69
CA LYS H 246 -64.69 41.15 -15.31
C LYS H 246 -65.56 40.13 -14.62
N ALA H 247 -65.06 38.91 -14.51
CA ALA H 247 -65.80 37.82 -13.88
C ALA H 247 -66.64 38.27 -12.69
N LEU H 248 -66.12 39.24 -11.94
CA LEU H 248 -66.85 39.73 -10.78
C LEU H 248 -68.18 40.29 -11.20
N ALA H 249 -68.15 41.13 -12.23
CA ALA H 249 -69.37 41.74 -12.74
C ALA H 249 -70.28 40.68 -13.32
N LEU H 250 -69.69 39.63 -13.86
CA LEU H 250 -70.45 38.53 -14.46
C LEU H 250 -71.24 37.77 -13.40
N GLY H 251 -70.94 38.05 -12.13
CA GLY H 251 -71.63 37.38 -11.04
C GLY H 251 -70.73 36.58 -10.11
N ALA H 252 -69.51 36.29 -10.55
CA ALA H 252 -68.58 35.51 -9.74
C ALA H 252 -68.39 36.12 -8.35
N ASP H 253 -68.12 35.27 -7.36
CA ASP H 253 -67.92 35.71 -5.98
C ASP H 253 -66.49 36.18 -5.77
N LEU H 254 -65.54 35.38 -6.23
CA LEU H 254 -64.12 35.68 -6.09
C LEU H 254 -63.36 35.43 -7.37
N VAL H 255 -62.40 36.31 -7.67
CA VAL H 255 -61.58 36.16 -8.86
C VAL H 255 -60.12 36.23 -8.45
N LEU H 256 -59.30 35.39 -9.06
CA LEU H 256 -57.89 35.39 -8.73
C LEU H 256 -57.02 35.09 -9.93
N HIS H 257 -55.87 35.76 -9.99
CA HIS H 257 -54.94 35.56 -11.07
C HIS H 257 -53.56 35.33 -10.50
N SER H 258 -52.70 34.74 -11.32
CA SER H 258 -51.33 34.48 -10.94
C SER H 258 -50.55 35.64 -11.54
N ALA H 259 -50.51 36.76 -10.83
CA ALA H 259 -49.82 37.96 -11.29
C ALA H 259 -48.45 37.59 -11.87
N THR H 260 -47.99 36.39 -11.58
CA THR H 260 -46.72 35.91 -12.07
C THR H 260 -46.68 35.94 -13.59
N LYS H 261 -47.86 35.82 -14.21
CA LYS H 261 -47.95 35.79 -15.67
C LYS H 261 -48.14 37.11 -16.41
N PHE H 262 -49.39 37.56 -16.53
CA PHE H 262 -49.71 38.79 -17.26
C PHE H 262 -49.55 40.09 -16.47
N LEU H 263 -50.19 40.16 -15.31
CA LEU H 263 -50.12 41.36 -14.48
C LEU H 263 -48.68 41.87 -14.42
N GLY H 264 -47.74 40.96 -14.22
CA GLY H 264 -46.34 41.37 -14.17
C GLY H 264 -45.76 41.39 -15.57
N GLY H 265 -46.22 40.45 -16.39
CA GLY H 265 -45.79 40.34 -17.77
C GLY H 265 -44.34 40.57 -18.12
N HIS H 266 -43.42 40.31 -17.18
CA HIS H 266 -42.01 40.51 -17.48
C HIS H 266 -41.19 39.28 -17.13
N ASN H 267 -41.86 38.22 -16.71
CA ASN H 267 -41.21 36.97 -16.35
C ASN H 267 -40.06 37.17 -15.38
N ASP H 268 -40.24 38.08 -14.43
CA ASP H 268 -39.19 38.36 -13.47
C ASP H 268 -39.72 38.43 -12.05
N VAL H 269 -40.90 37.85 -11.81
CA VAL H 269 -41.47 37.89 -10.48
C VAL H 269 -42.68 36.97 -10.32
N LEU H 270 -42.86 36.46 -9.10
CA LEU H 270 -43.98 35.59 -8.78
C LEU H 270 -44.90 36.33 -7.81
N ALA H 271 -46.19 36.09 -7.95
CA ALA H 271 -47.17 36.73 -7.09
C ALA H 271 -48.57 36.27 -7.43
N GLY H 272 -49.40 36.13 -6.41
CA GLY H 272 -50.77 35.72 -6.62
C GLY H 272 -51.65 36.78 -5.99
N CYS H 273 -52.92 36.79 -6.35
CA CYS H 273 -53.83 37.77 -5.78
C CYS H 273 -55.27 37.33 -5.92
N ILE H 274 -56.07 37.67 -4.91
CA ILE H 274 -57.47 37.33 -4.91
C ILE H 274 -58.26 38.60 -4.65
N SER H 275 -59.30 38.82 -5.43
CA SER H 275 -60.12 40.02 -5.28
C SER H 275 -61.59 39.64 -5.18
N GLY H 276 -62.33 40.39 -4.38
CA GLY H 276 -63.74 40.12 -4.20
C GLY H 276 -64.35 40.94 -3.08
N PRO H 277 -65.54 40.56 -2.60
CA PRO H 277 -66.20 41.29 -1.52
C PRO H 277 -65.40 41.24 -0.22
N LEU H 278 -65.37 42.35 0.49
CA LEU H 278 -64.64 42.43 1.75
C LEU H 278 -65.02 41.26 2.66
N LYS H 279 -66.30 41.19 3.02
CA LYS H 279 -66.80 40.13 3.89
C LYS H 279 -66.17 38.78 3.57
N LEU H 280 -65.82 38.57 2.31
CA LEU H 280 -65.21 37.30 1.89
C LEU H 280 -63.69 37.32 1.93
N VAL H 281 -63.09 38.19 1.12
CA VAL H 281 -61.64 38.31 1.05
C VAL H 281 -60.99 38.36 2.42
N SER H 282 -61.55 39.18 3.32
CA SER H 282 -61.01 39.31 4.67
C SER H 282 -60.83 37.96 5.36
N GLU H 283 -61.84 37.10 5.25
CA GLU H 283 -61.77 35.78 5.87
C GLU H 283 -60.50 35.05 5.45
N ILE H 284 -60.09 35.26 4.20
CA ILE H 284 -58.88 34.63 3.68
C ILE H 284 -57.65 35.33 4.24
N ARG H 285 -57.64 36.66 4.15
CA ARG H 285 -56.54 37.47 4.65
C ARG H 285 -56.16 37.03 6.06
N ASN H 286 -57.16 36.74 6.88
CA ASN H 286 -56.91 36.31 8.25
C ASN H 286 -56.06 35.05 8.23
N LEU H 287 -56.58 34.00 7.59
CA LEU H 287 -55.85 32.76 7.50
C LEU H 287 -54.48 33.01 6.87
N HIS H 288 -54.42 33.99 5.99
CA HIS H 288 -53.16 34.34 5.33
C HIS H 288 -52.15 34.85 6.33
N HIS H 289 -52.60 35.73 7.22
CA HIS H 289 -51.74 36.30 8.24
C HIS H 289 -51.08 35.20 9.07
N ILE H 290 -51.70 34.03 9.07
CA ILE H 290 -51.18 32.90 9.83
C ILE H 290 -50.21 32.07 9.01
N LEU H 291 -50.66 31.56 7.87
CA LEU H 291 -49.80 30.75 7.02
C LEU H 291 -48.59 31.56 6.58
N GLY H 292 -48.67 32.88 6.80
CA GLY H 292 -47.58 33.77 6.46
C GLY H 292 -46.94 33.55 5.11
N GLY H 293 -47.61 34.00 4.06
CA GLY H 293 -47.07 33.87 2.72
C GLY H 293 -46.96 35.25 2.10
N ALA H 294 -46.80 36.25 2.96
CA ALA H 294 -46.70 37.65 2.54
C ALA H 294 -45.81 37.88 1.33
N LEU H 295 -46.20 38.85 0.50
CA LEU H 295 -45.45 39.18 -0.70
C LEU H 295 -44.45 40.29 -0.41
N ASN H 296 -43.21 40.08 -0.84
CA ASN H 296 -42.15 41.06 -0.62
C ASN H 296 -42.43 42.36 -1.36
N PRO H 297 -42.18 43.51 -0.71
CA PRO H 297 -42.41 44.81 -1.33
C PRO H 297 -41.81 44.89 -2.73
N ASN H 298 -40.51 44.69 -2.82
CA ASN H 298 -39.83 44.74 -4.12
C ASN H 298 -40.65 44.01 -5.18
N ALA H 299 -41.22 42.87 -4.80
CA ALA H 299 -42.03 42.10 -5.72
C ALA H 299 -43.22 42.94 -6.11
N ALA H 300 -43.94 43.42 -5.09
CA ALA H 300 -45.10 44.25 -5.31
C ALA H 300 -44.79 45.37 -6.31
N TYR H 301 -43.75 46.14 -6.03
CA TYR H 301 -43.40 47.24 -6.91
C TYR H 301 -43.25 46.79 -8.36
N LEU H 302 -42.37 45.83 -8.59
CA LEU H 302 -42.15 45.32 -9.94
C LEU H 302 -43.47 45.09 -10.67
N ILE H 303 -44.46 44.56 -9.95
CA ILE H 303 -45.77 44.31 -10.53
C ILE H 303 -46.41 45.65 -10.86
N ILE H 304 -46.50 46.50 -9.84
CA ILE H 304 -47.07 47.83 -10.01
C ILE H 304 -46.45 48.49 -11.23
N ARG H 305 -45.16 48.30 -11.39
CA ARG H 305 -44.43 48.87 -12.51
C ARG H 305 -44.89 48.22 -13.82
N GLY H 306 -45.12 46.91 -13.77
CA GLY H 306 -45.54 46.20 -14.95
C GLY H 306 -46.95 46.57 -15.39
N MET H 307 -47.84 46.70 -14.42
CA MET H 307 -49.23 47.05 -14.71
C MET H 307 -49.35 48.44 -15.33
N LYS H 308 -48.26 49.20 -15.28
CA LYS H 308 -48.24 50.53 -15.86
C LYS H 308 -48.49 50.42 -17.36
N THR H 309 -48.18 49.27 -17.93
CA THR H 309 -48.36 49.04 -19.36
C THR H 309 -49.17 47.78 -19.63
N LEU H 310 -50.11 47.48 -18.72
CA LEU H 310 -50.95 46.30 -18.87
C LEU H 310 -51.71 46.34 -20.18
N HIS H 311 -52.61 47.31 -20.30
CA HIS H 311 -53.42 47.46 -21.50
C HIS H 311 -52.55 47.35 -22.75
N LEU H 312 -51.58 48.24 -22.86
CA LEU H 312 -50.67 48.25 -24.00
C LEU H 312 -50.26 46.84 -24.40
N ARG H 313 -49.77 46.07 -23.44
CA ARG H 313 -49.34 44.70 -23.70
C ARG H 313 -50.51 43.82 -24.12
N VAL H 314 -51.44 43.58 -23.19
CA VAL H 314 -52.61 42.74 -23.46
C VAL H 314 -53.13 42.98 -24.87
N GLN H 315 -53.33 44.25 -25.22
CA GLN H 315 -53.80 44.59 -26.54
C GLN H 315 -52.96 43.85 -27.56
N GLN H 316 -51.71 44.28 -27.71
CA GLN H 316 -50.79 43.67 -28.65
C GLN H 316 -50.86 42.15 -28.64
N GLN H 317 -50.86 41.57 -27.44
CA GLN H 317 -50.91 40.12 -27.32
C GLN H 317 -52.20 39.56 -27.90
N ASN H 318 -53.33 40.09 -27.46
CA ASN H 318 -54.63 39.64 -27.94
C ASN H 318 -54.62 39.53 -29.47
N SER H 319 -54.06 40.54 -30.13
CA SER H 319 -53.99 40.54 -31.58
C SER H 319 -53.14 39.39 -32.08
N THR H 320 -51.83 39.54 -31.94
CA THR H 320 -50.88 38.54 -32.37
C THR H 320 -51.46 37.14 -32.22
N ALA H 321 -52.03 36.85 -31.06
CA ALA H 321 -52.63 35.54 -30.80
C ALA H 321 -53.64 35.21 -31.87
N LEU H 322 -54.75 35.94 -31.87
CA LEU H 322 -55.82 35.74 -32.84
C LEU H 322 -55.26 35.48 -34.23
N ARG H 323 -54.69 36.53 -34.84
CA ARG H 323 -54.13 36.41 -36.17
C ARG H 323 -53.37 35.11 -36.35
N MET H 324 -52.37 34.90 -35.51
CA MET H 324 -51.57 33.69 -35.58
C MET H 324 -52.46 32.45 -35.50
N ALA H 325 -53.46 32.50 -34.62
CA ALA H 325 -54.39 31.39 -34.45
C ALA H 325 -54.93 30.97 -35.81
N GLU H 326 -55.69 31.85 -36.44
CA GLU H 326 -56.27 31.57 -37.75
C GLU H 326 -55.20 31.05 -38.69
N ILE H 327 -54.17 31.86 -38.93
CA ILE H 327 -53.08 31.46 -39.81
C ILE H 327 -52.68 30.02 -39.50
N LEU H 328 -52.64 29.69 -38.22
CA LEU H 328 -52.26 28.36 -37.78
C LEU H 328 -53.32 27.34 -38.14
N GLU H 329 -54.56 27.66 -37.80
CA GLU H 329 -55.67 26.77 -38.08
C GLU H 329 -55.68 26.42 -39.57
N ALA H 330 -55.46 27.42 -40.40
CA ALA H 330 -55.45 27.23 -41.85
C ALA H 330 -54.24 26.41 -42.33
N HIS H 331 -53.15 26.44 -41.56
CA HIS H 331 -51.96 25.70 -41.94
C HIS H 331 -52.24 24.20 -42.00
N PRO H 332 -51.67 23.51 -43.02
CA PRO H 332 -51.85 22.08 -43.22
C PRO H 332 -51.22 21.21 -42.14
N LYS H 333 -49.97 21.50 -41.80
CA LYS H 333 -49.26 20.74 -40.77
C LYS H 333 -49.86 20.91 -39.39
N VAL H 334 -50.86 21.78 -39.26
CA VAL H 334 -51.52 22.02 -37.98
C VAL H 334 -52.82 21.23 -37.91
N ARG H 335 -52.81 20.15 -37.14
CA ARG H 335 -53.99 19.31 -37.00
C ARG H 335 -55.15 20.07 -36.38
N HIS H 336 -54.92 20.64 -35.19
CA HIS H 336 -55.96 21.38 -34.48
C HIS H 336 -55.40 22.60 -33.77
N VAL H 337 -56.25 23.59 -33.54
CA VAL H 337 -55.85 24.81 -32.85
C VAL H 337 -56.92 25.22 -31.85
N TYR H 338 -56.49 25.59 -30.65
CA TYR H 338 -57.41 26.00 -29.59
C TYR H 338 -57.25 27.49 -29.28
N TYR H 339 -58.37 28.20 -29.31
CA TYR H 339 -58.39 29.64 -29.04
C TYR H 339 -59.81 30.17 -29.07
N PRO H 340 -60.29 30.73 -27.94
CA PRO H 340 -61.65 31.26 -27.84
C PRO H 340 -61.98 32.27 -28.94
N GLY H 341 -60.96 32.80 -29.57
CA GLY H 341 -61.17 33.77 -30.63
C GLY H 341 -61.72 33.15 -31.90
N LEU H 342 -61.34 31.89 -32.14
CA LEU H 342 -61.81 31.19 -33.34
C LEU H 342 -63.21 30.63 -33.15
N GLN H 343 -63.92 30.44 -34.25
CA GLN H 343 -65.27 29.89 -34.20
C GLN H 343 -65.17 28.41 -33.90
N SER H 344 -64.10 27.80 -34.38
CA SER H 344 -63.86 26.38 -34.19
C SER H 344 -63.88 26.02 -32.71
N HIS H 345 -63.74 27.02 -31.85
CA HIS H 345 -63.76 26.79 -30.41
C HIS H 345 -65.16 26.55 -29.87
N PRO H 346 -65.33 25.45 -29.11
CA PRO H 346 -66.59 25.04 -28.50
C PRO H 346 -67.40 26.17 -27.86
N GLU H 347 -66.83 26.80 -26.84
CA GLU H 347 -67.53 27.89 -26.16
C GLU H 347 -67.24 29.24 -26.80
N HIS H 348 -66.93 29.23 -28.09
CA HIS H 348 -66.64 30.47 -28.79
C HIS H 348 -67.73 31.53 -28.57
N HIS H 349 -68.98 31.10 -28.64
CA HIS H 349 -70.09 32.02 -28.43
C HIS H 349 -70.04 32.64 -27.04
N ILE H 350 -69.72 31.83 -26.03
CA ILE H 350 -69.63 32.33 -24.66
C ILE H 350 -68.47 33.30 -24.55
N ALA H 351 -67.35 32.93 -25.17
CA ALA H 351 -66.17 33.78 -25.16
C ALA H 351 -66.53 35.17 -25.65
N LYS H 352 -67.28 35.23 -26.74
CA LYS H 352 -67.71 36.50 -27.31
C LYS H 352 -68.64 37.25 -26.38
N LYS H 353 -69.57 36.53 -25.77
CA LYS H 353 -70.55 37.14 -24.89
C LYS H 353 -70.00 37.75 -23.61
N GLN H 354 -68.96 37.15 -23.04
CA GLN H 354 -68.39 37.67 -21.79
C GLN H 354 -67.00 38.28 -21.90
N MET H 355 -66.23 37.89 -22.91
CA MET H 355 -64.89 38.43 -23.08
C MET H 355 -64.84 39.51 -24.14
N THR H 356 -63.83 40.36 -24.04
CA THR H 356 -63.65 41.45 -25.01
C THR H 356 -62.33 41.16 -25.72
N GLY H 357 -61.66 40.11 -25.24
CA GLY H 357 -60.38 39.71 -25.81
C GLY H 357 -60.29 38.20 -25.65
N PHE H 358 -59.18 37.60 -26.06
CA PHE H 358 -59.04 36.16 -25.95
C PHE H 358 -57.65 35.75 -25.48
N GLY H 359 -56.97 36.66 -24.79
CA GLY H 359 -55.64 36.37 -24.30
C GLY H 359 -54.59 36.30 -25.39
N GLY H 360 -53.37 35.96 -24.99
CA GLY H 360 -52.28 35.86 -25.94
C GLY H 360 -51.71 34.46 -25.92
N ALA H 361 -52.51 33.54 -25.39
CA ALA H 361 -52.09 32.14 -25.32
C ALA H 361 -52.86 31.33 -26.36
N VAL H 362 -52.13 30.46 -27.07
CA VAL H 362 -52.74 29.64 -28.09
C VAL H 362 -52.18 28.22 -28.08
N SER H 363 -53.07 27.25 -28.00
CA SER H 363 -52.68 25.85 -27.99
C SER H 363 -53.07 25.21 -29.32
N PHE H 364 -52.26 24.27 -29.78
CA PHE H 364 -52.55 23.60 -31.05
C PHE H 364 -51.76 22.32 -31.18
N GLU H 365 -52.36 21.35 -31.86
CA GLU H 365 -51.72 20.06 -32.08
C GLU H 365 -51.07 20.07 -33.44
N VAL H 366 -49.84 19.56 -33.50
CA VAL H 366 -49.11 19.50 -34.76
C VAL H 366 -49.37 18.16 -35.44
N ASP H 367 -49.43 18.17 -36.77
CA ASP H 367 -49.67 16.93 -37.50
C ASP H 367 -48.41 16.07 -37.51
N GLY H 368 -48.11 15.47 -36.36
CA GLY H 368 -46.94 14.62 -36.25
C GLY H 368 -46.97 13.82 -34.96
N ASP H 369 -45.83 13.25 -34.60
CA ASP H 369 -45.75 12.46 -33.37
C ASP H 369 -44.87 13.17 -32.34
N LEU H 370 -44.84 12.63 -31.13
CA LEU H 370 -44.05 13.19 -30.04
C LEU H 370 -42.74 13.80 -30.55
N LEU H 371 -41.86 12.95 -31.06
CA LEU H 371 -40.56 13.39 -31.58
C LEU H 371 -40.68 14.49 -32.62
N THR H 372 -41.59 14.33 -33.57
CA THR H 372 -41.80 15.33 -34.62
C THR H 372 -42.15 16.67 -34.00
N THR H 373 -43.19 16.67 -33.17
CA THR H 373 -43.64 17.89 -32.50
C THR H 373 -42.44 18.59 -31.85
N ALA H 374 -41.64 17.83 -31.12
CA ALA H 374 -40.46 18.39 -30.47
C ALA H 374 -39.61 19.09 -31.52
N LYS H 375 -39.35 18.40 -32.63
CA LYS H 375 -38.55 18.96 -33.71
C LYS H 375 -39.06 20.35 -34.08
N PHE H 376 -40.38 20.51 -34.03
CA PHE H 376 -40.98 21.79 -34.35
C PHE H 376 -40.51 22.85 -33.37
N VAL H 377 -40.89 22.70 -32.10
CA VAL H 377 -40.51 23.65 -31.07
C VAL H 377 -39.00 23.91 -31.09
N ASP H 378 -38.23 22.86 -31.34
CA ASP H 378 -36.78 22.97 -31.39
C ASP H 378 -36.35 23.89 -32.52
N ALA H 379 -37.18 23.98 -33.55
CA ALA H 379 -36.89 24.81 -34.71
C ALA H 379 -37.09 26.29 -34.42
N LEU H 380 -38.12 26.61 -33.63
CA LEU H 380 -38.42 27.99 -33.28
C LEU H 380 -37.16 28.68 -32.79
N LYS H 381 -37.07 29.99 -33.01
CA LYS H 381 -35.89 30.73 -32.59
C LYS H 381 -36.17 31.90 -31.68
N ILE H 382 -37.43 32.30 -31.55
CA ILE H 382 -37.77 33.43 -30.70
C ILE H 382 -38.29 33.07 -29.31
N PRO H 383 -39.37 32.27 -29.22
CA PRO H 383 -39.87 31.92 -27.90
C PRO H 383 -38.93 31.03 -27.10
N TYR H 384 -38.98 31.17 -25.79
CA TYR H 384 -38.15 30.37 -24.90
C TYR H 384 -38.93 29.10 -24.54
N ILE H 385 -38.23 27.98 -24.43
CA ILE H 385 -38.90 26.75 -24.06
C ILE H 385 -38.93 26.69 -22.54
N ALA H 386 -40.10 26.93 -21.96
CA ALA H 386 -40.25 26.91 -20.51
C ALA H 386 -41.70 27.07 -20.09
N PRO H 387 -42.01 26.79 -18.80
CA PRO H 387 -43.39 26.93 -18.35
C PRO H 387 -43.75 28.41 -18.31
N SER H 388 -44.69 28.78 -17.43
CA SER H 388 -45.12 30.17 -17.33
C SER H 388 -45.53 30.77 -18.67
N PHE H 389 -46.10 31.98 -18.62
CA PHE H 389 -46.55 32.67 -19.82
C PHE H 389 -47.04 34.07 -19.48
N GLY H 390 -47.30 34.87 -20.50
CA GLY H 390 -47.80 36.21 -20.27
C GLY H 390 -46.73 37.28 -20.27
N GLY H 391 -45.48 36.87 -20.36
CA GLY H 391 -44.40 37.84 -20.35
C GLY H 391 -44.13 38.42 -21.72
N CYS H 392 -43.48 39.57 -21.75
CA CYS H 392 -43.15 40.23 -23.02
C CYS H 392 -42.44 39.25 -23.93
N GLU H 393 -41.67 38.34 -23.34
CA GLU H 393 -40.95 37.35 -24.13
C GLU H 393 -41.90 36.20 -24.46
N SER H 394 -41.81 35.68 -25.68
CA SER H 394 -42.66 34.59 -26.11
C SER H 394 -42.15 33.29 -25.51
N ILE H 395 -43.08 32.37 -25.24
CA ILE H 395 -42.71 31.08 -24.66
C ILE H 395 -43.51 29.94 -25.28
N VAL H 396 -42.88 28.77 -25.35
CA VAL H 396 -43.51 27.58 -25.89
C VAL H 396 -43.17 26.38 -25.03
N ASP H 397 -43.96 25.33 -25.14
CA ASP H 397 -43.72 24.12 -24.36
C ASP H 397 -44.57 22.97 -24.85
N GLN H 398 -44.16 21.75 -24.50
CA GLN H 398 -44.87 20.55 -24.89
C GLN H 398 -45.39 19.90 -23.62
N PRO H 399 -46.55 20.37 -23.13
CA PRO H 399 -47.18 19.86 -21.91
C PRO H 399 -46.84 18.40 -21.63
N ALA H 400 -47.04 17.55 -22.63
CA ALA H 400 -46.76 16.12 -22.51
C ALA H 400 -45.44 15.89 -21.79
N ILE H 401 -44.46 16.73 -22.11
CA ILE H 401 -43.14 16.63 -21.50
C ILE H 401 -42.99 17.68 -20.40
N MET H 402 -43.24 18.93 -20.77
CA MET H 402 -43.11 20.05 -19.85
C MET H 402 -43.63 19.82 -18.43
N SER H 403 -44.77 19.16 -18.30
CA SER H 403 -45.31 18.94 -16.97
C SER H 403 -46.19 17.70 -16.84
N TYR H 404 -46.01 16.74 -17.73
CA TYR H 404 -46.79 15.52 -17.68
C TYR H 404 -45.92 14.32 -18.03
N TRP H 405 -44.65 14.57 -18.28
CA TRP H 405 -43.73 13.51 -18.62
C TRP H 405 -43.67 12.48 -17.51
N ASP H 406 -44.04 12.90 -16.30
CA ASP H 406 -44.04 12.01 -15.15
C ASP H 406 -45.13 10.96 -15.25
N LEU H 407 -46.07 11.17 -16.17
CA LEU H 407 -47.17 10.23 -16.37
C LEU H 407 -46.96 9.30 -17.56
N SER H 408 -47.80 8.29 -17.66
CA SER H 408 -47.73 7.31 -18.74
C SER H 408 -48.46 7.79 -19.99
N GLN H 409 -47.96 7.39 -21.15
CA GLN H 409 -48.56 7.75 -22.44
C GLN H 409 -50.07 7.61 -22.34
N SER H 410 -50.49 6.61 -21.56
CA SER H 410 -51.89 6.32 -21.34
C SER H 410 -52.54 7.37 -20.46
N ASP H 411 -52.12 7.40 -19.20
CA ASP H 411 -52.65 8.34 -18.23
C ASP H 411 -52.63 9.77 -18.77
N ARG H 412 -51.68 10.05 -19.65
CA ARG H 412 -51.57 11.38 -20.23
C ARG H 412 -52.85 11.71 -20.99
N ALA H 413 -53.27 10.79 -21.84
CA ALA H 413 -54.47 10.97 -22.65
C ALA H 413 -55.72 11.13 -21.78
N LYS H 414 -55.62 10.68 -20.53
CA LYS H 414 -56.74 10.77 -19.60
C LYS H 414 -57.21 12.21 -19.46
N TYR H 415 -56.33 13.16 -19.79
CA TYR H 415 -56.64 14.57 -19.69
C TYR H 415 -56.61 15.25 -21.06
N GLY H 416 -56.37 14.48 -22.10
CA GLY H 416 -56.33 15.03 -23.44
C GLY H 416 -54.94 15.49 -23.83
N ILE H 417 -54.00 15.40 -22.89
CA ILE H 417 -52.63 15.82 -23.15
C ILE H 417 -51.97 14.89 -24.17
N MET H 418 -51.91 15.34 -25.41
CA MET H 418 -51.31 14.54 -26.46
C MET H 418 -49.87 14.97 -26.70
N ASP H 419 -49.04 14.03 -27.14
CA ASP H 419 -47.65 14.32 -27.44
C ASP H 419 -47.68 15.30 -28.60
N ASN H 420 -48.89 15.54 -29.09
CA ASN H 420 -49.13 16.45 -30.20
C ASN H 420 -49.22 17.90 -29.73
N LEU H 421 -50.04 18.11 -28.69
CA LEU H 421 -50.27 19.42 -28.13
C LEU H 421 -49.07 20.32 -27.90
N VAL H 422 -49.25 21.59 -28.23
CA VAL H 422 -48.21 22.59 -28.06
C VAL H 422 -48.84 23.89 -27.57
N ARG H 423 -48.30 24.41 -26.48
CA ARG H 423 -48.79 25.66 -25.92
C ARG H 423 -47.87 26.76 -26.37
N PHE H 424 -48.45 27.89 -26.79
CA PHE H 424 -47.65 29.01 -27.26
C PHE H 424 -48.09 30.33 -26.64
N SER H 425 -47.28 30.85 -25.73
CA SER H 425 -47.60 32.12 -25.10
C SER H 425 -46.94 33.20 -25.93
N PHE H 426 -47.74 33.83 -26.79
CA PHE H 426 -47.21 34.87 -27.64
C PHE H 426 -46.71 36.05 -26.82
N GLY H 427 -45.44 36.39 -27.03
CA GLY H 427 -44.85 37.49 -26.31
C GLY H 427 -45.40 38.79 -26.85
N VAL H 428 -44.62 39.86 -26.73
CA VAL H 428 -45.04 41.15 -27.20
C VAL H 428 -44.21 41.58 -28.41
N GLU H 429 -43.41 40.65 -28.90
CA GLU H 429 -42.56 40.90 -30.06
C GLU H 429 -43.43 41.27 -31.26
N ASP H 430 -42.79 41.69 -32.34
CA ASP H 430 -43.54 42.07 -33.52
C ASP H 430 -44.16 40.87 -34.23
N PHE H 431 -45.42 40.99 -34.58
CA PHE H 431 -46.15 39.92 -35.24
C PHE H 431 -45.36 39.24 -36.34
N ASP H 432 -45.07 39.99 -37.39
CA ASP H 432 -44.32 39.45 -38.53
C ASP H 432 -43.13 38.64 -38.09
N ASP H 433 -42.32 39.20 -37.18
CA ASP H 433 -41.15 38.51 -36.68
C ASP H 433 -41.51 37.16 -36.09
N LEU H 434 -42.61 37.13 -35.34
CA LEU H 434 -43.09 35.90 -34.72
C LEU H 434 -43.64 34.93 -35.74
N LYS H 435 -44.60 35.40 -36.54
CA LYS H 435 -45.22 34.60 -37.59
C LYS H 435 -44.15 33.94 -38.45
N ALA H 436 -43.26 34.76 -39.01
CA ALA H 436 -42.17 34.26 -39.84
C ALA H 436 -41.46 33.10 -39.15
N ASP H 437 -41.19 33.26 -37.85
CA ASP H 437 -40.51 32.23 -37.07
C ASP H 437 -41.32 30.94 -37.01
N ILE H 438 -42.56 31.06 -36.53
CA ILE H 438 -43.43 29.90 -36.43
C ILE H 438 -43.52 29.15 -37.76
N LEU H 439 -43.86 29.88 -38.82
CA LEU H 439 -43.99 29.28 -40.15
C LEU H 439 -42.72 28.55 -40.56
N GLN H 440 -41.60 29.28 -40.55
CA GLN H 440 -40.31 28.70 -40.91
C GLN H 440 -40.08 27.45 -40.07
N ALA H 441 -40.40 27.55 -38.78
CA ALA H 441 -40.23 26.45 -37.85
C ALA H 441 -41.21 25.32 -38.12
N LEU H 442 -42.08 25.51 -39.11
CA LEU H 442 -43.07 24.51 -39.46
C LEU H 442 -42.71 23.78 -40.75
N ASP H 443 -41.62 24.21 -41.37
CA ASP H 443 -41.18 23.58 -42.61
C ASP H 443 -40.03 22.63 -42.37
N SER H 444 -39.77 22.34 -41.09
CA SER H 444 -38.69 21.43 -40.73
C SER H 444 -39.23 20.01 -40.57
N ILE H 445 -40.53 19.85 -40.80
CA ILE H 445 -41.17 18.55 -40.70
C ILE H 445 -42.30 18.42 -41.71
N TYR I 50 -108.05 21.08 50.07
CA TYR I 50 -106.60 21.29 50.28
C TYR I 50 -106.07 22.45 49.45
N ALA I 51 -105.99 22.27 48.15
CA ALA I 51 -105.49 23.31 47.26
C ALA I 51 -106.47 23.61 46.13
N SER I 52 -106.40 24.84 45.63
CA SER I 52 -107.28 25.28 44.55
C SER I 52 -106.86 24.66 43.23
N PHE I 53 -105.59 24.87 42.85
CA PHE I 53 -105.05 24.35 41.60
C PHE I 53 -104.97 22.83 41.59
N LEU I 54 -105.59 22.19 42.56
CA LEU I 54 -105.61 20.73 42.67
C LEU I 54 -107.04 20.25 42.73
N ASN I 55 -107.54 19.70 41.62
CA ASN I 55 -108.92 19.22 41.57
C ASN I 55 -109.04 17.73 41.31
N SER I 56 -108.07 17.15 40.60
CA SER I 56 -108.10 15.73 40.31
C SER I 56 -107.50 14.92 41.45
N ASP I 57 -108.22 13.88 41.88
CA ASP I 57 -107.77 13.02 42.97
C ASP I 57 -106.30 12.64 42.80
N GLY I 58 -105.94 12.24 41.58
CA GLY I 58 -104.57 11.86 41.31
C GLY I 58 -103.58 12.92 41.76
N SER I 59 -103.77 14.14 41.28
CA SER I 59 -102.89 15.24 41.64
C SER I 59 -102.82 15.37 43.16
N VAL I 60 -103.97 15.20 43.82
CA VAL I 60 -104.04 15.28 45.27
C VAL I 60 -103.24 14.16 45.92
N ALA I 61 -103.58 12.92 45.57
CA ALA I 61 -102.90 11.76 46.11
C ALA I 61 -101.38 11.92 46.01
N ILE I 62 -100.94 12.84 45.17
CA ILE I 62 -99.52 13.07 44.98
C ILE I 62 -98.99 14.19 45.85
N HIS I 63 -99.66 15.34 45.83
CA HIS I 63 -99.19 16.48 46.59
C HIS I 63 -99.91 16.78 47.90
N ALA I 64 -101.04 16.12 48.14
CA ALA I 64 -101.79 16.36 49.37
C ALA I 64 -100.90 16.25 50.60
N GLY I 65 -100.98 17.26 51.47
CA GLY I 65 -100.19 17.26 52.69
C GLY I 65 -98.69 17.27 52.46
N GLU I 66 -98.26 17.83 51.34
CA GLU I 66 -96.85 17.88 51.03
C GLU I 66 -96.46 19.13 50.24
N ARG I 67 -96.93 19.21 49.01
CA ARG I 67 -96.61 20.33 48.13
C ARG I 67 -96.59 21.69 48.83
N LEU I 68 -97.57 21.95 49.68
CA LEU I 68 -97.63 23.22 50.39
C LEU I 68 -96.65 23.27 51.56
N GLY I 69 -96.95 22.50 52.60
CA GLY I 69 -96.09 22.47 53.77
C GLY I 69 -96.03 21.09 54.38
N ARG I 70 -95.16 20.90 55.37
CA ARG I 70 -95.04 19.59 56.02
C ARG I 70 -94.86 19.70 57.52
N GLY I 71 -94.64 20.90 58.03
CA GLY I 71 -94.45 21.07 59.46
C GLY I 71 -93.18 20.37 59.90
N ILE I 72 -92.35 20.04 58.92
CA ILE I 72 -91.08 19.36 59.17
C ILE I 72 -89.99 20.06 58.37
N VAL I 73 -90.38 21.19 57.78
CA VAL I 73 -89.49 22.04 56.98
C VAL I 73 -88.22 21.41 56.39
N THR I 74 -88.17 21.36 55.07
CA THR I 74 -87.02 20.79 54.35
C THR I 74 -87.08 21.19 52.89
N ASP I 75 -85.92 21.38 52.28
CA ASP I 75 -85.88 21.74 50.87
C ASP I 75 -85.94 20.45 50.06
N ALA I 76 -86.26 19.35 50.74
CA ALA I 76 -86.35 18.04 50.11
C ALA I 76 -87.72 17.88 49.45
N ILE I 77 -87.73 17.18 48.33
CA ILE I 77 -88.96 16.93 47.59
C ILE I 77 -89.86 15.96 48.34
N THR I 78 -89.28 14.86 48.79
CA THR I 78 -89.99 13.83 49.52
C THR I 78 -90.14 14.12 51.01
N THR I 79 -91.00 13.34 51.66
CA THR I 79 -91.23 13.49 53.08
C THR I 79 -90.14 12.72 53.81
N PRO I 80 -89.46 13.38 54.75
CA PRO I 80 -88.39 12.69 55.49
C PRO I 80 -88.97 11.66 56.45
N VAL I 81 -88.23 10.58 56.67
CA VAL I 81 -88.67 9.52 57.57
C VAL I 81 -88.08 9.74 58.96
N VAL I 82 -88.94 10.13 59.91
CA VAL I 82 -88.51 10.38 61.27
C VAL I 82 -88.59 9.13 62.14
N ASN I 83 -87.44 8.59 62.51
CA ASN I 83 -87.37 7.39 63.34
C ASN I 83 -87.09 7.69 64.81
N THR I 84 -88.06 8.30 65.49
CA THR I 84 -87.89 8.62 66.90
C THR I 84 -88.92 7.89 67.76
N SER I 85 -88.54 7.58 69.00
CA SER I 85 -89.44 6.89 69.90
C SER I 85 -90.12 7.88 70.81
N ALA I 86 -89.62 9.10 70.83
CA ALA I 86 -90.18 10.15 71.66
C ALA I 86 -89.77 11.53 71.16
N TYR I 87 -90.30 12.57 71.80
CA TYR I 87 -89.97 13.93 71.42
C TYR I 87 -89.62 14.71 72.67
N PHE I 88 -88.58 15.53 72.58
CA PHE I 88 -88.11 16.31 73.71
C PHE I 88 -88.66 17.73 73.72
N PHE I 89 -88.32 18.45 74.78
CA PHE I 89 -88.72 19.84 74.95
C PHE I 89 -87.49 20.64 75.31
N ASN I 90 -87.42 21.87 74.81
CA ASN I 90 -86.27 22.72 75.08
C ASN I 90 -86.19 23.09 76.55
N LYS I 91 -87.33 23.40 77.15
CA LYS I 91 -87.36 23.76 78.57
C LYS I 91 -88.73 23.49 79.17
N THR I 92 -88.76 23.22 80.47
CA THR I 92 -89.99 22.93 81.18
C THR I 92 -91.11 23.90 80.87
N SER I 93 -90.78 25.19 80.80
CA SER I 93 -91.78 26.21 80.50
C SER I 93 -92.55 25.83 79.24
N GLU I 94 -91.83 25.24 78.28
CA GLU I 94 -92.42 24.81 77.02
C GLU I 94 -93.29 23.57 77.24
N LEU I 95 -92.74 22.58 77.93
CA LEU I 95 -93.48 21.36 78.21
C LEU I 95 -94.82 21.74 78.82
N ILE I 96 -94.79 22.71 79.73
CA ILE I 96 -96.01 23.18 80.38
C ILE I 96 -96.99 23.71 79.35
N ASP I 97 -96.50 24.61 78.50
CA ASP I 97 -97.34 25.19 77.46
C ASP I 97 -98.04 24.09 76.67
N PHE I 98 -97.28 23.10 76.21
CA PHE I 98 -97.86 22.01 75.45
C PHE I 98 -98.92 21.29 76.26
N LYS I 99 -98.57 20.90 77.49
CA LYS I 99 -99.50 20.21 78.36
C LYS I 99 -100.71 21.08 78.64
N GLU I 100 -100.52 22.39 78.60
CA GLU I 100 -101.61 23.33 78.84
C GLU I 100 -102.28 23.69 77.53
N LYS I 101 -101.94 22.93 76.48
CA LYS I 101 -102.49 23.12 75.14
C LYS I 101 -102.19 24.51 74.58
N ARG I 102 -100.94 24.92 74.66
CA ARG I 102 -100.51 26.23 74.15
C ARG I 102 -99.43 26.04 73.09
N ARG I 103 -98.94 24.81 72.99
CA ARG I 103 -97.92 24.47 72.02
C ARG I 103 -98.30 23.19 71.28
N ALA I 104 -97.56 22.87 70.22
CA ALA I 104 -97.83 21.66 69.44
C ALA I 104 -96.69 20.67 69.53
N SER I 105 -97.03 19.40 69.76
CA SER I 105 -96.05 18.33 69.85
C SER I 105 -96.76 17.00 69.99
N PHE I 106 -96.09 15.93 69.55
CA PHE I 106 -96.67 14.60 69.62
C PHE I 106 -96.46 14.01 71.00
N GLU I 107 -95.48 14.56 71.73
CA GLU I 107 -95.16 14.09 73.08
C GLU I 107 -94.47 12.74 73.02
N TYR I 108 -95.22 11.71 72.62
CA TYR I 108 -94.69 10.36 72.52
C TYR I 108 -94.90 9.79 71.12
N GLY I 109 -94.02 8.86 70.73
CA GLY I 109 -94.10 8.26 69.41
C GLY I 109 -95.43 7.56 69.17
N ARG I 110 -96.09 7.14 70.23
CA ARG I 110 -97.38 6.46 70.12
C ARG I 110 -98.50 7.46 69.93
N TYR I 111 -98.22 8.72 70.21
CA TYR I 111 -99.21 9.78 70.08
C TYR I 111 -99.13 10.50 68.73
N GLY I 112 -98.25 10.00 67.86
CA GLY I 112 -98.10 10.63 66.54
C GLY I 112 -96.70 10.61 65.98
N ASN I 113 -96.57 11.12 64.75
CA ASN I 113 -95.27 11.18 64.06
C ASN I 113 -95.36 12.09 62.84
N PRO I 114 -94.39 13.00 62.67
CA PRO I 114 -94.37 13.93 61.54
C PRO I 114 -94.45 13.24 60.17
N THR I 115 -93.76 12.12 60.05
CA THR I 115 -93.76 11.36 58.80
C THR I 115 -95.14 10.76 58.56
N THR I 116 -95.85 10.47 59.65
CA THR I 116 -97.17 9.87 59.55
C THR I 116 -98.26 10.90 59.25
N VAL I 117 -98.32 11.96 60.06
CA VAL I 117 -99.34 12.99 59.86
C VAL I 117 -99.46 13.35 58.39
N VAL I 118 -98.35 13.29 57.67
CA VAL I 118 -98.37 13.59 56.25
C VAL I 118 -99.37 12.64 55.62
N LEU I 119 -99.04 11.36 55.67
CA LEU I 119 -99.91 10.33 55.10
C LEU I 119 -101.31 10.51 55.65
N GLU I 120 -101.41 10.92 56.91
CA GLU I 120 -102.70 11.13 57.53
C GLU I 120 -103.47 12.21 56.79
N GLU I 121 -102.89 13.39 56.71
CA GLU I 121 -103.52 14.52 56.02
C GLU I 121 -103.79 14.18 54.58
N LYS I 122 -102.84 13.49 53.94
CA LYS I 122 -102.97 13.09 52.55
C LYS I 122 -104.30 12.36 52.31
N ILE I 123 -104.50 11.25 53.03
CA ILE I 123 -105.71 10.48 52.89
C ILE I 123 -106.91 11.37 53.23
N SER I 124 -106.81 12.11 54.32
CA SER I 124 -107.87 13.02 54.74
C SER I 124 -108.38 13.81 53.52
N ALA I 125 -107.44 14.38 52.78
CA ALA I 125 -107.77 15.17 51.60
C ALA I 125 -108.47 14.32 50.55
N LEU I 126 -107.90 13.16 50.24
CA LEU I 126 -108.48 12.27 49.24
C LEU I 126 -109.92 11.93 49.57
N GLU I 127 -110.13 11.38 50.76
CA GLU I 127 -111.47 11.01 51.19
C GLU I 127 -112.28 12.26 51.45
N GLY I 128 -111.61 13.40 51.40
CA GLY I 128 -112.29 14.67 51.65
C GLY I 128 -112.90 14.67 53.03
N ALA I 129 -112.10 14.27 54.01
CA ALA I 129 -112.56 14.21 55.40
C ALA I 129 -111.95 15.30 56.26
N GLU I 130 -112.45 15.38 57.49
CA GLU I 130 -111.98 16.36 58.45
C GLU I 130 -110.63 15.90 59.01
N SER I 131 -110.53 14.61 59.28
CA SER I 131 -109.29 14.05 59.82
C SER I 131 -109.21 12.54 59.60
N THR I 132 -107.99 12.03 59.54
CA THR I 132 -107.76 10.61 59.33
C THR I 132 -106.79 10.05 60.37
N LEU I 133 -106.99 8.79 60.73
CA LEU I 133 -106.15 8.12 61.71
C LEU I 133 -105.48 6.92 61.05
N LEU I 134 -104.27 6.60 61.49
CA LEU I 134 -103.57 5.47 60.90
C LEU I 134 -103.13 4.43 61.93
N MET I 135 -103.61 3.21 61.77
CA MET I 135 -103.26 2.12 62.68
C MET I 135 -102.15 1.29 62.07
N ALA I 136 -101.85 0.17 62.70
CA ALA I 136 -100.81 -0.72 62.21
C ALA I 136 -101.34 -1.69 61.17
N SER I 137 -102.66 -1.81 61.11
CA SER I 137 -103.28 -2.73 60.16
C SER I 137 -104.79 -2.54 60.13
N GLY I 138 -105.38 -2.74 58.96
CA GLY I 138 -106.82 -2.60 58.82
C GLY I 138 -107.54 -3.25 60.00
N MET I 139 -107.18 -4.49 60.29
CA MET I 139 -107.79 -5.20 61.40
C MET I 139 -107.78 -4.32 62.63
N CYS I 140 -106.61 -3.77 62.94
CA CYS I 140 -106.47 -2.88 64.08
C CYS I 140 -107.55 -1.82 63.96
N ALA I 141 -107.51 -1.07 62.86
CA ALA I 141 -108.47 -0.02 62.61
C ALA I 141 -109.90 -0.41 62.97
N SER I 142 -110.52 -1.27 62.16
CA SER I 142 -111.88 -1.69 62.42
C SER I 142 -112.04 -2.12 63.88
N THR I 143 -111.18 -3.05 64.27
CA THR I 143 -111.18 -3.58 65.62
C THR I 143 -111.30 -2.47 66.65
N VAL I 144 -110.37 -1.52 66.60
CA VAL I 144 -110.38 -0.40 67.51
C VAL I 144 -111.68 0.37 67.38
N MET I 145 -111.87 0.95 66.21
CA MET I 145 -113.05 1.74 65.89
C MET I 145 -114.30 1.21 66.57
N LEU I 146 -114.47 -0.11 66.54
CA LEU I 146 -115.62 -0.72 67.17
C LEU I 146 -115.60 -0.47 68.67
N LEU I 147 -114.59 -1.02 69.35
CA LEU I 147 -114.46 -0.84 70.78
C LEU I 147 -114.50 0.64 71.16
N ALA I 148 -114.13 1.48 70.22
CA ALA I 148 -114.09 2.91 70.46
C ALA I 148 -115.47 3.57 70.46
N LEU I 149 -116.29 3.23 69.46
CA LEU I 149 -117.61 3.83 69.35
C LEU I 149 -118.77 3.07 69.99
N VAL I 150 -118.80 1.77 69.77
CA VAL I 150 -119.87 0.95 70.34
C VAL I 150 -119.75 0.82 71.84
N PRO I 151 -120.74 1.34 72.59
CA PRO I 151 -120.71 1.27 74.05
C PRO I 151 -121.00 -0.15 74.53
N ALA I 152 -120.85 -0.37 75.83
CA ALA I 152 -121.10 -1.69 76.40
C ALA I 152 -122.57 -2.01 76.29
N GLY I 153 -122.88 -3.28 76.04
CA GLY I 153 -124.27 -3.68 75.91
C GLY I 153 -124.97 -3.03 74.75
N GLY I 154 -124.23 -2.27 73.95
CA GLY I 154 -124.81 -1.60 72.80
C GLY I 154 -125.12 -2.57 71.67
N HIS I 155 -125.66 -2.06 70.58
CA HIS I 155 -126.01 -2.90 69.45
C HIS I 155 -125.45 -2.35 68.14
N ILE I 156 -125.07 -3.25 67.23
CA ILE I 156 -124.51 -2.84 65.96
C ILE I 156 -125.08 -3.69 64.84
N VAL I 157 -125.22 -3.10 63.66
CA VAL I 157 -125.74 -3.82 62.52
C VAL I 157 -124.66 -3.97 61.46
N THR I 158 -124.58 -5.15 60.88
CA THR I 158 -123.58 -5.40 59.86
C THR I 158 -124.08 -6.43 58.86
N THR I 159 -123.56 -6.35 57.64
CA THR I 159 -123.94 -7.25 56.57
C THR I 159 -123.37 -8.64 56.73
N THR I 160 -124.00 -9.61 56.07
CA THR I 160 -123.55 -11.00 56.13
C THR I 160 -122.16 -11.12 55.53
N ASP I 161 -121.99 -10.64 54.30
CA ASP I 161 -120.70 -10.69 53.63
C ASP I 161 -119.69 -9.84 54.39
N CYS I 162 -118.75 -10.49 55.05
CA CYS I 162 -117.74 -9.77 55.83
C CYS I 162 -116.37 -10.41 55.69
N TYR I 163 -115.35 -9.71 56.15
CA TYR I 163 -113.99 -10.22 56.09
C TYR I 163 -113.90 -11.25 57.21
N ARG I 164 -113.56 -12.49 56.85
CA ARG I 164 -113.45 -13.58 57.81
C ARG I 164 -113.07 -13.09 59.21
N LYS I 165 -111.89 -12.49 59.35
CA LYS I 165 -111.43 -11.99 60.63
C LYS I 165 -112.41 -11.03 61.27
N THR I 166 -112.76 -9.96 60.55
CA THR I 166 -113.70 -8.97 61.06
C THR I 166 -114.94 -9.64 61.65
N ARG I 167 -115.32 -10.75 61.05
CA ARG I 167 -116.47 -11.51 61.52
C ARG I 167 -116.23 -11.96 62.95
N ILE I 168 -115.27 -12.86 63.10
CA ILE I 168 -114.90 -13.41 64.40
C ILE I 168 -114.87 -12.39 65.54
N PHE I 169 -114.13 -11.31 65.35
CA PHE I 169 -114.02 -10.27 66.37
C PHE I 169 -115.40 -9.89 66.89
N ILE I 170 -116.34 -9.76 65.96
CA ILE I 170 -117.71 -9.39 66.32
C ILE I 170 -118.46 -10.54 66.96
N GLU I 171 -118.17 -11.76 66.50
CA GLU I 171 -118.83 -12.94 67.02
C GLU I 171 -118.19 -13.54 68.26
N THR I 172 -117.01 -13.06 68.64
CA THR I 172 -116.32 -13.62 69.80
C THR I 172 -115.79 -12.63 70.83
N ILE I 173 -115.46 -11.42 70.40
CA ILE I 173 -114.94 -10.43 71.33
C ILE I 173 -116.00 -9.45 71.83
N LEU I 174 -116.67 -8.78 70.90
CA LEU I 174 -117.71 -7.83 71.25
C LEU I 174 -118.72 -8.38 72.26
N PRO I 175 -119.13 -9.64 72.11
CA PRO I 175 -120.09 -10.21 73.06
C PRO I 175 -119.60 -10.12 74.51
N LYS I 176 -118.28 -10.17 74.68
CA LYS I 176 -117.69 -10.07 76.02
C LYS I 176 -118.15 -8.76 76.64
N MET I 177 -118.08 -7.69 75.86
CA MET I 177 -118.49 -6.37 76.32
C MET I 177 -120.01 -6.28 76.29
N GLY I 178 -120.65 -7.44 76.11
CA GLY I 178 -122.09 -7.47 76.06
C GLY I 178 -122.66 -6.75 74.85
N ILE I 179 -121.82 -6.60 73.83
CA ILE I 179 -122.25 -5.93 72.60
C ILE I 179 -122.90 -6.92 71.65
N THR I 180 -124.20 -6.73 71.41
CA THR I 180 -124.95 -7.62 70.52
C THR I 180 -125.02 -7.02 69.12
N ALA I 181 -125.11 -7.88 68.12
CA ALA I 181 -125.16 -7.41 66.73
C ALA I 181 -126.17 -8.17 65.88
N THR I 182 -126.58 -7.55 64.77
CA THR I 182 -127.53 -8.15 63.86
C THR I 182 -126.92 -8.25 62.47
N VAL I 183 -127.01 -9.44 61.87
CA VAL I 183 -126.47 -9.68 60.54
C VAL I 183 -127.56 -9.70 59.49
N ILE I 184 -127.44 -8.80 58.51
CA ILE I 184 -128.43 -8.71 57.44
C ILE I 184 -127.76 -8.76 56.08
N ASP I 185 -128.56 -8.98 55.05
CA ASP I 185 -128.04 -9.03 53.68
C ASP I 185 -127.74 -7.61 53.24
N PRO I 186 -126.66 -7.43 52.47
CA PRO I 186 -126.27 -6.10 51.98
C PRO I 186 -127.40 -5.35 51.29
N ALA I 187 -128.22 -6.07 50.53
CA ALA I 187 -129.32 -5.45 49.81
C ALA I 187 -130.56 -5.24 50.67
N ASP I 188 -130.90 -6.24 51.49
CA ASP I 188 -132.07 -6.17 52.35
C ASP I 188 -132.17 -4.88 53.17
N VAL I 189 -132.65 -3.82 52.54
CA VAL I 189 -132.80 -2.54 53.22
C VAL I 189 -133.89 -2.67 54.26
N GLY I 190 -134.88 -3.50 53.97
CA GLY I 190 -135.98 -3.70 54.90
C GLY I 190 -135.47 -4.12 56.26
N ALA I 191 -134.71 -5.22 56.28
CA ALA I 191 -134.15 -5.73 57.53
C ALA I 191 -133.51 -4.59 58.30
N LEU I 192 -132.69 -3.80 57.61
CA LEU I 192 -132.02 -2.67 58.24
C LEU I 192 -133.05 -1.73 58.87
N GLU I 193 -133.99 -1.27 58.05
CA GLU I 193 -135.02 -0.36 58.52
C GLU I 193 -135.77 -0.99 59.70
N LEU I 194 -136.03 -2.28 59.59
CA LEU I 194 -136.74 -3.00 60.64
C LEU I 194 -135.91 -2.95 61.92
N ALA I 195 -134.75 -3.60 61.89
CA ALA I 195 -133.87 -3.64 63.04
C ALA I 195 -133.63 -2.24 63.57
N LEU I 196 -133.55 -1.27 62.67
CA LEU I 196 -133.34 0.11 63.06
C LEU I 196 -134.38 0.54 64.08
N ASN I 197 -135.54 -0.11 64.03
CA ASN I 197 -136.64 0.20 64.92
C ASN I 197 -136.73 -0.76 66.11
N GLN I 198 -136.63 -2.05 65.84
CA GLN I 198 -136.71 -3.04 66.90
C GLN I 198 -135.80 -2.66 68.07
N LYS I 199 -134.50 -2.68 67.83
CA LYS I 199 -133.54 -2.34 68.87
C LYS I 199 -132.98 -0.93 68.66
N LYS I 200 -132.09 -0.53 69.55
CA LYS I 200 -131.45 0.79 69.48
C LYS I 200 -130.03 0.61 68.95
N VAL I 201 -129.89 0.62 67.62
CA VAL I 201 -128.59 0.44 66.99
C VAL I 201 -127.65 1.61 67.24
N ASN I 202 -126.41 1.28 67.58
CA ASN I 202 -125.41 2.31 67.84
C ASN I 202 -124.66 2.64 66.56
N LEU I 203 -124.46 1.64 65.71
CA LEU I 203 -123.74 1.85 64.47
C LEU I 203 -123.92 0.71 63.49
N PHE I 204 -124.05 1.08 62.22
CA PHE I 204 -124.19 0.12 61.15
C PHE I 204 -122.84 0.08 60.47
N PHE I 205 -122.22 -1.09 60.44
CA PHE I 205 -120.91 -1.19 59.83
C PHE I 205 -120.89 -2.22 58.71
N THR I 206 -120.31 -1.84 57.58
CA THR I 206 -120.20 -2.74 56.44
C THR I 206 -119.25 -2.20 55.38
N GLU I 207 -118.81 -3.09 54.50
CA GLU I 207 -117.91 -2.70 53.44
C GLU I 207 -118.60 -2.82 52.12
N SER I 208 -118.34 -1.88 51.23
CA SER I 208 -118.95 -1.88 49.91
C SER I 208 -117.94 -1.31 48.91
N PRO I 209 -117.55 -2.09 47.89
CA PRO I 209 -117.98 -3.46 47.61
C PRO I 209 -117.73 -4.39 48.78
N THR I 210 -118.48 -5.49 48.80
CA THR I 210 -118.36 -6.48 49.84
C THR I 210 -117.41 -7.58 49.40
N ASN I 211 -117.12 -8.50 50.29
CA ASN I 211 -116.22 -9.60 49.99
C ASN I 211 -116.95 -10.91 50.24
N PRO I 212 -116.81 -11.88 49.34
CA PRO I 212 -116.03 -11.86 48.11
C PRO I 212 -116.92 -11.68 46.87
N PHE I 213 -118.17 -11.30 47.11
CA PHE I 213 -119.10 -11.13 46.00
C PHE I 213 -119.24 -9.66 45.61
N LEU I 214 -118.38 -8.82 46.17
CA LEU I 214 -118.40 -7.40 45.86
C LEU I 214 -119.80 -6.79 45.86
N ARG I 215 -120.67 -7.30 46.73
CA ARG I 215 -122.03 -6.76 46.82
C ARG I 215 -121.88 -5.33 47.30
N CYS I 216 -122.68 -4.42 46.76
CA CYS I 216 -122.58 -3.02 47.17
C CYS I 216 -123.80 -2.59 47.96
N VAL I 217 -123.63 -1.52 48.74
CA VAL I 217 -124.72 -1.00 49.55
C VAL I 217 -125.00 0.44 49.15
N ASP I 218 -126.28 0.78 49.03
CA ASP I 218 -126.64 2.14 48.65
C ASP I 218 -126.36 3.05 49.84
N ILE I 219 -125.09 3.41 50.00
CA ILE I 219 -124.68 4.27 51.10
C ILE I 219 -125.69 5.36 51.36
N GLU I 220 -125.77 6.31 50.44
CA GLU I 220 -126.70 7.44 50.55
C GLU I 220 -127.99 7.03 51.25
N LEU I 221 -128.63 6.00 50.72
CA LEU I 221 -129.88 5.50 51.28
C LEU I 221 -129.68 5.11 52.73
N VAL I 222 -128.87 4.08 52.94
CA VAL I 222 -128.60 3.57 54.28
C VAL I 222 -128.26 4.67 55.27
N SER I 223 -127.32 5.53 54.91
CA SER I 223 -126.92 6.62 55.77
C SER I 223 -128.15 7.35 56.27
N LYS I 224 -129.09 7.61 55.36
CA LYS I 224 -130.32 8.30 55.70
C LYS I 224 -131.12 7.52 56.74
N LEU I 225 -131.46 6.29 56.39
CA LEU I 225 -132.24 5.44 57.28
C LEU I 225 -131.61 5.38 58.67
N CYS I 226 -130.29 5.27 58.71
CA CYS I 226 -129.57 5.20 59.97
C CYS I 226 -129.60 6.52 60.73
N HIS I 227 -129.08 7.58 60.12
CA HIS I 227 -129.05 8.89 60.75
C HIS I 227 -130.43 9.29 61.29
N GLU I 228 -131.47 8.70 60.73
CA GLU I 228 -132.84 9.00 61.15
C GLU I 228 -133.07 8.45 62.55
N LYS I 229 -132.46 7.29 62.82
CA LYS I 229 -132.59 6.63 64.12
C LYS I 229 -131.37 6.90 64.99
N GLY I 230 -130.58 7.91 64.62
CA GLY I 230 -129.40 8.25 65.39
C GLY I 230 -128.23 7.29 65.28
N ALA I 231 -128.35 6.29 64.41
CA ALA I 231 -127.28 5.30 64.25
C ALA I 231 -126.10 5.88 63.49
N LEU I 232 -124.94 5.22 63.61
CA LEU I 232 -123.74 5.66 62.92
C LEU I 232 -123.46 4.75 61.75
N VAL I 233 -122.98 5.32 60.65
CA VAL I 233 -122.68 4.53 59.47
C VAL I 233 -121.19 4.52 59.19
N CYS I 234 -120.60 3.33 59.20
CA CYS I 234 -119.18 3.19 58.94
C CYS I 234 -118.98 2.23 57.78
N ILE I 235 -118.38 2.73 56.71
CA ILE I 235 -118.14 1.92 55.53
C ILE I 235 -116.68 1.59 55.33
N ASP I 236 -116.41 0.36 54.93
CA ASP I 236 -115.05 -0.07 54.68
C ASP I 236 -114.86 -0.12 53.17
N GLY I 237 -114.42 0.99 52.60
CA GLY I 237 -114.23 1.06 51.18
C GLY I 237 -112.90 0.52 50.71
N THR I 238 -112.39 -0.48 51.40
CA THR I 238 -111.11 -1.06 51.01
C THR I 238 -111.12 -1.37 49.52
N PHE I 239 -111.99 -2.29 49.12
CA PHE I 239 -112.13 -2.73 47.74
C PHE I 239 -112.38 -1.57 46.77
N ALA I 240 -113.02 -0.53 47.27
CA ALA I 240 -113.33 0.63 46.44
C ALA I 240 -112.15 1.52 46.17
N THR I 241 -111.65 2.17 47.22
CA THR I 241 -110.53 3.10 47.12
C THR I 241 -111.14 4.48 47.03
N PRO I 242 -110.56 5.46 47.73
CA PRO I 242 -111.11 6.82 47.69
C PRO I 242 -111.31 7.33 46.26
N LEU I 243 -110.58 6.76 45.32
CA LEU I 243 -110.69 7.20 43.93
C LEU I 243 -111.98 6.75 43.28
N ASN I 244 -112.41 5.53 43.58
CA ASN I 244 -113.62 4.98 42.98
C ASN I 244 -114.93 5.39 43.69
N GLN I 245 -114.82 6.01 44.85
CA GLN I 245 -116.01 6.42 45.59
C GLN I 245 -115.67 7.19 46.86
N LYS I 246 -116.53 8.13 47.21
CA LYS I 246 -116.33 8.95 48.39
C LYS I 246 -117.48 8.72 49.38
N ALA I 247 -117.46 7.57 50.03
CA ALA I 247 -118.49 7.19 51.00
C ALA I 247 -118.90 8.34 51.89
N LEU I 248 -117.91 9.12 52.32
CA LEU I 248 -118.17 10.26 53.18
C LEU I 248 -119.18 11.22 52.56
N ALA I 249 -118.90 11.62 51.33
CA ALA I 249 -119.78 12.53 50.61
C ALA I 249 -121.14 11.89 50.40
N LEU I 250 -121.16 10.57 50.33
CA LEU I 250 -122.41 9.84 50.14
C LEU I 250 -123.26 9.84 51.39
N GLY I 251 -122.72 10.38 52.48
CA GLY I 251 -123.47 10.45 53.73
C GLY I 251 -122.87 9.67 54.88
N ALA I 252 -122.07 8.64 54.58
CA ALA I 252 -121.44 7.82 55.60
C ALA I 252 -120.77 8.66 56.68
N ASP I 253 -120.69 8.12 57.89
CA ASP I 253 -120.07 8.83 59.01
C ASP I 253 -118.58 8.57 59.07
N LEU I 254 -118.19 7.33 58.84
CA LEU I 254 -116.78 6.96 58.88
C LEU I 254 -116.44 5.99 57.76
N VAL I 255 -115.28 6.18 57.15
CA VAL I 255 -114.82 5.32 56.08
C VAL I 255 -113.43 4.84 56.42
N LEU I 256 -113.17 3.56 56.18
CA LEU I 256 -111.87 3.02 56.48
C LEU I 256 -111.44 2.00 55.44
N HIS I 257 -110.14 1.93 55.22
CA HIS I 257 -109.59 0.99 54.26
C HIS I 257 -108.38 0.33 54.87
N SER I 258 -108.05 -0.83 54.32
CA SER I 258 -106.88 -1.54 54.76
C SER I 258 -105.82 -1.11 53.76
N ALA I 259 -105.09 -0.05 54.10
CA ALA I 259 -104.05 0.48 53.23
C ALA I 259 -103.09 -0.62 52.80
N THR I 260 -103.13 -1.73 53.51
CA THR I 260 -102.29 -2.88 53.20
C THR I 260 -102.48 -3.30 51.76
N LYS I 261 -103.67 -3.05 51.23
CA LYS I 261 -104.01 -3.45 49.87
C LYS I 261 -103.72 -2.47 48.73
N PHE I 262 -104.69 -1.61 48.41
CA PHE I 262 -104.55 -0.66 47.31
C PHE I 262 -103.71 0.57 47.62
N LEU I 263 -104.02 1.24 48.73
CA LEU I 263 -103.27 2.43 49.08
C LEU I 263 -101.77 2.21 48.95
N GLY I 264 -101.30 1.09 49.49
CA GLY I 264 -99.89 0.78 49.38
C GLY I 264 -99.63 0.14 48.02
N GLY I 265 -100.57 -0.70 47.61
CA GLY I 265 -100.50 -1.38 46.33
C GLY I 265 -99.20 -2.04 45.93
N HIS I 266 -98.33 -2.36 46.88
CA HIS I 266 -97.08 -3.00 46.54
C HIS I 266 -96.84 -4.30 47.29
N ASN I 267 -97.86 -4.72 48.04
CA ASN I 267 -97.80 -5.97 48.80
C ASN I 267 -96.56 -6.03 49.67
N ASP I 268 -96.14 -4.88 50.20
CA ASP I 268 -94.94 -4.85 51.01
C ASP I 268 -95.11 -4.09 52.32
N VAL I 269 -96.35 -4.00 52.81
CA VAL I 269 -96.58 -3.28 54.05
C VAL I 269 -98.01 -3.38 54.51
N LEU I 270 -98.21 -3.41 55.82
CA LEU I 270 -99.55 -3.49 56.38
C LEU I 270 -99.84 -2.15 57.03
N ALA I 271 -101.12 -1.77 57.05
CA ALA I 271 -101.54 -0.52 57.65
C ALA I 271 -103.03 -0.34 57.48
N GLY I 272 -103.66 0.21 58.51
CA GLY I 272 -105.09 0.46 58.47
C GLY I 272 -105.31 1.94 58.68
N CYS I 273 -106.48 2.44 58.29
CA CYS I 273 -106.76 3.86 58.45
C CYS I 273 -108.24 4.14 58.48
N ILE I 274 -108.62 5.13 59.29
CA ILE I 274 -110.00 5.54 59.43
C ILE I 274 -110.05 7.05 59.25
N SER I 275 -110.99 7.51 58.44
CA SER I 275 -111.13 8.93 58.18
C SER I 275 -112.58 9.36 58.42
N GLY I 276 -112.74 10.56 58.96
CA GLY I 276 -114.06 11.07 59.24
C GLY I 276 -114.05 12.38 60.00
N PRO I 277 -115.19 12.80 60.54
CA PRO I 277 -115.28 14.06 61.29
C PRO I 277 -114.41 14.02 62.51
N LEU I 278 -113.75 15.14 62.80
CA LEU I 278 -112.87 15.21 63.95
C LEU I 278 -113.58 14.69 65.20
N LYS I 279 -114.69 15.34 65.55
CA LYS I 279 -115.47 14.97 66.73
C LYS I 279 -115.58 13.46 66.92
N LEU I 280 -115.54 12.72 65.82
CA LEU I 280 -115.64 11.27 65.88
C LEU I 280 -114.29 10.58 65.90
N VAL I 281 -113.51 10.79 64.84
CA VAL I 281 -112.20 10.19 64.72
C VAL I 281 -111.37 10.34 65.99
N SER I 282 -111.35 11.55 66.55
CA SER I 282 -110.60 11.82 67.77
C SER I 282 -110.94 10.82 68.85
N GLU I 283 -112.24 10.60 69.08
CA GLU I 283 -112.68 9.65 70.10
C GLU I 283 -111.96 8.31 69.95
N ILE I 284 -111.67 7.94 68.71
CA ILE I 284 -110.98 6.68 68.43
C ILE I 284 -109.48 6.82 68.69
N ARG I 285 -108.89 7.88 68.15
CA ARG I 285 -107.46 8.15 68.33
C ARG I 285 -107.09 8.02 69.81
N ASN I 286 -107.93 8.57 70.68
CA ASN I 286 -107.67 8.49 72.11
C ASN I 286 -107.47 7.04 72.51
N LEU I 287 -108.52 6.25 72.34
CA LEU I 287 -108.46 4.84 72.69
C LEU I 287 -107.26 4.20 72.02
N HIS I 288 -106.95 4.66 70.82
CA HIS I 288 -105.83 4.13 70.06
C HIS I 288 -104.54 4.39 70.83
N HIS I 289 -104.40 5.60 71.35
CA HIS I 289 -103.21 5.98 72.10
C HIS I 289 -102.99 5.02 73.26
N ILE I 290 -104.06 4.37 73.71
CA ILE I 290 -103.97 3.44 74.82
C ILE I 290 -103.62 2.02 74.38
N LEU I 291 -104.43 1.46 73.49
CA LEU I 291 -104.17 0.11 73.00
C LEU I 291 -102.80 0.04 72.35
N GLY I 292 -102.28 1.22 71.98
CA GLY I 292 -100.98 1.31 71.35
C GLY I 292 -100.77 0.43 70.14
N GLY I 293 -101.34 0.84 69.01
CA GLY I 293 -101.18 0.08 67.78
C GLY I 293 -100.58 0.98 66.72
N ALA I 294 -99.78 1.94 67.17
CA ALA I 294 -99.12 2.91 66.31
C ALA I 294 -98.46 2.31 65.07
N LEU I 295 -98.41 3.09 64.01
CA LEU I 295 -97.81 2.65 62.74
C LEU I 295 -96.40 3.18 62.61
N ASN I 296 -95.47 2.29 62.23
CA ASN I 296 -94.07 2.68 62.08
C ASN I 296 -93.87 3.65 60.92
N PRO I 297 -93.02 4.67 61.12
CA PRO I 297 -92.75 5.67 60.09
C PRO I 297 -92.38 5.06 58.75
N ASN I 298 -91.42 4.15 58.77
CA ASN I 298 -90.98 3.49 57.54
C ASN I 298 -92.19 3.00 56.78
N ALA I 299 -93.12 2.37 57.49
CA ALA I 299 -94.33 1.87 56.85
C ALA I 299 -95.08 3.06 56.28
N ALA I 300 -95.31 4.05 57.13
CA ALA I 300 -96.01 5.25 56.71
C ALA I 300 -95.42 5.76 55.41
N TYR I 301 -94.10 5.92 55.37
CA TYR I 301 -93.46 6.42 54.16
C TYR I 301 -93.80 5.56 52.96
N LEU I 302 -93.52 4.26 53.06
CA LEU I 302 -93.78 3.34 51.96
C LEU I 302 -95.17 3.58 51.36
N ILE I 303 -96.15 3.82 52.22
CA ILE I 303 -97.50 4.08 51.75
C ILE I 303 -97.54 5.42 51.01
N ILE I 304 -97.03 6.46 51.65
CA ILE I 304 -96.98 7.77 51.02
C ILE I 304 -96.35 7.65 49.64
N ARG I 305 -95.31 6.81 49.55
CA ARG I 305 -94.60 6.60 48.30
C ARG I 305 -95.48 5.88 47.30
N GLY I 306 -96.30 4.95 47.79
CA GLY I 306 -97.19 4.20 46.92
C GLY I 306 -98.33 5.04 46.37
N MET I 307 -98.95 5.83 47.24
CA MET I 307 -100.07 6.67 46.85
C MET I 307 -99.67 7.67 45.77
N LYS I 308 -98.35 7.83 45.58
CA LYS I 308 -97.84 8.75 44.57
C LYS I 308 -98.37 8.34 43.21
N THR I 309 -98.63 7.05 43.04
CA THR I 309 -99.13 6.53 41.78
C THR I 309 -100.47 5.81 41.97
N LEU I 310 -101.26 6.27 42.94
CA LEU I 310 -102.55 5.67 43.21
C LEU I 310 -103.43 5.67 41.97
N HIS I 311 -103.85 6.86 41.54
CA HIS I 311 -104.70 6.98 40.37
C HIS I 311 -104.18 6.11 39.24
N LEU I 312 -102.94 6.33 38.85
CA LEU I 312 -102.30 5.56 37.79
C LEU I 312 -102.67 4.08 37.90
N ARG I 313 -102.37 3.49 39.05
CA ARG I 313 -102.66 2.09 39.28
C ARG I 313 -104.14 1.77 39.19
N VAL I 314 -104.92 2.31 40.13
CA VAL I 314 -106.36 2.08 40.17
C VAL I 314 -106.97 2.10 38.78
N GLN I 315 -106.60 3.10 37.98
CA GLN I 315 -107.10 3.21 36.62
C GLN I 315 -106.86 1.89 35.92
N GLN I 316 -105.58 1.60 35.68
CA GLN I 316 -105.16 0.37 35.02
C GLN I 316 -105.93 -0.84 35.56
N GLN I 317 -106.00 -0.96 36.88
CA GLN I 317 -106.70 -2.08 37.50
C GLN I 317 -108.18 -2.11 37.13
N ASN I 318 -108.88 -1.00 37.33
CA ASN I 318 -110.30 -0.94 37.01
C ASN I 318 -110.57 -1.50 35.61
N SER I 319 -109.80 -1.05 34.63
CA SER I 319 -109.94 -1.51 33.24
C SER I 319 -109.79 -3.01 33.12
N THR I 320 -108.56 -3.48 33.31
CA THR I 320 -108.27 -4.90 33.23
C THR I 320 -109.41 -5.70 33.87
N ALA I 321 -109.79 -5.30 35.09
CA ALA I 321 -110.87 -5.98 35.81
C ALA I 321 -112.09 -6.14 34.91
N LEU I 322 -112.74 -5.01 34.63
CA LEU I 322 -113.91 -5.00 33.78
C LEU I 322 -113.77 -5.90 32.56
N ARG I 323 -112.94 -5.49 31.61
CA ARG I 323 -112.71 -6.26 30.39
C ARG I 323 -112.69 -7.74 30.72
N MET I 324 -111.71 -8.14 31.52
CA MET I 324 -111.59 -9.54 31.88
C MET I 324 -112.91 -10.07 32.42
N ALA I 325 -113.55 -9.31 33.28
CA ALA I 325 -114.81 -9.72 33.86
C ALA I 325 -115.73 -10.23 32.77
N GLU I 326 -116.07 -9.35 31.83
CA GLU I 326 -116.93 -9.74 30.72
C GLU I 326 -116.37 -10.98 30.03
N ILE I 327 -115.17 -10.86 29.48
CA ILE I 327 -114.54 -11.97 28.80
C ILE I 327 -114.79 -13.26 29.57
N LEU I 328 -114.65 -13.17 30.89
CA LEU I 328 -114.86 -14.33 31.75
C LEU I 328 -116.31 -14.77 31.73
N GLU I 329 -117.21 -13.82 32.00
CA GLU I 329 -118.64 -14.12 32.01
C GLU I 329 -119.05 -14.83 30.72
N ALA I 330 -118.48 -14.38 29.61
CA ALA I 330 -118.78 -14.96 28.31
C ALA I 330 -118.19 -16.34 28.12
N HIS I 331 -117.12 -16.62 28.87
CA HIS I 331 -116.49 -17.93 28.77
C HIS I 331 -117.42 -19.05 29.21
N PRO I 332 -117.41 -20.18 28.48
CA PRO I 332 -118.26 -21.33 28.79
C PRO I 332 -117.90 -22.01 30.11
N LYS I 333 -116.62 -22.25 30.33
CA LYS I 333 -116.16 -22.91 31.54
C LYS I 333 -116.36 -22.06 32.79
N VAL I 334 -116.82 -20.83 32.61
CA VAL I 334 -117.06 -19.94 33.73
C VAL I 334 -118.55 -19.94 34.06
N ARG I 335 -118.91 -20.58 35.16
CA ARG I 335 -120.30 -20.67 35.58
C ARG I 335 -120.92 -19.31 35.91
N HIS I 336 -120.26 -18.55 36.78
CA HIS I 336 -120.75 -17.25 37.19
C HIS I 336 -119.61 -16.27 37.44
N VAL I 337 -119.89 -14.97 37.32
CA VAL I 337 -118.88 -13.94 37.54
C VAL I 337 -119.46 -12.78 38.34
N TYR I 338 -118.73 -12.36 39.38
CA TYR I 338 -119.16 -11.27 40.25
C TYR I 338 -118.31 -10.03 40.03
N TYR I 339 -118.97 -8.92 39.73
CA TYR I 339 -118.27 -7.66 39.49
C TYR I 339 -119.30 -6.56 39.28
N PRO I 340 -119.29 -5.55 40.16
CA PRO I 340 -120.24 -4.44 40.05
C PRO I 340 -120.30 -3.82 38.66
N GLY I 341 -119.23 -4.01 37.90
CA GLY I 341 -119.17 -3.45 36.56
C GLY I 341 -120.13 -4.11 35.60
N LEU I 342 -120.38 -5.40 35.79
CA LEU I 342 -121.30 -6.14 34.93
C LEU I 342 -122.74 -5.84 35.30
N GLN I 343 -123.64 -6.02 34.33
CA GLN I 343 -125.06 -5.79 34.56
C GLN I 343 -125.60 -6.98 35.33
N SER I 344 -124.96 -8.13 35.10
CA SER I 344 -125.36 -9.37 35.76
C SER I 344 -125.32 -9.18 37.28
N HIS I 345 -124.55 -8.20 37.73
CA HIS I 345 -124.43 -7.95 39.16
C HIS I 345 -125.69 -7.32 39.75
N PRO I 346 -126.19 -7.89 40.85
CA PRO I 346 -127.40 -7.45 41.57
C PRO I 346 -127.51 -5.93 41.78
N GLU I 347 -126.58 -5.36 42.52
CA GLU I 347 -126.60 -3.93 42.80
C GLU I 347 -125.85 -3.11 41.74
N HIS I 348 -125.73 -3.66 40.54
CA HIS I 348 -125.03 -2.97 39.47
C HIS I 348 -125.49 -1.53 39.31
N HIS I 349 -126.80 -1.31 39.42
CA HIS I 349 -127.35 0.04 39.27
C HIS I 349 -126.80 0.96 40.35
N ILE I 350 -126.70 0.46 41.58
CA ILE I 350 -126.19 1.26 42.68
C ILE I 350 -124.71 1.53 42.45
N ALA I 351 -124.01 0.51 41.96
CA ALA I 351 -122.59 0.62 41.68
C ALA I 351 -122.35 1.81 40.77
N LYS I 352 -123.14 1.89 39.70
CA LYS I 352 -123.03 2.98 38.74
C LYS I 352 -123.36 4.31 39.37
N LYS I 353 -124.42 4.34 40.18
CA LYS I 353 -124.86 5.58 40.80
C LYS I 353 -123.90 6.19 41.82
N GLN I 354 -123.15 5.36 42.55
CA GLN I 354 -122.23 5.90 43.55
C GLN I 354 -120.75 5.70 43.26
N MET I 355 -120.42 4.76 42.39
CA MET I 355 -119.03 4.51 42.06
C MET I 355 -118.65 5.10 40.71
N THR I 356 -117.36 5.21 40.46
CA THR I 356 -116.86 5.74 39.19
C THR I 356 -115.95 4.68 38.59
N GLY I 357 -115.73 3.63 39.37
CA GLY I 357 -114.89 2.52 38.96
C GLY I 357 -115.44 1.29 39.65
N PHE I 358 -114.84 0.14 39.43
CA PHE I 358 -115.33 -1.07 40.08
C PHE I 358 -114.21 -1.92 40.62
N GLY I 359 -113.10 -1.26 40.93
CA GLY I 359 -111.95 -1.99 41.46
C GLY I 359 -111.34 -2.93 40.46
N GLY I 360 -110.28 -3.63 40.89
CA GLY I 360 -109.63 -4.56 40.01
C GLY I 360 -109.74 -5.96 40.55
N ALA I 361 -110.74 -6.17 41.39
CA ALA I 361 -110.97 -7.47 42.00
C ALA I 361 -112.18 -8.12 41.37
N VAL I 362 -112.03 -9.38 40.98
CA VAL I 362 -113.12 -10.12 40.37
C VAL I 362 -113.22 -11.53 40.91
N SER I 363 -114.43 -11.91 41.29
CA SER I 363 -114.69 -13.23 41.82
C SER I 363 -115.57 -13.98 40.84
N PHE I 364 -115.34 -15.27 40.69
CA PHE I 364 -116.12 -16.06 39.77
C PHE I 364 -116.04 -17.55 40.07
N GLU I 365 -117.11 -18.26 39.77
CA GLU I 365 -117.17 -19.69 40.00
C GLU I 365 -116.81 -20.41 38.71
N VAL I 366 -115.96 -21.42 38.81
CA VAL I 366 -115.56 -22.19 37.65
C VAL I 366 -116.50 -23.36 37.47
N ASP I 367 -116.81 -23.71 36.23
CA ASP I 367 -117.70 -24.83 35.94
C ASP I 367 -116.99 -26.15 36.25
N GLY I 368 -116.80 -26.43 37.54
CA GLY I 368 -116.14 -27.66 37.94
C GLY I 368 -116.30 -27.94 39.42
N ASP I 369 -115.46 -28.84 39.95
CA ASP I 369 -115.52 -29.18 41.37
C ASP I 369 -114.27 -28.72 42.09
N LEU I 370 -114.31 -28.77 43.42
CA LEU I 370 -113.19 -28.35 44.24
C LEU I 370 -111.86 -28.65 43.57
N LEU I 371 -111.57 -29.93 43.36
CA LEU I 371 -110.31 -30.34 42.74
C LEU I 371 -110.07 -29.70 41.38
N THR I 372 -111.11 -29.66 40.54
CA THR I 372 -110.98 -29.08 39.22
C THR I 372 -110.63 -27.59 39.32
N THR I 373 -111.39 -26.86 40.12
CA THR I 373 -111.15 -25.43 40.30
C THR I 373 -109.68 -25.22 40.63
N ALA I 374 -109.17 -26.01 41.58
CA ALA I 374 -107.78 -25.91 41.97
C ALA I 374 -106.91 -26.06 40.73
N LYS I 375 -107.15 -27.12 39.97
CA LYS I 375 -106.38 -27.39 38.75
C LYS I 375 -106.26 -26.11 37.94
N PHE I 376 -107.32 -25.31 37.96
CA PHE I 376 -107.32 -24.06 37.21
C PHE I 376 -106.27 -23.10 37.76
N VAL I 377 -106.48 -22.65 38.99
CA VAL I 377 -105.55 -21.73 39.62
C VAL I 377 -104.12 -22.24 39.48
N ASP I 378 -103.96 -23.56 39.62
CA ASP I 378 -102.64 -24.17 39.54
C ASP I 378 -102.04 -23.94 38.15
N ALA I 379 -102.90 -23.79 37.16
CA ALA I 379 -102.46 -23.58 35.79
C ALA I 379 -101.93 -22.17 35.54
N LEU I 380 -102.53 -21.19 36.22
CA LEU I 380 -102.12 -19.80 36.07
C LEU I 380 -100.62 -19.67 36.28
N LYS I 381 -99.99 -18.73 35.57
CA LYS I 381 -98.56 -18.55 35.68
C LYS I 381 -98.13 -17.17 36.15
N ILE I 382 -99.05 -16.20 36.14
CA ILE I 382 -98.69 -14.85 36.55
C ILE I 382 -99.06 -14.48 37.99
N PRO I 383 -100.34 -14.64 38.36
CA PRO I 383 -100.71 -14.27 39.73
C PRO I 383 -100.11 -15.20 40.78
N TYR I 384 -99.93 -14.68 41.99
CA TYR I 384 -99.40 -15.47 43.09
C TYR I 384 -100.59 -16.00 43.87
N ILE I 385 -100.50 -17.24 44.34
CA ILE I 385 -101.58 -17.81 45.13
C ILE I 385 -101.38 -17.38 46.57
N ALA I 386 -102.23 -16.47 47.04
CA ALA I 386 -102.12 -15.99 48.42
C ALA I 386 -103.27 -15.06 48.76
N PRO I 387 -103.46 -14.74 50.05
CA PRO I 387 -104.54 -13.82 50.43
C PRO I 387 -104.18 -12.41 49.97
N SER I 388 -104.74 -11.41 50.63
CA SER I 388 -104.45 -10.02 50.26
C SER I 388 -104.79 -9.73 48.79
N PHE I 389 -104.67 -8.47 48.40
CA PHE I 389 -104.96 -8.06 47.03
C PHE I 389 -104.72 -6.56 46.88
N GLY I 390 -104.81 -6.07 45.65
CA GLY I 390 -104.61 -4.65 45.41
C GLY I 390 -103.20 -4.26 45.05
N GLY I 391 -102.27 -5.21 45.09
CA GLY I 391 -100.90 -4.89 44.77
C GLY I 391 -100.62 -4.92 43.29
N CYS I 392 -99.46 -4.40 42.88
CA CYS I 392 -99.08 -4.39 41.48
C CYS I 392 -99.08 -5.80 40.93
N GLU I 393 -98.73 -6.77 41.77
CA GLU I 393 -98.70 -8.17 41.36
C GLU I 393 -100.10 -8.78 41.49
N SER I 394 -100.52 -9.52 40.46
CA SER I 394 -101.83 -10.14 40.49
C SER I 394 -101.85 -11.27 41.51
N ILE I 395 -103.02 -11.54 42.07
CA ILE I 395 -103.16 -12.59 43.07
C ILE I 395 -104.47 -13.36 42.91
N VAL I 396 -104.41 -14.66 43.19
CA VAL I 396 -105.58 -15.53 43.09
C VAL I 396 -105.67 -16.40 44.33
N ASP I 397 -106.85 -16.97 44.56
CA ASP I 397 -107.05 -17.83 45.72
C ASP I 397 -108.40 -18.53 45.66
N GLN I 398 -108.51 -19.61 46.41
CA GLN I 398 -109.74 -20.39 46.46
C GLN I 398 -110.25 -20.30 47.89
N PRO I 399 -110.95 -19.22 48.22
CA PRO I 399 -111.51 -18.98 49.55
C PRO I 399 -111.84 -20.25 50.32
N ALA I 400 -112.56 -21.16 49.66
CA ALA I 400 -112.95 -22.42 50.26
C ALA I 400 -111.77 -23.01 51.02
N ILE I 401 -110.60 -22.92 50.41
CA ILE I 401 -109.37 -23.43 50.99
C ILE I 401 -108.61 -22.31 51.69
N MET I 402 -108.24 -21.31 50.89
CA MET I 402 -107.48 -20.16 51.39
C MET I 402 -107.82 -19.72 52.79
N SER I 403 -109.10 -19.59 53.12
CA SER I 403 -109.45 -19.15 54.47
C SER I 403 -110.75 -19.71 55.03
N TYR I 404 -111.24 -20.79 54.45
CA TYR I 404 -112.48 -21.40 54.93
C TYR I 404 -112.31 -22.90 55.01
N TRP I 405 -111.10 -23.37 54.74
CA TRP I 405 -110.81 -24.80 54.80
C TRP I 405 -111.03 -25.32 56.21
N ASP I 406 -111.00 -24.42 57.18
CA ASP I 406 -111.19 -24.78 58.56
C ASP I 406 -112.64 -25.15 58.83
N LEU I 407 -113.53 -24.84 57.89
CA LEU I 407 -114.94 -25.15 58.05
C LEU I 407 -115.38 -26.36 57.26
N SER I 408 -116.58 -26.84 57.55
CA SER I 408 -117.14 -28.02 56.88
C SER I 408 -117.76 -27.65 55.54
N GLN I 409 -117.76 -28.62 54.62
CA GLN I 409 -118.33 -28.42 53.29
C GLN I 409 -119.70 -27.77 53.41
N SER I 410 -120.44 -28.13 54.45
CA SER I 410 -121.77 -27.61 54.70
C SER I 410 -121.72 -26.20 55.27
N ASP I 411 -121.01 -26.02 56.37
CA ASP I 411 -120.88 -24.72 57.01
C ASP I 411 -120.33 -23.68 56.03
N ARG I 412 -119.54 -24.15 55.08
CA ARG I 412 -118.95 -23.28 54.07
C ARG I 412 -120.07 -22.64 53.26
N ALA I 413 -120.97 -23.47 52.76
CA ALA I 413 -122.08 -22.99 51.95
C ALA I 413 -122.95 -22.01 52.73
N LYS I 414 -122.84 -22.05 54.05
CA LYS I 414 -123.62 -21.15 54.91
C LYS I 414 -123.36 -19.70 54.54
N TYR I 415 -122.23 -19.45 53.88
CA TYR I 415 -121.87 -18.11 53.47
C TYR I 415 -121.79 -17.94 51.95
N GLY I 416 -122.07 -19.01 51.22
CA GLY I 416 -122.02 -18.95 49.77
C GLY I 416 -120.68 -19.38 49.22
N ILE I 417 -119.74 -19.63 50.13
CA ILE I 417 -118.39 -20.04 49.73
C ILE I 417 -118.40 -21.44 49.12
N MET I 418 -118.35 -21.48 47.79
CA MET I 418 -118.35 -22.75 47.07
C MET I 418 -116.94 -23.16 46.71
N ASP I 419 -116.72 -24.47 46.61
CA ASP I 419 -115.39 -24.98 46.23
C ASP I 419 -115.18 -24.50 44.79
N ASN I 420 -116.21 -23.88 44.26
CA ASN I 420 -116.23 -23.34 42.91
C ASN I 420 -115.55 -21.98 42.86
N LEU I 421 -116.04 -21.07 43.70
CA LEU I 421 -115.57 -19.69 43.79
C LEU I 421 -114.06 -19.48 43.73
N VAL I 422 -113.68 -18.44 43.01
CA VAL I 422 -112.28 -18.06 42.83
C VAL I 422 -112.17 -16.54 42.87
N ARG I 423 -111.27 -16.03 43.71
CA ARG I 423 -111.05 -14.59 43.81
C ARG I 423 -109.83 -14.25 43.00
N PHE I 424 -109.91 -13.16 42.24
CA PHE I 424 -108.80 -12.74 41.42
C PHE I 424 -108.53 -11.26 41.55
N SER I 425 -107.42 -10.91 42.19
CA SER I 425 -107.04 -9.51 42.35
C SER I 425 -106.10 -9.17 41.22
N PHE I 426 -106.65 -8.61 40.16
CA PHE I 426 -105.84 -8.26 39.01
C PHE I 426 -104.75 -7.27 39.39
N GLY I 427 -103.52 -7.65 39.06
CA GLY I 427 -102.39 -6.80 39.37
C GLY I 427 -102.38 -5.61 38.42
N VAL I 428 -101.20 -5.11 38.11
CA VAL I 428 -101.08 -3.97 37.22
C VAL I 428 -100.39 -4.39 35.93
N GLU I 429 -100.10 -5.69 35.81
CA GLU I 429 -99.44 -6.23 34.63
C GLU I 429 -100.25 -5.86 33.38
N ASP I 430 -99.72 -6.16 32.21
CA ASP I 430 -100.40 -5.84 30.98
C ASP I 430 -101.60 -6.74 30.78
N PHE I 431 -102.69 -6.15 30.30
CA PHE I 431 -103.94 -6.89 30.07
C PHE I 431 -103.73 -8.18 29.29
N ASP I 432 -103.38 -8.04 28.02
CA ASP I 432 -103.16 -9.21 27.17
C ASP I 432 -102.38 -10.29 27.91
N ASP I 433 -101.24 -9.91 28.47
CA ASP I 433 -100.40 -10.88 29.19
C ASP I 433 -101.25 -11.64 30.20
N LEU I 434 -102.05 -10.92 30.97
CA LEU I 434 -102.91 -11.54 31.97
C LEU I 434 -103.99 -12.38 31.32
N LYS I 435 -104.80 -11.74 30.47
CA LYS I 435 -105.87 -12.43 29.77
C LYS I 435 -105.38 -13.75 29.20
N ALA I 436 -104.34 -13.68 28.37
CA ALA I 436 -103.77 -14.87 27.76
C ALA I 436 -103.56 -15.95 28.81
N ASP I 437 -102.98 -15.54 29.94
CA ASP I 437 -102.72 -16.47 31.04
C ASP I 437 -104.00 -17.13 31.54
N ILE I 438 -104.98 -16.32 31.91
CA ILE I 438 -106.25 -16.85 32.40
C ILE I 438 -106.89 -17.81 31.41
N LEU I 439 -107.01 -17.38 30.16
CA LEU I 439 -107.60 -18.21 29.12
C LEU I 439 -106.87 -19.53 29.01
N GLN I 440 -105.57 -19.48 28.77
CA GLN I 440 -104.75 -20.68 28.65
C GLN I 440 -104.99 -21.60 29.84
N ALA I 441 -104.97 -21.00 31.03
CA ALA I 441 -105.16 -21.75 32.27
C ALA I 441 -106.53 -22.44 32.30
N LEU I 442 -107.46 -21.93 31.51
CA LEU I 442 -108.80 -22.51 31.47
C LEU I 442 -108.87 -23.64 30.44
N ASP I 443 -108.16 -23.47 29.33
CA ASP I 443 -108.14 -24.48 28.28
C ASP I 443 -107.46 -25.74 28.80
N SER I 444 -107.01 -25.69 30.04
CA SER I 444 -106.33 -26.82 30.66
C SER I 444 -107.33 -27.66 31.46
N ILE I 445 -108.61 -27.40 31.24
CA ILE I 445 -109.68 -28.13 31.92
C ILE I 445 -110.86 -28.36 30.98
N TYR J 50 -65.84 20.58 69.82
CA TYR J 50 -67.31 20.65 69.67
C TYR J 50 -67.91 21.57 70.73
N ALA J 51 -68.38 20.95 71.82
CA ALA J 51 -68.97 21.71 72.93
C ALA J 51 -68.15 21.50 74.20
N SER J 52 -68.48 22.26 75.23
CA SER J 52 -67.78 22.20 76.51
C SER J 52 -68.19 21.04 77.43
N PHE J 53 -69.48 20.98 77.77
CA PHE J 53 -70.00 19.94 78.66
C PHE J 53 -69.70 18.52 78.22
N LEU J 54 -69.03 18.37 77.09
CA LEU J 54 -68.68 17.05 76.57
C LEU J 54 -67.17 17.01 76.33
N ASN J 55 -66.50 16.02 76.92
CA ASN J 55 -65.06 15.89 76.77
C ASN J 55 -64.63 14.51 76.30
N SER J 56 -65.25 13.46 76.84
CA SER J 56 -64.93 12.09 76.47
C SER J 56 -65.40 11.77 75.06
N ASP J 57 -64.56 11.07 74.29
CA ASP J 57 -64.88 10.69 72.92
C ASP J 57 -66.28 10.06 72.83
N GLY J 58 -66.54 9.08 73.69
CA GLY J 58 -67.82 8.40 73.70
C GLY J 58 -69.00 9.35 73.68
N SER J 59 -69.04 10.27 74.64
CA SER J 59 -70.13 11.23 74.73
C SER J 59 -70.27 11.96 73.40
N VAL J 60 -69.14 12.18 72.75
CA VAL J 60 -69.14 12.87 71.46
C VAL J 60 -69.74 11.98 70.37
N ALA J 61 -69.17 10.79 70.21
CA ALA J 61 -69.65 9.84 69.22
C ALA J 61 -71.16 9.64 69.33
N ILE J 62 -71.74 10.13 70.42
CA ILE J 62 -73.16 9.98 70.65
C ILE J 62 -73.92 11.26 70.30
N HIS J 63 -73.46 12.40 70.81
CA HIS J 63 -74.16 13.64 70.57
C HIS J 63 -73.53 14.59 69.56
N ALA J 64 -72.36 14.23 69.02
CA ALA J 64 -71.68 15.09 68.05
C ALA J 64 -72.54 15.36 66.81
N GLY J 65 -72.79 16.64 66.55
CA GLY J 65 -73.58 17.03 65.40
C GLY J 65 -75.06 16.69 65.52
N GLU J 66 -75.56 16.63 66.75
CA GLU J 66 -76.96 16.31 67.00
C GLU J 66 -77.52 17.05 68.20
N ARG J 67 -77.10 16.63 69.39
CA ARG J 67 -77.57 17.24 70.64
C ARG J 67 -77.86 18.72 70.53
N LEU J 68 -76.91 19.47 69.97
CA LEU J 68 -77.08 20.91 69.82
C LEU J 68 -78.08 21.26 68.74
N GLY J 69 -77.70 21.04 67.49
CA GLY J 69 -78.57 21.35 66.37
C GLY J 69 -78.38 20.34 65.25
N ARG J 70 -79.26 20.39 64.25
CA ARG J 70 -79.18 19.47 63.13
C ARG J 70 -79.44 20.17 61.80
N GLY J 71 -79.87 21.43 61.87
CA GLY J 71 -80.15 22.16 60.64
C GLY J 71 -81.30 21.50 59.90
N ILE J 72 -82.01 20.62 60.60
CA ILE J 72 -83.14 19.91 60.04
C ILE J 72 -84.31 20.02 61.02
N VAL J 73 -84.14 20.88 62.01
CA VAL J 73 -85.13 21.17 63.04
C VAL J 73 -86.22 20.12 63.29
N THR J 74 -86.19 19.51 64.48
CA THR J 74 -87.18 18.50 64.85
C THR J 74 -87.13 18.25 66.35
N ASP J 75 -88.28 17.95 66.93
CA ASP J 75 -88.34 17.66 68.36
C ASP J 75 -88.05 16.17 68.55
N ALA J 76 -87.49 15.56 67.51
CA ALA J 76 -87.15 14.15 67.55
C ALA J 76 -85.77 13.96 68.14
N ILE J 77 -85.59 12.88 68.89
CA ILE J 77 -84.33 12.59 69.51
C ILE J 77 -83.31 12.19 68.44
N THR J 78 -83.72 11.29 67.55
CA THR J 78 -82.84 10.80 66.51
C THR J 78 -82.78 11.72 65.30
N THR J 79 -81.86 11.40 64.39
CA THR J 79 -81.69 12.17 63.17
C THR J 79 -82.62 11.59 62.10
N PRO J 80 -83.48 12.43 61.51
CA PRO J 80 -84.43 11.98 60.48
C PRO J 80 -83.75 11.57 59.19
N VAL J 81 -84.21 10.48 58.60
CA VAL J 81 -83.64 9.99 57.36
C VAL J 81 -84.32 10.64 56.16
N VAL J 82 -83.61 11.54 55.50
CA VAL J 82 -84.16 12.23 54.34
C VAL J 82 -83.86 11.48 53.04
N ASN J 83 -84.92 10.98 52.42
CA ASN J 83 -84.79 10.22 51.18
C ASN J 83 -85.18 11.06 49.97
N THR J 84 -84.35 12.02 49.60
CA THR J 84 -84.64 12.86 48.45
C THR J 84 -83.54 12.75 47.41
N SER J 85 -83.92 12.88 46.14
CA SER J 85 -82.97 12.80 45.04
C SER J 85 -82.49 14.19 44.66
N ALA J 86 -83.20 15.20 45.14
CA ALA J 86 -82.85 16.59 44.86
C ALA J 86 -83.53 17.54 45.83
N TYR J 87 -83.18 18.82 45.74
CA TYR J 87 -83.74 19.84 46.61
C TYR J 87 -84.29 21.00 45.79
N PHE J 88 -85.49 21.43 46.12
CA PHE J 88 -86.14 22.52 45.40
C PHE J 88 -85.87 23.87 46.01
N PHE J 89 -86.36 24.91 45.32
CA PHE J 89 -86.21 26.29 45.75
C PHE J 89 -87.61 26.91 45.71
N ASN J 90 -87.87 27.84 46.62
CA ASN J 90 -89.17 28.50 46.68
C ASN J 90 -89.42 29.42 45.49
N LYS J 91 -88.39 30.12 45.07
CA LYS J 91 -88.49 31.04 43.94
C LYS J 91 -87.13 31.27 43.32
N THR J 92 -87.12 31.60 42.03
CA THR J 92 -85.89 31.85 41.29
C THR J 92 -84.93 32.76 42.06
N SER J 93 -85.48 33.83 42.63
CA SER J 93 -84.67 34.78 43.40
C SER J 93 -83.78 34.05 44.39
N GLU J 94 -84.33 33.03 45.04
CA GLU J 94 -83.60 32.25 46.02
C GLU J 94 -82.52 31.40 45.34
N LEU J 95 -82.90 30.70 44.28
CA LEU J 95 -81.96 29.86 43.54
C LEU J 95 -80.74 30.68 43.15
N ILE J 96 -80.97 31.93 42.77
CA ILE J 96 -79.88 32.82 42.38
C ILE J 96 -79.00 33.07 43.59
N ASP J 97 -79.61 33.43 44.71
CA ASP J 97 -78.87 33.70 45.94
C ASP J 97 -77.92 32.54 46.23
N PHE J 98 -78.46 31.32 46.24
CA PHE J 98 -77.65 30.13 46.50
C PHE J 98 -76.53 30.01 45.48
N LYS J 99 -76.88 30.11 44.20
CA LYS J 99 -75.89 30.01 43.13
C LYS J 99 -74.84 31.11 43.26
N GLU J 100 -75.26 32.24 43.83
CA GLU J 100 -74.36 33.38 44.03
C GLU J 100 -73.69 33.27 45.40
N LYS J 101 -73.90 32.13 46.05
CA LYS J 101 -73.33 31.87 47.37
C LYS J 101 -73.84 32.83 48.43
N ARG J 102 -75.16 32.97 48.53
CA ARG J 102 -75.78 33.85 49.51
C ARG J 102 -76.78 33.06 50.37
N ARG J 103 -77.05 31.82 49.96
CA ARG J 103 -77.97 30.95 50.67
C ARG J 103 -77.35 29.55 50.83
N ALA J 104 -77.96 28.72 51.67
CA ALA J 104 -77.45 27.37 51.91
C ALA J 104 -78.38 26.29 51.35
N SER J 105 -77.80 25.33 50.63
CA SER J 105 -78.54 24.23 50.04
C SER J 105 -77.58 23.22 49.42
N PHE J 106 -78.02 21.98 49.32
CA PHE J 106 -77.20 20.93 48.74
C PHE J 106 -77.37 20.93 47.22
N GLU J 107 -78.46 21.52 46.77
CA GLU J 107 -78.77 21.59 45.33
C GLU J 107 -79.20 20.24 44.80
N TYR J 108 -78.27 19.28 44.80
CA TYR J 108 -78.54 17.93 44.32
C TYR J 108 -78.16 16.90 45.38
N GLY J 109 -78.83 15.75 45.33
CA GLY J 109 -78.54 14.69 46.30
C GLY J 109 -77.09 14.23 46.27
N ARG J 110 -76.46 14.33 45.11
CA ARG J 110 -75.07 13.92 44.98
C ARG J 110 -74.14 14.94 45.61
N TYR J 111 -74.67 16.14 45.84
CA TYR J 111 -73.89 17.22 46.44
C TYR J 111 -74.05 17.28 47.95
N GLY J 112 -74.75 16.30 48.52
CA GLY J 112 -74.95 16.29 49.96
C GLY J 112 -76.32 15.83 50.41
N ASN J 113 -76.52 15.76 51.73
CA ASN J 113 -77.79 15.32 52.32
C ASN J 113 -77.80 15.65 53.81
N PRO J 114 -78.92 16.21 54.30
CA PRO J 114 -79.05 16.58 55.71
C PRO J 114 -78.75 15.42 56.66
N THR J 115 -79.25 14.24 56.31
CA THR J 115 -79.03 13.06 57.14
C THR J 115 -77.54 12.70 57.15
N THR J 116 -76.87 12.93 56.03
CA THR J 116 -75.45 12.60 55.93
C THR J 116 -74.55 13.59 56.65
N VAL J 117 -74.75 14.89 56.40
CA VAL J 117 -73.93 15.91 57.03
C VAL J 117 -73.77 15.68 58.53
N VAL J 118 -74.81 15.14 59.15
CA VAL J 118 -74.74 14.86 60.58
C VAL J 118 -73.57 13.91 60.79
N LEU J 119 -73.68 12.71 60.23
CA LEU J 119 -72.63 11.73 60.34
C LEU J 119 -71.30 12.35 59.96
N GLU J 120 -71.34 13.27 59.01
CA GLU J 120 -70.13 13.95 58.57
C GLU J 120 -69.55 14.76 59.73
N GLU J 121 -70.34 15.68 60.26
CA GLU J 121 -69.92 16.52 61.38
C GLU J 121 -69.54 15.65 62.55
N LYS J 122 -70.33 14.61 62.79
CA LYS J 122 -70.06 13.70 63.90
C LYS J 122 -68.62 13.19 63.82
N ILE J 123 -68.29 12.52 62.72
CA ILE J 123 -66.95 11.99 62.55
C ILE J 123 -65.94 13.12 62.66
N SER J 124 -66.25 14.25 62.03
CA SER J 124 -65.36 15.42 62.07
C SER J 124 -64.96 15.71 63.51
N ALA J 125 -65.94 15.77 64.40
CA ALA J 125 -65.67 16.04 65.81
C ALA J 125 -64.78 14.98 66.45
N LEU J 126 -65.14 13.71 66.27
CA LEU J 126 -64.36 12.62 66.83
C LEU J 126 -62.90 12.75 66.45
N GLU J 127 -62.64 12.76 65.14
CA GLU J 127 -61.28 12.88 64.65
C GLU J 127 -60.74 14.28 64.93
N GLY J 128 -61.61 15.15 65.45
CA GLY J 128 -61.20 16.50 65.75
C GLY J 128 -60.67 17.18 64.50
N ALA J 129 -61.43 17.06 63.41
CA ALA J 129 -61.05 17.64 62.13
C ALA J 129 -61.87 18.87 61.78
N GLU J 130 -61.45 19.54 60.71
CA GLU J 130 -62.12 20.74 60.22
C GLU J 130 -63.39 20.32 59.48
N SER J 131 -63.29 19.23 58.74
CA SER J 131 -64.41 18.72 57.96
C SER J 131 -64.17 17.27 57.54
N THR J 132 -65.24 16.55 57.27
CA THR J 132 -65.15 15.15 56.87
C THR J 132 -66.02 14.91 55.63
N LEU J 133 -65.66 13.89 54.86
CA LEU J 133 -66.41 13.55 53.67
C LEU J 133 -66.79 12.08 53.74
N LEU J 134 -67.95 11.73 53.19
CA LEU J 134 -68.42 10.35 53.22
C LEU J 134 -68.72 9.79 51.83
N MET J 135 -68.01 8.72 51.48
CA MET J 135 -68.20 8.07 50.19
C MET J 135 -69.15 6.89 50.36
N ALA J 136 -69.22 6.06 49.33
CA ALA J 136 -70.09 4.90 49.37
C ALA J 136 -69.33 3.71 49.90
N SER J 137 -68.02 3.87 50.10
CA SER J 137 -67.19 2.79 50.60
C SER J 137 -65.73 3.23 50.73
N GLY J 138 -65.05 2.69 51.73
CA GLY J 138 -63.65 3.03 51.94
C GLY J 138 -62.90 3.05 50.62
N MET J 139 -62.98 1.94 49.89
CA MET J 139 -62.31 1.85 48.60
C MET J 139 -62.54 3.17 47.86
N CYS J 140 -63.82 3.51 47.70
CA CYS J 140 -64.18 4.74 47.01
C CYS J 140 -63.32 5.87 47.58
N ALA J 141 -63.49 6.13 48.86
CA ALA J 141 -62.74 7.17 49.55
C ALA J 141 -61.27 7.22 49.15
N SER J 142 -60.51 6.20 49.57
CA SER J 142 -59.09 6.14 49.25
C SER J 142 -58.87 6.39 47.75
N THR J 143 -59.55 5.59 46.94
CA THR J 143 -59.44 5.70 45.50
C THR J 143 -59.60 7.14 45.03
N VAL J 144 -60.72 7.75 45.40
CA VAL J 144 -60.99 9.13 45.01
C VAL J 144 -59.86 10.03 45.50
N MET J 145 -59.73 10.10 46.82
CA MET J 145 -58.70 10.92 47.46
C MET J 145 -57.39 10.90 46.70
N LEU J 146 -57.03 9.74 46.16
CA LEU J 146 -55.80 9.61 45.40
C LEU J 146 -55.89 10.45 44.12
N LEU J 147 -56.81 10.08 43.24
CA LEU J 147 -56.99 10.81 41.98
C LEU J 147 -57.25 12.28 42.25
N ALA J 148 -57.72 12.58 43.45
CA ALA J 148 -58.04 13.94 43.81
C ALA J 148 -56.82 14.82 44.10
N LEU J 149 -55.91 14.30 44.93
CA LEU J 149 -54.72 15.05 45.32
C LEU J 149 -53.49 14.83 44.45
N VAL J 150 -53.16 13.58 44.18
CA VAL J 150 -51.99 13.27 43.36
C VAL J 150 -52.18 13.74 41.93
N PRO J 151 -51.32 14.67 41.46
CA PRO J 151 -51.42 15.19 40.09
C PRO J 151 -50.89 14.20 39.07
N ALA J 152 -51.07 14.51 37.79
CA ALA J 152 -50.62 13.64 36.72
C ALA J 152 -49.09 13.51 36.75
N GLY J 153 -48.60 12.30 36.48
CA GLY J 153 -47.17 12.07 36.47
C GLY J 153 -46.55 12.27 37.83
N GLY J 154 -47.39 12.53 38.83
CA GLY J 154 -46.91 12.73 40.18
C GLY J 154 -46.36 11.47 40.83
N HIS J 155 -45.83 11.61 42.03
CA HIS J 155 -45.26 10.49 42.76
C HIS J 155 -45.87 10.37 44.15
N ILE J 156 -46.04 9.14 44.61
CA ILE J 156 -46.61 8.90 45.92
C ILE J 156 -45.86 7.79 46.63
N VAL J 157 -45.79 7.87 47.96
CA VAL J 157 -45.09 6.85 48.74
C VAL J 157 -46.07 6.10 49.63
N THR J 158 -45.91 4.79 49.68
CA THR J 158 -46.78 3.96 50.48
C THR J 158 -46.05 2.74 50.98
N THR J 159 -46.52 2.21 52.10
CA THR J 159 -45.92 1.03 52.72
C THR J 159 -46.21 -0.24 51.92
N THR J 160 -45.45 -1.29 52.20
CA THR J 160 -45.62 -2.56 51.52
C THR J 160 -46.93 -3.21 51.95
N ASP J 161 -47.15 -3.27 53.27
CA ASP J 161 -48.38 -3.85 53.81
C ASP J 161 -49.56 -2.97 53.46
N CYS J 162 -50.36 -3.43 52.49
CA CYS J 162 -51.52 -2.66 52.07
C CYS J 162 -52.74 -3.54 51.89
N TYR J 163 -53.90 -2.91 51.72
CA TYR J 163 -55.14 -3.63 51.51
C TYR J 163 -55.14 -4.11 50.07
N ARG J 164 -55.11 -5.43 49.89
CA ARG J 164 -55.07 -6.05 48.56
C ARG J 164 -55.59 -5.11 47.48
N LYS J 165 -56.87 -4.78 47.55
CA LYS J 165 -57.47 -3.90 46.56
C LYS J 165 -56.69 -2.61 46.41
N THR J 166 -56.61 -1.82 47.48
CA THR J 166 -55.89 -0.54 47.45
C THR J 166 -54.59 -0.68 46.67
N ARG J 167 -53.94 -1.82 46.82
CA ARG J 167 -52.69 -2.10 46.14
C ARG J 167 -52.89 -1.98 44.63
N ILE J 168 -53.72 -2.88 44.10
CA ILE J 168 -54.03 -2.93 42.68
C ILE J 168 -54.31 -1.56 42.06
N PHE J 169 -55.20 -0.79 42.67
CA PHE J 169 -55.55 0.53 42.15
C PHE J 169 -54.29 1.33 41.86
N ILE J 170 -53.35 1.29 42.81
CA ILE J 170 -52.09 2.00 42.66
C ILE J 170 -51.19 1.35 41.62
N GLU J 171 -51.21 0.02 41.58
CA GLU J 171 -50.37 -0.73 40.66
C GLU J 171 -50.94 -0.90 39.24
N THR J 172 -52.19 -0.48 39.01
CA THR J 172 -52.78 -0.64 37.68
C THR J 172 -53.53 0.57 37.14
N ILE J 173 -54.06 1.39 38.04
CA ILE J 173 -54.81 2.55 37.61
C ILE J 173 -53.95 3.81 37.60
N LEU J 174 -53.43 4.17 38.76
CA LEU J 174 -52.60 5.36 38.89
C LEU J 174 -51.55 5.46 37.79
N PRO J 175 -50.91 4.33 37.42
CA PRO J 175 -49.91 4.40 36.36
C PRO J 175 -50.47 4.99 35.06
N LYS J 176 -51.77 4.76 34.82
CA LYS J 176 -52.43 5.28 33.62
C LYS J 176 -52.26 6.79 33.57
N MET J 177 -52.40 7.43 34.73
CA MET J 177 -52.25 8.88 34.80
C MET J 177 -50.77 9.22 34.94
N GLY J 178 -49.93 8.24 34.67
CA GLY J 178 -48.48 8.43 34.76
C GLY J 178 -48.00 8.64 36.18
N ILE J 179 -48.83 8.26 37.14
CA ILE J 179 -48.48 8.41 38.55
C ILE J 179 -47.63 7.24 39.03
N THR J 180 -46.39 7.54 39.37
CA THR J 180 -45.45 6.54 39.86
C THR J 180 -45.46 6.55 41.39
N ALA J 181 -45.13 5.42 41.98
CA ALA J 181 -45.10 5.31 43.44
C ALA J 181 -43.96 4.42 43.93
N THR J 182 -43.58 4.63 45.19
CA THR J 182 -42.51 3.86 45.82
C THR J 182 -43.03 3.10 47.03
N VAL J 183 -42.75 1.80 47.07
CA VAL J 183 -43.19 0.96 48.17
C VAL J 183 -42.05 0.77 49.17
N ILE J 184 -42.31 1.08 50.42
CA ILE J 184 -41.30 0.94 51.47
C ILE J 184 -41.86 0.22 52.68
N ASP J 185 -40.98 -0.21 53.58
CA ASP J 185 -41.41 -0.90 54.78
C ASP J 185 -41.98 0.12 55.76
N PRO J 186 -43.05 -0.25 56.49
CA PRO J 186 -43.68 0.64 57.46
C PRO J 186 -42.69 1.25 58.46
N ALA J 187 -41.71 0.45 58.85
CA ALA J 187 -40.70 0.90 59.80
C ALA J 187 -39.56 1.67 59.15
N ASP J 188 -39.05 1.16 58.03
CA ASP J 188 -37.94 1.76 57.30
C ASP J 188 -38.08 3.26 57.03
N VAL J 189 -37.84 4.07 58.07
CA VAL J 189 -37.93 5.52 57.94
C VAL J 189 -36.86 6.05 56.99
N GLY J 190 -35.74 5.34 56.93
CA GLY J 190 -34.64 5.75 56.07
C GLY J 190 -35.11 5.86 54.63
N ALA J 191 -35.67 4.77 54.12
CA ALA J 191 -36.17 4.73 52.75
C ALA J 191 -37.06 5.94 52.49
N LEU J 192 -38.00 6.18 53.41
CA LEU J 192 -38.92 7.31 53.27
C LEU J 192 -38.14 8.61 53.13
N GLU J 193 -37.25 8.86 54.09
CA GLU J 193 -36.44 10.07 54.07
C GLU J 193 -35.64 10.11 52.77
N LEU J 194 -35.10 8.96 52.40
CA LEU J 194 -34.31 8.84 51.18
C LEU J 194 -35.17 9.26 49.99
N ALA J 195 -36.21 8.48 49.72
CA ALA J 195 -37.12 8.74 48.61
C ALA J 195 -37.64 10.17 48.70
N LEU J 196 -37.83 10.65 49.91
CA LEU J 196 -38.32 12.00 50.14
C LEU J 196 -37.43 13.00 49.42
N ASN J 197 -36.17 12.62 49.24
CA ASN J 197 -35.20 13.48 48.57
C ASN J 197 -34.98 13.11 47.10
N GLN J 198 -34.84 11.83 46.82
CA GLN J 198 -34.63 11.35 45.46
C GLN J 198 -35.61 12.01 44.49
N LYS J 199 -36.89 11.65 44.63
CA LYS J 199 -37.95 12.18 43.78
C LYS J 199 -38.76 13.25 44.51
N LYS J 200 -39.75 13.79 43.82
CA LYS J 200 -40.61 14.82 44.40
C LYS J 200 -41.93 14.19 44.79
N VAL J 201 -42.00 13.67 46.02
CA VAL J 201 -43.22 13.02 46.52
C VAL J 201 -44.37 14.00 46.70
N ASN J 202 -45.54 13.60 46.24
CA ASN J 202 -46.73 14.44 46.34
C ASN J 202 -47.48 14.11 47.62
N LEU J 203 -47.47 12.83 47.98
CA LEU J 203 -48.16 12.40 49.18
C LEU J 203 -47.75 11.00 49.62
N PHE J 204 -47.63 10.84 50.94
CA PHE J 204 -47.29 9.56 51.52
C PHE J 204 -48.56 8.97 52.08
N PHE J 205 -48.92 7.78 51.61
CA PHE J 205 -50.14 7.14 52.04
C PHE J 205 -49.90 5.76 52.64
N THR J 206 -50.49 5.52 53.81
CA THR J 206 -50.38 4.25 54.50
C THR J 206 -51.36 4.15 55.66
N GLU J 207 -51.67 2.92 56.05
CA GLU J 207 -52.58 2.71 57.16
C GLU J 207 -51.81 2.19 58.35
N SER J 208 -52.21 2.64 59.54
CA SER J 208 -51.55 2.23 60.77
C SER J 208 -52.59 2.14 61.87
N PRO J 209 -52.76 0.97 62.48
CA PRO J 209 -52.03 -0.27 62.18
C PRO J 209 -52.18 -0.69 60.73
N THR J 210 -51.23 -1.51 60.28
CA THR J 210 -51.23 -1.99 58.92
C THR J 210 -51.96 -3.32 58.87
N ASN J 211 -52.04 -3.91 57.69
CA ASN J 211 -52.70 -5.19 57.52
C ASN J 211 -51.80 -6.13 56.72
N PRO J 212 -51.76 -7.41 57.11
CA PRO J 212 -52.49 -8.00 58.23
C PRO J 212 -51.62 -8.13 59.47
N PHE J 213 -50.43 -7.53 59.41
CA PHE J 213 -49.49 -7.61 60.53
C PHE J 213 -49.60 -6.42 61.49
N LEU J 214 -50.63 -5.62 61.29
CA LEU J 214 -50.89 -4.47 62.14
C LEU J 214 -49.65 -3.64 62.44
N ARG J 215 -48.71 -3.62 61.51
CA ARG J 215 -47.49 -2.84 61.70
C ARG J 215 -47.93 -1.38 61.86
N CYS J 216 -47.29 -0.65 62.77
CA CYS J 216 -47.64 0.73 62.98
C CYS J 216 -46.54 1.68 62.52
N VAL J 217 -46.94 2.90 62.17
CA VAL J 217 -45.99 3.89 61.69
C VAL J 217 -45.97 5.08 62.63
N ASP J 218 -44.78 5.55 62.96
CA ASP J 218 -44.66 6.71 63.84
C ASP J 218 -45.16 7.94 63.10
N ILE J 219 -46.47 8.10 63.06
CA ILE J 219 -47.10 9.23 62.38
C ILE J 219 -46.32 10.51 62.62
N GLU J 220 -46.37 10.99 63.87
CA GLU J 220 -45.68 12.22 64.26
C GLU J 220 -44.38 12.41 63.49
N LEU J 221 -43.50 11.41 63.59
CA LEU J 221 -42.22 11.45 62.91
C LEU J 221 -42.38 11.60 61.40
N VAL J 222 -43.01 10.61 60.78
CA VAL J 222 -43.24 10.61 59.34
C VAL J 222 -43.83 11.94 58.86
N SER J 223 -44.89 12.38 59.53
CA SER J 223 -45.53 13.65 59.16
C SER J 223 -44.47 14.73 59.05
N LYS J 224 -43.57 14.77 60.02
CA LYS J 224 -42.49 15.76 60.04
C LYS J 224 -41.59 15.64 58.82
N LEU J 225 -40.98 14.47 58.66
CA LEU J 225 -40.09 14.22 57.53
C LEU J 225 -40.74 14.59 56.22
N CYS J 226 -42.03 14.29 56.10
CA CYS J 226 -42.78 14.58 54.88
C CYS J 226 -43.04 16.07 54.74
N HIS J 227 -43.68 16.67 55.74
CA HIS J 227 -44.00 18.09 55.70
C HIS J 227 -42.76 18.95 55.42
N GLU J 228 -41.59 18.37 55.63
CA GLU J 228 -40.34 19.07 55.41
C GLU J 228 -40.10 19.20 53.90
N LYS J 229 -40.46 18.15 53.17
CA LYS J 229 -40.29 18.12 51.73
C LYS J 229 -41.58 18.48 50.99
N GLY J 230 -42.53 19.08 51.70
CA GLY J 230 -43.79 19.48 51.09
C GLY J 230 -44.76 18.36 50.75
N ALA J 231 -44.42 17.13 51.12
CA ALA J 231 -45.28 15.98 50.84
C ALA J 231 -46.49 15.97 51.75
N LEU J 232 -47.52 15.23 51.35
CA LEU J 232 -48.74 15.12 52.13
C LEU J 232 -48.82 13.76 52.81
N VAL J 233 -49.32 13.74 54.04
CA VAL J 233 -49.43 12.50 54.79
C VAL J 233 -50.88 12.08 55.01
N CYS J 234 -51.25 10.95 54.43
CA CYS J 234 -52.60 10.44 54.57
C CYS J 234 -52.57 9.08 55.24
N ILE J 235 -53.20 8.98 56.41
CA ILE J 235 -53.23 7.74 57.16
C ILE J 235 -54.60 7.08 57.19
N ASP J 236 -54.60 5.77 56.99
CA ASP J 236 -55.84 5.00 57.01
C ASP J 236 -55.94 4.33 58.38
N GLY J 237 -56.55 5.02 59.32
CA GLY J 237 -56.69 4.47 60.65
C GLY J 237 -57.91 3.57 60.79
N THR J 238 -58.23 2.82 59.75
CA THR J 238 -59.38 1.93 59.80
C THR J 238 -59.29 1.03 61.01
N PHE J 239 -58.22 0.23 61.06
CA PHE J 239 -58.01 -0.69 62.17
C PHE J 239 -57.97 0.01 63.52
N ALA J 240 -57.47 1.22 63.54
CA ALA J 240 -57.36 1.97 64.80
C ALA J 240 -58.68 2.47 65.36
N THR J 241 -59.33 3.36 64.62
CA THR J 241 -60.60 3.97 65.03
C THR J 241 -60.25 5.29 65.71
N PRO J 242 -61.01 6.35 65.43
CA PRO J 242 -60.74 7.66 66.04
C PRO J 242 -60.61 7.59 67.55
N LEU J 243 -61.16 6.54 68.14
CA LEU J 243 -61.09 6.38 69.59
C LEU J 243 -59.71 5.95 70.06
N ASN J 244 -59.08 5.04 69.31
CA ASN J 244 -57.77 4.54 69.67
C ASN J 244 -56.59 5.41 69.21
N GLN J 245 -56.87 6.45 68.44
CA GLN J 245 -55.81 7.34 67.96
C GLN J 245 -56.33 8.48 67.08
N LYS J 246 -55.71 9.65 67.21
CA LYS J 246 -56.10 10.81 66.44
C LYS J 246 -54.97 11.20 65.50
N ALA J 247 -54.73 10.38 64.47
CA ALA J 247 -53.67 10.63 63.51
C ALA J 247 -53.54 12.09 63.14
N LEU J 248 -54.67 12.79 63.06
CA LEU J 248 -54.68 14.20 62.71
C LEU J 248 -53.84 15.01 63.69
N ALA J 249 -54.11 14.82 64.98
CA ALA J 249 -53.38 15.52 66.02
C ALA J 249 -51.90 15.14 65.96
N LEU J 250 -51.64 13.90 65.56
CA LEU J 250 -50.29 13.39 65.45
C LEU J 250 -49.49 14.09 64.35
N GLY J 251 -50.18 14.93 63.58
CA GLY J 251 -49.51 15.65 62.51
C GLY J 251 -49.97 15.29 61.11
N ALA J 252 -50.60 14.13 60.96
CA ALA J 252 -51.08 13.68 59.66
C ALA J 252 -51.97 14.73 59.01
N ASP J 253 -51.98 14.75 57.68
CA ASP J 253 -52.78 15.71 56.93
C ASP J 253 -54.20 15.21 56.75
N LEU J 254 -54.31 13.96 56.30
CA LEU J 254 -55.61 13.35 56.07
C LEU J 254 -55.71 11.98 56.70
N VAL J 255 -56.87 11.71 57.29
CA VAL J 255 -57.12 10.42 57.90
C VAL J 255 -58.42 9.89 57.33
N LEU J 256 -58.46 8.59 57.05
CA LEU J 256 -59.65 8.00 56.48
C LEU J 256 -59.84 6.59 57.00
N HIS J 257 -61.11 6.21 57.15
CA HIS J 257 -61.45 4.87 57.62
C HIS J 257 -62.53 4.29 56.72
N SER J 258 -62.67 2.98 56.81
CA SER J 258 -63.68 2.26 56.05
C SER J 258 -64.79 2.03 57.09
N ALA J 259 -65.67 3.01 57.22
CA ALA J 259 -66.78 2.94 58.18
C ALA J 259 -67.49 1.59 58.09
N THR J 260 -67.24 0.87 56.99
CA THR J 260 -67.82 -0.44 56.78
C THR J 260 -67.48 -1.40 57.92
N LYS J 261 -66.33 -1.16 58.56
CA LYS J 261 -65.86 -2.03 59.63
C LYS J 261 -66.28 -1.70 61.06
N PHE J 262 -65.54 -0.80 61.71
CA PHE J 262 -65.80 -0.41 63.09
C PHE J 262 -66.88 0.64 63.30
N LEU J 263 -66.71 1.81 62.70
CA LEU J 263 -67.67 2.89 62.84
C LEU J 263 -69.11 2.36 62.81
N GLY J 264 -69.41 1.50 61.85
CA GLY J 264 -70.74 0.92 61.75
C GLY J 264 -70.78 -0.30 62.64
N GLY J 265 -69.67 -1.02 62.66
CA GLY J 265 -69.53 -2.21 63.49
C GLY J 265 -70.71 -3.15 63.61
N HIS J 266 -71.51 -3.26 62.55
CA HIS J 266 -72.67 -4.16 62.59
C HIS J 266 -72.69 -5.09 61.38
N ASN J 267 -71.69 -4.94 60.51
CA ASN J 267 -71.57 -5.76 59.32
C ASN J 267 -72.83 -5.73 58.47
N ASP J 268 -73.46 -4.56 58.41
CA ASP J 268 -74.68 -4.42 57.63
C ASP J 268 -74.70 -3.17 56.76
N VAL J 269 -73.52 -2.63 56.44
CA VAL J 269 -73.46 -1.43 55.63
C VAL J 269 -72.05 -1.09 55.18
N LEU J 270 -71.92 -0.56 53.96
CA LEU J 270 -70.63 -0.16 53.42
C LEU J 270 -70.54 1.35 53.41
N ALA J 271 -69.35 1.87 53.66
CA ALA J 271 -69.15 3.32 53.66
C ALA J 271 -67.71 3.70 53.93
N GLY J 272 -67.28 4.77 53.27
CA GLY J 272 -65.93 5.26 53.45
C GLY J 272 -66.01 6.73 53.85
N CYS J 273 -64.96 7.24 54.47
CA CYS J 273 -64.97 8.63 54.87
C CYS J 273 -63.56 9.19 55.02
N ILE J 274 -63.41 10.46 54.67
CA ILE J 274 -62.13 11.14 54.77
C ILE J 274 -62.32 12.42 55.57
N SER J 275 -61.43 12.65 56.54
CA SER J 275 -61.52 13.83 57.38
C SER J 275 -60.17 14.56 57.43
N GLY J 276 -60.24 15.88 57.45
CA GLY J 276 -59.02 16.68 57.49
C GLY J 276 -59.30 18.16 57.35
N PRO J 277 -58.29 18.96 56.97
CA PRO J 277 -58.48 20.41 56.80
C PRO J 277 -59.40 20.72 55.63
N LEU J 278 -60.26 21.72 55.80
CA LEU J 278 -61.20 22.12 54.76
C LEU J 278 -60.47 22.31 53.45
N LYS J 279 -59.51 23.22 53.44
CA LYS J 279 -58.73 23.53 52.25
C LYS J 279 -58.39 22.27 51.44
N LEU J 280 -58.23 21.14 52.12
CA LEU J 280 -57.90 19.89 51.45
C LEU J 280 -59.12 19.04 51.10
N VAL J 281 -59.84 18.60 52.12
CA VAL J 281 -61.02 17.75 51.90
C VAL J 281 -61.93 18.27 50.79
N SER J 282 -62.19 19.57 50.79
CA SER J 282 -63.05 20.17 49.78
C SER J 282 -62.58 19.79 48.38
N GLU J 283 -61.29 19.91 48.13
CA GLU J 283 -60.72 19.58 46.84
C GLU J 283 -61.18 18.19 46.40
N ILE J 284 -61.29 17.28 47.36
CA ILE J 284 -61.73 15.93 47.07
C ILE J 284 -63.24 15.93 46.84
N ARG J 285 -63.96 16.50 47.79
CA ARG J 285 -65.41 16.57 47.69
C ARG J 285 -65.81 16.96 46.28
N ASN J 286 -65.10 17.94 45.72
CA ASN J 286 -65.38 18.41 44.37
C ASN J 286 -65.32 17.27 43.38
N LEU J 287 -64.16 16.65 43.26
CA LEU J 287 -63.99 15.53 42.35
C LEU J 287 -65.04 14.47 42.67
N HIS J 288 -65.39 14.38 43.95
CA HIS J 288 -66.38 13.41 44.41
C HIS J 288 -67.71 13.71 43.72
N HIS J 289 -68.12 14.98 43.78
CA HIS J 289 -69.37 15.40 43.17
C HIS J 289 -69.44 14.96 41.72
N ILE J 290 -68.28 14.77 41.09
CA ILE J 290 -68.25 14.35 39.70
C ILE J 290 -68.31 12.84 39.55
N LEU J 291 -67.36 12.14 40.17
CA LEU J 291 -67.34 10.69 40.07
C LEU J 291 -68.66 10.12 40.59
N GLY J 292 -69.38 10.94 41.33
CA GLY J 292 -70.66 10.54 41.87
C GLY J 292 -70.67 9.19 42.59
N GLY J 293 -70.21 9.19 43.83
CA GLY J 293 -70.19 7.97 44.62
C GLY J 293 -70.91 8.22 45.91
N ALA J 294 -71.85 9.15 45.87
CA ALA J 294 -72.65 9.54 47.03
C ALA J 294 -73.12 8.37 47.90
N LEU J 295 -73.20 8.61 49.20
CA LEU J 295 -73.64 7.60 50.14
C LEU J 295 -75.13 7.76 50.43
N ASN J 296 -75.86 6.66 50.37
CA ASN J 296 -77.30 6.69 50.61
C ASN J 296 -77.62 7.07 52.04
N PRO J 297 -78.64 7.92 52.22
CA PRO J 297 -79.06 8.38 53.56
C PRO J 297 -79.25 7.21 54.53
N ASN J 298 -80.01 6.20 54.10
CA ASN J 298 -80.25 5.04 54.94
C ASN J 298 -78.95 4.47 55.47
N ALA J 299 -77.94 4.40 54.62
CA ALA J 299 -76.64 3.89 55.05
C ALA J 299 -76.09 4.82 56.12
N ALA J 300 -76.11 6.11 55.81
CA ALA J 300 -75.62 7.13 56.73
C ALA J 300 -76.23 6.98 58.13
N TYR J 301 -77.54 6.78 58.18
CA TYR J 301 -78.24 6.63 59.44
C TYR J 301 -77.71 5.43 60.21
N LEU J 302 -77.75 4.26 59.58
CA LEU J 302 -77.27 3.04 60.21
C LEU J 302 -75.93 3.27 60.92
N ILE J 303 -75.03 3.99 60.25
CA ILE J 303 -73.73 4.30 60.81
C ILE J 303 -73.91 5.20 62.03
N ILE J 304 -74.61 6.29 61.83
CA ILE J 304 -74.87 7.22 62.91
C ILE J 304 -75.40 6.42 64.10
N ARG J 305 -76.28 5.46 63.82
CA ARG J 305 -76.86 4.62 64.85
C ARG J 305 -75.82 3.70 65.47
N GLY J 306 -74.88 3.23 64.65
CA GLY J 306 -73.84 2.36 65.15
C GLY J 306 -72.86 3.10 66.03
N MET J 307 -72.49 4.31 65.60
CA MET J 307 -71.55 5.12 66.34
C MET J 307 -72.11 5.57 67.69
N LYS J 308 -73.38 5.27 67.92
CA LYS J 308 -74.00 5.63 69.20
C LYS J 308 -73.38 4.78 70.31
N THR J 309 -72.82 3.64 69.94
CA THR J 309 -72.18 2.74 70.88
C THR J 309 -70.77 2.39 70.45
N LEU J 310 -70.09 3.34 69.80
CA LEU J 310 -68.73 3.11 69.34
C LEU J 310 -67.79 2.78 70.50
N HIS J 311 -67.61 3.74 71.40
CA HIS J 311 -66.73 3.53 72.55
C HIS J 311 -67.02 2.19 73.20
N LEU J 312 -68.26 2.03 73.64
CA LEU J 312 -68.71 0.79 74.27
C LEU J 312 -68.09 -0.41 73.58
N ARG J 313 -68.29 -0.49 72.27
CA ARG J 313 -67.76 -1.61 71.47
C ARG J 313 -66.24 -1.65 71.44
N VAL J 314 -65.63 -0.62 70.88
CA VAL J 314 -64.18 -0.54 70.79
C VAL J 314 -63.56 -1.02 72.11
N GLN J 315 -64.00 -0.43 73.21
CA GLN J 315 -63.50 -0.80 74.53
C GLN J 315 -63.46 -2.32 74.66
N GLN J 316 -64.64 -2.92 74.69
CA GLN J 316 -64.79 -4.38 74.81
C GLN J 316 -63.86 -5.13 73.86
N GLN J 317 -63.80 -4.67 72.62
CA GLN J 317 -62.97 -5.29 71.61
C GLN J 317 -61.48 -5.18 71.93
N ASN J 318 -61.03 -3.98 72.25
CA ASN J 318 -59.63 -3.74 72.61
C ASN J 318 -59.21 -4.80 73.62
N SER J 319 -60.00 -4.94 74.67
CA SER J 319 -59.71 -5.91 75.74
C SER J 319 -59.62 -7.32 75.20
N THR J 320 -60.76 -7.90 74.86
CA THR J 320 -60.81 -9.25 74.32
C THR J 320 -59.60 -9.55 73.46
N ALA J 321 -59.28 -8.63 72.56
CA ALA J 321 -58.13 -8.77 71.67
C ALA J 321 -56.88 -9.01 72.48
N LEU J 322 -56.46 -7.99 73.23
CA LEU J 322 -55.26 -8.08 74.06
C LEU J 322 -55.16 -9.41 74.79
N ARG J 323 -56.03 -9.61 75.78
CA ARG J 323 -56.02 -10.84 76.56
C ARG J 323 -55.84 -12.07 75.66
N MET J 324 -56.73 -12.22 74.69
CA MET J 324 -56.67 -13.35 73.78
C MET J 324 -55.31 -13.42 73.09
N ALA J 325 -54.76 -12.26 72.74
CA ALA J 325 -53.46 -12.19 72.08
C ALA J 325 -52.42 -12.92 72.92
N GLU J 326 -52.21 -12.43 74.14
CA GLU J 326 -51.25 -13.04 75.05
C GLU J 326 -51.52 -14.53 75.16
N ILE J 327 -52.73 -14.88 75.57
CA ILE J 327 -53.13 -16.27 75.71
C ILE J 327 -52.73 -17.07 74.48
N LEU J 328 -52.86 -16.44 73.30
CA LEU J 328 -52.51 -17.09 72.05
C LEU J 328 -51.00 -17.22 71.92
N GLU J 329 -50.30 -16.11 72.16
CA GLU J 329 -48.85 -16.08 72.08
C GLU J 329 -48.26 -17.18 72.96
N ALA J 330 -48.82 -17.33 74.15
CA ALA J 330 -48.36 -18.33 75.10
C ALA J 330 -48.72 -19.75 74.65
N HIS J 331 -49.74 -19.88 73.83
CA HIS J 331 -50.15 -21.20 73.36
C HIS J 331 -49.03 -21.86 72.55
N PRO J 332 -48.81 -23.16 72.76
CA PRO J 332 -47.78 -23.94 72.06
C PRO J 332 -48.03 -24.10 70.56
N LYS J 333 -49.26 -24.44 70.20
CA LYS J 333 -49.63 -24.63 68.80
C LYS J 333 -49.62 -23.31 68.04
N VAL J 334 -49.44 -22.20 68.74
CA VAL J 334 -49.40 -20.89 68.11
C VAL J 334 -47.96 -20.50 67.83
N ARG J 335 -47.54 -20.60 66.57
CA ARG J 335 -46.18 -20.25 66.19
C ARG J 335 -45.85 -18.78 66.45
N HIS J 336 -46.68 -17.88 65.93
CA HIS J 336 -46.45 -16.46 66.11
C HIS J 336 -47.77 -15.69 66.23
N VAL J 337 -47.72 -14.54 66.88
CA VAL J 337 -48.89 -13.69 67.08
C VAL J 337 -48.56 -12.22 66.84
N TYR J 338 -49.41 -11.55 66.06
CA TYR J 338 -49.20 -10.13 65.77
C TYR J 338 -50.26 -9.26 66.41
N TYR J 339 -49.81 -8.27 67.19
CA TYR J 339 -50.71 -7.35 67.87
C TYR J 339 -49.91 -6.26 68.57
N PRO J 340 -50.14 -5.00 68.19
CA PRO J 340 -49.43 -3.85 68.77
C PRO J 340 -49.46 -3.82 70.29
N GLY J 341 -50.39 -4.56 70.88
CA GLY J 341 -50.50 -4.60 72.33
C GLY J 341 -49.37 -5.39 72.97
N LEU J 342 -48.92 -6.44 72.31
CA LEU J 342 -47.84 -7.27 72.82
C LEU J 342 -46.50 -6.58 72.65
N GLN J 343 -45.53 -6.97 73.47
CA GLN J 343 -44.19 -6.40 73.39
C GLN J 343 -43.47 -7.04 72.22
N SER J 344 -43.87 -8.27 71.91
CA SER J 344 -43.29 -9.03 70.81
C SER J 344 -43.45 -8.30 69.48
N HIS J 345 -44.34 -7.32 69.46
CA HIS J 345 -44.58 -6.55 68.23
C HIS J 345 -43.48 -5.53 67.99
N PRO J 346 -42.94 -5.51 66.76
CA PRO J 346 -41.87 -4.59 66.35
C PRO J 346 -42.06 -3.14 66.80
N GLU J 347 -43.12 -2.49 66.33
CA GLU J 347 -43.37 -1.10 66.69
C GLU J 347 -44.20 -0.94 67.96
N HIS J 348 -44.16 -1.95 68.82
CA HIS J 348 -44.91 -1.90 70.07
C HIS J 348 -44.73 -0.58 70.81
N HIS J 349 -43.48 -0.13 70.90
CA HIS J 349 -43.18 1.12 71.60
C HIS J 349 -43.90 2.29 70.96
N ILE J 350 -43.96 2.31 69.62
CA ILE J 350 -44.65 3.38 68.91
C ILE J 350 -46.14 3.25 69.22
N ALA J 351 -46.63 2.02 69.18
CA ALA J 351 -48.03 1.74 69.46
C ALA J 351 -48.42 2.40 70.78
N LYS J 352 -47.62 2.15 71.81
CA LYS J 352 -47.87 2.71 73.12
C LYS J 352 -47.80 4.22 73.11
N LYS J 353 -46.84 4.75 72.37
CA LYS J 353 -46.64 6.20 72.31
C LYS J 353 -47.74 7.01 71.63
N GLN J 354 -48.38 6.44 70.61
CA GLN J 354 -49.43 7.16 69.89
C GLN J 354 -50.84 6.60 70.02
N MET J 355 -50.94 5.34 70.46
CA MET J 355 -52.25 4.72 70.61
C MET J 355 -52.67 4.62 72.07
N THR J 356 -53.95 4.40 72.29
CA THR J 356 -54.50 4.25 73.64
C THR J 356 -55.19 2.90 73.68
N GLY J 357 -55.21 2.24 72.53
CA GLY J 357 -55.81 0.94 72.42
C GLY J 357 -55.07 0.21 71.31
N PHE J 358 -55.51 -0.99 70.98
CA PHE J 358 -54.84 -1.75 69.92
C PHE J 358 -55.81 -2.50 69.03
N GLY J 359 -57.05 -2.00 68.97
CA GLY J 359 -58.07 -2.63 68.15
C GLY J 359 -58.46 -4.01 68.64
N GLY J 360 -59.40 -4.63 67.95
CA GLY J 360 -59.85 -5.95 68.32
C GLY J 360 -59.47 -6.95 67.27
N ALA J 361 -58.50 -6.59 66.44
CA ALA J 361 -58.04 -7.45 65.37
C ALA J 361 -56.72 -8.10 65.78
N VAL J 362 -56.60 -9.40 65.52
CA VAL J 362 -55.38 -10.11 65.87
C VAL J 362 -55.00 -11.12 64.80
N SER J 363 -53.75 -11.06 64.37
CA SER J 363 -53.24 -11.98 63.36
C SER J 363 -52.21 -12.89 64.00
N PHE J 364 -52.22 -14.16 63.62
CA PHE J 364 -51.27 -15.12 64.17
C PHE J 364 -51.10 -16.33 63.27
N GLU J 365 -49.90 -16.90 63.30
CA GLU J 365 -49.60 -18.07 62.49
C GLU J 365 -49.74 -19.31 63.37
N VAL J 366 -50.39 -20.33 62.84
CA VAL J 366 -50.60 -21.58 63.56
C VAL J 366 -49.46 -22.55 63.27
N ASP J 367 -49.08 -23.34 64.26
CA ASP J 367 -48.00 -24.32 64.08
C ASP J 367 -48.47 -25.51 63.22
N GLY J 368 -48.62 -25.27 61.92
CA GLY J 368 -49.05 -26.33 61.02
C GLY J 368 -48.92 -25.90 59.56
N ASP J 369 -49.57 -26.64 58.67
CA ASP J 369 -49.51 -26.31 57.25
C ASP J 369 -50.86 -25.82 56.76
N LEU J 370 -50.89 -25.38 55.50
CA LEU J 370 -52.12 -24.88 54.89
C LEU J 370 -53.33 -25.68 55.37
N LEU J 371 -53.41 -26.94 54.94
CA LEU J 371 -54.51 -27.82 55.31
C LEU J 371 -54.80 -27.83 56.81
N THR J 372 -53.75 -27.93 57.60
CA THR J 372 -53.90 -27.96 59.05
C THR J 372 -54.54 -26.66 59.55
N THR J 373 -53.93 -25.53 59.19
CA THR J 373 -54.43 -24.23 59.61
C THR J 373 -55.93 -24.16 59.35
N ALA J 374 -56.34 -24.61 58.17
CA ALA J 374 -57.75 -24.60 57.80
C ALA J 374 -58.56 -25.39 58.82
N LYS J 375 -58.10 -26.60 59.13
CA LYS J 375 -58.76 -27.45 60.09
C LYS J 375 -59.06 -26.67 61.37
N PHE J 376 -58.19 -25.72 61.69
CA PHE J 376 -58.36 -24.91 62.89
C PHE J 376 -59.59 -24.02 62.74
N VAL J 377 -59.56 -23.13 61.76
CA VAL J 377 -60.67 -22.23 61.52
C VAL J 377 -61.98 -23.00 61.38
N ASP J 378 -61.92 -24.15 60.71
CA ASP J 378 -63.09 -25.00 60.49
C ASP J 378 -63.66 -25.45 61.83
N ALA J 379 -62.79 -25.58 62.82
CA ALA J 379 -63.19 -26.01 64.16
C ALA J 379 -63.93 -24.92 64.93
N LEU J 380 -63.52 -23.67 64.73
CA LEU J 380 -64.16 -22.56 65.40
C LEU J 380 -65.67 -22.64 65.22
N LYS J 381 -66.41 -22.18 66.23
CA LYS J 381 -67.86 -22.25 66.17
C LYS J 381 -68.56 -20.90 66.27
N ILE J 382 -67.86 -19.88 66.75
CA ILE J 382 -68.48 -18.57 66.91
C ILE J 382 -68.24 -17.57 65.78
N PRO J 383 -66.97 -17.31 65.44
CA PRO J 383 -66.71 -16.35 64.36
C PRO J 383 -67.12 -16.88 63.00
N TYR J 384 -67.47 -15.96 62.12
CA TYR J 384 -67.88 -16.31 60.76
C TYR J 384 -66.65 -16.27 59.87
N ILE J 385 -66.58 -17.17 58.89
CA ILE J 385 -65.47 -17.18 57.96
C ILE J 385 -65.81 -16.26 56.80
N ALA J 386 -65.17 -15.09 56.77
CA ALA J 386 -65.42 -14.12 55.70
C ALA J 386 -64.51 -12.91 55.86
N PRO J 387 -64.42 -12.06 54.81
CA PRO J 387 -63.57 -10.87 54.90
C PRO J 387 -64.16 -9.90 55.89
N SER J 388 -63.87 -8.61 55.70
CA SER J 388 -64.38 -7.58 56.59
C SER J 388 -64.00 -7.85 58.05
N PHE J 389 -64.34 -6.91 58.91
CA PHE J 389 -64.03 -7.02 60.34
C PHE J 389 -64.55 -5.78 61.05
N GLY J 390 -64.56 -5.82 62.38
CA GLY J 390 -65.03 -4.67 63.13
C GLY J 390 -66.49 -4.75 63.55
N GLY J 391 -67.18 -5.81 63.11
CA GLY J 391 -68.57 -5.96 63.45
C GLY J 391 -68.77 -6.68 64.79
N CYS J 392 -69.96 -6.52 65.36
CA CYS J 392 -70.29 -7.15 66.64
C CYS J 392 -70.03 -8.65 66.58
N GLU J 393 -70.22 -9.22 65.40
CA GLU J 393 -69.99 -10.66 65.21
C GLU J 393 -68.52 -10.89 64.93
N SER J 394 -67.97 -11.96 65.50
CA SER J 394 -66.56 -12.29 65.29
C SER J 394 -66.35 -12.89 63.91
N ILE J 395 -65.19 -12.61 63.33
CA ILE J 395 -64.84 -13.12 62.01
C ILE J 395 -63.42 -13.64 61.94
N VAL J 396 -63.21 -14.66 61.12
CA VAL J 396 -61.90 -15.27 60.93
C VAL J 396 -61.71 -15.51 59.44
N ASP J 397 -60.45 -15.66 59.04
CA ASP J 397 -60.16 -15.93 57.63
C ASP J 397 -58.70 -16.33 57.45
N GLN J 398 -58.43 -16.97 56.32
CA GLN J 398 -57.08 -17.41 55.99
C GLN J 398 -56.62 -16.65 54.74
N PRO J 399 -56.12 -15.42 54.93
CA PRO J 399 -55.64 -14.56 53.85
C PRO J 399 -55.12 -15.33 52.65
N ALA J 400 -54.26 -16.31 52.91
CA ALA J 400 -53.68 -17.13 51.86
C ALA J 400 -54.76 -17.56 50.88
N ILE J 401 -55.93 -17.90 51.40
CA ILE J 401 -57.05 -18.33 50.59
C ILE J 401 -58.04 -17.18 50.39
N MET J 402 -58.53 -16.67 51.51
CA MET J 402 -59.49 -15.58 51.53
C MET J 402 -59.30 -14.51 50.47
N SER J 403 -58.06 -14.09 50.23
CA SER J 403 -57.84 -13.04 49.23
C SER J 403 -56.48 -13.07 48.55
N TYR J 404 -55.84 -14.23 48.56
CA TYR J 404 -54.54 -14.37 47.93
C TYR J 404 -54.44 -15.71 47.23
N TRP J 405 -55.51 -16.48 47.29
CA TRP J 405 -55.52 -17.79 46.66
C TRP J 405 -55.26 -17.64 45.17
N ASP J 406 -55.52 -16.43 44.65
CA ASP J 406 -55.32 -16.15 43.23
C ASP J 406 -53.84 -16.14 42.87
N LEU J 407 -52.99 -16.03 43.87
CA LEU J 407 -51.55 -16.00 43.64
C LEU J 407 -50.87 -17.34 43.90
N SER J 408 -49.62 -17.44 43.46
CA SER J 408 -48.84 -18.66 43.63
C SER J 408 -48.24 -18.76 45.03
N GLN J 409 -48.02 -19.99 45.48
CA GLN J 409 -47.46 -20.23 46.81
C GLN J 409 -46.23 -19.35 47.02
N SER J 410 -45.49 -19.12 45.95
CA SER J 410 -44.29 -18.29 45.99
C SER J 410 -44.63 -16.81 46.08
N ASP J 411 -45.32 -16.30 45.07
CA ASP J 411 -45.71 -14.90 45.04
C ASP J 411 -46.41 -14.51 46.34
N ARG J 412 -47.08 -15.48 46.96
CA ARG J 412 -47.77 -15.23 48.21
C ARG J 412 -46.78 -14.79 49.27
N ALA J 413 -45.69 -15.55 49.41
CA ALA J 413 -44.65 -15.24 50.38
C ALA J 413 -44.04 -13.87 50.13
N LYS J 414 -44.14 -13.40 48.89
CA LYS J 414 -43.60 -12.10 48.52
C LYS J 414 -44.11 -11.01 49.44
N TYR J 415 -45.24 -11.27 50.10
CA TYR J 415 -45.83 -10.28 51.00
C TYR J 415 -45.89 -10.79 52.44
N GLY J 416 -45.36 -11.98 52.67
CA GLY J 416 -45.37 -12.55 54.01
C GLY J 416 -46.59 -13.38 54.29
N ILE J 417 -47.50 -13.44 53.32
CA ILE J 417 -48.72 -14.20 53.48
C ILE J 417 -48.43 -15.69 53.48
N MET J 418 -48.45 -16.27 54.66
CA MET J 418 -48.18 -17.70 54.83
C MET J 418 -49.48 -18.47 54.93
N ASP J 419 -49.46 -19.71 54.46
CA ASP J 419 -50.65 -20.57 54.54
C ASP J 419 -50.89 -20.77 56.03
N ASN J 420 -49.96 -20.24 56.81
CA ASN J 420 -49.98 -20.33 58.26
C ASN J 420 -50.87 -19.24 58.85
N LEU J 421 -50.61 -18.01 58.44
CA LEU J 421 -51.32 -16.83 58.91
C LEU J 421 -52.83 -16.93 59.00
N VAL J 422 -53.36 -16.39 60.10
CA VAL J 422 -54.79 -16.38 60.35
C VAL J 422 -55.16 -15.03 60.96
N ARG J 423 -56.18 -14.40 60.39
CA ARG J 423 -56.65 -13.12 60.89
C ARG J 423 -57.89 -13.37 61.73
N PHE J 424 -57.97 -12.70 62.87
CA PHE J 424 -59.12 -12.87 63.75
C PHE J 424 -59.71 -11.53 64.20
N SER J 425 -60.92 -11.24 63.76
CA SER J 425 -61.60 -10.01 64.14
C SER J 425 -62.51 -10.35 65.32
N PHE J 426 -62.01 -10.10 66.52
CA PHE J 426 -62.79 -10.38 67.71
C PHE J 426 -64.05 -9.56 67.76
N GLY J 427 -65.19 -10.25 67.77
CA GLY J 427 -66.47 -9.56 67.83
C GLY J 427 -66.63 -8.92 69.18
N VAL J 428 -67.87 -8.75 69.61
CA VAL J 428 -68.14 -8.14 70.89
C VAL J 428 -68.69 -9.17 71.86
N GLU J 429 -68.75 -10.42 71.40
CA GLU J 429 -69.25 -11.52 72.23
C GLU J 429 -68.45 -11.57 73.53
N ASP J 430 -68.90 -12.39 74.47
CA ASP J 430 -68.21 -12.51 75.75
C ASP J 430 -66.88 -13.24 75.63
N PHE J 431 -65.87 -12.68 76.28
CA PHE J 431 -64.52 -13.23 76.25
C PHE J 431 -64.47 -14.74 76.42
N ASP J 432 -64.79 -15.20 77.63
CA ASP J 432 -64.77 -16.61 77.96
C ASP J 432 -65.34 -17.45 76.82
N ASP J 433 -66.52 -17.08 76.36
CA ASP J 433 -67.19 -17.79 75.28
C ASP J 433 -66.24 -17.90 74.09
N LEU J 434 -65.63 -16.78 73.71
CA LEU J 434 -64.71 -16.72 72.60
C LEU J 434 -63.47 -17.56 72.88
N LYS J 435 -62.77 -17.19 73.96
CA LYS J 435 -61.56 -17.89 74.36
C LYS J 435 -61.80 -19.39 74.34
N ALA J 436 -62.83 -19.83 75.07
CA ALA J 436 -63.16 -21.24 75.12
C ALA J 436 -63.25 -21.81 73.71
N ASP J 437 -63.94 -21.10 72.83
CA ASP J 437 -64.08 -21.53 71.45
C ASP J 437 -62.71 -21.68 70.81
N ILE J 438 -61.95 -20.60 70.77
CA ILE J 438 -60.62 -20.61 70.17
C ILE J 438 -59.77 -21.78 70.68
N LEU J 439 -59.62 -21.87 72.00
CA LEU J 439 -58.83 -22.93 72.61
C LEU J 439 -59.29 -24.30 72.14
N GLN J 440 -60.56 -24.60 72.39
CA GLN J 440 -61.13 -25.88 71.97
C GLN J 440 -60.85 -26.09 70.49
N ALA J 441 -60.92 -25.00 69.73
CA ALA J 441 -60.70 -25.02 68.29
C ALA J 441 -59.27 -25.33 67.89
N LEU J 442 -58.34 -25.18 68.83
CA LEU J 442 -56.93 -25.44 68.52
C LEU J 442 -56.57 -26.90 68.83
N ASP J 443 -57.11 -27.42 69.92
CA ASP J 443 -56.85 -28.79 70.34
C ASP J 443 -57.17 -29.81 69.25
N SER J 444 -57.85 -29.36 68.20
CA SER J 444 -58.22 -30.23 67.09
C SER J 444 -57.00 -30.75 66.34
N ILE J 445 -55.82 -30.26 66.70
CA ILE J 445 -54.58 -30.69 66.06
C ILE J 445 -53.57 -31.17 67.10
N TYR K 50 -80.50 -22.67 74.17
CA TYR K 50 -80.43 -22.41 72.70
C TYR K 50 -79.31 -23.24 72.07
N ALA K 51 -78.07 -22.78 72.26
CA ALA K 51 -76.90 -23.47 71.71
C ALA K 51 -75.93 -23.86 72.82
N SER K 52 -74.89 -24.61 72.45
CA SER K 52 -73.90 -25.07 73.41
C SER K 52 -72.72 -24.13 73.65
N PHE K 53 -71.87 -23.95 72.65
CA PHE K 53 -70.69 -23.09 72.78
C PHE K 53 -71.04 -21.61 72.98
N LEU K 54 -72.26 -21.36 73.41
CA LEU K 54 -72.74 -20.01 73.67
C LEU K 54 -73.37 -19.99 75.06
N ASN K 55 -72.81 -19.18 75.95
CA ASN K 55 -73.31 -19.10 77.32
C ASN K 55 -73.70 -17.67 77.73
N SER K 56 -72.70 -16.83 77.94
CA SER K 56 -72.95 -15.44 78.34
C SER K 56 -74.16 -14.85 77.63
N ASP K 57 -74.95 -14.08 78.38
CA ASP K 57 -76.14 -13.44 77.84
C ASP K 57 -75.82 -12.64 76.59
N GLY K 58 -74.80 -11.79 76.68
CA GLY K 58 -74.40 -10.98 75.55
C GLY K 58 -74.19 -11.78 74.28
N SER K 59 -73.41 -12.85 74.38
CA SER K 59 -73.12 -13.71 73.23
C SER K 59 -74.42 -14.17 72.60
N VAL K 60 -75.40 -14.49 73.44
CA VAL K 60 -76.70 -14.93 72.96
C VAL K 60 -77.42 -13.76 72.29
N ALA K 61 -77.53 -12.65 73.02
CA ALA K 61 -78.19 -11.46 72.49
C ALA K 61 -77.60 -11.06 71.15
N ILE K 62 -76.49 -11.70 70.78
CA ILE K 62 -75.83 -11.41 69.51
C ILE K 62 -76.12 -12.48 68.46
N HIS K 63 -75.94 -13.74 68.82
CA HIS K 63 -76.14 -14.81 67.87
C HIS K 63 -77.40 -15.64 68.06
N ALA K 64 -78.23 -15.27 69.03
CA ALA K 64 -79.46 -16.01 69.28
C ALA K 64 -80.40 -15.96 68.07
N GLY K 65 -80.78 -17.13 67.57
CA GLY K 65 -81.68 -17.20 66.44
C GLY K 65 -81.08 -16.68 65.14
N GLU K 66 -79.76 -16.79 65.01
CA GLU K 66 -79.08 -16.33 63.81
C GLU K 66 -77.90 -17.21 63.45
N ARG K 67 -76.84 -17.08 64.24
CA ARG K 67 -75.61 -17.84 64.01
C ARG K 67 -75.84 -19.22 63.41
N LEU K 68 -76.73 -19.99 64.03
CA LEU K 68 -77.02 -21.33 63.54
C LEU K 68 -77.80 -21.31 62.24
N GLY K 69 -79.09 -20.98 62.31
CA GLY K 69 -79.92 -20.93 61.12
C GLY K 69 -80.88 -19.77 61.18
N ARG K 70 -81.63 -19.55 60.11
CA ARG K 70 -82.60 -18.45 60.08
C ARG K 70 -83.89 -18.84 59.37
N GLY K 71 -83.87 -19.98 58.69
CA GLY K 71 -85.05 -20.42 57.97
C GLY K 71 -85.34 -19.47 56.81
N ILE K 72 -84.34 -18.67 56.47
CA ILE K 72 -84.44 -17.71 55.38
C ILE K 72 -83.17 -17.81 54.51
N VAL K 73 -82.39 -18.85 54.77
CA VAL K 73 -81.16 -19.15 54.04
C VAL K 73 -80.45 -18.02 53.29
N THR K 74 -79.26 -17.65 53.76
CA THR K 74 -78.46 -16.60 53.13
C THR K 74 -77.02 -16.63 53.61
N ASP K 75 -76.09 -16.36 52.70
CA ASP K 75 -74.68 -16.33 53.06
C ASP K 75 -74.41 -14.97 53.68
N ALA K 76 -75.47 -14.26 54.03
CA ALA K 76 -75.35 -12.95 54.64
C ALA K 76 -75.13 -13.09 56.15
N ILE K 77 -74.37 -12.16 56.70
CA ILE K 77 -74.10 -12.15 58.13
C ILE K 77 -75.34 -11.70 58.89
N THR K 78 -75.93 -10.61 58.44
CA THR K 78 -77.12 -10.06 59.09
C THR K 78 -78.42 -10.69 58.63
N THR K 79 -79.50 -10.40 59.36
CA THR K 79 -80.82 -10.92 59.03
C THR K 79 -81.43 -10.02 57.98
N PRO K 80 -81.87 -10.61 56.86
CA PRO K 80 -82.48 -9.83 55.79
C PRO K 80 -83.84 -9.28 56.20
N VAL K 81 -84.16 -8.07 55.75
CA VAL K 81 -85.44 -7.45 56.06
C VAL K 81 -86.47 -7.77 54.99
N VAL K 82 -87.42 -8.63 55.33
CA VAL K 82 -88.46 -9.04 54.39
C VAL K 82 -89.66 -8.10 54.47
N ASN K 83 -89.90 -7.36 53.40
CA ASN K 83 -91.00 -6.41 53.32
C ASN K 83 -92.16 -6.92 52.47
N THR K 84 -92.87 -7.93 52.98
CA THR K 84 -94.00 -8.48 52.23
C THR K 84 -95.29 -8.34 53.02
N SER K 85 -96.39 -8.17 52.30
CA SER K 85 -97.70 -8.02 52.93
C SER K 85 -98.40 -9.38 53.00
N ALA K 86 -97.83 -10.36 52.32
CA ALA K 86 -98.39 -11.71 52.31
C ALA K 86 -97.39 -12.72 51.77
N TYR K 87 -97.77 -13.99 51.79
CA TYR K 87 -96.90 -15.05 51.29
C TYR K 87 -97.68 -15.94 50.35
N PHE K 88 -97.05 -16.32 49.25
CA PHE K 88 -97.70 -17.15 48.25
C PHE K 88 -97.43 -18.64 48.39
N PHE K 89 -98.08 -19.41 47.54
CA PHE K 89 -97.92 -20.86 47.51
C PHE K 89 -97.66 -21.27 46.07
N ASN K 90 -96.79 -22.26 45.88
CA ASN K 90 -96.46 -22.73 44.54
C ASN K 90 -97.64 -23.39 43.84
N LYS K 91 -98.43 -24.13 44.61
CA LYS K 91 -99.61 -24.82 44.06
C LYS K 91 -100.62 -25.14 45.16
N THR K 92 -101.89 -25.22 44.77
CA THR K 92 -102.98 -25.51 45.70
C THR K 92 -102.67 -26.67 46.63
N SER K 93 -102.14 -27.76 46.07
CA SER K 93 -101.81 -28.94 46.86
C SER K 93 -101.00 -28.52 48.10
N GLU K 94 -100.08 -27.58 47.90
CA GLU K 94 -99.25 -27.09 48.99
C GLU K 94 -100.08 -26.29 49.98
N LEU K 95 -100.88 -25.36 49.45
CA LEU K 95 -101.73 -24.53 50.28
C LEU K 95 -102.56 -25.44 51.19
N ILE K 96 -103.04 -26.53 50.61
CA ILE K 96 -103.84 -27.50 51.35
C ILE K 96 -103.00 -28.07 52.49
N ASP K 97 -101.81 -28.56 52.15
CA ASP K 97 -100.92 -29.13 53.14
C ASP K 97 -100.76 -28.19 54.33
N PHE K 98 -100.39 -26.93 54.05
CA PHE K 98 -100.22 -25.95 55.11
C PHE K 98 -101.48 -25.78 55.94
N LYS K 99 -102.62 -25.58 55.27
CA LYS K 99 -103.88 -25.41 55.97
C LYS K 99 -104.20 -26.65 56.78
N GLU K 100 -103.72 -27.81 56.31
CA GLU K 100 -103.94 -29.07 56.99
C GLU K 100 -102.83 -29.31 58.00
N LYS K 101 -102.00 -28.28 58.20
CA LYS K 101 -100.88 -28.33 59.13
C LYS K 101 -99.83 -29.38 58.77
N ARG K 102 -99.46 -29.41 57.49
CA ARG K 102 -98.46 -30.35 57.00
C ARG K 102 -97.26 -29.60 56.44
N ARG K 103 -97.42 -28.28 56.30
CA ARG K 103 -96.36 -27.42 55.78
C ARG K 103 -96.21 -26.19 56.67
N ALA K 104 -95.14 -25.43 56.45
CA ALA K 104 -94.89 -24.23 57.24
C ALA K 104 -94.98 -22.96 56.40
N SER K 105 -95.67 -21.96 56.93
CA SER K 105 -95.84 -20.68 56.25
C SER K 105 -96.57 -19.72 57.17
N PHE K 106 -96.32 -18.43 56.98
CA PHE K 106 -96.97 -17.41 57.80
C PHE K 106 -98.35 -17.10 57.24
N GLU K 107 -98.57 -17.49 55.98
CA GLU K 107 -99.86 -17.25 55.32
C GLU K 107 -100.04 -15.77 55.03
N TYR K 108 -100.21 -14.97 56.09
CA TYR K 108 -100.39 -13.53 55.96
C TYR K 108 -99.35 -12.77 56.78
N GLY K 109 -99.03 -11.56 56.35
CA GLY K 109 -98.04 -10.75 57.04
C GLY K 109 -98.42 -10.49 58.50
N ARG K 110 -99.72 -10.46 58.77
CA ARG K 110 -100.19 -10.21 60.13
C ARG K 110 -100.03 -11.47 60.98
N TYR K 111 -99.77 -12.59 60.32
CA TYR K 111 -99.60 -13.86 61.00
C TYR K 111 -98.13 -14.20 61.24
N GLY K 112 -97.23 -13.27 60.92
CA GLY K 112 -95.82 -13.52 61.11
C GLY K 112 -94.91 -12.98 60.03
N ASN K 113 -93.60 -13.11 60.23
CA ASN K 113 -92.62 -12.62 59.27
C ASN K 113 -91.24 -13.22 59.57
N PRO K 114 -90.52 -13.67 58.54
CA PRO K 114 -89.19 -14.26 58.71
C PRO K 114 -88.22 -13.35 59.47
N THR K 115 -88.23 -12.06 59.12
CA THR K 115 -87.35 -11.09 59.78
C THR K 115 -87.73 -10.95 61.24
N THR K 116 -89.02 -11.10 61.53
CA THR K 116 -89.50 -10.96 62.89
C THR K 116 -89.20 -12.19 63.74
N VAL K 117 -89.59 -13.37 63.25
CA VAL K 117 -89.35 -14.61 63.98
C VAL K 117 -87.96 -14.67 64.58
N VAL K 118 -87.00 -14.07 63.88
CA VAL K 118 -85.64 -14.05 64.35
C VAL K 118 -85.64 -13.34 65.70
N LEU K 119 -86.02 -12.06 65.70
CA LEU K 119 -86.07 -11.29 66.93
C LEU K 119 -86.91 -12.01 67.96
N GLU K 120 -87.91 -12.73 67.48
CA GLU K 120 -88.77 -13.47 68.40
C GLU K 120 -87.92 -14.52 69.11
N GLU K 121 -87.35 -15.43 68.33
CA GLU K 121 -86.52 -16.48 68.88
C GLU K 121 -85.37 -15.91 69.70
N LYS K 122 -84.79 -14.81 69.20
CA LYS K 122 -83.69 -14.18 69.90
C LYS K 122 -84.08 -13.88 71.35
N ILE K 123 -85.12 -13.09 71.53
CA ILE K 123 -85.59 -12.75 72.87
C ILE K 123 -85.92 -14.02 73.64
N SER K 124 -86.59 -14.95 72.98
CA SER K 124 -86.97 -16.21 73.61
C SER K 124 -85.74 -16.81 74.31
N ALA K 125 -84.66 -16.95 73.56
CA ALA K 125 -83.42 -17.50 74.10
C ALA K 125 -82.95 -16.72 75.34
N LEU K 126 -82.86 -15.41 75.19
CA LEU K 126 -82.41 -14.54 76.28
C LEU K 126 -83.21 -14.81 77.56
N GLU K 127 -84.51 -14.57 77.49
CA GLU K 127 -85.39 -14.77 78.62
C GLU K 127 -85.47 -16.24 78.99
N GLY K 128 -84.90 -17.08 78.13
CA GLY K 128 -84.93 -18.52 78.38
C GLY K 128 -86.36 -19.00 78.41
N ALA K 129 -87.13 -18.60 77.40
CA ALA K 129 -88.55 -18.98 77.30
C ALA K 129 -88.81 -19.99 76.20
N GLU K 130 -90.04 -20.50 76.18
CA GLU K 130 -90.49 -21.48 75.19
C GLU K 130 -90.80 -20.77 73.87
N SER K 131 -91.41 -19.60 73.98
CA SER K 131 -91.78 -18.81 72.80
C SER K 131 -92.01 -17.35 73.18
N THR K 132 -91.82 -16.46 72.21
CA THR K 132 -92.02 -15.04 72.43
C THR K 132 -92.91 -14.45 71.33
N LEU K 133 -93.61 -13.38 71.67
CA LEU K 133 -94.50 -12.71 70.72
C LEU K 133 -94.11 -11.25 70.64
N LEU K 134 -94.23 -10.66 69.45
CA LEU K 134 -93.86 -9.27 69.27
C LEU K 134 -95.01 -8.42 68.74
N MET K 135 -95.37 -7.40 69.50
CA MET K 135 -96.45 -6.48 69.12
C MET K 135 -95.84 -5.23 68.51
N ALA K 136 -96.67 -4.23 68.29
CA ALA K 136 -96.21 -2.99 67.70
C ALA K 136 -95.70 -2.06 68.79
N SER K 137 -96.03 -2.38 70.04
CA SER K 137 -95.61 -1.55 71.16
C SER K 137 -95.99 -2.20 72.49
N GLY K 138 -95.17 -1.94 73.51
CA GLY K 138 -95.46 -2.48 74.83
C GLY K 138 -96.93 -2.36 75.16
N MET K 139 -97.45 -1.15 75.11
CA MET K 139 -98.87 -0.90 75.41
C MET K 139 -99.71 -1.99 74.75
N CYS K 140 -99.48 -2.19 73.46
CA CYS K 140 -100.21 -3.20 72.71
C CYS K 140 -100.08 -4.54 73.42
N ALA K 141 -98.84 -4.98 73.60
CA ALA K 141 -98.55 -6.25 74.26
C ALA K 141 -99.36 -6.45 75.54
N SER K 142 -99.08 -5.62 76.54
CA SER K 142 -99.80 -5.72 77.80
C SER K 142 -101.30 -5.71 77.55
N THR K 143 -101.77 -4.64 76.93
CA THR K 143 -103.18 -4.47 76.60
C THR K 143 -103.79 -5.75 76.04
N VAL K 144 -103.19 -6.30 75.00
CA VAL K 144 -103.69 -7.53 74.40
C VAL K 144 -103.66 -8.64 75.44
N MET K 145 -102.45 -8.96 75.89
CA MET K 145 -102.23 -10.00 76.88
C MET K 145 -103.36 -10.05 77.90
N LEU K 146 -103.79 -8.88 78.35
CA LEU K 146 -104.87 -8.82 79.32
C LEU K 146 -106.15 -9.39 78.72
N LEU K 147 -106.66 -8.73 77.68
CA LEU K 147 -107.88 -9.19 77.04
C LEU K 147 -107.73 -10.64 76.62
N ALA K 148 -106.50 -11.06 76.41
CA ALA K 148 -106.23 -12.41 75.98
C ALA K 148 -106.43 -13.47 77.06
N LEU K 149 -105.83 -13.24 78.22
CA LEU K 149 -105.92 -14.19 79.33
C LEU K 149 -107.07 -13.99 80.31
N VAL K 150 -107.26 -12.77 80.78
CA VAL K 150 -108.33 -12.49 81.71
C VAL K 150 -109.69 -12.67 81.05
N PRO K 151 -110.52 -13.58 81.57
CA PRO K 151 -111.85 -13.84 81.02
C PRO K 151 -112.86 -12.77 81.42
N ALA K 152 -114.08 -12.88 80.89
CA ALA K 152 -115.13 -11.91 81.19
C ALA K 152 -115.55 -12.03 82.65
N GLY K 153 -115.75 -10.88 83.30
CA GLY K 153 -116.15 -10.88 84.69
C GLY K 153 -115.07 -11.42 85.60
N GLY K 154 -113.90 -11.69 85.04
CA GLY K 154 -112.80 -12.21 85.84
C GLY K 154 -112.16 -11.16 86.73
N HIS K 155 -111.20 -11.59 87.54
CA HIS K 155 -110.51 -10.69 88.45
C HIS K 155 -109.01 -10.71 88.25
N ILE K 156 -108.37 -9.55 88.42
CA ILE K 156 -106.94 -9.43 88.26
C ILE K 156 -106.32 -8.61 89.38
N VAL K 157 -105.09 -8.96 89.76
CA VAL K 157 -104.38 -8.25 90.81
C VAL K 157 -103.16 -7.55 90.25
N THR K 158 -102.96 -6.31 90.66
CA THR K 158 -101.84 -5.52 90.21
C THR K 158 -101.40 -4.53 91.28
N THR K 159 -100.12 -4.15 91.23
CA THR K 159 -99.54 -3.22 92.17
C THR K 159 -100.02 -1.79 91.92
N THR K 160 -99.89 -0.95 92.94
CA THR K 160 -100.31 0.45 92.84
C THR K 160 -99.44 1.19 91.83
N ASP K 161 -98.12 1.05 91.99
CA ASP K 161 -97.17 1.70 91.08
C ASP K 161 -97.31 1.05 89.70
N CYS K 162 -97.87 1.79 88.74
CA CYS K 162 -98.04 1.25 87.40
C CYS K 162 -97.77 2.31 86.34
N TYR K 163 -97.67 1.88 85.10
CA TYR K 163 -97.44 2.80 83.99
C TYR K 163 -98.75 3.54 83.73
N ARG K 164 -98.72 4.86 83.91
CA ARG K 164 -99.89 5.72 83.70
C ARG K 164 -100.91 5.09 82.77
N LYS K 165 -100.52 4.89 81.52
CA LYS K 165 -101.39 4.31 80.52
C LYS K 165 -101.96 2.96 80.95
N THR K 166 -101.08 1.99 81.20
CA THR K 166 -101.51 0.65 81.62
C THR K 166 -102.58 0.75 82.67
N ARG K 167 -102.43 1.73 83.56
CA ARG K 167 -103.40 1.95 84.63
C ARG K 167 -104.78 2.15 84.00
N ILE K 168 -104.91 3.25 83.28
CA ILE K 168 -106.15 3.62 82.62
C ILE K 168 -106.86 2.44 81.93
N PHE K 169 -106.13 1.70 81.11
CA PHE K 169 -106.71 0.57 80.40
C PHE K 169 -107.48 -0.33 81.36
N ILE K 170 -106.87 -0.61 82.50
CA ILE K 170 -107.48 -1.47 83.51
C ILE K 170 -108.65 -0.77 84.22
N GLU K 171 -108.52 0.54 84.43
CA GLU K 171 -109.54 1.30 85.13
C GLU K 171 -110.70 1.79 84.26
N THR K 172 -110.58 1.66 82.94
CA THR K 172 -111.64 2.15 82.06
C THR K 172 -112.10 1.18 80.97
N ILE K 173 -111.22 0.29 80.52
CA ILE K 173 -111.59 -0.65 79.48
C ILE K 173 -112.03 -1.99 80.04
N LEU K 174 -111.13 -2.65 80.77
CA LEU K 174 -111.44 -3.94 81.36
C LEU K 174 -112.81 -3.95 82.04
N PRO K 175 -113.17 -2.86 82.76
CA PRO K 175 -114.48 -2.84 83.41
C PRO K 175 -115.60 -3.13 82.43
N LYS K 176 -115.44 -2.69 81.20
CA LYS K 176 -116.44 -2.92 80.16
C LYS K 176 -116.73 -4.42 80.04
N MET K 177 -115.67 -5.23 80.06
CA MET K 177 -115.83 -6.67 79.96
C MET K 177 -116.18 -7.24 81.33
N GLY K 178 -116.50 -6.34 82.26
CA GLY K 178 -116.86 -6.78 83.60
C GLY K 178 -115.68 -7.34 84.37
N ILE K 179 -114.47 -6.99 83.94
CA ILE K 179 -113.27 -7.47 84.61
C ILE K 179 -112.88 -6.55 85.76
N THR K 180 -112.97 -7.07 86.98
CA THR K 180 -112.63 -6.31 88.17
C THR K 180 -111.18 -6.57 88.57
N ALA K 181 -110.56 -5.59 89.21
CA ALA K 181 -109.18 -5.74 89.65
C ALA K 181 -108.95 -5.14 91.02
N THR K 182 -107.89 -5.62 91.69
CA THR K 182 -107.55 -5.14 93.02
C THR K 182 -106.13 -4.55 93.02
N VAL K 183 -106.00 -3.35 93.56
CA VAL K 183 -104.72 -2.67 93.63
C VAL K 183 -104.06 -2.80 94.99
N ILE K 184 -102.84 -3.33 95.00
CA ILE K 184 -102.10 -3.52 96.25
C ILE K 184 -100.71 -2.94 96.14
N ASP K 185 -100.04 -2.80 97.29
CA ASP K 185 -98.68 -2.27 97.33
C ASP K 185 -97.73 -3.37 96.89
N PRO K 186 -96.69 -3.01 96.12
CA PRO K 186 -95.70 -3.98 95.62
C PRO K 186 -95.12 -4.89 96.72
N ALA K 187 -94.95 -4.33 97.91
CA ALA K 187 -94.40 -5.09 99.02
C ALA K 187 -95.44 -5.87 99.80
N ASP K 188 -96.57 -5.24 100.09
CA ASP K 188 -97.66 -5.85 100.85
C ASP K 188 -98.06 -7.25 100.34
N VAL K 189 -97.27 -8.25 100.70
CA VAL K 189 -97.54 -9.62 100.29
C VAL K 189 -98.82 -10.10 100.95
N GLY K 190 -99.10 -9.57 102.14
CA GLY K 190 -100.29 -9.96 102.86
C GLY K 190 -101.54 -9.71 102.05
N ALA K 191 -101.68 -8.48 101.56
CA ALA K 191 -102.84 -8.11 100.74
C ALA K 191 -103.00 -9.10 99.60
N LEU K 192 -101.90 -9.40 98.91
CA LEU K 192 -101.93 -10.34 97.80
C LEU K 192 -102.47 -11.69 98.26
N GLU K 193 -101.88 -12.23 99.31
CA GLU K 193 -102.31 -13.52 99.85
C GLU K 193 -103.76 -13.43 100.26
N LEU K 194 -104.13 -12.30 100.85
CA LEU K 194 -105.50 -12.06 101.31
C LEU K 194 -106.46 -12.10 100.12
N ALA K 195 -106.27 -11.18 99.18
CA ALA K 195 -107.11 -11.11 97.99
C ALA K 195 -107.09 -12.44 97.26
N LEU K 196 -105.94 -13.10 97.29
CA LEU K 196 -105.79 -14.40 96.63
C LEU K 196 -106.87 -15.38 97.11
N ASN K 197 -107.34 -15.17 98.33
CA ASN K 197 -108.38 -16.03 98.91
C ASN K 197 -109.78 -15.43 98.81
N GLN K 198 -109.88 -14.13 99.07
CA GLN K 198 -111.17 -13.44 99.01
C GLN K 198 -111.89 -13.75 97.71
N LYS K 199 -111.36 -13.26 96.59
CA LYS K 199 -111.95 -13.49 95.28
C LYS K 199 -111.13 -14.53 94.52
N LYS K 200 -111.58 -14.87 93.32
CA LYS K 200 -110.87 -15.84 92.49
C LYS K 200 -110.05 -15.10 91.44
N VAL K 201 -108.79 -14.84 91.77
CA VAL K 201 -107.90 -14.13 90.87
C VAL K 201 -107.55 -14.95 89.63
N ASN K 202 -107.54 -14.29 88.48
CA ASN K 202 -107.22 -14.94 87.22
C ASN K 202 -105.75 -14.74 86.90
N LEU K 203 -105.23 -13.57 87.24
CA LEU K 203 -103.83 -13.27 86.97
C LEU K 203 -103.32 -12.05 87.74
N PHE K 204 -102.11 -12.17 88.28
CA PHE K 204 -101.48 -11.09 89.02
C PHE K 204 -100.51 -10.45 88.04
N PHE K 205 -100.72 -9.17 87.76
CA PHE K 205 -99.85 -8.48 86.83
C PHE K 205 -99.16 -7.30 87.47
N THR K 206 -97.86 -7.21 87.25
CA THR K 206 -97.06 -6.11 87.81
C THR K 206 -95.67 -6.09 87.20
N GLU K 207 -95.04 -4.92 87.24
CA GLU K 207 -93.70 -4.75 86.72
C GLU K 207 -92.71 -4.57 87.87
N SER K 208 -91.53 -5.17 87.72
CA SER K 208 -90.49 -5.06 88.75
C SER K 208 -89.14 -5.05 88.05
N PRO K 209 -88.34 -3.99 88.25
CA PRO K 209 -88.67 -2.82 89.09
C PRO K 209 -89.95 -2.11 88.67
N THR K 210 -90.50 -1.34 89.60
CA THR K 210 -91.72 -0.60 89.36
C THR K 210 -91.39 0.80 88.87
N ASN K 211 -92.42 1.61 88.62
CA ASN K 211 -92.24 2.97 88.16
C ASN K 211 -93.10 3.91 88.99
N PRO K 212 -92.55 5.07 89.37
CA PRO K 212 -91.20 5.54 89.07
C PRO K 212 -90.29 5.33 90.27
N PHE K 213 -90.75 4.55 91.24
CA PHE K 213 -89.99 4.29 92.44
C PHE K 213 -89.22 2.99 92.38
N LEU K 214 -89.18 2.39 91.19
CA LEU K 214 -88.46 1.14 90.99
C LEU K 214 -88.66 0.12 92.10
N ARG K 215 -89.84 0.12 92.70
CA ARG K 215 -90.13 -0.84 93.77
C ARG K 215 -90.08 -2.23 93.16
N CYS K 216 -89.47 -3.18 93.86
CA CYS K 216 -89.37 -4.54 93.33
C CYS K 216 -90.28 -5.53 94.05
N VAL K 217 -90.64 -6.59 93.34
CA VAL K 217 -91.51 -7.61 93.91
C VAL K 217 -90.79 -8.95 93.94
N ASP K 218 -90.84 -9.61 95.10
CA ASP K 218 -90.19 -10.89 95.24
C ASP K 218 -90.92 -11.90 94.37
N ILE K 219 -90.63 -11.86 93.08
CA ILE K 219 -91.25 -12.76 92.12
C ILE K 219 -91.43 -14.15 92.68
N GLU K 220 -90.31 -14.86 92.89
CA GLU K 220 -90.32 -16.22 93.42
C GLU K 220 -91.41 -16.43 94.46
N LEU K 221 -91.41 -15.59 95.49
CA LEU K 221 -92.40 -15.68 96.55
C LEU K 221 -93.80 -15.55 95.98
N VAL K 222 -94.05 -14.41 95.33
CA VAL K 222 -95.35 -14.13 94.75
C VAL K 222 -95.81 -15.24 93.81
N SER K 223 -94.93 -15.65 92.90
CA SER K 223 -95.26 -16.71 91.95
C SER K 223 -95.83 -17.91 92.70
N LYS K 224 -95.20 -18.26 93.82
CA LYS K 224 -95.63 -19.37 94.64
C LYS K 224 -97.05 -19.14 95.15
N LEU K 225 -97.22 -18.08 95.93
CA LEU K 225 -98.52 -17.74 96.50
C LEU K 225 -99.61 -17.78 95.45
N CYS K 226 -99.31 -17.23 94.28
CA CYS K 226 -100.28 -17.20 93.19
C CYS K 226 -100.54 -18.59 92.63
N HIS K 227 -99.49 -19.26 92.17
CA HIS K 227 -99.61 -20.60 91.61
C HIS K 227 -100.37 -21.52 92.54
N GLU K 228 -100.37 -21.20 93.82
CA GLU K 228 -101.06 -22.00 94.82
C GLU K 228 -102.57 -21.87 94.63
N LYS K 229 -103.02 -20.67 94.27
CA LYS K 229 -104.44 -20.41 94.07
C LYS K 229 -104.84 -20.46 92.60
N GLY K 230 -103.96 -21.02 91.77
CA GLY K 230 -104.25 -21.13 90.34
C GLY K 230 -104.15 -19.85 89.55
N ALA K 231 -103.72 -18.77 90.21
CA ALA K 231 -103.58 -17.48 89.54
C ALA K 231 -102.35 -17.46 88.63
N LEU K 232 -102.35 -16.52 87.69
CA LEU K 232 -101.24 -16.38 86.76
C LEU K 232 -100.39 -15.18 87.14
N VAL K 233 -99.08 -15.30 86.94
CA VAL K 233 -98.19 -14.20 87.27
C VAL K 233 -97.51 -13.67 86.02
N CYS K 234 -97.76 -12.40 85.72
CA CYS K 234 -97.17 -11.75 84.57
C CYS K 234 -96.36 -10.56 85.04
N ILE K 235 -95.06 -10.57 84.73
CA ILE K 235 -94.16 -9.50 85.14
C ILE K 235 -93.63 -8.67 84.00
N ASP K 236 -93.68 -7.36 84.15
CA ASP K 236 -93.18 -6.45 83.14
C ASP K 236 -91.78 -6.04 83.54
N GLY K 237 -90.80 -6.84 83.12
CA GLY K 237 -89.42 -6.54 83.45
C GLY K 237 -88.78 -5.53 82.52
N THR K 238 -89.57 -4.57 82.04
CA THR K 238 -89.06 -3.55 81.15
C THR K 238 -87.80 -2.90 81.74
N PHE K 239 -87.98 -2.23 82.88
CA PHE K 239 -86.87 -1.57 83.56
C PHE K 239 -85.69 -2.49 83.83
N ALA K 240 -85.99 -3.76 84.09
CA ALA K 240 -84.96 -4.73 84.38
C ALA K 240 -84.11 -5.13 83.19
N THR K 241 -84.71 -5.80 82.23
CA THR K 241 -84.03 -6.30 81.03
C THR K 241 -83.71 -7.76 81.27
N PRO K 242 -83.86 -8.61 80.24
CA PRO K 242 -83.57 -10.03 80.42
C PRO K 242 -82.17 -10.28 80.96
N LEU K 243 -81.31 -9.28 80.85
CA LEU K 243 -79.94 -9.39 81.33
C LEU K 243 -79.82 -9.23 82.84
N ASN K 244 -80.57 -8.29 83.41
CA ASN K 244 -80.53 -8.05 84.85
C ASN K 244 -81.41 -8.98 85.68
N GLN K 245 -82.23 -9.80 85.02
CA GLN K 245 -83.10 -10.73 85.74
C GLN K 245 -83.89 -11.63 84.79
N LYS K 246 -84.17 -12.84 85.24
CA LYS K 246 -84.92 -13.79 84.44
C LYS K 246 -86.20 -14.18 85.16
N ALA K 247 -87.13 -13.23 85.27
CA ALA K 247 -88.40 -13.43 85.95
C ALA K 247 -89.00 -14.81 85.68
N LEU K 248 -88.80 -15.31 84.47
CA LEU K 248 -89.33 -16.61 84.10
C LEU K 248 -88.76 -17.70 84.99
N ALA K 249 -87.44 -17.70 85.14
CA ALA K 249 -86.75 -18.68 85.96
C ALA K 249 -87.17 -18.49 87.43
N LEU K 250 -87.49 -17.25 87.78
CA LEU K 250 -87.90 -16.94 89.14
C LEU K 250 -89.27 -17.54 89.46
N GLY K 251 -89.94 -18.05 88.43
CA GLY K 251 -91.26 -18.65 88.64
C GLY K 251 -92.40 -18.00 87.89
N ALA K 252 -92.23 -16.76 87.47
CA ALA K 252 -93.26 -16.03 86.75
C ALA K 252 -93.77 -16.81 85.55
N ASP K 253 -95.03 -16.58 85.17
CA ASP K 253 -95.65 -17.29 84.05
C ASP K 253 -95.36 -16.58 82.73
N LEU K 254 -95.45 -15.25 82.76
CA LEU K 254 -95.23 -14.46 81.56
C LEU K 254 -94.45 -13.20 81.87
N VAL K 255 -93.48 -12.90 81.01
CA VAL K 255 -92.69 -11.70 81.18
C VAL K 255 -92.83 -10.90 79.90
N LEU K 256 -92.90 -9.58 80.04
CA LEU K 256 -93.03 -8.72 78.89
C LEU K 256 -92.30 -7.41 79.11
N HIS K 257 -91.70 -6.90 78.05
CA HIS K 257 -90.98 -5.65 78.12
C HIS K 257 -91.42 -4.75 76.97
N SER K 258 -91.13 -3.46 77.11
CA SER K 258 -91.43 -2.49 76.08
C SER K 258 -90.11 -2.29 75.34
N ALA K 259 -89.84 -3.17 74.36
CA ALA K 259 -88.62 -3.10 73.57
C ALA K 259 -88.33 -1.67 73.10
N THR K 260 -89.34 -0.82 73.19
CA THR K 260 -89.23 0.58 72.81
C THR K 260 -88.11 1.27 73.60
N LYS K 261 -87.82 0.72 74.79
CA LYS K 261 -86.81 1.29 75.67
C LYS K 261 -85.40 0.73 75.59
N PHE K 262 -85.13 -0.34 76.33
CA PHE K 262 -83.79 -0.95 76.37
C PHE K 262 -83.43 -1.87 75.22
N LEU K 263 -84.27 -2.88 74.97
CA LEU K 263 -83.99 -3.82 73.88
C LEU K 263 -83.53 -3.09 72.64
N GLY K 264 -84.24 -2.01 72.28
CA GLY K 264 -83.88 -1.23 71.11
C GLY K 264 -82.84 -0.19 71.49
N GLY K 265 -82.94 0.30 72.73
CA GLY K 265 -82.03 1.28 73.27
C GLY K 265 -81.44 2.34 72.35
N HIS K 266 -82.23 2.79 71.38
CA HIS K 266 -81.74 3.82 70.48
C HIS K 266 -82.74 4.94 70.30
N ASN K 267 -83.87 4.82 71.00
CA ASN K 267 -84.94 5.82 70.94
C ASN K 267 -85.41 6.11 69.53
N ASP K 268 -85.40 5.08 68.68
CA ASP K 268 -85.80 5.25 67.30
C ASP K 268 -86.79 4.20 66.82
N VAL K 269 -87.49 3.55 67.75
CA VAL K 269 -88.45 2.53 67.37
C VAL K 269 -89.31 2.06 68.54
N LEU K 270 -90.57 1.75 68.26
CA LEU K 270 -91.48 1.27 69.29
C LEU K 270 -91.76 -0.19 69.02
N ALA K 271 -91.97 -0.95 70.09
CA ALA K 271 -92.26 -2.38 69.96
C ALA K 271 -92.49 -3.00 71.32
N GLY K 272 -93.39 -3.98 71.37
CA GLY K 272 -93.67 -4.66 72.61
C GLY K 272 -93.42 -6.14 72.38
N CYS K 273 -93.27 -6.90 73.45
CA CYS K 273 -93.03 -8.32 73.32
C CYS K 273 -93.39 -9.06 74.60
N ILE K 274 -93.91 -10.27 74.42
CA ILE K 274 -94.28 -11.11 75.54
C ILE K 274 -93.64 -12.46 75.33
N SER K 275 -93.06 -13.00 76.39
CA SER K 275 -92.41 -14.30 76.31
C SER K 275 -92.90 -15.20 77.43
N GLY K 276 -92.98 -16.49 77.14
CA GLY K 276 -93.43 -17.45 78.12
C GLY K 276 -93.68 -18.81 77.53
N PRO K 277 -94.41 -19.69 78.23
CA PRO K 277 -94.70 -21.04 77.74
C PRO K 277 -95.60 -21.00 76.50
N LEU K 278 -95.33 -21.88 75.53
CA LEU K 278 -96.12 -21.92 74.32
C LEU K 278 -97.61 -21.96 74.65
N LYS K 279 -98.01 -22.99 75.38
CA LYS K 279 -99.41 -23.17 75.77
C LYS K 279 -100.09 -21.86 76.17
N LEU K 280 -99.32 -20.90 76.66
CA LEU K 280 -99.86 -19.62 77.07
C LEU K 280 -99.73 -18.55 75.99
N VAL K 281 -98.49 -18.24 75.61
CA VAL K 281 -98.22 -17.22 74.61
C VAL K 281 -99.09 -17.38 73.36
N SER K 282 -99.20 -18.61 72.85
CA SER K 282 -100.00 -18.86 71.66
C SER K 282 -101.42 -18.31 71.79
N GLU K 283 -102.05 -18.55 72.94
CA GLU K 283 -103.40 -18.06 73.16
C GLU K 283 -103.48 -16.57 72.87
N ILE K 284 -102.42 -15.85 73.22
CA ILE K 284 -102.38 -14.41 72.97
C ILE K 284 -102.19 -14.16 71.48
N ARG K 285 -101.19 -14.83 70.91
CA ARG K 285 -100.89 -14.70 69.50
C ARG K 285 -102.16 -14.79 68.66
N ASN K 286 -103.03 -15.74 69.00
CA ASN K 286 -104.28 -15.92 68.29
C ASN K 286 -105.09 -14.64 68.32
N LEU K 287 -105.38 -14.16 69.51
CA LEU K 287 -106.13 -12.92 69.67
C LEU K 287 -105.39 -11.79 68.97
N HIS K 288 -104.06 -11.89 68.96
CA HIS K 288 -103.22 -10.88 68.34
C HIS K 288 -103.50 -10.82 66.84
N HIS K 289 -103.48 -11.99 66.20
CA HIS K 289 -103.73 -12.08 64.77
C HIS K 289 -105.03 -11.38 64.41
N ILE K 290 -105.94 -11.27 65.37
CA ILE K 290 -107.22 -10.62 65.13
C ILE K 290 -107.14 -9.11 65.31
N LEU K 291 -106.77 -8.67 66.51
CA LEU K 291 -106.68 -7.24 66.77
C LEU K 291 -105.70 -6.61 65.79
N GLY K 292 -104.91 -7.46 65.15
CA GLY K 292 -103.93 -7.00 64.17
C GLY K 292 -103.10 -5.81 64.58
N GLY K 293 -102.09 -6.06 65.40
CA GLY K 293 -101.20 -5.00 65.83
C GLY K 293 -99.77 -5.37 65.47
N ALA K 294 -99.64 -6.17 64.41
CA ALA K 294 -98.34 -6.64 63.93
C ALA K 294 -97.24 -5.60 63.94
N LEU K 295 -96.00 -6.07 64.03
CA LEU K 295 -94.84 -5.21 64.05
C LEU K 295 -94.20 -5.20 62.67
N ASN K 296 -93.85 -4.02 62.18
CA ASN K 296 -93.23 -3.89 60.87
C ASN K 296 -91.82 -4.44 60.88
N PRO K 297 -91.46 -5.20 59.83
CA PRO K 297 -90.12 -5.79 59.71
C PRO K 297 -88.99 -4.81 59.99
N ASN K 298 -89.01 -3.66 59.33
CA ASN K 298 -87.97 -2.65 59.52
C ASN K 298 -87.76 -2.39 61.00
N ALA K 299 -88.86 -2.28 61.74
CA ALA K 299 -88.79 -2.05 63.16
C ALA K 299 -88.06 -3.23 63.78
N ALA K 300 -88.55 -4.43 63.47
CA ALA K 300 -87.96 -5.66 63.99
C ALA K 300 -86.44 -5.65 63.79
N TYR K 301 -86.01 -5.40 62.56
CA TYR K 301 -84.59 -5.38 62.28
C TYR K 301 -83.85 -4.43 63.21
N LEU K 302 -84.28 -3.16 63.22
CA LEU K 302 -83.66 -2.16 64.08
C LEU K 302 -83.43 -2.70 65.48
N ILE K 303 -84.43 -3.38 66.03
CA ILE K 303 -84.31 -3.94 67.37
C ILE K 303 -83.23 -5.01 67.36
N ILE K 304 -83.36 -5.96 66.44
CA ILE K 304 -82.38 -7.03 66.31
C ILE K 304 -81.00 -6.38 66.28
N ARG K 305 -80.89 -5.28 65.55
CA ARG K 305 -79.63 -4.56 65.42
C ARG K 305 -79.21 -3.97 66.76
N GLY K 306 -80.19 -3.50 67.53
CA GLY K 306 -79.90 -2.91 68.82
C GLY K 306 -79.42 -3.94 69.83
N MET K 307 -80.11 -5.07 69.89
CA MET K 307 -79.75 -6.13 70.81
C MET K 307 -78.33 -6.66 70.58
N LYS K 308 -77.74 -6.29 69.44
CA LYS K 308 -76.39 -6.73 69.13
C LYS K 308 -75.44 -6.21 70.20
N THR K 309 -75.79 -5.07 70.79
CA THR K 309 -74.95 -4.47 71.82
C THR K 309 -75.73 -4.28 73.11
N LEU K 310 -76.65 -5.21 73.38
CA LEU K 310 -77.47 -5.13 74.59
C LEU K 310 -76.61 -5.14 75.84
N HIS K 311 -75.94 -6.27 76.09
CA HIS K 311 -75.09 -6.39 77.26
C HIS K 311 -74.23 -5.15 77.41
N LEU K 312 -73.39 -4.91 76.41
CA LEU K 312 -72.51 -3.75 76.41
C LEU K 312 -73.18 -2.52 76.98
N ARG K 313 -74.35 -2.19 76.46
CA ARG K 313 -75.08 -1.02 76.93
C ARG K 313 -75.53 -1.19 78.37
N VAL K 314 -76.38 -2.19 78.60
CA VAL K 314 -76.90 -2.47 79.94
C VAL K 314 -75.81 -2.32 80.99
N GLN K 315 -74.69 -3.00 80.78
CA GLN K 315 -73.56 -2.94 81.69
C GLN K 315 -73.28 -1.48 82.02
N GLN K 316 -72.75 -0.75 81.04
CA GLN K 316 -72.42 0.66 81.20
C GLN K 316 -73.51 1.42 81.95
N GLN K 317 -74.76 1.20 81.55
CA GLN K 317 -75.88 1.87 82.18
C GLN K 317 -75.96 1.51 83.65
N ASN K 318 -75.99 0.21 83.95
CA ASN K 318 -76.07 -0.26 85.33
C ASN K 318 -75.09 0.49 86.23
N SER K 319 -73.85 0.60 85.78
CA SER K 319 -72.81 1.29 86.54
C SER K 319 -73.15 2.76 86.76
N THR K 320 -73.04 3.54 85.68
CA THR K 320 -73.34 4.97 85.74
C THR K 320 -74.47 5.23 86.73
N ALA K 321 -75.53 4.45 86.60
CA ALA K 321 -76.70 4.55 87.47
C ALA K 321 -76.26 4.49 88.92
N LEU K 322 -75.85 3.29 89.33
CA LEU K 322 -75.40 3.07 90.69
C LEU K 322 -74.57 4.24 91.20
N ARG K 323 -73.36 4.37 90.69
CA ARG K 323 -72.47 5.45 91.09
C ARG K 323 -73.22 6.77 91.27
N MET K 324 -73.80 7.26 90.18
CA MET K 324 -74.55 8.49 90.21
C MET K 324 -75.56 8.47 91.35
N ALA K 325 -76.19 7.31 91.55
CA ALA K 325 -77.17 7.16 92.60
C ALA K 325 -76.58 7.59 93.94
N GLU K 326 -75.58 6.84 94.40
CA GLU K 326 -74.92 7.13 95.66
C GLU K 326 -74.53 8.61 95.70
N ILE K 327 -73.76 9.03 94.71
CA ILE K 327 -73.32 10.41 94.62
C ILE K 327 -74.50 11.36 94.84
N LEU K 328 -75.65 11.00 94.28
CA LEU K 328 -76.84 11.82 94.42
C LEU K 328 -77.35 11.75 95.86
N GLU K 329 -77.48 10.54 96.36
CA GLU K 329 -77.97 10.32 97.73
C GLU K 329 -77.15 11.14 98.73
N ALA K 330 -75.83 11.14 98.54
CA ALA K 330 -74.94 11.88 99.42
C ALA K 330 -75.06 13.39 99.24
N HIS K 331 -75.51 13.83 98.08
CA HIS K 331 -75.65 15.24 97.80
C HIS K 331 -76.68 15.88 98.75
N PRO K 332 -76.41 17.09 99.23
CA PRO K 332 -77.29 17.82 100.15
C PRO K 332 -78.61 18.27 99.53
N LYS K 333 -78.52 18.86 98.34
CA LYS K 333 -79.70 19.35 97.64
C LYS K 333 -80.63 18.22 97.21
N VAL K 334 -80.19 16.98 97.38
CA VAL K 334 -81.01 15.83 97.01
C VAL K 334 -81.73 15.30 98.23
N ARG K 335 -83.04 15.55 98.30
CA ARG K 335 -83.84 15.08 99.43
C ARG K 335 -83.89 13.56 99.54
N HIS K 336 -84.28 12.90 98.46
CA HIS K 336 -84.38 11.44 98.45
C HIS K 336 -83.99 10.85 97.10
N VAL K 337 -83.50 9.61 97.12
CA VAL K 337 -83.09 8.92 95.91
C VAL K 337 -83.62 7.49 95.89
N TYR K 338 -84.17 7.09 94.75
CA TYR K 338 -84.72 5.76 94.59
C TYR K 338 -83.88 4.95 93.60
N TYR K 339 -83.48 3.76 94.04
CA TYR K 339 -82.67 2.88 93.21
C TYR K 339 -82.41 1.57 93.95
N PRO K 340 -82.84 0.44 93.38
CA PRO K 340 -82.66 -0.88 94.00
C PRO K 340 -81.21 -1.20 94.35
N GLY K 341 -80.28 -0.48 93.75
CA GLY K 341 -78.88 -0.71 94.04
C GLY K 341 -78.49 -0.19 95.41
N LEU K 342 -79.17 0.85 95.87
CA LEU K 342 -78.89 1.44 97.17
C LEU K 342 -79.52 0.61 98.29
N GLN K 343 -78.96 0.73 99.49
CA GLN K 343 -79.47 0.01 100.65
C GLN K 343 -80.70 0.75 101.15
N SER K 344 -80.70 2.07 100.96
CA SER K 344 -81.81 2.91 101.37
C SER K 344 -83.12 2.43 100.74
N HIS K 345 -83.00 1.65 99.68
CA HIS K 345 -84.17 1.13 98.99
C HIS K 345 -84.88 0.03 99.78
N PRO K 346 -86.20 0.17 99.97
CA PRO K 346 -87.03 -0.78 100.71
C PRO K 346 -86.77 -2.24 100.37
N GLU K 347 -87.00 -2.62 99.12
CA GLU K 347 -86.80 -4.00 98.70
C GLU K 347 -85.39 -4.27 98.20
N HIS K 348 -84.42 -3.48 98.67
CA HIS K 348 -83.03 -3.64 98.27
C HIS K 348 -82.56 -5.09 98.38
N HIS K 349 -82.91 -5.74 99.50
CA HIS K 349 -82.52 -7.13 99.71
C HIS K 349 -83.07 -8.04 98.62
N ILE K 350 -84.32 -7.80 98.22
CA ILE K 350 -84.94 -8.60 97.17
C ILE K 350 -84.20 -8.31 95.87
N ALA K 351 -83.94 -7.03 95.63
CA ALA K 351 -83.23 -6.62 94.43
C ALA K 351 -81.96 -7.44 94.30
N LYS K 352 -81.20 -7.52 95.39
CA LYS K 352 -79.96 -8.26 95.42
C LYS K 352 -80.17 -9.75 95.20
N LYS K 353 -81.22 -10.29 95.81
CA LYS K 353 -81.50 -11.72 95.71
C LYS K 353 -81.94 -12.21 94.33
N GLN K 354 -82.65 -11.38 93.58
CA GLN K 354 -83.12 -11.80 92.26
C GLN K 354 -82.49 -11.07 91.08
N MET K 355 -81.89 -9.91 91.34
CA MET K 355 -81.27 -9.14 90.27
C MET K 355 -79.76 -9.22 90.29
N THR K 356 -79.15 -8.97 89.14
CA THR K 356 -77.70 -8.98 89.01
C THR K 356 -77.30 -7.57 88.60
N GLY K 357 -78.31 -6.73 88.42
CA GLY K 357 -78.11 -5.34 88.04
C GLY K 357 -79.28 -4.53 88.57
N PHE K 358 -79.27 -3.22 88.35
CA PHE K 358 -80.35 -2.40 88.85
C PHE K 358 -80.82 -1.38 87.82
N GLY K 359 -80.60 -1.69 86.56
CA GLY K 359 -81.01 -0.80 85.48
C GLY K 359 -80.21 0.49 85.45
N GLY K 360 -80.56 1.36 84.52
CA GLY K 360 -79.88 2.64 84.41
C GLY K 360 -80.84 3.77 84.69
N ALA K 361 -81.94 3.44 85.35
CA ALA K 361 -82.95 4.42 85.67
C ALA K 361 -82.87 4.77 87.15
N VAL K 362 -82.96 6.05 87.45
CA VAL K 362 -82.90 6.50 88.83
C VAL K 362 -83.86 7.66 89.08
N SER K 363 -84.66 7.52 90.13
CA SER K 363 -85.60 8.56 90.48
C SER K 363 -85.11 9.20 91.77
N PHE K 364 -85.40 10.48 91.94
CA PHE K 364 -84.96 11.18 93.14
C PHE K 364 -85.67 12.50 93.30
N GLU K 365 -85.95 12.86 94.54
CA GLU K 365 -86.62 14.11 94.85
C GLU K 365 -85.58 15.18 95.15
N VAL K 366 -85.77 16.36 94.58
CA VAL K 366 -84.84 17.47 94.81
C VAL K 366 -85.35 18.32 95.97
N ASP K 367 -84.42 18.82 96.78
CA ASP K 367 -84.78 19.66 97.92
C ASP K 367 -85.26 21.04 97.47
N GLY K 368 -86.45 21.07 96.87
CA GLY K 368 -87.00 22.33 96.39
C GLY K 368 -88.48 22.18 96.08
N ASP K 369 -89.05 23.18 95.41
CA ASP K 369 -90.47 23.12 95.05
C ASP K 369 -90.62 22.92 93.55
N LEU K 370 -91.85 22.71 93.12
CA LEU K 370 -92.16 22.51 91.71
C LEU K 370 -91.27 23.37 90.80
N LEU K 371 -91.44 24.68 90.89
CA LEU K 371 -90.66 25.61 90.09
C LEU K 371 -89.15 25.37 90.20
N THR K 372 -88.68 25.21 91.43
CA THR K 372 -87.26 24.98 91.67
C THR K 372 -86.77 23.72 90.96
N THR K 373 -87.45 22.59 91.21
CA THR K 373 -87.08 21.32 90.60
C THR K 373 -86.92 21.54 89.10
N ALA K 374 -87.88 22.24 88.50
CA ALA K 374 -87.84 22.53 87.08
C ALA K 374 -86.50 23.18 86.75
N LYS K 375 -86.20 24.25 87.47
CA LYS K 375 -84.95 24.98 87.28
C LYS K 375 -83.76 24.03 87.19
N PHE K 376 -83.84 22.92 87.90
CA PHE K 376 -82.76 21.93 87.90
C PHE K 376 -82.65 21.25 86.54
N VAL K 377 -83.70 20.54 86.15
CA VAL K 377 -83.69 19.85 84.86
C VAL K 377 -83.34 20.83 83.75
N ASP K 378 -83.89 22.03 83.83
CA ASP K 378 -83.63 23.05 82.82
C ASP K 378 -82.14 23.33 82.73
N ALA K 379 -81.45 23.16 83.85
CA ALA K 379 -80.01 23.39 83.91
C ALA K 379 -79.22 22.30 83.19
N LEU K 380 -79.70 21.06 83.28
CA LEU K 380 -79.02 19.95 82.62
C LEU K 380 -78.73 20.27 81.17
N LYS K 381 -77.60 19.79 80.66
CA LYS K 381 -77.23 20.07 79.28
C LYS K 381 -77.07 18.83 78.40
N ILE K 382 -77.03 17.65 79.01
CA ILE K 382 -76.87 16.42 78.23
C ILE K 382 -78.15 15.63 78.00
N PRO K 383 -78.89 15.28 79.07
CA PRO K 383 -80.12 14.51 78.84
C PRO K 383 -81.22 15.35 78.20
N TYR K 384 -82.07 14.67 77.43
CA TYR K 384 -83.18 15.33 76.76
C TYR K 384 -84.38 15.27 77.69
N ILE K 385 -85.22 16.30 77.64
CA ILE K 385 -86.41 16.31 78.47
C ILE K 385 -87.54 15.68 77.68
N ALA K 386 -87.88 14.45 78.02
CA ALA K 386 -88.94 13.75 77.31
C ALA K 386 -89.25 12.42 77.98
N PRO K 387 -90.38 11.79 77.61
CA PRO K 387 -90.72 10.51 78.22
C PRO K 387 -89.73 9.45 77.75
N SER K 388 -90.16 8.19 77.78
CA SER K 388 -89.30 7.09 77.34
C SER K 388 -87.99 7.04 78.14
N PHE K 389 -87.22 6.00 77.89
CA PHE K 389 -85.93 5.82 78.56
C PHE K 389 -85.28 4.54 78.03
N GLY K 390 -84.04 4.29 78.43
CA GLY K 390 -83.36 3.10 77.98
C GLY K 390 -82.47 3.28 76.75
N GLY K 391 -82.56 4.44 76.11
CA GLY K 391 -81.78 4.69 74.93
C GLY K 391 -80.37 5.19 75.24
N CYS K 392 -79.50 5.15 74.24
CA CYS K 392 -78.13 5.60 74.42
C CYS K 392 -78.10 7.05 74.91
N GLU K 393 -79.08 7.84 74.48
CA GLU K 393 -79.15 9.23 74.90
C GLU K 393 -79.82 9.30 76.27
N SER K 394 -79.28 10.13 77.16
CA SER K 394 -79.83 10.27 78.50
C SER K 394 -81.13 11.07 78.44
N ILE K 395 -82.04 10.77 79.37
CA ILE K 395 -83.31 11.47 79.39
C ILE K 395 -83.76 11.81 80.80
N VAL K 396 -84.42 12.96 80.94
CA VAL K 396 -84.92 13.42 82.22
C VAL K 396 -86.35 13.93 82.05
N ASP K 397 -87.08 14.00 83.16
CA ASP K 397 -88.45 14.48 83.12
C ASP K 397 -88.98 14.70 84.54
N GLN K 398 -90.08 15.43 84.62
CA GLN K 398 -90.70 15.72 85.91
C GLN K 398 -92.10 15.12 85.85
N PRO K 399 -92.23 13.81 86.13
CA PRO K 399 -93.50 13.10 86.11
C PRO K 399 -94.69 14.01 86.43
N ALA K 400 -94.58 14.75 87.52
CA ALA K 400 -95.63 15.66 87.95
C ALA K 400 -96.17 16.44 86.76
N ILE K 401 -95.29 16.82 85.86
CA ILE K 401 -95.67 17.57 84.67
C ILE K 401 -95.73 16.63 83.47
N MET K 402 -94.60 15.96 83.22
CA MET K 402 -94.47 15.04 82.10
C MET K 402 -95.70 14.19 81.83
N SER K 403 -96.29 13.60 82.86
CA SER K 403 -97.45 12.76 82.62
C SER K 403 -98.49 12.74 83.73
N TYR K 404 -98.53 13.81 84.52
CA TYR K 404 -99.49 13.88 85.61
C TYR K 404 -100.01 15.29 85.80
N TRP K 405 -99.54 16.20 84.95
CA TRP K 405 -99.96 17.59 85.03
C TRP K 405 -101.47 17.69 84.84
N ASP K 406 -102.05 16.64 84.26
CA ASP K 406 -103.48 16.60 84.01
C ASP K 406 -104.26 16.43 85.32
N LEU K 407 -103.54 16.05 86.37
CA LEU K 407 -104.18 15.84 87.67
C LEU K 407 -103.97 17.03 88.60
N SER K 408 -104.70 17.03 89.71
CA SER K 408 -104.60 18.10 90.70
C SER K 408 -103.43 17.88 91.63
N GLN K 409 -102.94 18.96 92.22
CA GLN K 409 -101.81 18.89 93.15
C GLN K 409 -102.08 17.82 94.21
N SER K 410 -103.34 17.68 94.60
CA SER K 410 -103.74 16.69 95.60
C SER K 410 -103.78 15.28 95.01
N ASP K 411 -104.61 15.08 93.99
CA ASP K 411 -104.72 13.77 93.35
C ASP K 411 -103.34 13.26 92.95
N ARG K 412 -102.42 14.19 92.69
CA ARG K 412 -101.05 13.83 92.31
C ARG K 412 -100.38 13.05 93.42
N ALA K 413 -100.49 13.57 94.64
CA ALA K 413 -99.89 12.93 95.81
C ALA K 413 -100.52 11.57 96.09
N LYS K 414 -101.71 11.36 95.55
CA LYS K 414 -102.42 10.09 95.72
C LYS K 414 -101.55 8.92 95.29
N TYR K 415 -100.56 9.21 94.45
CA TYR K 415 -99.67 8.17 93.94
C TYR K 415 -98.22 8.40 94.35
N GLY K 416 -97.98 9.45 95.13
CA GLY K 416 -96.63 9.75 95.58
C GLY K 416 -95.91 10.70 94.64
N ILE K 417 -96.55 11.02 93.52
CA ILE K 417 -95.97 11.91 92.53
C ILE K 417 -95.85 13.33 93.07
N MET K 418 -94.65 13.67 93.54
CA MET K 418 -94.40 15.00 94.09
C MET K 418 -93.81 15.91 93.02
N ASP K 419 -94.08 17.21 93.15
CA ASP K 419 -93.55 18.18 92.20
C ASP K 419 -92.03 18.16 92.38
N ASN K 420 -91.61 17.36 93.36
CA ASN K 420 -90.21 17.18 93.72
C ASN K 420 -89.54 16.16 92.80
N LEU K 421 -90.12 14.96 92.78
CA LEU K 421 -89.62 13.83 92.00
C LEU K 421 -89.08 14.14 90.61
N VAL K 422 -88.00 13.44 90.27
CA VAL K 422 -87.34 13.59 88.98
C VAL K 422 -86.82 12.22 88.53
N ARG K 423 -87.20 11.83 87.33
CA ARG K 423 -86.76 10.55 86.78
C ARG K 423 -85.57 10.84 85.88
N PHE K 424 -84.55 10.01 85.98
CA PHE K 424 -83.37 10.18 85.16
C PHE K 424 -82.96 8.89 84.47
N SER K 425 -83.11 8.85 83.16
CA SER K 425 -82.72 7.67 82.39
C SER K 425 -81.32 7.91 81.89
N PHE K 426 -80.34 7.42 82.64
CA PHE K 426 -78.95 7.60 82.27
C PHE K 426 -78.67 6.96 80.92
N GLY K 427 -78.17 7.77 80.01
CA GLY K 427 -77.85 7.28 78.67
C GLY K 427 -76.65 6.36 78.70
N VAL K 428 -75.85 6.39 77.65
CA VAL K 428 -74.67 5.54 77.56
C VAL K 428 -73.43 6.42 77.51
N GLU K 429 -73.64 7.73 77.60
CA GLU K 429 -72.56 8.69 77.56
C GLU K 429 -71.54 8.36 78.64
N ASP K 430 -70.43 9.09 78.67
CA ASP K 430 -69.39 8.85 79.66
C ASP K 430 -69.79 9.38 81.03
N PHE K 431 -69.56 8.57 82.06
CA PHE K 431 -69.91 8.93 83.43
C PHE K 431 -69.54 10.36 83.81
N ASP K 432 -68.25 10.63 83.90
CA ASP K 432 -67.76 11.95 84.27
C ASP K 432 -68.56 13.06 83.59
N ASP K 433 -68.69 12.96 82.27
CA ASP K 433 -69.43 13.96 81.49
C ASP K 433 -70.83 14.15 82.07
N LEU K 434 -71.50 13.04 82.36
CA LEU K 434 -72.84 13.06 82.92
C LEU K 434 -72.81 13.66 84.31
N LYS K 435 -72.07 12.99 85.20
CA LYS K 435 -71.94 13.44 86.58
C LYS K 435 -71.73 14.94 86.59
N ALA K 436 -70.63 15.39 85.98
CA ALA K 436 -70.30 16.80 85.91
C ALA K 436 -71.55 17.62 85.60
N ASP K 437 -72.29 17.19 84.58
CA ASP K 437 -73.50 17.86 84.17
C ASP K 437 -74.49 17.95 85.33
N ILE K 438 -74.87 16.79 85.86
CA ILE K 438 -75.80 16.71 86.96
C ILE K 438 -75.39 17.65 88.10
N LEU K 439 -74.18 17.45 88.60
CA LEU K 439 -73.67 18.29 89.68
C LEU K 439 -73.79 19.76 89.33
N GLN K 440 -73.12 20.16 88.26
CA GLN K 440 -73.16 21.56 87.82
C GLN K 440 -74.60 22.03 87.84
N ALA K 441 -75.51 21.15 87.44
CA ALA K 441 -76.92 21.47 87.40
C ALA K 441 -77.45 21.67 88.80
N LEU K 442 -77.18 20.71 89.68
CA LEU K 442 -77.63 20.78 91.06
C LEU K 442 -77.09 22.00 91.78
N ASP K 443 -76.23 22.76 91.12
CA ASP K 443 -75.64 23.94 91.74
C ASP K 443 -76.29 25.24 91.30
N SER K 444 -76.90 25.23 90.11
CA SER K 444 -77.54 26.42 89.57
C SER K 444 -78.63 26.92 90.52
N ILE K 445 -78.95 26.11 91.51
CA ILE K 445 -79.96 26.46 92.50
C ILE K 445 -79.44 26.20 93.92
N TYR L 50 -87.10 -12.91 28.90
CA TYR L 50 -87.17 -13.43 30.30
C TYR L 50 -88.11 -14.62 30.39
N ALA L 51 -89.39 -14.37 30.14
CA ALA L 51 -90.40 -15.43 30.20
C ALA L 51 -91.13 -15.60 28.87
N SER L 52 -91.91 -16.68 28.78
CA SER L 52 -92.68 -16.98 27.58
C SER L 52 -94.10 -16.45 27.68
N PHE L 53 -94.61 -16.34 28.90
CA PHE L 53 -95.98 -15.85 29.12
C PHE L 53 -96.04 -14.36 29.34
N LEU L 54 -94.91 -13.76 29.67
CA LEU L 54 -94.85 -12.31 29.89
C LEU L 54 -94.22 -11.68 28.66
N ASN L 55 -94.97 -10.81 27.98
CA ASN L 55 -94.46 -10.17 26.79
C ASN L 55 -94.43 -8.65 26.86
N SER L 56 -95.34 -8.08 27.64
CA SER L 56 -95.39 -6.62 27.76
C SER L 56 -94.29 -6.09 28.67
N ASP L 57 -93.64 -5.03 28.20
CA ASP L 57 -92.58 -4.39 28.96
C ASP L 57 -93.05 -4.17 30.39
N GLY L 58 -94.30 -3.70 30.52
CA GLY L 58 -94.86 -3.46 31.83
C GLY L 58 -94.83 -4.71 32.69
N SER L 59 -95.43 -5.78 32.19
CA SER L 59 -95.48 -7.04 32.92
C SER L 59 -94.06 -7.46 33.32
N VAL L 60 -93.10 -7.18 32.45
CA VAL L 60 -91.71 -7.52 32.74
C VAL L 60 -91.19 -6.67 33.88
N ALA L 61 -91.22 -5.36 33.70
CA ALA L 61 -90.77 -4.42 34.70
C ALA L 61 -91.34 -4.78 36.08
N ILE L 62 -92.41 -5.55 36.09
CA ILE L 62 -93.04 -5.95 37.33
C ILE L 62 -92.53 -7.28 37.84
N HIS L 63 -92.44 -8.28 36.96
CA HIS L 63 -92.01 -9.59 37.38
C HIS L 63 -90.60 -10.03 36.97
N ALA L 64 -89.96 -9.27 36.10
CA ALA L 64 -88.62 -9.64 35.67
C ALA L 64 -87.67 -9.87 36.85
N GLY L 65 -87.05 -11.05 36.88
CA GLY L 65 -86.12 -11.38 37.94
C GLY L 65 -86.75 -11.57 39.30
N GLU L 66 -88.02 -11.99 39.33
CA GLU L 66 -88.71 -12.20 40.59
C GLU L 66 -89.73 -13.33 40.51
N ARG L 67 -90.82 -13.08 39.78
CA ARG L 67 -91.89 -14.07 39.63
C ARG L 67 -91.41 -15.51 39.58
N LEU L 68 -90.40 -15.77 38.78
CA LEU L 68 -89.87 -17.14 38.66
C LEU L 68 -89.06 -17.52 39.88
N GLY L 69 -87.86 -16.94 40.01
CA GLY L 69 -87.01 -17.24 41.15
C GLY L 69 -86.26 -16.00 41.58
N ARG L 70 -85.53 -16.10 42.70
CA ARG L 70 -84.77 -14.96 43.20
C ARG L 70 -83.39 -15.36 43.70
N GLY L 71 -83.17 -16.66 43.88
CA GLY L 71 -81.89 -17.13 44.36
C GLY L 71 -81.73 -16.73 45.82
N ILE L 72 -82.85 -16.35 46.44
CA ILE L 72 -82.87 -15.94 47.83
C ILE L 72 -84.06 -16.61 48.51
N VAL L 73 -84.65 -17.57 47.80
CA VAL L 73 -85.80 -18.36 48.26
C VAL L 73 -86.64 -17.80 49.41
N THR L 74 -87.90 -17.54 49.12
CA THR L 74 -88.84 -17.01 50.11
C THR L 74 -90.26 -17.12 49.59
N ASP L 75 -91.21 -17.35 50.50
CA ASP L 75 -92.61 -17.44 50.11
C ASP L 75 -93.18 -16.02 50.09
N ALA L 76 -92.25 -15.06 50.14
CA ALA L 76 -92.62 -13.64 50.14
C ALA L 76 -92.80 -13.14 48.72
N ILE L 77 -93.80 -12.28 48.55
CA ILE L 77 -94.11 -11.71 47.25
C ILE L 77 -93.00 -10.79 46.77
N THR L 78 -92.61 -9.84 47.63
CA THR L 78 -91.56 -8.89 47.29
C THR L 78 -90.16 -9.44 47.50
N THR L 79 -89.17 -8.66 47.06
CA THR L 79 -87.78 -9.05 47.22
C THR L 79 -87.32 -8.60 48.59
N PRO L 80 -86.71 -9.52 49.37
CA PRO L 80 -86.23 -9.16 50.71
C PRO L 80 -84.99 -8.29 50.62
N VAL L 81 -84.88 -7.32 51.52
CA VAL L 81 -83.74 -6.43 51.53
C VAL L 81 -82.61 -6.96 52.41
N VAL L 82 -81.53 -7.40 51.78
CA VAL L 82 -80.38 -7.95 52.50
C VAL L 82 -79.37 -6.86 52.88
N ASN L 83 -79.26 -6.58 54.17
CA ASN L 83 -78.33 -5.56 54.64
C ASN L 83 -77.06 -6.16 55.22
N THR L 84 -76.23 -6.74 54.35
CA THR L 84 -74.99 -7.36 54.81
C THR L 84 -73.76 -6.68 54.20
N SER L 85 -72.70 -6.59 54.98
CA SER L 85 -71.47 -5.97 54.51
C SER L 85 -70.55 -7.02 53.90
N ALA L 86 -70.83 -8.29 54.22
CA ALA L 86 -70.02 -9.39 53.70
C ALA L 86 -70.80 -10.70 53.70
N TYR L 87 -70.22 -11.73 53.10
CA TYR L 87 -70.84 -13.04 53.04
C TYR L 87 -69.86 -14.08 53.55
N PHE L 88 -70.34 -14.96 54.42
CA PHE L 88 -69.51 -15.99 55.02
C PHE L 88 -69.54 -17.30 54.24
N PHE L 89 -68.75 -18.26 54.72
CA PHE L 89 -68.67 -19.58 54.13
C PHE L 89 -68.80 -20.60 55.25
N ASN L 90 -69.46 -21.72 54.96
CA ASN L 90 -69.65 -22.76 55.95
C ASN L 90 -68.33 -23.41 56.36
N LYS L 91 -67.46 -23.65 55.39
CA LYS L 91 -66.16 -24.27 55.65
C LYS L 91 -65.16 -23.93 54.57
N THR L 92 -63.88 -23.90 54.94
CA THR L 92 -62.81 -23.58 54.00
C THR L 92 -62.95 -24.30 52.67
N SER L 93 -63.26 -25.59 52.72
CA SER L 93 -63.43 -26.37 51.50
C SER L 93 -64.33 -25.63 50.53
N GLU L 94 -65.39 -25.02 51.07
CA GLU L 94 -66.34 -24.26 50.26
C GLU L 94 -65.70 -22.99 49.73
N LEU L 95 -65.01 -22.26 50.60
CA LEU L 95 -64.35 -21.03 50.22
C LEU L 95 -63.41 -21.30 49.05
N ILE L 96 -62.75 -22.46 49.09
CA ILE L 96 -61.83 -22.85 48.03
C ILE L 96 -62.60 -23.06 46.74
N ASP L 97 -63.70 -23.81 46.83
CA ASP L 97 -64.53 -24.08 45.65
C ASP L 97 -64.89 -22.77 44.96
N PHE L 98 -65.44 -21.83 45.71
CA PHE L 98 -65.82 -20.53 45.17
C PHE L 98 -64.63 -19.83 44.52
N LYS L 99 -63.53 -19.72 45.26
CA LYS L 99 -62.33 -19.08 44.75
C LYS L 99 -61.83 -19.80 43.51
N GLU L 100 -62.12 -21.11 43.44
CA GLU L 100 -61.70 -21.91 42.30
C GLU L 100 -62.81 -21.92 41.25
N LYS L 101 -63.80 -21.05 41.46
CA LYS L 101 -64.94 -20.92 40.55
C LYS L 101 -65.75 -22.20 40.40
N ARG L 102 -66.14 -22.78 41.53
CA ARG L 102 -66.92 -24.02 41.56
C ARG L 102 -68.22 -23.80 42.34
N ARG L 103 -68.29 -22.67 43.04
CA ARG L 103 -69.46 -22.31 43.83
C ARG L 103 -69.87 -20.87 43.54
N ALA L 104 -71.06 -20.48 44.02
CA ALA L 104 -71.58 -19.13 43.80
C ALA L 104 -71.66 -18.32 45.08
N SER L 105 -71.17 -17.09 45.04
CA SER L 105 -71.18 -16.18 46.18
C SER L 105 -70.68 -14.81 45.77
N PHE L 106 -71.12 -13.78 46.48
CA PHE L 106 -70.70 -12.42 46.19
C PHE L 106 -69.37 -12.12 46.86
N GLU L 107 -69.03 -12.94 47.86
CA GLU L 107 -67.79 -12.78 48.60
C GLU L 107 -67.87 -11.54 49.49
N TYR L 108 -67.89 -10.36 48.86
CA TYR L 108 -67.97 -9.11 49.59
C TYR L 108 -69.17 -8.30 49.15
N GLY L 109 -69.65 -7.43 50.03
CA GLY L 109 -70.80 -6.60 49.72
C GLY L 109 -70.55 -5.69 48.52
N ARG L 110 -69.28 -5.36 48.29
CA ARG L 110 -68.91 -4.50 47.18
C ARG L 110 -68.91 -5.29 45.89
N TYR L 111 -68.90 -6.61 46.00
CA TYR L 111 -68.90 -7.49 44.83
C TYR L 111 -70.30 -7.97 44.45
N GLY L 112 -71.33 -7.36 45.04
CA GLY L 112 -72.68 -7.76 44.72
C GLY L 112 -73.61 -7.85 45.92
N ASN L 113 -74.88 -8.14 45.66
CA ASN L 113 -75.87 -8.28 46.71
C ASN L 113 -77.15 -8.90 46.15
N PRO L 114 -77.70 -9.91 46.85
CA PRO L 114 -78.93 -10.59 46.41
C PRO L 114 -80.07 -9.65 46.08
N THR L 115 -80.27 -8.65 46.94
CA THR L 115 -81.34 -7.69 46.72
C THR L 115 -81.04 -6.89 45.46
N THR L 116 -79.75 -6.69 45.18
CA THR L 116 -79.34 -5.92 44.01
C THR L 116 -79.46 -6.69 42.70
N VAL L 117 -78.91 -7.90 42.65
CA VAL L 117 -78.95 -8.71 41.43
C VAL L 117 -80.36 -8.78 40.84
N VAL L 118 -81.37 -8.73 41.70
CA VAL L 118 -82.75 -8.76 41.23
C VAL L 118 -82.90 -7.57 40.30
N LEU L 119 -82.80 -6.37 40.86
CA LEU L 119 -82.92 -5.15 40.08
C LEU L 119 -82.03 -5.22 38.85
N GLU L 120 -80.86 -5.83 39.01
CA GLU L 120 -79.94 -5.97 37.91
C GLU L 120 -80.59 -6.78 36.80
N GLU L 121 -81.03 -7.99 37.14
CA GLU L 121 -81.67 -8.87 36.17
C GLU L 121 -82.92 -8.23 35.61
N LYS L 122 -83.67 -7.54 36.46
CA LYS L 122 -84.90 -6.88 36.04
C LYS L 122 -84.59 -5.97 34.85
N ILE L 123 -83.74 -4.98 35.09
CA ILE L 123 -83.35 -4.03 34.05
C ILE L 123 -82.84 -4.76 32.82
N SER L 124 -81.99 -5.76 33.03
CA SER L 124 -81.43 -6.52 31.92
C SER L 124 -82.57 -6.99 31.03
N ALA L 125 -83.57 -7.61 31.64
CA ALA L 125 -84.72 -8.10 30.89
C ALA L 125 -85.38 -6.99 30.09
N LEU L 126 -85.68 -5.88 30.75
CA LEU L 126 -86.32 -4.75 30.08
C LEU L 126 -85.54 -4.28 28.86
N GLU L 127 -84.27 -3.94 29.07
CA GLU L 127 -83.41 -3.48 27.98
C GLU L 127 -83.08 -4.63 27.06
N GLY L 128 -83.46 -5.84 27.47
CA GLY L 128 -83.18 -7.01 26.68
C GLY L 128 -81.69 -7.17 26.42
N ALA L 129 -80.91 -7.10 27.50
CA ALA L 129 -79.47 -7.23 27.41
C ALA L 129 -78.97 -8.53 28.00
N GLU L 130 -77.66 -8.73 27.92
CA GLU L 130 -77.01 -9.93 28.44
C GLU L 130 -76.78 -9.79 29.93
N SER L 131 -76.47 -8.59 30.37
CA SER L 131 -76.22 -8.33 31.78
C SER L 131 -76.25 -6.84 32.08
N THR L 132 -76.57 -6.48 33.32
CA THR L 132 -76.63 -5.08 33.71
C THR L 132 -75.83 -4.87 35.00
N LEU L 133 -75.31 -3.65 35.15
CA LEU L 133 -74.54 -3.30 36.33
C LEU L 133 -75.18 -2.10 37.00
N LEU L 134 -75.09 -2.03 38.33
CA LEU L 134 -75.68 -0.90 39.05
C LEU L 134 -74.69 -0.17 39.94
N MET L 135 -74.54 1.13 39.68
CA MET L 135 -73.64 1.96 40.46
C MET L 135 -74.42 2.70 41.54
N ALA L 136 -73.76 3.65 42.18
CA ALA L 136 -74.39 4.43 43.22
C ALA L 136 -75.12 5.62 42.61
N SER L 137 -74.83 5.88 41.33
CA SER L 137 -75.44 6.99 40.62
C SER L 137 -74.99 7.05 39.17
N GLY L 138 -75.86 7.56 38.31
CA GLY L 138 -75.56 7.67 36.90
C GLY L 138 -74.17 8.22 36.66
N MET L 139 -73.85 9.34 37.31
CA MET L 139 -72.53 9.95 37.17
C MET L 139 -71.48 8.86 37.31
N CYS L 140 -71.59 8.09 38.39
CA CYS L 140 -70.65 7.00 38.64
C CYS L 140 -70.60 6.10 37.41
N ALA L 141 -71.77 5.60 37.01
CA ALA L 141 -71.89 4.73 35.85
C ALA L 141 -71.08 5.24 34.67
N SER L 142 -71.58 6.30 34.03
CA SER L 142 -70.90 6.88 32.89
C SER L 142 -69.41 7.05 33.22
N THR L 143 -69.15 7.79 34.29
CA THR L 143 -67.79 8.05 34.74
C THR L 143 -66.95 6.79 34.68
N VAL L 144 -67.39 5.76 35.40
CA VAL L 144 -66.69 4.49 35.44
C VAL L 144 -66.57 3.92 34.03
N MET L 145 -67.71 3.58 33.45
CA MET L 145 -67.76 3.01 32.11
C MET L 145 -66.70 3.59 31.21
N LEU L 146 -66.48 4.90 31.31
CA LEU L 146 -65.47 5.56 30.49
C LEU L 146 -64.08 5.04 30.81
N LEU L 147 -63.60 5.32 32.02
CA LEU L 147 -62.28 4.88 32.45
C LEU L 147 -62.12 3.38 32.25
N ALA L 148 -63.26 2.68 32.19
CA ALA L 148 -63.23 1.24 32.04
C ALA L 148 -62.93 0.76 30.62
N LEU L 149 -63.61 1.35 29.65
CA LEU L 149 -63.42 0.94 28.26
C LEU L 149 -62.38 1.72 27.48
N VAL L 150 -62.38 3.04 27.63
CA VAL L 150 -61.42 3.89 26.93
C VAL L 150 -60.01 3.70 27.48
N PRO L 151 -59.08 3.26 26.63
CA PRO L 151 -57.68 3.06 27.04
C PRO L 151 -56.96 4.39 27.19
N ALA L 152 -55.73 4.33 27.68
CA ALA L 152 -54.93 5.53 27.86
C ALA L 152 -54.57 6.08 26.49
N GLY L 153 -54.56 7.40 26.36
CA GLY L 153 -54.22 8.01 25.09
C GLY L 153 -55.27 7.73 24.03
N GLY L 154 -56.31 7.01 24.41
CA GLY L 154 -57.36 6.69 23.46
C GLY L 154 -58.18 7.91 23.05
N HIS L 155 -59.10 7.69 22.12
CA HIS L 155 -59.95 8.76 21.61
C HIS L 155 -61.42 8.37 21.71
N ILE L 156 -62.27 9.33 22.01
CA ILE L 156 -63.69 9.08 22.14
C ILE L 156 -64.47 10.21 21.47
N VAL L 157 -65.65 9.88 20.95
CA VAL L 157 -66.47 10.90 20.30
C VAL L 157 -67.77 11.06 21.06
N THR L 158 -68.23 12.29 21.17
CA THR L 158 -69.46 12.58 21.88
C THR L 158 -70.14 13.81 21.32
N THR L 159 -71.45 13.89 21.49
CA THR L 159 -72.22 15.02 20.99
C THR L 159 -72.02 16.30 21.80
N THR L 160 -72.34 17.44 21.20
CA THR L 160 -72.19 18.72 21.87
C THR L 160 -73.13 18.79 23.07
N ASP L 161 -74.39 18.47 22.83
CA ASP L 161 -75.39 18.49 23.90
C ASP L 161 -75.07 17.38 24.90
N CYS L 162 -74.63 17.77 26.10
CA CYS L 162 -74.28 16.80 27.13
C CYS L 162 -74.74 17.23 28.51
N TYR L 163 -74.66 16.32 29.46
CA TYR L 163 -75.05 16.62 30.83
C TYR L 163 -73.88 17.39 31.44
N ARG L 164 -74.14 18.64 31.84
CA ARG L 164 -73.13 19.50 32.42
C ARG L 164 -71.97 18.72 33.03
N LYS L 165 -72.26 17.98 34.10
CA LYS L 165 -71.25 17.20 34.77
C LYS L 165 -70.50 16.27 33.83
N THR L 166 -71.21 15.37 33.15
CA THR L 166 -70.58 14.44 32.23
C THR L 166 -69.58 15.15 31.34
N ARG L 167 -69.90 16.39 30.98
CA ARG L 167 -69.04 17.21 30.14
C ARG L 167 -67.69 17.39 30.81
N ILE L 168 -67.71 18.06 31.96
CA ILE L 168 -66.52 18.34 32.75
C ILE L 168 -65.60 17.13 32.89
N PHE L 169 -66.14 16.01 33.35
CA PHE L 169 -65.35 14.79 33.53
C PHE L 169 -64.50 14.52 32.30
N ILE L 170 -65.11 14.66 31.13
CA ILE L 170 -64.42 14.43 29.86
C ILE L 170 -63.43 15.53 29.54
N GLU L 171 -63.78 16.76 29.90
CA GLU L 171 -62.94 17.91 29.63
C GLU L 171 -61.85 18.18 30.68
N THR L 172 -61.87 17.46 31.80
CA THR L 172 -60.87 17.70 32.85
C THR L 172 -60.20 16.46 33.45
N ILE L 173 -60.89 15.32 33.44
CA ILE L 173 -60.32 14.11 34.00
C ILE L 173 -59.68 13.22 32.95
N LEU L 174 -60.47 12.84 31.95
CA LEU L 174 -59.98 11.99 30.88
C LEU L 174 -58.65 12.48 30.30
N PRO L 175 -58.52 13.80 30.10
CA PRO L 175 -57.26 14.29 29.55
C PRO L 175 -56.07 13.82 30.37
N LYS L 176 -56.26 13.71 31.69
CA LYS L 176 -55.18 13.26 32.58
C LYS L 176 -54.64 11.93 32.11
N MET L 177 -55.54 11.06 31.66
CA MET L 177 -55.15 9.75 31.16
C MET L 177 -54.78 9.84 29.69
N GLY L 178 -54.53 11.07 29.23
CA GLY L 178 -54.16 11.28 27.84
C GLY L 178 -55.27 10.91 26.88
N ILE L 179 -56.50 10.87 27.37
CA ILE L 179 -57.63 10.52 26.53
C ILE L 179 -58.19 11.77 25.86
N THR L 180 -58.07 11.82 24.53
CA THR L 180 -58.57 12.94 23.75
C THR L 180 -59.95 12.61 23.21
N ALA L 181 -60.75 13.64 22.96
CA ALA L 181 -62.11 13.43 22.46
C ALA L 181 -62.52 14.49 21.44
N THR L 182 -63.54 14.17 20.66
CA THR L 182 -64.07 15.07 19.64
C THR L 182 -65.55 15.34 19.88
N VAL L 183 -65.92 16.63 19.87
CA VAL L 183 -67.31 17.02 20.08
C VAL L 183 -67.98 17.35 18.76
N ILE L 184 -69.10 16.70 18.50
CA ILE L 184 -69.84 16.93 17.26
C ILE L 184 -71.32 17.10 17.53
N ASP L 185 -72.04 17.63 16.54
CA ASP L 185 -73.46 17.84 16.66
C ASP L 185 -74.18 16.49 16.60
N PRO L 186 -75.24 16.33 17.40
CA PRO L 186 -76.02 15.09 17.42
C PRO L 186 -76.46 14.63 16.04
N ALA L 187 -76.77 15.60 15.18
CA ALA L 187 -77.23 15.29 13.83
C ALA L 187 -76.09 15.11 12.84
N ASP L 188 -75.09 15.99 12.90
CA ASP L 188 -73.95 15.94 11.98
C ASP L 188 -73.31 14.55 11.86
N VAL L 189 -73.92 13.70 11.05
CA VAL L 189 -73.39 12.36 10.83
C VAL L 189 -72.08 12.45 10.09
N GLY L 190 -71.94 13.49 9.28
CA GLY L 190 -70.72 13.68 8.52
C GLY L 190 -69.54 13.70 9.46
N ALA L 191 -69.55 14.68 10.37
CA ALA L 191 -68.49 14.83 11.35
C ALA L 191 -68.10 13.49 11.94
N LEU L 192 -69.10 12.75 12.41
CA LEU L 192 -68.85 11.44 13.00
C LEU L 192 -68.13 10.54 12.02
N GLU L 193 -68.68 10.38 10.83
CA GLU L 193 -68.05 9.54 9.82
C GLU L 193 -66.64 10.05 9.54
N LEU L 194 -66.52 11.36 9.46
CA LEU L 194 -65.22 11.98 9.19
C LEU L 194 -64.25 11.58 10.28
N ALA L 195 -64.52 12.06 11.49
CA ALA L 195 -63.69 11.78 12.66
C ALA L 195 -63.40 10.28 12.74
N LEU L 196 -64.40 9.48 12.39
CA LEU L 196 -64.27 8.03 12.43
C LEU L 196 -63.06 7.57 11.62
N ASN L 197 -62.71 8.37 10.61
CA ASN L 197 -61.58 8.05 9.74
C ASN L 197 -60.30 8.77 10.15
N GLN L 198 -60.41 10.05 10.47
CA GLN L 198 -59.26 10.84 10.88
C GLN L 198 -58.48 10.11 11.96
N LYS L 199 -59.05 10.05 13.16
CA LYS L 199 -58.40 9.37 14.27
C LYS L 199 -58.95 7.96 14.46
N LYS L 200 -58.44 7.27 15.48
CA LYS L 200 -58.88 5.92 15.79
C LYS L 200 -59.79 5.98 17.01
N VAL L 201 -61.08 6.20 16.78
CA VAL L 201 -62.05 6.29 17.86
C VAL L 201 -62.21 4.98 18.60
N ASN L 202 -62.20 5.06 19.94
CA ASN L 202 -62.36 3.88 20.77
C ASN L 202 -63.85 3.69 21.08
N LEU L 203 -64.54 4.80 21.29
CA LEU L 203 -65.96 4.74 21.60
C LEU L 203 -66.70 6.06 21.38
N PHE L 204 -67.92 5.96 20.86
CA PHE L 204 -68.75 7.12 20.61
C PHE L 204 -69.80 7.12 21.70
N PHE L 205 -69.83 8.17 22.50
CA PHE L 205 -70.77 8.24 23.61
C PHE L 205 -71.71 9.43 23.50
N THR L 206 -72.99 9.17 23.66
CA THR L 206 -74.01 10.21 23.59
C THR L 206 -75.34 9.72 24.13
N GLU L 207 -76.16 10.66 24.57
CA GLU L 207 -77.47 10.33 25.09
C GLU L 207 -78.51 10.79 24.09
N SER L 208 -79.58 10.03 23.96
CA SER L 208 -80.66 10.36 23.04
C SER L 208 -81.97 9.84 23.61
N PRO L 209 -82.94 10.72 23.84
CA PRO L 209 -82.86 12.17 23.60
C PRO L 209 -81.72 12.83 24.34
N THR L 210 -81.29 13.96 23.80
CA THR L 210 -80.21 14.73 24.38
C THR L 210 -80.78 15.72 25.38
N ASN L 211 -79.91 16.48 26.02
CA ASN L 211 -80.33 17.47 26.99
C ASN L 211 -79.70 18.81 26.63
N PRO L 212 -80.49 19.90 26.73
CA PRO L 212 -81.89 19.94 27.13
C PRO L 212 -82.78 20.12 25.90
N PHE L 213 -82.21 19.94 24.72
CA PHE L 213 -82.96 20.11 23.49
C PHE L 213 -83.50 18.78 22.96
N LEU L 214 -83.37 17.75 23.79
CA LEU L 214 -83.85 16.42 23.45
C LEU L 214 -83.49 15.98 22.04
N ARG L 215 -82.38 16.49 21.52
CA ARG L 215 -81.95 16.11 20.19
C ARG L 215 -81.75 14.59 20.19
N CYS L 216 -82.17 13.95 19.10
CA CYS L 216 -82.03 12.50 19.01
C CYS L 216 -80.99 12.08 17.99
N VAL L 217 -80.41 10.91 18.21
CA VAL L 217 -79.40 10.37 17.33
C VAL L 217 -79.90 9.09 16.67
N ASP L 218 -79.76 8.99 15.36
CA ASP L 218 -80.19 7.80 14.66
C ASP L 218 -79.28 6.64 15.05
N ILE L 219 -79.52 6.07 16.23
CA ILE L 219 -78.70 4.97 16.73
C ILE L 219 -78.32 3.97 15.65
N GLU L 220 -79.32 3.28 15.11
CA GLU L 220 -79.09 2.27 14.07
C GLU L 220 -78.00 2.70 13.11
N LEU L 221 -78.15 3.89 12.55
CA LEU L 221 -77.18 4.41 11.61
C LEU L 221 -75.81 4.55 12.24
N VAL L 222 -75.73 5.35 13.28
CA VAL L 222 -74.48 5.59 14.00
C VAL L 222 -73.80 4.29 14.39
N SER L 223 -74.54 3.38 15.02
CA SER L 223 -73.97 2.11 15.41
C SER L 223 -73.23 1.49 14.23
N LYS L 224 -73.87 1.52 13.07
CA LYS L 224 -73.28 0.97 11.85
C LYS L 224 -71.96 1.66 11.54
N LEU L 225 -72.02 2.97 11.30
CA LEU L 225 -70.84 3.74 10.98
C LEU L 225 -69.70 3.46 11.94
N CYS L 226 -70.02 3.42 13.23
CA CYS L 226 -69.02 3.16 14.26
C CYS L 226 -68.47 1.76 14.20
N HIS L 227 -69.35 0.77 14.31
CA HIS L 227 -68.95 -0.63 14.27
C HIS L 227 -68.09 -0.93 13.05
N GLU L 228 -68.26 -0.13 12.00
CA GLU L 228 -67.50 -0.30 10.77
C GLU L 228 -66.04 0.02 11.03
N LYS L 229 -65.80 0.98 11.91
CA LYS L 229 -64.44 1.41 12.26
C LYS L 229 -64.00 0.84 13.60
N GLY L 230 -64.69 -0.19 14.06
CA GLY L 230 -64.33 -0.83 15.33
C GLY L 230 -64.64 -0.02 16.58
N ALA L 231 -65.26 1.15 16.40
CA ALA L 231 -65.60 2.00 17.53
C ALA L 231 -66.78 1.42 18.33
N LEU L 232 -66.88 1.82 19.60
CA LEU L 232 -67.95 1.35 20.47
C LEU L 232 -69.04 2.41 20.58
N VAL L 233 -70.30 1.98 20.67
CA VAL L 233 -71.40 2.92 20.78
C VAL L 233 -72.12 2.80 22.12
N CYS L 234 -72.04 3.84 22.93
CA CYS L 234 -72.70 3.83 24.22
C CYS L 234 -73.74 4.94 24.27
N ILE L 235 -75.00 4.56 24.46
CA ILE L 235 -76.08 5.53 24.52
C ILE L 235 -76.64 5.70 25.92
N ASP L 236 -76.90 6.94 26.30
CA ASP L 236 -77.47 7.23 27.60
C ASP L 236 -78.94 7.55 27.40
N GLY L 237 -79.75 6.50 27.39
CA GLY L 237 -81.18 6.68 27.19
C GLY L 237 -81.93 7.04 28.45
N THR L 238 -81.31 7.85 29.29
CA THR L 238 -81.96 8.27 30.53
C THR L 238 -83.32 8.87 30.21
N PHE L 239 -83.30 9.96 29.44
CA PHE L 239 -84.52 10.65 29.05
C PHE L 239 -85.53 9.75 28.35
N ALA L 240 -85.04 8.72 27.67
CA ALA L 240 -85.91 7.81 26.94
C ALA L 240 -86.63 6.81 27.82
N THR L 241 -85.87 5.96 28.50
CA THR L 241 -86.41 4.90 29.36
C THR L 241 -86.53 3.65 28.49
N PRO L 242 -86.12 2.49 29.02
CA PRO L 242 -86.21 1.24 28.25
C PRO L 242 -87.57 0.97 27.60
N LEU L 243 -88.61 1.62 28.10
CA LEU L 243 -89.95 1.45 27.57
C LEU L 243 -90.16 2.20 26.25
N ASN L 244 -89.57 3.39 26.15
CA ASN L 244 -89.72 4.21 24.96
C ASN L 244 -88.73 3.88 23.85
N GLN L 245 -87.73 3.07 24.13
CA GLN L 245 -86.75 2.71 23.12
C GLN L 245 -85.75 1.67 23.61
N LYS L 246 -85.31 0.81 22.71
CA LYS L 246 -84.35 -0.24 23.06
C LYS L 246 -83.04 -0.06 22.30
N ALA L 247 -82.29 0.98 22.67
CA ALA L 247 -81.02 1.29 22.02
C ALA L 247 -80.20 0.06 21.68
N LEU L 248 -80.24 -0.93 22.57
CA LEU L 248 -79.48 -2.16 22.35
C LEU L 248 -79.90 -2.85 21.06
N ALA L 249 -81.20 -3.03 20.90
CA ALA L 249 -81.74 -3.68 19.72
C ALA L 249 -81.45 -2.83 18.48
N LEU L 250 -81.31 -1.53 18.70
CA LEU L 250 -81.02 -0.60 17.62
C LEU L 250 -79.59 -0.75 17.13
N GLY L 251 -78.80 -1.55 17.85
CA GLY L 251 -77.43 -1.76 17.44
C GLY L 251 -76.39 -1.23 18.41
N ALA L 252 -76.82 -0.39 19.35
CA ALA L 252 -75.89 0.18 20.32
C ALA L 252 -75.20 -0.95 21.09
N ASP L 253 -74.00 -0.67 21.59
CA ASP L 253 -73.23 -1.66 22.34
C ASP L 253 -73.59 -1.64 23.81
N LEU L 254 -73.70 -0.43 24.35
CA LEU L 254 -74.02 -0.25 25.75
C LEU L 254 -75.05 0.85 25.92
N VAL L 255 -75.96 0.65 26.86
CA VAL L 255 -76.98 1.64 27.14
C VAL L 255 -76.97 1.86 28.63
N LEU L 256 -77.11 3.09 29.05
CA LEU L 256 -77.11 3.40 30.47
C LEU L 256 -78.08 4.52 30.78
N HIS L 257 -78.66 4.46 31.97
CA HIS L 257 -79.60 5.48 32.42
C HIS L 257 -79.26 5.88 33.83
N SER L 258 -79.87 6.97 34.27
CA SER L 258 -79.70 7.45 35.62
C SER L 258 -81.00 7.06 36.30
N ALA L 259 -81.01 5.87 36.90
CA ALA L 259 -82.20 5.36 37.58
C ALA L 259 -82.72 6.39 38.57
N THR L 260 -81.88 7.38 38.87
CA THR L 260 -82.23 8.46 39.78
C THR L 260 -83.48 9.18 39.30
N LYS L 261 -83.69 9.18 37.99
CA LYS L 261 -84.81 9.87 37.37
C LYS L 261 -86.12 9.09 37.20
N PHE L 262 -86.25 8.41 36.06
CA PHE L 262 -87.46 7.66 35.73
C PHE L 262 -87.59 6.29 36.38
N LEU L 263 -86.56 5.46 36.23
CA LEU L 263 -86.59 4.12 36.80
C LEU L 263 -87.14 4.19 38.22
N GLY L 264 -86.58 5.06 39.04
CA GLY L 264 -87.05 5.21 40.40
C GLY L 264 -88.31 6.07 40.40
N GLY L 265 -88.32 7.06 39.51
CA GLY L 265 -89.46 7.95 39.36
C GLY L 265 -90.13 8.47 40.62
N HIS L 266 -89.40 8.52 41.73
CA HIS L 266 -90.00 9.02 42.95
C HIS L 266 -89.19 10.12 43.63
N ASN L 267 -88.08 10.51 42.99
CA ASN L 267 -87.22 11.57 43.51
C ASN L 267 -86.77 11.30 44.94
N ASP L 268 -86.54 10.05 45.27
CA ASP L 268 -86.11 9.71 46.62
C ASP L 268 -84.94 8.75 46.65
N VAL L 269 -84.16 8.71 45.58
CA VAL L 269 -83.02 7.82 45.53
C VAL L 269 -82.13 8.02 44.30
N LEU L 270 -80.82 7.87 44.51
CA LEU L 270 -79.86 8.02 43.43
C LEU L 270 -79.32 6.65 43.05
N ALA L 271 -79.02 6.48 41.77
CA ALA L 271 -78.48 5.21 41.27
C ALA L 271 -78.26 5.25 39.77
N GLY L 272 -77.21 4.58 39.31
CA GLY L 272 -76.90 4.52 37.90
C GLY L 272 -76.86 3.07 37.47
N CYS L 273 -76.92 2.81 36.17
CA CYS L 273 -76.87 1.44 35.69
C CYS L 273 -76.47 1.37 34.23
N ILE L 274 -75.74 0.32 33.90
CA ILE L 274 -75.28 0.10 32.55
C ILE L 274 -75.64 -1.32 32.18
N SER L 275 -76.14 -1.48 30.96
CA SER L 275 -76.53 -2.80 30.49
C SER L 275 -75.94 -3.03 29.11
N GLY L 276 -75.66 -4.29 28.81
CA GLY L 276 -75.10 -4.64 27.53
C GLY L 276 -74.59 -6.07 27.51
N PRO L 277 -73.78 -6.43 26.50
CA PRO L 277 -73.25 -7.80 26.43
C PRO L 277 -72.33 -8.08 27.61
N LEU L 278 -72.33 -9.33 28.07
CA LEU L 278 -71.50 -9.71 29.21
C LEU L 278 -70.04 -9.34 28.98
N LYS L 279 -69.48 -9.86 27.89
CA LYS L 279 -68.08 -9.60 27.54
C LYS L 279 -67.67 -8.16 27.82
N LEU L 280 -68.59 -7.24 27.65
CA LEU L 280 -68.31 -5.83 27.88
C LEU L 280 -68.59 -5.39 29.31
N VAL L 281 -69.85 -5.45 29.72
CA VAL L 281 -70.25 -5.04 31.06
C VAL L 281 -69.32 -5.55 32.14
N SER L 282 -68.94 -6.82 32.05
CA SER L 282 -68.05 -7.42 33.04
C SER L 282 -66.78 -6.60 33.22
N GLU L 283 -66.14 -6.26 32.11
CA GLU L 283 -64.91 -5.46 32.15
C GLU L 283 -65.10 -4.24 33.03
N ILE L 284 -66.29 -3.67 33.00
CA ILE L 284 -66.61 -2.49 33.80
C ILE L 284 -66.78 -2.93 35.25
N ARG L 285 -67.64 -3.92 35.45
CA ARG L 285 -67.90 -4.45 36.78
C ARG L 285 -66.59 -4.62 37.54
N ASN L 286 -65.58 -5.15 36.87
CA ASN L 286 -64.28 -5.36 37.49
C ASN L 286 -63.72 -4.07 38.05
N LEU L 287 -63.50 -3.09 37.18
CA LEU L 287 -62.98 -1.80 37.61
C LEU L 287 -63.91 -1.23 38.69
N HIS L 288 -65.19 -1.57 38.59
CA HIS L 288 -66.17 -1.09 39.56
C HIS L 288 -65.86 -1.64 40.95
N HIS L 289 -65.57 -2.93 41.01
CA HIS L 289 -65.25 -3.60 42.27
C HIS L 289 -64.10 -2.90 42.94
N ILE L 290 -63.29 -2.20 42.16
CA ILE L 290 -62.14 -1.49 42.72
C ILE L 290 -62.49 -0.10 43.19
N LEU L 291 -63.00 0.73 42.28
CA LEU L 291 -63.37 2.09 42.65
C LEU L 291 -64.37 2.08 43.80
N GLY L 292 -65.03 0.94 43.98
CA GLY L 292 -66.00 0.78 45.05
C GLY L 292 -67.10 1.81 45.15
N GLY L 293 -68.06 1.75 44.23
CA GLY L 293 -69.17 2.69 44.24
C GLY L 293 -70.47 1.92 44.33
N ALA L 294 -70.39 0.76 44.97
CA ALA L 294 -71.54 -0.12 45.15
C ALA L 294 -72.82 0.61 45.55
N LEU L 295 -73.95 0.07 45.12
CA LEU L 295 -75.25 0.65 45.42
C LEU L 295 -75.87 -0.04 46.63
N ASN L 296 -76.30 0.76 47.61
CA ASN L 296 -76.90 0.23 48.83
C ASN L 296 -78.17 -0.56 48.54
N PRO L 297 -78.37 -1.70 49.24
CA PRO L 297 -79.57 -2.53 49.05
C PRO L 297 -80.87 -1.75 49.18
N ASN L 298 -80.99 -0.98 50.25
CA ASN L 298 -82.20 -0.18 50.48
C ASN L 298 -82.54 0.63 49.23
N ALA L 299 -81.53 1.23 48.62
CA ALA L 299 -81.76 2.00 47.40
C ALA L 299 -82.27 1.07 46.32
N ALA L 300 -81.54 -0.01 46.08
CA ALA L 300 -81.93 -0.99 45.07
C ALA L 300 -83.39 -1.39 45.22
N TYR L 301 -83.81 -1.63 46.46
CA TYR L 301 -85.20 -2.02 46.68
C TYR L 301 -86.12 -0.92 46.20
N LEU L 302 -85.88 0.29 46.69
CA LEU L 302 -86.71 1.43 46.32
C LEU L 302 -86.93 1.48 44.80
N ILE L 303 -85.88 1.22 44.04
CA ILE L 303 -85.97 1.23 42.59
C ILE L 303 -86.83 0.07 42.12
N ILE L 304 -86.52 -1.12 42.63
CA ILE L 304 -87.28 -2.30 42.26
C ILE L 304 -88.75 -2.00 42.52
N ARG L 305 -89.02 -1.32 43.64
CA ARG L 305 -90.37 -0.97 44.00
C ARG L 305 -90.94 0.03 43.03
N GLY L 306 -90.09 0.95 42.57
CA GLY L 306 -90.53 1.97 41.62
C GLY L 306 -90.86 1.39 40.26
N MET L 307 -89.97 0.53 39.77
CA MET L 307 -90.15 -0.10 38.47
C MET L 307 -91.43 -0.90 38.39
N LYS L 308 -92.04 -1.19 39.54
CA LYS L 308 -93.28 -1.95 39.57
C LYS L 308 -94.36 -1.20 38.79
N THR L 309 -94.24 0.12 38.74
CA THR L 309 -95.22 0.95 38.03
C THR L 309 -94.58 1.80 36.95
N LEU L 310 -93.48 1.32 36.38
CA LEU L 310 -92.77 2.06 35.33
C LEU L 310 -93.70 2.37 34.17
N HIS L 311 -94.15 1.35 33.46
CA HIS L 311 -95.04 1.54 32.33
C HIS L 311 -96.14 2.52 32.69
N LEU L 312 -96.91 2.18 33.72
CA LEU L 312 -97.99 3.03 34.17
C LEU L 312 -97.58 4.50 34.13
N ARG L 313 -96.51 4.81 34.83
CA ARG L 313 -96.02 6.18 34.88
C ARG L 313 -95.64 6.71 33.49
N VAL L 314 -94.57 6.15 32.93
CA VAL L 314 -94.09 6.56 31.61
C VAL L 314 -95.25 6.91 30.70
N GLN L 315 -96.21 5.99 30.57
CA GLN L 315 -97.37 6.21 29.73
C GLN L 315 -97.93 7.59 30.01
N GLN L 316 -98.48 7.77 31.20
CA GLN L 316 -99.06 9.03 31.61
C GLN L 316 -98.16 10.20 31.27
N GLN L 317 -96.89 10.09 31.63
CA GLN L 317 -95.92 11.15 31.36
C GLN L 317 -95.83 11.45 29.86
N ASN L 318 -95.59 10.42 29.06
CA ASN L 318 -95.50 10.59 27.62
C ASN L 318 -96.64 11.45 27.09
N SER L 319 -97.86 11.10 27.46
CA SER L 319 -99.04 11.83 27.02
C SER L 319 -99.00 13.28 27.46
N THR L 320 -99.14 13.50 28.76
CA THR L 320 -99.11 14.84 29.30
C THR L 320 -98.09 15.69 28.56
N ALA L 321 -96.89 15.14 28.40
CA ALA L 321 -95.82 15.83 27.71
C ALA L 321 -96.30 16.32 26.35
N LEU L 322 -96.55 15.36 25.46
CA LEU L 322 -97.03 15.65 24.11
C LEU L 322 -98.08 16.75 24.08
N ARG L 323 -99.25 16.43 24.62
CA ARG L 323 -100.36 17.39 24.66
C ARG L 323 -99.88 18.77 25.06
N MET L 324 -99.29 18.87 26.24
CA MET L 324 -98.79 20.14 26.74
C MET L 324 -97.86 20.77 25.72
N ALA L 325 -96.98 19.96 25.15
CA ALA L 325 -96.02 20.43 24.16
C ALA L 325 -96.74 21.22 23.08
N GLU L 326 -97.63 20.55 22.36
CA GLU L 326 -98.40 21.19 21.31
C GLU L 326 -99.03 22.47 21.86
N ILE L 327 -99.84 22.30 22.90
CA ILE L 327 -100.51 23.43 23.52
C ILE L 327 -99.55 24.58 23.73
N LEU L 328 -98.35 24.25 24.20
CA LEU L 328 -97.33 25.26 24.44
C LEU L 328 -96.86 25.87 23.13
N GLU L 329 -96.48 25.02 22.18
CA GLU L 329 -96.02 25.49 20.88
C GLU L 329 -96.99 26.51 20.31
N ALA L 330 -98.28 26.20 20.41
CA ALA L 330 -99.33 27.06 19.89
C ALA L 330 -99.47 28.36 20.68
N HIS L 331 -99.07 28.35 21.94
CA HIS L 331 -99.19 29.54 22.77
C HIS L 331 -98.33 30.68 22.19
N PRO L 332 -98.85 31.91 22.24
CA PRO L 332 -98.15 33.09 21.73
C PRO L 332 -96.91 33.46 22.54
N LYS L 333 -97.07 33.53 23.85
CA LYS L 333 -95.96 33.89 24.72
C LYS L 333 -94.84 32.86 24.68
N VAL L 334 -95.05 31.77 23.96
CA VAL L 334 -94.04 30.72 23.85
C VAL L 334 -93.29 30.89 22.54
N ARG L 335 -92.03 31.31 22.63
CA ARG L 335 -91.22 31.51 21.45
C ARG L 335 -90.91 30.21 20.69
N HIS L 336 -90.41 29.22 21.42
CA HIS L 336 -90.06 27.95 20.80
C HIS L 336 -90.30 26.79 21.76
N VAL L 337 -90.47 25.60 21.22
CA VAL L 337 -90.69 24.41 22.04
C VAL L 337 -89.92 23.22 21.48
N TYR L 338 -89.26 22.49 22.37
CA TYR L 338 -88.49 21.33 21.97
C TYR L 338 -89.13 20.06 22.51
N TYR L 339 -89.39 19.11 21.63
CA TYR L 339 -89.99 17.84 21.99
C TYR L 339 -90.05 16.94 20.78
N PRO L 340 -89.34 15.81 20.82
CA PRO L 340 -89.32 14.88 19.68
C PRO L 340 -90.71 14.52 19.16
N GLY L 341 -91.71 14.60 20.04
CA GLY L 341 -93.07 14.29 19.62
C GLY L 341 -93.60 15.23 18.56
N LEU L 342 -93.18 16.48 18.62
CA LEU L 342 -93.64 17.49 17.66
C LEU L 342 -92.91 17.36 16.34
N GLN L 343 -93.52 17.90 15.28
CA GLN L 343 -92.91 17.86 13.95
C GLN L 343 -91.86 18.93 13.85
N SER L 344 -92.05 20.02 14.59
CA SER L 344 -91.13 21.14 14.60
C SER L 344 -89.73 20.69 15.03
N HIS L 345 -89.65 19.52 15.64
CA HIS L 345 -88.36 19.00 16.10
C HIS L 345 -87.52 18.47 14.93
N PRO L 346 -86.27 18.90 14.85
CA PRO L 346 -85.32 18.50 13.80
C PRO L 346 -85.30 17.01 13.48
N GLU L 347 -84.99 16.19 14.49
CA GLU L 347 -84.92 14.75 14.28
C GLU L 347 -86.25 14.03 14.52
N HIS L 348 -87.35 14.78 14.48
CA HIS L 348 -88.67 14.19 14.71
C HIS L 348 -88.86 12.88 13.97
N HIS L 349 -88.46 12.84 12.70
CA HIS L 349 -88.61 11.64 11.89
C HIS L 349 -87.87 10.48 12.55
N ILE L 350 -86.65 10.74 13.01
CA ILE L 350 -85.86 9.71 13.66
C ILE L 350 -86.57 9.29 14.93
N ALA L 351 -87.06 10.26 15.67
CA ALA L 351 -87.76 10.01 16.92
C ALA L 351 -88.86 8.99 16.68
N LYS L 352 -89.63 9.20 15.62
CA LYS L 352 -90.73 8.30 15.30
C LYS L 352 -90.24 6.93 14.87
N LYS L 353 -89.16 6.90 14.09
CA LYS L 353 -88.64 5.64 13.60
C LYS L 353 -88.05 4.73 14.66
N GLN L 354 -87.44 5.29 15.70
CA GLN L 354 -86.83 4.46 16.74
C GLN L 354 -87.52 4.47 18.09
N MET L 355 -88.31 5.51 18.37
CA MET L 355 -88.99 5.58 19.65
C MET L 355 -90.45 5.19 19.54
N THR L 356 -91.08 4.94 20.68
CA THR L 356 -92.49 4.59 20.73
C THR L 356 -93.16 5.61 21.65
N GLY L 357 -92.34 6.49 22.21
CA GLY L 357 -92.82 7.52 23.10
C GLY L 357 -91.85 8.66 22.97
N PHE L 358 -92.03 9.74 23.74
CA PHE L 358 -91.13 10.87 23.65
C PHE L 358 -90.75 11.45 25.01
N GLY L 359 -90.92 10.64 26.05
CA GLY L 359 -90.58 11.08 27.40
C GLY L 359 -91.59 12.06 27.97
N GLY L 360 -91.33 12.51 29.19
CA GLY L 360 -92.22 13.44 29.84
C GLY L 360 -91.50 14.74 30.07
N ALA L 361 -90.37 14.89 29.39
CA ALA L 361 -89.56 16.09 29.50
C ALA L 361 -89.78 17.00 28.31
N VAL L 362 -89.99 18.28 28.58
CA VAL L 362 -90.20 19.26 27.51
C VAL L 362 -89.46 20.55 27.79
N SER L 363 -88.74 21.03 26.78
CA SER L 363 -87.99 22.27 26.90
C SER L 363 -88.63 23.31 25.99
N PHE L 364 -88.57 24.57 26.41
CA PHE L 364 -89.15 25.64 25.61
C PHE L 364 -88.68 27.01 26.06
N GLU L 365 -88.52 27.92 25.09
CA GLU L 365 -88.08 29.27 25.37
C GLU L 365 -89.30 30.18 25.50
N VAL L 366 -89.33 31.02 26.52
CA VAL L 366 -90.45 31.92 26.74
C VAL L 366 -90.18 33.26 26.06
N ASP L 367 -91.23 33.86 25.50
CA ASP L 367 -91.11 35.13 24.82
C ASP L 367 -90.83 36.26 25.80
N GLY L 368 -89.64 36.25 26.38
CA GLY L 368 -89.27 37.26 27.35
C GLY L 368 -87.78 37.26 27.61
N ASP L 369 -87.38 37.93 28.70
CA ASP L 369 -85.97 38.00 29.07
C ASP L 369 -85.72 37.25 30.36
N LEU L 370 -84.45 37.06 30.70
CA LEU L 370 -84.05 36.36 31.91
C LEU L 370 -85.04 36.60 33.04
N LEU L 371 -85.12 37.84 33.50
CA LEU L 371 -86.03 38.20 34.59
C LEU L 371 -87.46 37.75 34.33
N THR L 372 -87.98 38.08 33.16
CA THR L 372 -89.34 37.71 32.81
C THR L 372 -89.53 36.19 32.91
N THR L 373 -88.68 35.44 32.20
CA THR L 373 -88.77 33.99 32.23
C THR L 373 -88.89 33.52 33.67
N ALA L 374 -88.03 34.02 34.53
CA ALA L 374 -88.05 33.65 35.94
C ALA L 374 -89.44 33.89 36.51
N LYS L 375 -89.98 35.08 36.26
CA LYS L 375 -91.30 35.44 36.73
C LYS L 375 -92.30 34.34 36.40
N PHE L 376 -92.11 33.71 35.25
CA PHE L 376 -92.99 32.63 34.80
C PHE L 376 -92.92 31.44 35.73
N VAL L 377 -91.73 30.85 35.84
CA VAL L 377 -91.55 29.70 36.70
C VAL L 377 -91.99 30.03 38.12
N ASP L 378 -91.70 31.25 38.56
CA ASP L 378 -92.07 31.68 39.90
C ASP L 378 -93.58 31.64 40.05
N ALA L 379 -94.28 31.78 38.93
CA ALA L 379 -95.73 31.77 38.92
C ALA L 379 -96.31 30.37 39.11
N LEU L 380 -95.65 29.37 38.52
CA LEU L 380 -96.10 27.98 38.61
C LEU L 380 -96.34 27.60 40.07
N LYS L 381 -97.37 26.79 40.31
CA LYS L 381 -97.69 26.38 41.67
C LYS L 381 -97.55 24.89 41.95
N ILE L 382 -97.44 24.08 40.91
CA ILE L 382 -97.31 22.63 41.11
C ILE L 382 -95.90 22.07 41.01
N PRO L 383 -95.20 22.33 39.90
CA PRO L 383 -93.84 21.79 39.80
C PRO L 383 -92.89 22.41 40.82
N TYR L 384 -91.89 21.63 41.21
CA TYR L 384 -90.90 22.11 42.16
C TYR L 384 -89.74 22.66 41.36
N ILE L 385 -89.12 23.74 41.84
CA ILE L 385 -87.98 24.33 41.15
C ILE L 385 -86.72 23.63 41.63
N ALA L 386 -86.18 22.73 40.81
CA ALA L 386 -84.99 22.00 41.20
C ALA L 386 -84.46 21.17 40.04
N PRO L 387 -83.23 20.67 40.15
CA PRO L 387 -82.67 19.84 39.06
C PRO L 387 -83.43 18.52 39.00
N SER L 388 -82.80 17.48 38.47
CA SER L 388 -83.43 16.18 38.37
C SER L 388 -84.77 16.22 37.62
N PHE L 389 -85.32 15.05 37.35
CA PHE L 389 -86.58 14.94 36.63
C PHE L 389 -86.99 13.48 36.55
N GLY L 390 -88.21 13.22 36.08
CA GLY L 390 -88.67 11.85 35.95
C GLY L 390 -89.48 11.32 37.12
N GLY L 391 -89.55 12.09 38.20
CA GLY L 391 -90.32 11.65 39.35
C GLY L 391 -91.80 11.96 39.22
N CYS L 392 -92.60 11.38 40.12
CA CYS L 392 -94.04 11.61 40.10
C CYS L 392 -94.35 13.09 40.22
N GLU L 393 -93.53 13.81 40.97
CA GLU L 393 -93.73 15.24 41.15
C GLU L 393 -93.14 16.02 39.98
N SER L 394 -93.88 17.00 39.48
CA SER L 394 -93.43 17.80 38.35
C SER L 394 -92.29 18.70 38.78
N ILE L 395 -91.38 18.99 37.85
CA ILE L 395 -90.24 19.84 38.14
C ILE L 395 -89.96 20.81 37.00
N VAL L 396 -89.44 21.98 37.34
CA VAL L 396 -89.11 23.02 36.37
C VAL L 396 -87.79 23.64 36.75
N ASP L 397 -87.14 24.28 35.79
CA ASP L 397 -85.86 24.93 36.05
C ASP L 397 -85.43 25.82 34.90
N GLN L 398 -84.53 26.76 35.20
CA GLN L 398 -84.00 27.68 34.21
C GLN L 398 -82.51 27.43 34.07
N PRO L 399 -82.14 26.40 33.30
CA PRO L 399 -80.76 25.99 33.04
C PRO L 399 -79.74 27.12 33.14
N ALA L 400 -80.07 28.25 32.53
CA ALA L 400 -79.19 29.41 32.55
C ALA L 400 -78.72 29.67 33.96
N ILE L 401 -79.65 29.55 34.91
CA ILE L 401 -79.35 29.77 36.32
C ILE L 401 -79.10 28.44 37.03
N MET L 402 -80.09 27.56 36.95
CA MET L 402 -80.03 26.25 37.59
C MET L 402 -78.67 25.58 37.53
N SER L 403 -78.01 25.60 36.38
CA SER L 403 -76.72 24.94 36.27
C SER L 403 -75.72 25.58 35.31
N TYR L 404 -75.93 26.84 34.98
CA TYR L 404 -75.03 27.52 34.06
C TYR L 404 -74.76 28.93 34.52
N TRP L 405 -75.35 29.29 35.66
CA TRP L 405 -75.17 30.63 36.19
C TRP L 405 -73.70 30.91 36.45
N ASP L 406 -72.92 29.85 36.59
CA ASP L 406 -71.49 29.97 36.85
C ASP L 406 -70.77 30.48 35.60
N LEU L 407 -71.47 30.46 34.47
CA LEU L 407 -70.89 30.90 33.22
C LEU L 407 -71.36 32.30 32.82
N SER L 408 -70.66 32.87 31.85
CA SER L 408 -70.97 34.21 31.37
C SER L 408 -72.12 34.20 30.37
N GLN L 409 -72.86 35.30 30.33
CA GLN L 409 -73.99 35.45 29.43
C GLN L 409 -73.57 35.01 28.03
N SER L 410 -72.30 35.26 27.71
CA SER L 410 -71.73 34.89 26.41
C SER L 410 -71.42 33.39 26.35
N ASP L 411 -70.55 32.94 27.24
CA ASP L 411 -70.18 31.53 27.27
C ASP L 411 -71.42 30.64 27.36
N ARG L 412 -72.51 31.20 27.91
CA ARG L 412 -73.76 30.45 28.04
C ARG L 412 -74.32 30.11 26.66
N ALA L 413 -74.40 31.12 25.81
CA ALA L 413 -74.92 30.94 24.45
C ALA L 413 -74.08 29.95 23.66
N LYS L 414 -72.85 29.74 24.11
CA LYS L 414 -71.94 28.82 23.43
C LYS L 414 -72.58 27.44 23.32
N TYR L 415 -73.55 27.19 24.18
CA TYR L 415 -74.23 25.89 24.18
C TYR L 415 -75.71 26.01 23.85
N GLY L 416 -76.16 27.23 23.55
CA GLY L 416 -77.55 27.45 23.22
C GLY L 416 -78.39 27.75 24.44
N ILE L 417 -77.77 27.67 25.61
CA ILE L 417 -78.47 27.94 26.86
C ILE L 417 -78.88 29.40 26.96
N MET L 418 -80.12 29.69 26.61
CA MET L 418 -80.63 31.05 26.65
C MET L 418 -81.29 31.34 27.99
N ASP L 419 -81.26 32.61 28.39
CA ASP L 419 -81.89 32.99 29.65
C ASP L 419 -83.38 32.77 29.42
N ASN L 420 -83.70 32.42 28.18
CA ASN L 420 -85.06 32.17 27.74
C ASN L 420 -85.50 30.75 28.10
N LEU L 421 -84.68 29.79 27.69
CA LEU L 421 -84.93 28.37 27.91
C LEU L 421 -85.47 27.95 29.27
N VAL L 422 -86.41 27.02 29.23
CA VAL L 422 -87.04 26.48 30.43
C VAL L 422 -87.25 24.98 30.27
N ARG L 423 -86.83 24.22 31.27
CA ARG L 423 -87.00 22.77 31.24
C ARG L 423 -88.17 22.37 32.13
N PHE L 424 -89.03 21.50 31.62
CA PHE L 424 -90.20 21.07 32.37
C PHE L 424 -90.36 19.56 32.42
N SER L 425 -90.06 18.95 33.57
CA SER L 425 -90.21 17.53 33.73
C SER L 425 -91.62 17.29 34.25
N PHE L 426 -92.53 16.99 33.33
CA PHE L 426 -93.91 16.77 33.72
C PHE L 426 -94.03 15.60 34.67
N GLY L 427 -94.64 15.87 35.82
CA GLY L 427 -94.83 14.82 36.81
C GLY L 427 -95.89 13.85 36.34
N VAL L 428 -96.59 13.23 37.29
CA VAL L 428 -97.62 12.27 36.97
C VAL L 428 -98.99 12.84 37.38
N GLU L 429 -98.97 14.08 37.86
CA GLU L 429 -100.19 14.75 38.28
C GLU L 429 -101.18 14.74 37.13
N ASP L 430 -102.42 15.10 37.42
CA ASP L 430 -103.43 15.12 36.37
C ASP L 430 -103.17 16.24 35.37
N PHE L 431 -103.32 15.92 34.09
CA PHE L 431 -103.09 16.88 33.01
C PHE L 431 -103.76 18.23 33.26
N ASP L 432 -105.08 18.25 33.23
CA ASP L 432 -105.83 19.48 33.44
C ASP L 432 -105.23 20.31 34.56
N ASP L 433 -104.98 19.67 35.69
CA ASP L 433 -104.40 20.37 36.83
C ASP L 433 -103.10 21.06 36.42
N LEU L 434 -102.24 20.34 35.71
CA LEU L 434 -100.96 20.87 35.25
C LEU L 434 -101.15 21.95 34.22
N LYS L 435 -101.81 21.60 33.11
CA LYS L 435 -102.05 22.56 32.03
C LYS L 435 -102.52 23.87 32.64
N ALA L 436 -103.69 23.83 33.28
CA ALA L 436 -104.26 25.00 33.92
C ALA L 436 -103.17 25.81 34.61
N ASP L 437 -102.36 25.13 35.42
CA ASP L 437 -101.28 25.79 36.12
C ASP L 437 -100.40 26.52 35.12
N ILE L 438 -99.75 25.75 34.25
CA ILE L 438 -98.87 26.32 33.24
C ILE L 438 -99.48 27.54 32.58
N LEU L 439 -100.67 27.38 32.01
CA LEU L 439 -101.35 28.47 31.34
C LEU L 439 -101.50 29.68 32.24
N GLN L 440 -102.06 29.46 33.43
CA GLN L 440 -102.25 30.54 34.39
C GLN L 440 -100.93 31.24 34.68
N ALA L 441 -99.87 30.44 34.82
CA ALA L 441 -98.54 30.96 35.12
C ALA L 441 -97.97 31.71 33.91
N LEU L 442 -98.74 31.75 32.82
CA LEU L 442 -98.30 32.43 31.62
C LEU L 442 -99.04 33.75 31.47
N ASP L 443 -100.34 33.72 31.71
CA ASP L 443 -101.16 34.92 31.59
C ASP L 443 -100.67 36.01 32.52
N SER L 444 -99.72 35.67 33.37
CA SER L 444 -99.14 36.62 34.32
C SER L 444 -98.11 37.50 33.62
N ILE L 445 -98.28 37.70 32.32
CA ILE L 445 -97.37 38.53 31.54
C ILE L 445 -98.13 39.35 30.50
#